data_8DBJ
#
_entry.id   8DBJ
#
_cell.length_a   1.00
_cell.length_b   1.00
_cell.length_c   1.00
_cell.angle_alpha   90.00
_cell.angle_beta   90.00
_cell.angle_gamma   90.00
#
_symmetry.space_group_name_H-M   'P 1'
#
loop_
_entity.id
_entity.type
_entity.pdbx_description
1 polymer 'Ribose-phosphate pyrophosphokinase 1'
2 non-polymer "ADENOSINE-5'-TRIPHOSPHATE"
3 non-polymer 5-O-phosphono-alpha-D-ribofuranose
4 non-polymer 'PHOSPHATE ION'
5 non-polymer 'MAGNESIUM ION'
6 water water
#
_entity_poly.entity_id   1
_entity_poly.type   'polypeptide(L)'
_entity_poly.pdbx_seq_one_letter_code
;SPNIKIFSGSSHQDLSQKIADRLGLELGKVVTKKFSNQETCVEIGESVRGEDVYIVQSGCGEINDNLMELLIMINACKIA
SASRVTAVIPCFPYARQDKKDKSRAPISAKLVANMLSVAGADHIITMDLHASQIQGFFDIPVDNLYAEPAVLKWIRENIS
EWRNCTIVSPDAGGAKRVTSIADRLNVDFALIHKERKKANEVDRMVLVGDVKDRVAILVDDMADTCGTICHAADKLLSAG
ATRVYAILTHGIFSGPAISRINNACFEAVVVTNTIPQEDKMKHCSKIQVIDISMILAEAIRRTHNGESVSYLFSHVPL
;
_entity_poly.pdbx_strand_id   A,B,C,D,E,F,G,H,I,J,K,L
#
loop_
_chem_comp.id
_chem_comp.type
_chem_comp.name
_chem_comp.formula
ATP non-polymer ADENOSINE-5'-TRIPHOSPHATE 'C10 H16 N5 O13 P3'
HSX D-saccharide, alpha linking 5-O-phosphono-alpha-D-ribofuranose 'C5 H11 O8 P'
MG non-polymer 'MAGNESIUM ION' 'Mg 2'
PO4 non-polymer 'PHOSPHATE ION' 'O4 P -3'
#
# COMPACT_ATOMS: atom_id res chain seq x y z
N PRO A 2 -2.68 -6.64 3.45
CA PRO A 2 -3.23 -7.96 3.75
C PRO A 2 -2.20 -9.07 3.67
N ASN A 3 -2.21 -9.96 4.66
CA ASN A 3 -1.33 -11.10 4.70
C ASN A 3 -2.07 -12.36 4.28
N ILE A 4 -1.31 -13.35 3.82
CA ILE A 4 -1.87 -14.65 3.50
C ILE A 4 -2.22 -15.38 4.79
N LYS A 5 -3.44 -15.88 4.87
CA LYS A 5 -3.84 -16.83 5.90
C LYS A 5 -4.33 -18.10 5.22
N ILE A 6 -3.74 -19.23 5.58
CA ILE A 6 -4.13 -20.52 5.03
C ILE A 6 -4.91 -21.26 6.11
N PHE A 7 -6.12 -21.68 5.78
CA PHE A 7 -6.92 -22.52 6.65
C PHE A 7 -7.15 -23.87 5.97
N SER A 8 -7.12 -24.92 6.76
CA SER A 8 -7.37 -26.26 6.28
C SER A 8 -8.76 -26.70 6.69
N GLY A 9 -9.51 -27.24 5.75
CA GLY A 9 -10.65 -28.06 6.10
C GLY A 9 -10.20 -29.41 6.60
N SER A 10 -11.17 -30.26 6.94
CA SER A 10 -10.82 -31.56 7.48
C SER A 10 -10.50 -32.59 6.40
N SER A 11 -10.77 -32.30 5.13
CA SER A 11 -10.62 -33.32 4.09
C SER A 11 -9.16 -33.72 3.90
N HIS A 12 -8.27 -32.75 3.71
CA HIS A 12 -6.88 -33.05 3.34
C HIS A 12 -5.96 -32.17 4.18
N GLN A 13 -5.69 -32.62 5.41
CA GLN A 13 -4.85 -31.85 6.31
C GLN A 13 -3.39 -31.85 5.90
N ASP A 14 -2.90 -32.99 5.43
CA ASP A 14 -1.49 -33.12 5.07
C ASP A 14 -1.15 -32.21 3.89
N LEU A 15 -2.04 -32.14 2.90
CA LEU A 15 -1.81 -31.25 1.77
C LEU A 15 -1.77 -29.79 2.21
N SER A 16 -2.68 -29.40 3.09
CA SER A 16 -2.69 -28.02 3.58
C SER A 16 -1.43 -27.70 4.35
N GLN A 17 -0.95 -28.64 5.15
CA GLN A 17 0.29 -28.43 5.87
C GLN A 17 1.47 -28.28 4.91
N LYS A 18 1.53 -29.11 3.87
CA LYS A 18 2.60 -29.00 2.90
C LYS A 18 2.57 -27.64 2.20
N ILE A 19 1.37 -27.19 1.83
CA ILE A 19 1.23 -25.87 1.22
C ILE A 19 1.72 -24.79 2.17
N ALA A 20 1.32 -24.88 3.44
CA ALA A 20 1.70 -23.86 4.41
C ALA A 20 3.21 -23.84 4.63
N ASP A 21 3.84 -25.01 4.70
CA ASP A 21 5.30 -25.05 4.82
C ASP A 21 5.97 -24.41 3.62
N ARG A 22 5.47 -24.69 2.41
CA ARG A 22 6.10 -24.09 1.25
C ARG A 22 5.97 -22.58 1.24
N LEU A 23 4.93 -22.04 1.86
CA LEU A 23 4.75 -20.60 1.95
C LEU A 23 5.42 -19.98 3.17
N GLY A 24 6.06 -20.78 4.01
CA GLY A 24 6.62 -20.26 5.24
C GLY A 24 5.59 -19.73 6.21
N LEU A 25 4.47 -20.43 6.36
CA LEU A 25 3.38 -20.00 7.21
C LEU A 25 2.91 -21.15 8.08
N GLU A 26 2.28 -20.80 9.19
CA GLU A 26 1.54 -21.76 9.99
C GLU A 26 0.09 -21.77 9.54
N LEU A 27 -0.54 -22.93 9.64
CA LEU A 27 -1.96 -23.03 9.35
C LEU A 27 -2.75 -22.18 10.33
N GLY A 28 -3.75 -21.48 9.83
CA GLY A 28 -4.58 -20.66 10.70
C GLY A 28 -5.34 -21.51 11.70
N LYS A 29 -5.56 -20.94 12.88
CA LYS A 29 -6.29 -21.64 13.92
C LYS A 29 -7.76 -21.71 13.56
N VAL A 30 -8.27 -22.92 13.42
CA VAL A 30 -9.68 -23.13 13.15
C VAL A 30 -10.10 -24.44 13.80
N VAL A 31 -11.27 -24.42 14.41
CA VAL A 31 -11.90 -25.62 14.93
C VAL A 31 -12.96 -26.05 13.93
N THR A 32 -12.80 -27.25 13.38
CA THR A 32 -13.73 -27.80 12.39
C THR A 32 -14.14 -29.18 12.89
N LYS A 33 -15.31 -29.28 13.49
CA LYS A 33 -15.78 -30.53 14.05
C LYS A 33 -17.28 -30.70 13.80
N LYS A 34 -17.92 -31.63 14.51
CA LYS A 34 -19.34 -31.85 14.36
C LYS A 34 -20.04 -31.72 15.71
N PHE A 35 -21.19 -31.06 15.70
CA PHE A 35 -22.08 -31.11 16.85
C PHE A 35 -22.61 -32.53 17.03
N SER A 36 -23.31 -32.74 18.14
CA SER A 36 -23.83 -34.08 18.44
C SER A 36 -24.75 -34.58 17.34
N ASN A 37 -25.60 -33.72 16.79
CA ASN A 37 -26.51 -34.10 15.72
C ASN A 37 -25.86 -34.08 14.35
N GLN A 38 -24.53 -34.02 14.28
CA GLN A 38 -23.75 -34.15 13.06
C GLN A 38 -23.79 -32.92 12.17
N GLU A 39 -24.21 -31.77 12.69
CA GLU A 39 -24.11 -30.53 11.95
C GLU A 39 -22.68 -30.02 12.07
N THR A 40 -22.17 -29.44 10.99
CA THR A 40 -20.80 -28.92 11.00
C THR A 40 -20.67 -27.75 11.96
N CYS A 41 -19.62 -27.79 12.78
CA CYS A 41 -19.28 -26.72 13.70
C CYS A 41 -17.94 -26.13 13.27
N VAL A 42 -17.91 -24.82 13.05
CA VAL A 42 -16.72 -24.12 12.61
C VAL A 42 -16.48 -22.93 13.52
N GLU A 43 -15.25 -22.75 13.94
CA GLU A 43 -14.87 -21.64 14.81
C GLU A 43 -13.52 -21.12 14.35
N ILE A 44 -13.48 -19.89 13.85
CA ILE A 44 -12.22 -19.29 13.42
C ILE A 44 -11.49 -18.78 14.66
N GLY A 45 -10.32 -19.37 14.93
CA GLY A 45 -9.58 -19.10 16.14
C GLY A 45 -8.69 -17.88 16.14
N GLU A 46 -8.67 -17.11 15.07
CA GLU A 46 -7.85 -15.91 14.98
C GLU A 46 -8.56 -14.92 14.08
N SER A 47 -8.30 -13.64 14.31
CA SER A 47 -8.86 -12.60 13.48
C SER A 47 -8.36 -12.75 12.04
N VAL A 48 -9.28 -12.65 11.09
CA VAL A 48 -8.94 -12.64 9.69
C VAL A 48 -9.28 -11.29 9.06
N ARG A 49 -9.58 -10.30 9.89
CA ARG A 49 -10.02 -9.00 9.42
C ARG A 49 -8.96 -8.37 8.53
N GLY A 50 -9.32 -8.06 7.29
CA GLY A 50 -8.39 -7.45 6.37
C GLY A 50 -7.36 -8.36 5.77
N GLU A 51 -7.46 -9.68 5.98
CA GLU A 51 -6.47 -10.61 5.50
C GLU A 51 -6.93 -11.29 4.21
N ASP A 52 -5.97 -11.88 3.51
CA ASP A 52 -6.21 -12.64 2.29
C ASP A 52 -6.29 -14.12 2.65
N VAL A 53 -7.50 -14.65 2.73
CA VAL A 53 -7.76 -15.96 3.31
C VAL A 53 -7.83 -17.00 2.21
N TYR A 54 -7.11 -18.11 2.39
CA TYR A 54 -7.19 -19.25 1.49
C TYR A 54 -7.63 -20.46 2.31
N ILE A 55 -8.69 -21.12 1.85
CA ILE A 55 -9.25 -22.27 2.53
C ILE A 55 -9.02 -23.49 1.64
N VAL A 56 -8.32 -24.48 2.15
CA VAL A 56 -7.94 -25.66 1.38
C VAL A 56 -8.88 -26.79 1.74
N GLN A 57 -9.62 -27.28 0.75
CA GLN A 57 -10.56 -28.38 0.95
C GLN A 57 -10.76 -29.07 -0.38
N SER A 58 -10.49 -30.36 -0.43
CA SER A 58 -10.69 -31.13 -1.65
C SER A 58 -12.03 -31.85 -1.61
N GLY A 59 -12.59 -32.05 -2.80
CA GLY A 59 -13.82 -32.77 -2.95
C GLY A 59 -13.59 -34.27 -2.93
N CYS A 60 -13.34 -34.81 -1.73
CA CYS A 60 -13.03 -36.21 -1.56
C CYS A 60 -13.59 -36.67 -0.22
N GLY A 61 -13.43 -37.97 0.05
CA GLY A 61 -13.95 -38.52 1.29
C GLY A 61 -15.45 -38.37 1.38
N GLU A 62 -15.92 -37.93 2.53
CA GLU A 62 -17.34 -37.63 2.75
C GLU A 62 -17.62 -36.30 2.08
N ILE A 63 -17.97 -36.38 0.79
CA ILE A 63 -17.93 -35.20 -0.07
C ILE A 63 -18.93 -34.15 0.40
N ASN A 64 -20.13 -34.55 0.79
CA ASN A 64 -21.13 -33.57 1.19
C ASN A 64 -20.76 -32.89 2.49
N ASP A 65 -20.20 -33.65 3.44
CA ASP A 65 -19.71 -33.03 4.68
C ASP A 65 -18.59 -32.05 4.39
N ASN A 66 -17.65 -32.42 3.52
CA ASN A 66 -16.52 -31.56 3.25
C ASN A 66 -16.94 -30.30 2.51
N LEU A 67 -17.86 -30.44 1.56
CA LEU A 67 -18.39 -29.28 0.84
C LEU A 67 -19.12 -28.35 1.79
N MET A 68 -19.97 -28.90 2.67
CA MET A 68 -20.67 -28.04 3.65
C MET A 68 -19.62 -27.33 4.52
N GLU A 69 -18.61 -28.06 4.99
CA GLU A 69 -17.59 -27.45 5.83
C GLU A 69 -16.91 -26.31 5.13
N LEU A 70 -16.57 -26.49 3.85
CA LEU A 70 -15.94 -25.44 3.07
C LEU A 70 -16.83 -24.22 2.97
N LEU A 71 -18.11 -24.42 2.67
CA LEU A 71 -19.03 -23.29 2.55
C LEU A 71 -19.18 -22.57 3.87
N ILE A 72 -19.29 -23.31 4.97
CA ILE A 72 -19.44 -22.70 6.27
C ILE A 72 -18.17 -21.91 6.65
N MET A 73 -17.00 -22.45 6.34
CA MET A 73 -15.76 -21.73 6.61
C MET A 73 -15.67 -20.45 5.79
N ILE A 74 -16.04 -20.52 4.51
CA ILE A 74 -16.03 -19.33 3.67
C ILE A 74 -16.97 -18.27 4.26
N ASN A 75 -18.16 -18.70 4.66
CA ASN A 75 -19.12 -17.75 5.25
C ASN A 75 -18.57 -17.12 6.53
N ALA A 76 -17.96 -17.94 7.39
CA ALA A 76 -17.40 -17.42 8.63
C ALA A 76 -16.30 -16.40 8.35
N CYS A 77 -15.44 -16.67 7.37
CA CYS A 77 -14.37 -15.73 7.05
C CYS A 77 -14.92 -14.47 6.41
N LYS A 78 -15.95 -14.60 5.57
CA LYS A 78 -16.51 -13.43 4.91
C LYS A 78 -17.18 -12.50 5.90
N ILE A 79 -17.99 -13.02 6.83
CA ILE A 79 -18.62 -12.13 7.79
C ILE A 79 -17.68 -11.71 8.91
N ALA A 80 -16.48 -12.29 8.97
CA ALA A 80 -15.43 -11.80 9.86
C ALA A 80 -14.55 -10.76 9.18
N SER A 81 -14.97 -10.23 8.03
CA SER A 81 -14.34 -9.08 7.38
C SER A 81 -12.96 -9.41 6.81
N ALA A 82 -12.79 -10.63 6.32
CA ALA A 82 -11.62 -10.92 5.51
C ALA A 82 -11.65 -10.05 4.26
N SER A 83 -10.48 -9.56 3.84
CA SER A 83 -10.44 -8.71 2.66
C SER A 83 -10.77 -9.52 1.41
N ARG A 84 -10.35 -10.78 1.36
CA ARG A 84 -10.60 -11.64 0.22
C ARG A 84 -10.60 -13.07 0.70
N VAL A 85 -11.50 -13.89 0.15
CA VAL A 85 -11.59 -15.30 0.49
C VAL A 85 -11.45 -16.11 -0.78
N THR A 86 -10.53 -17.05 -0.78
CA THR A 86 -10.26 -17.92 -1.91
C THR A 86 -10.45 -19.36 -1.49
N ALA A 87 -11.26 -20.10 -2.23
CA ALA A 87 -11.43 -21.52 -2.04
C ALA A 87 -10.38 -22.26 -2.86
N VAL A 88 -9.50 -22.99 -2.20
CA VAL A 88 -8.50 -23.81 -2.86
C VAL A 88 -9.06 -25.23 -2.86
N ILE A 89 -9.61 -25.65 -3.99
CA ILE A 89 -10.32 -26.91 -4.09
C ILE A 89 -9.57 -27.80 -5.07
N PRO A 90 -8.57 -28.57 -4.62
CA PRO A 90 -7.76 -29.34 -5.59
C PRO A 90 -8.57 -30.27 -6.46
N CYS A 91 -9.55 -30.98 -5.90
CA CYS A 91 -10.45 -31.82 -6.68
C CYS A 91 -11.87 -31.28 -6.52
N PHE A 92 -12.41 -30.74 -7.60
CA PHE A 92 -13.68 -30.03 -7.53
C PHE A 92 -14.84 -31.01 -7.40
N PRO A 93 -15.65 -30.92 -6.34
CA PRO A 93 -16.75 -31.88 -6.18
C PRO A 93 -17.86 -31.64 -7.17
N TYR A 94 -18.50 -32.74 -7.58
CA TYR A 94 -19.61 -32.77 -8.54
C TYR A 94 -19.19 -32.31 -9.94
N ALA A 95 -17.89 -32.36 -10.23
CA ALA A 95 -17.41 -31.90 -11.54
C ALA A 95 -17.93 -32.75 -12.67
N ARG A 96 -18.19 -34.04 -12.42
CA ARG A 96 -18.67 -34.90 -13.48
C ARG A 96 -20.16 -34.68 -13.80
N GLN A 97 -20.89 -33.97 -12.96
CA GLN A 97 -22.26 -33.58 -13.28
C GLN A 97 -22.29 -32.15 -13.81
N ASP A 98 -21.69 -31.98 -14.98
CA ASP A 98 -21.50 -30.68 -15.61
C ASP A 98 -22.50 -30.42 -16.72
N LYS A 99 -23.44 -31.33 -16.96
CA LYS A 99 -24.43 -31.17 -18.01
C LYS A 99 -25.57 -32.17 -17.74
N LYS A 100 -26.68 -31.96 -18.42
CA LYS A 100 -27.85 -32.82 -18.39
C LYS A 100 -27.84 -33.87 -19.49
N ASP A 101 -27.75 -33.39 -20.73
CA ASP A 101 -27.52 -34.07 -22.01
C ASP A 101 -28.64 -34.87 -22.63
N LYS A 102 -29.53 -35.51 -21.87
CA LYS A 102 -30.87 -35.86 -22.33
C LYS A 102 -31.80 -36.14 -21.17
N SER A 103 -31.30 -36.01 -19.95
CA SER A 103 -31.99 -36.56 -18.79
C SER A 103 -32.47 -35.43 -17.90
N ARG A 104 -33.51 -35.72 -17.13
CA ARG A 104 -34.09 -34.76 -16.20
C ARG A 104 -33.26 -34.77 -14.92
N ALA A 105 -32.06 -34.22 -15.03
CA ALA A 105 -31.02 -34.31 -14.02
C ALA A 105 -30.55 -32.93 -13.62
N PRO A 106 -29.98 -32.79 -12.43
CA PRO A 106 -29.38 -31.51 -12.05
C PRO A 106 -28.06 -31.30 -12.79
N ILE A 107 -27.68 -30.04 -12.91
CA ILE A 107 -26.30 -29.68 -13.24
C ILE A 107 -25.65 -29.35 -11.90
N SER A 108 -25.17 -30.39 -11.22
CA SER A 108 -24.73 -30.23 -9.84
C SER A 108 -23.50 -29.35 -9.73
N ALA A 109 -22.61 -29.40 -10.73
CA ALA A 109 -21.43 -28.54 -10.71
C ALA A 109 -21.82 -27.07 -10.70
N LYS A 110 -22.84 -26.70 -11.47
CA LYS A 110 -23.31 -25.32 -11.47
C LYS A 110 -23.89 -24.95 -10.12
N LEU A 111 -24.64 -25.88 -9.50
CA LEU A 111 -25.15 -25.63 -8.16
C LEU A 111 -24.03 -25.40 -7.17
N VAL A 112 -22.97 -26.21 -7.25
CA VAL A 112 -21.83 -26.04 -6.35
C VAL A 112 -21.17 -24.69 -6.57
N ALA A 113 -21.01 -24.29 -7.83
CA ALA A 113 -20.45 -22.97 -8.13
C ALA A 113 -21.31 -21.86 -7.54
N ASN A 114 -22.64 -21.96 -7.69
CA ASN A 114 -23.54 -20.98 -7.12
C ASN A 114 -23.42 -20.93 -5.60
N MET A 115 -23.32 -22.09 -4.96
CA MET A 115 -23.20 -22.13 -3.52
C MET A 115 -21.89 -21.51 -3.05
N LEU A 116 -20.79 -21.80 -3.74
CA LEU A 116 -19.52 -21.19 -3.39
C LEU A 116 -19.59 -19.68 -3.54
N SER A 117 -20.23 -19.20 -4.60
CA SER A 117 -20.36 -17.76 -4.80
C SER A 117 -21.20 -17.11 -3.71
N VAL A 118 -22.36 -17.69 -3.39
CA VAL A 118 -23.23 -17.09 -2.39
C VAL A 118 -22.63 -17.21 -0.99
N ALA A 119 -21.78 -18.20 -0.74
CA ALA A 119 -21.09 -18.26 0.54
C ALA A 119 -20.10 -17.11 0.71
N GLY A 120 -19.59 -16.56 -0.39
CA GLY A 120 -18.73 -15.40 -0.33
C GLY A 120 -17.37 -15.56 -0.94
N ALA A 121 -17.11 -16.66 -1.65
CA ALA A 121 -15.81 -16.86 -2.27
C ALA A 121 -15.58 -15.82 -3.35
N ASP A 122 -14.44 -15.15 -3.29
CA ASP A 122 -14.06 -14.18 -4.30
C ASP A 122 -13.20 -14.78 -5.41
N HIS A 123 -12.75 -16.01 -5.24
CA HIS A 123 -11.73 -16.59 -6.11
C HIS A 123 -11.66 -18.08 -5.86
N ILE A 124 -11.46 -18.85 -6.92
CA ILE A 124 -11.35 -20.30 -6.84
C ILE A 124 -10.03 -20.73 -7.45
N ILE A 125 -9.31 -21.59 -6.75
CA ILE A 125 -8.14 -22.26 -7.29
C ILE A 125 -8.41 -23.76 -7.27
N THR A 126 -8.27 -24.40 -8.43
CA THR A 126 -8.55 -25.81 -8.55
C THR A 126 -7.55 -26.42 -9.51
N MET A 127 -7.54 -27.75 -9.59
CA MET A 127 -6.60 -28.45 -10.45
C MET A 127 -7.31 -29.46 -11.34
N ASP A 128 -7.05 -29.38 -12.65
CA ASP A 128 -7.55 -30.30 -13.65
C ASP A 128 -9.05 -30.56 -13.48
N LEU A 129 -9.82 -29.50 -13.70
CA LEU A 129 -11.26 -29.62 -13.75
C LEU A 129 -11.66 -30.66 -14.78
N HIS A 130 -12.65 -31.48 -14.42
CA HIS A 130 -13.13 -32.51 -15.34
C HIS A 130 -13.53 -31.92 -16.68
N ALA A 131 -14.19 -30.77 -16.67
CA ALA A 131 -14.50 -30.03 -17.88
C ALA A 131 -14.17 -28.57 -17.64
N SER A 132 -13.32 -28.00 -18.49
CA SER A 132 -12.91 -26.63 -18.26
C SER A 132 -14.05 -25.64 -18.48
N GLN A 133 -15.14 -26.07 -19.11
CA GLN A 133 -16.36 -25.24 -19.15
C GLN A 133 -16.87 -24.92 -17.76
N ILE A 134 -16.48 -25.70 -16.75
CA ILE A 134 -16.88 -25.40 -15.39
C ILE A 134 -16.39 -24.02 -14.97
N GLN A 135 -15.31 -23.53 -15.57
CA GLN A 135 -14.86 -22.17 -15.26
C GLN A 135 -15.95 -21.15 -15.57
N GLY A 136 -16.75 -21.41 -16.62
CA GLY A 136 -17.86 -20.56 -16.96
C GLY A 136 -19.07 -20.69 -16.07
N PHE A 137 -19.08 -21.68 -15.16
CA PHE A 137 -20.15 -21.76 -14.19
C PHE A 137 -20.03 -20.68 -13.12
N PHE A 138 -18.90 -20.01 -13.02
CA PHE A 138 -18.64 -18.99 -12.03
C PHE A 138 -18.70 -17.60 -12.65
N ASP A 139 -19.01 -16.61 -11.82
CA ASP A 139 -18.78 -15.22 -12.20
C ASP A 139 -17.53 -14.63 -11.57
N ILE A 140 -16.95 -15.31 -10.58
CA ILE A 140 -15.68 -14.91 -9.98
C ILE A 140 -14.55 -15.57 -10.75
N PRO A 141 -13.31 -15.06 -10.67
CA PRO A 141 -12.21 -15.72 -11.37
C PRO A 141 -11.95 -17.12 -10.85
N VAL A 142 -11.56 -18.01 -11.76
CA VAL A 142 -11.23 -19.39 -11.42
C VAL A 142 -9.89 -19.72 -12.08
N ASP A 143 -8.90 -20.09 -11.28
CA ASP A 143 -7.61 -20.51 -11.80
C ASP A 143 -7.56 -22.03 -11.81
N ASN A 144 -7.61 -22.61 -12.99
CA ASN A 144 -7.61 -24.06 -13.18
C ASN A 144 -6.17 -24.48 -13.47
N LEU A 145 -5.48 -24.98 -12.46
CA LEU A 145 -4.11 -25.42 -12.61
C LEU A 145 -4.06 -26.79 -13.27
N TYR A 146 -2.89 -27.13 -13.79
CA TYR A 146 -2.67 -28.38 -14.50
C TYR A 146 -1.58 -29.19 -13.80
N ALA A 147 -1.82 -30.49 -13.66
CA ALA A 147 -0.78 -31.37 -13.15
C ALA A 147 0.25 -31.73 -14.20
N GLU A 148 0.04 -31.31 -15.45
CA GLU A 148 0.89 -31.75 -16.55
C GLU A 148 2.38 -31.52 -16.35
N PRO A 149 2.86 -30.36 -15.86
CA PRO A 149 4.31 -30.24 -15.65
C PRO A 149 4.87 -31.26 -14.69
N ALA A 150 4.17 -31.52 -13.58
CA ALA A 150 4.62 -32.55 -12.64
C ALA A 150 4.54 -33.94 -13.27
N VAL A 151 3.52 -34.19 -14.08
CA VAL A 151 3.40 -35.47 -14.77
C VAL A 151 4.57 -35.69 -15.72
N LEU A 152 4.91 -34.66 -16.50
CA LEU A 152 6.04 -34.76 -17.42
C LEU A 152 7.34 -35.00 -16.66
N LYS A 153 7.52 -34.32 -15.54
CA LYS A 153 8.70 -34.55 -14.72
C LYS A 153 8.75 -35.99 -14.24
N TRP A 154 7.63 -36.51 -13.76
CA TRP A 154 7.60 -37.90 -13.31
C TRP A 154 7.94 -38.86 -14.44
N ILE A 155 7.37 -38.64 -15.62
CA ILE A 155 7.63 -39.52 -16.75
C ILE A 155 9.10 -39.53 -17.10
N ARG A 156 9.72 -38.34 -17.14
CA ARG A 156 11.12 -38.26 -17.51
C ARG A 156 12.02 -38.89 -16.46
N GLU A 157 11.66 -38.79 -15.18
CA GLU A 157 12.52 -39.34 -14.15
C GLU A 157 12.21 -40.77 -13.74
N ASN A 158 11.15 -41.39 -14.27
CA ASN A 158 10.79 -42.72 -13.80
C ASN A 158 10.63 -43.77 -14.89
N ILE A 159 10.48 -43.39 -16.14
CA ILE A 159 10.30 -44.34 -17.23
C ILE A 159 11.51 -44.23 -18.15
N SER A 160 12.37 -45.24 -18.11
CA SER A 160 13.65 -45.17 -18.83
C SER A 160 13.46 -45.08 -20.33
N GLU A 161 12.38 -45.65 -20.87
CA GLU A 161 12.13 -45.68 -22.30
C GLU A 161 11.13 -44.64 -22.74
N TRP A 162 11.05 -43.51 -22.03
CA TRP A 162 10.00 -42.53 -22.31
C TRP A 162 10.11 -41.91 -23.69
N ARG A 163 11.32 -41.87 -24.26
CA ARG A 163 11.44 -41.30 -25.59
C ARG A 163 10.79 -42.18 -26.65
N ASN A 164 10.61 -43.47 -26.37
CA ASN A 164 9.95 -44.38 -27.29
C ASN A 164 8.53 -44.73 -26.86
N CYS A 165 8.10 -44.25 -25.70
CA CYS A 165 6.81 -44.61 -25.14
C CYS A 165 5.67 -44.06 -26.00
N THR A 166 4.45 -44.37 -25.58
CA THR A 166 3.23 -43.89 -26.21
C THR A 166 2.29 -43.37 -25.13
N ILE A 167 1.63 -42.26 -25.41
CA ILE A 167 0.69 -41.66 -24.46
C ILE A 167 -0.72 -41.97 -24.93
N VAL A 168 -1.48 -42.69 -24.11
CA VAL A 168 -2.77 -43.23 -24.52
C VAL A 168 -3.88 -42.60 -23.70
N SER A 169 -4.85 -42.07 -24.37
CA SER A 169 -6.08 -41.61 -23.75
C SER A 169 -7.01 -42.80 -23.52
N PRO A 170 -7.62 -42.93 -22.33
CA PRO A 170 -8.53 -44.06 -22.11
C PRO A 170 -9.88 -43.89 -22.75
N ASP A 171 -10.44 -42.68 -22.73
CA ASP A 171 -11.69 -42.37 -23.42
C ASP A 171 -11.42 -41.27 -24.42
N ALA A 172 -12.24 -41.23 -25.46
CA ALA A 172 -12.08 -40.21 -26.49
C ALA A 172 -12.19 -38.80 -25.93
N GLY A 173 -12.88 -38.63 -24.80
CA GLY A 173 -13.18 -37.30 -24.31
C GLY A 173 -11.94 -36.50 -23.94
N GLY A 174 -11.02 -37.11 -23.23
CA GLY A 174 -9.86 -36.42 -22.71
C GLY A 174 -8.60 -36.51 -23.54
N ALA A 175 -8.70 -36.84 -24.83
CA ALA A 175 -7.49 -37.04 -25.63
C ALA A 175 -6.72 -35.75 -25.82
N LYS A 176 -7.34 -34.60 -25.52
CA LYS A 176 -6.64 -33.33 -25.58
C LYS A 176 -5.45 -33.30 -24.62
N ARG A 177 -5.67 -33.80 -23.40
CA ARG A 177 -4.60 -33.87 -22.42
C ARG A 177 -3.44 -34.71 -22.94
N VAL A 178 -3.74 -35.86 -23.54
CA VAL A 178 -2.68 -36.75 -23.98
C VAL A 178 -1.97 -36.19 -25.20
N THR A 179 -2.68 -35.46 -26.06
CA THR A 179 -1.99 -34.81 -27.18
C THR A 179 -1.04 -33.74 -26.68
N SER A 180 -1.47 -32.95 -25.70
CA SER A 180 -0.56 -31.95 -25.14
C SER A 180 0.67 -32.62 -24.53
N ILE A 181 0.48 -33.71 -23.79
CA ILE A 181 1.59 -34.40 -23.17
C ILE A 181 2.52 -35.00 -24.22
N ALA A 182 1.96 -35.62 -25.25
CA ALA A 182 2.78 -36.21 -26.30
C ALA A 182 3.54 -35.14 -27.08
N ASP A 183 2.91 -34.00 -27.33
CA ASP A 183 3.61 -32.90 -27.97
C ASP A 183 4.77 -32.41 -27.11
N ARG A 184 4.55 -32.27 -25.81
CA ARG A 184 5.64 -31.90 -24.91
C ARG A 184 6.77 -32.91 -24.90
N LEU A 185 6.45 -34.20 -24.91
CA LEU A 185 7.47 -35.24 -24.91
C LEU A 185 7.98 -35.58 -26.29
N ASN A 186 7.30 -35.10 -27.34
CA ASN A 186 7.60 -35.47 -28.73
C ASN A 186 7.51 -36.98 -28.91
N VAL A 187 6.31 -37.52 -28.68
CA VAL A 187 6.03 -38.94 -28.85
C VAL A 187 4.67 -39.08 -29.51
N ASP A 188 4.33 -40.33 -29.86
CA ASP A 188 3.04 -40.62 -30.46
C ASP A 188 1.96 -40.73 -29.38
N PHE A 189 0.76 -40.29 -29.73
CA PHE A 189 -0.39 -40.48 -28.86
C PHE A 189 -1.32 -41.51 -29.48
N ALA A 190 -1.24 -42.74 -28.97
CA ALA A 190 -2.17 -43.81 -29.31
C ALA A 190 -3.49 -43.58 -28.59
N LEU A 191 -4.59 -43.90 -29.25
CA LEU A 191 -5.91 -43.68 -28.69
C LEU A 191 -6.70 -44.97 -28.56
N ILE A 192 -7.60 -44.97 -27.57
CA ILE A 192 -8.42 -46.13 -27.22
C ILE A 192 -9.84 -45.65 -27.00
N HIS A 193 -10.81 -46.41 -27.52
CA HIS A 193 -12.19 -46.23 -27.07
C HIS A 193 -12.97 -47.53 -27.26
N LYS A 194 -14.02 -47.69 -26.46
CA LYS A 194 -14.84 -48.90 -26.53
C LYS A 194 -15.86 -48.81 -27.63
N GLU A 195 -16.22 -49.95 -28.20
CA GLU A 195 -17.19 -50.01 -29.29
C GLU A 195 -18.60 -50.18 -28.75
N ASP A 203 -18.27 -54.22 -25.37
CA ASP A 203 -17.36 -54.82 -24.40
C ASP A 203 -15.98 -55.00 -25.00
N ARG A 204 -15.79 -54.49 -26.22
CA ARG A 204 -14.51 -54.55 -26.90
C ARG A 204 -13.94 -53.15 -27.06
N MET A 205 -12.62 -53.07 -27.23
CA MET A 205 -11.91 -51.81 -27.31
C MET A 205 -11.15 -51.73 -28.63
N VAL A 206 -11.01 -50.52 -29.15
CA VAL A 206 -10.26 -50.27 -30.38
C VAL A 206 -9.15 -49.27 -30.08
N LEU A 207 -7.95 -49.57 -30.58
CA LEU A 207 -6.73 -48.85 -30.33
C LEU A 207 -6.04 -48.48 -31.63
N VAL A 208 -5.66 -47.22 -31.77
CA VAL A 208 -4.83 -46.73 -32.88
C VAL A 208 -3.50 -46.26 -32.34
N GLY A 209 -2.43 -46.65 -33.00
CA GLY A 209 -1.11 -46.24 -32.55
C GLY A 209 -0.32 -47.46 -32.16
N ASP A 210 0.87 -47.59 -32.77
CA ASP A 210 1.73 -48.72 -32.49
C ASP A 210 2.14 -48.75 -31.02
N VAL A 211 1.74 -49.81 -30.32
CA VAL A 211 2.15 -50.00 -28.93
C VAL A 211 3.04 -51.21 -28.75
N LYS A 212 3.24 -52.03 -29.79
CA LYS A 212 3.96 -53.28 -29.64
C LYS A 212 5.39 -53.04 -29.17
N ASP A 213 5.83 -53.85 -28.21
CA ASP A 213 7.17 -53.82 -27.62
C ASP A 213 7.53 -52.46 -27.05
N ARG A 214 6.55 -51.60 -26.79
CA ARG A 214 6.77 -50.27 -26.27
C ARG A 214 6.14 -50.14 -24.89
N VAL A 215 6.43 -49.03 -24.23
CA VAL A 215 5.70 -48.65 -23.03
C VAL A 215 4.52 -47.78 -23.43
N ALA A 216 3.34 -48.12 -22.93
CA ALA A 216 2.16 -47.30 -23.08
C ALA A 216 1.87 -46.59 -21.76
N ILE A 217 1.50 -45.32 -21.84
CA ILE A 217 1.22 -44.52 -20.67
C ILE A 217 -0.21 -44.00 -20.80
N LEU A 218 -1.11 -44.55 -20.01
CA LEU A 218 -2.46 -44.00 -19.93
C LEU A 218 -2.46 -42.74 -19.09
N VAL A 219 -3.08 -41.69 -19.60
CA VAL A 219 -3.21 -40.42 -18.89
C VAL A 219 -4.67 -40.03 -18.87
N ASP A 220 -5.16 -39.66 -17.70
CA ASP A 220 -6.55 -39.25 -17.54
C ASP A 220 -6.65 -38.30 -16.36
N ASP A 221 -7.78 -37.63 -16.25
CA ASP A 221 -7.96 -36.66 -15.18
C ASP A 221 -8.24 -37.33 -13.84
N MET A 222 -8.90 -38.48 -13.83
CA MET A 222 -9.23 -39.11 -12.57
C MET A 222 -9.49 -40.59 -12.78
N ALA A 223 -9.33 -41.35 -11.70
CA ALA A 223 -9.65 -42.77 -11.66
C ALA A 223 -10.57 -42.98 -10.47
N ASP A 224 -11.86 -43.23 -10.72
CA ASP A 224 -12.82 -43.39 -9.63
C ASP A 224 -13.01 -44.85 -9.27
N THR A 225 -13.62 -45.63 -10.16
CA THR A 225 -13.77 -47.06 -9.97
C THR A 225 -12.73 -47.84 -10.73
N CYS A 226 -11.90 -47.15 -11.51
CA CYS A 226 -10.84 -47.71 -12.34
C CYS A 226 -11.37 -48.64 -13.42
N GLY A 227 -12.67 -48.63 -13.67
CA GLY A 227 -13.19 -49.34 -14.82
C GLY A 227 -12.63 -48.82 -16.13
N THR A 228 -12.46 -47.50 -16.23
CA THR A 228 -11.96 -46.90 -17.45
C THR A 228 -10.52 -47.32 -17.75
N ILE A 229 -9.62 -47.22 -16.78
CA ILE A 229 -8.22 -47.52 -17.06
C ILE A 229 -7.96 -49.02 -17.11
N CYS A 230 -8.73 -49.83 -16.38
CA CYS A 230 -8.48 -51.28 -16.43
C CYS A 230 -8.86 -51.85 -17.78
N HIS A 231 -9.99 -51.41 -18.35
CA HIS A 231 -10.37 -51.84 -19.69
C HIS A 231 -9.35 -51.40 -20.72
N ALA A 232 -8.90 -50.14 -20.63
CA ALA A 232 -7.89 -49.65 -21.56
C ALA A 232 -6.59 -50.43 -21.44
N ALA A 233 -6.18 -50.76 -20.21
CA ALA A 233 -4.97 -51.52 -20.02
C ALA A 233 -5.09 -52.94 -20.56
N ASP A 234 -6.27 -53.55 -20.40
CA ASP A 234 -6.49 -54.86 -20.99
C ASP A 234 -6.31 -54.80 -22.49
N LYS A 235 -6.91 -53.81 -23.13
CA LYS A 235 -6.71 -53.63 -24.56
C LYS A 235 -5.24 -53.48 -24.91
N LEU A 236 -4.53 -52.60 -24.19
CA LEU A 236 -3.13 -52.34 -24.51
C LEU A 236 -2.29 -53.60 -24.38
N LEU A 237 -2.52 -54.38 -23.32
CA LEU A 237 -1.78 -55.62 -23.16
C LEU A 237 -2.14 -56.63 -24.24
N SER A 238 -3.36 -56.54 -24.79
CA SER A 238 -3.69 -57.40 -25.93
C SER A 238 -2.78 -57.12 -27.12
N ALA A 239 -2.38 -55.85 -27.29
CA ALA A 239 -1.59 -55.43 -28.44
C ALA A 239 -0.09 -55.36 -28.15
N GLY A 240 0.38 -56.10 -27.15
CA GLY A 240 1.80 -56.39 -27.02
C GLY A 240 2.64 -55.33 -26.34
N ALA A 241 2.04 -54.36 -25.66
CA ALA A 241 2.83 -53.38 -24.93
C ALA A 241 3.62 -54.04 -23.82
N THR A 242 4.91 -53.72 -23.75
CA THR A 242 5.78 -54.36 -22.76
C THR A 242 5.35 -54.01 -21.34
N ARG A 243 5.06 -52.74 -21.09
CA ARG A 243 4.52 -52.30 -19.81
C ARG A 243 3.44 -51.28 -20.07
N VAL A 244 2.51 -51.15 -19.12
CA VAL A 244 1.45 -50.17 -19.18
C VAL A 244 1.49 -49.38 -17.87
N TYR A 245 1.47 -48.06 -17.99
CA TYR A 245 1.36 -47.18 -16.84
C TYR A 245 0.05 -46.42 -16.91
N ALA A 246 -0.45 -46.04 -15.75
CA ALA A 246 -1.58 -45.13 -15.66
C ALA A 246 -1.15 -43.94 -14.84
N ILE A 247 -1.44 -42.74 -15.32
CA ILE A 247 -1.13 -41.51 -14.59
C ILE A 247 -2.38 -40.66 -14.53
N LEU A 248 -2.75 -40.23 -13.34
CA LEU A 248 -3.97 -39.48 -13.10
C LEU A 248 -3.72 -38.37 -12.09
N THR A 249 -4.37 -37.23 -12.30
CA THR A 249 -4.26 -36.20 -11.27
C THR A 249 -5.09 -36.54 -10.03
N HIS A 250 -6.32 -37.01 -10.20
CA HIS A 250 -7.20 -37.27 -9.05
C HIS A 250 -7.35 -38.78 -8.84
N GLY A 251 -6.80 -39.28 -7.75
CA GLY A 251 -6.94 -40.67 -7.37
C GLY A 251 -8.09 -40.95 -6.42
N ILE A 252 -9.33 -40.95 -6.92
CA ILE A 252 -10.47 -41.13 -6.05
C ILE A 252 -10.54 -42.57 -5.51
N PHE A 253 -10.41 -43.55 -6.39
CA PHE A 253 -10.28 -44.96 -6.02
C PHE A 253 -11.41 -45.45 -5.11
N SER A 254 -12.64 -45.17 -5.51
CA SER A 254 -13.78 -45.63 -4.73
C SER A 254 -14.24 -47.01 -5.20
N GLY A 255 -15.08 -47.64 -4.38
CA GLY A 255 -15.69 -48.90 -4.73
C GLY A 255 -14.69 -50.02 -4.90
N PRO A 256 -14.74 -50.70 -6.03
CA PRO A 256 -13.86 -51.86 -6.26
C PRO A 256 -12.52 -51.50 -6.85
N ALA A 257 -12.14 -50.22 -6.77
CA ALA A 257 -10.97 -49.73 -7.52
C ALA A 257 -9.69 -50.43 -7.09
N ILE A 258 -9.47 -50.58 -5.79
CA ILE A 258 -8.21 -51.14 -5.32
C ILE A 258 -8.06 -52.59 -5.77
N SER A 259 -9.13 -53.38 -5.70
CA SER A 259 -9.05 -54.76 -6.15
C SER A 259 -8.79 -54.84 -7.65
N ARG A 260 -9.46 -53.99 -8.45
CA ARG A 260 -9.22 -54.01 -9.89
C ARG A 260 -7.78 -53.64 -10.21
N ILE A 261 -7.25 -52.62 -9.55
CA ILE A 261 -5.85 -52.25 -9.77
C ILE A 261 -4.92 -53.39 -9.37
N ASN A 262 -5.22 -54.06 -8.27
CA ASN A 262 -4.37 -55.16 -7.83
C ASN A 262 -4.38 -56.30 -8.83
N ASN A 263 -5.53 -56.55 -9.45
CA ASN A 263 -5.65 -57.64 -10.42
C ASN A 263 -5.31 -57.20 -11.85
N ALA A 264 -4.97 -55.93 -12.07
CA ALA A 264 -4.66 -55.47 -13.41
C ALA A 264 -3.15 -55.55 -13.65
N CYS A 265 -2.76 -55.30 -14.90
CA CYS A 265 -1.37 -55.48 -15.33
C CYS A 265 -0.56 -54.19 -15.26
N PHE A 266 -1.05 -53.17 -14.58
CA PHE A 266 -0.33 -51.91 -14.51
C PHE A 266 1.04 -52.09 -13.89
N GLU A 267 2.06 -51.55 -14.55
CA GLU A 267 3.35 -51.41 -13.89
C GLU A 267 3.26 -50.42 -12.74
N ALA A 268 2.52 -49.33 -12.92
CA ALA A 268 2.34 -48.33 -11.90
C ALA A 268 1.08 -47.55 -12.16
N VAL A 269 0.41 -47.16 -11.08
CA VAL A 269 -0.72 -46.23 -11.12
C VAL A 269 -0.27 -45.01 -10.33
N VAL A 270 0.04 -43.95 -11.03
CA VAL A 270 0.56 -42.72 -10.43
C VAL A 270 -0.59 -41.73 -10.30
N VAL A 271 -0.74 -41.13 -9.14
CA VAL A 271 -1.75 -40.10 -8.92
C VAL A 271 -1.09 -38.91 -8.26
N THR A 272 -1.71 -37.75 -8.42
CA THR A 272 -1.25 -36.63 -7.61
C THR A 272 -1.85 -36.73 -6.19
N ASN A 273 -1.35 -35.90 -5.28
CA ASN A 273 -1.95 -35.83 -3.95
C ASN A 273 -2.97 -34.70 -3.85
N THR A 274 -3.86 -34.56 -4.83
CA THR A 274 -5.01 -33.71 -4.65
C THR A 274 -6.01 -34.33 -3.69
N ILE A 275 -5.91 -35.64 -3.48
CA ILE A 275 -6.74 -36.42 -2.58
C ILE A 275 -5.78 -37.22 -1.72
N PRO A 276 -6.01 -37.36 -0.41
CA PRO A 276 -5.11 -38.18 0.41
C PRO A 276 -5.08 -39.63 -0.07
N GLN A 277 -3.88 -40.21 -0.09
CA GLN A 277 -3.69 -41.51 -0.71
C GLN A 277 -3.10 -42.57 0.22
N GLU A 278 -2.76 -42.22 1.46
CA GLU A 278 -2.04 -43.15 2.33
C GLU A 278 -2.84 -44.42 2.57
N ASP A 279 -4.14 -44.29 2.88
CA ASP A 279 -4.96 -45.45 3.14
C ASP A 279 -5.05 -46.36 1.91
N LYS A 280 -5.24 -45.77 0.73
CA LYS A 280 -5.27 -46.57 -0.50
C LYS A 280 -3.90 -47.16 -0.80
N MET A 281 -2.83 -46.43 -0.51
CA MET A 281 -1.49 -46.95 -0.76
C MET A 281 -1.17 -48.13 0.15
N LYS A 282 -1.79 -48.21 1.32
CA LYS A 282 -1.57 -49.35 2.19
C LYS A 282 -2.05 -50.65 1.54
N HIS A 283 -3.18 -50.60 0.84
CA HIS A 283 -3.80 -51.78 0.26
C HIS A 283 -3.38 -52.03 -1.19
N CYS A 284 -2.61 -51.15 -1.79
CA CYS A 284 -2.23 -51.28 -3.20
C CYS A 284 -0.78 -50.85 -3.38
N SER A 285 0.08 -51.80 -3.73
CA SER A 285 1.51 -51.53 -3.79
C SER A 285 1.90 -50.72 -5.01
N LYS A 286 1.13 -50.77 -6.08
CA LYS A 286 1.53 -50.10 -7.31
C LYS A 286 1.05 -48.67 -7.42
N ILE A 287 0.44 -48.10 -6.38
CA ILE A 287 0.06 -46.70 -6.40
C ILE A 287 1.24 -45.84 -5.95
N GLN A 288 1.61 -44.87 -6.78
CA GLN A 288 2.61 -43.87 -6.41
C GLN A 288 2.01 -42.48 -6.52
N VAL A 289 2.50 -41.57 -5.70
CA VAL A 289 1.93 -40.24 -5.55
C VAL A 289 2.92 -39.20 -6.04
N ILE A 290 2.44 -38.26 -6.84
CA ILE A 290 3.17 -37.06 -7.21
C ILE A 290 2.70 -35.93 -6.32
N ASP A 291 3.63 -35.29 -5.64
CA ASP A 291 3.26 -34.14 -4.81
C ASP A 291 3.03 -32.95 -5.71
N ILE A 292 1.84 -32.34 -5.61
CA ILE A 292 1.55 -31.11 -6.33
C ILE A 292 1.42 -29.93 -5.39
N SER A 293 1.87 -30.08 -4.14
CA SER A 293 1.76 -28.98 -3.20
C SER A 293 2.59 -27.78 -3.63
N MET A 294 3.68 -27.98 -4.37
CA MET A 294 4.44 -26.82 -4.83
C MET A 294 3.65 -26.00 -5.83
N ILE A 295 2.89 -26.67 -6.70
CA ILE A 295 2.09 -25.96 -7.69
C ILE A 295 1.00 -25.15 -7.01
N LEU A 296 0.30 -25.76 -6.04
CA LEU A 296 -0.76 -25.04 -5.32
C LEU A 296 -0.18 -23.89 -4.51
N ALA A 297 0.95 -24.13 -3.83
CA ALA A 297 1.58 -23.06 -3.06
C ALA A 297 2.00 -21.91 -3.96
N GLU A 298 2.59 -22.22 -5.12
CA GLU A 298 2.96 -21.17 -6.04
C GLU A 298 1.76 -20.41 -6.58
N ALA A 299 0.67 -21.12 -6.85
CA ALA A 299 -0.54 -20.44 -7.30
C ALA A 299 -1.07 -19.49 -6.24
N ILE A 300 -1.08 -19.94 -4.98
CA ILE A 300 -1.54 -19.08 -3.88
C ILE A 300 -0.65 -17.85 -3.78
N ARG A 301 0.66 -18.09 -3.79
CA ARG A 301 1.62 -16.99 -3.65
C ARG A 301 1.52 -16.00 -4.80
N ARG A 302 1.33 -16.49 -6.02
CA ARG A 302 1.25 -15.62 -7.18
C ARG A 302 -0.07 -14.85 -7.22
N THR A 303 -1.19 -15.48 -6.86
CA THR A 303 -2.43 -14.71 -6.78
C THR A 303 -2.33 -13.64 -5.71
N HIS A 304 -1.70 -13.96 -4.58
CA HIS A 304 -1.54 -12.96 -3.53
C HIS A 304 -0.67 -11.80 -4.00
N ASN A 305 0.41 -12.08 -4.71
CA ASN A 305 1.36 -11.04 -5.09
C ASN A 305 1.03 -10.36 -6.42
N GLY A 306 -0.06 -10.75 -7.08
CA GLY A 306 -0.35 -10.19 -8.37
C GLY A 306 0.59 -10.63 -9.47
N GLU A 307 1.20 -11.80 -9.33
CA GLU A 307 2.11 -12.37 -10.31
C GLU A 307 1.34 -13.33 -11.23
N SER A 308 1.94 -13.63 -12.37
CA SER A 308 1.27 -14.46 -13.37
C SER A 308 1.08 -15.88 -12.85
N VAL A 309 -0.15 -16.35 -12.86
CA VAL A 309 -0.44 -17.74 -12.49
C VAL A 309 -0.25 -18.66 -13.69
N SER A 310 -0.60 -18.19 -14.89
CA SER A 310 -0.51 -19.02 -16.09
C SER A 310 0.92 -19.45 -16.38
N TYR A 311 1.91 -18.76 -15.81
CA TYR A 311 3.29 -19.18 -15.92
C TYR A 311 3.48 -20.59 -15.38
N LEU A 312 2.67 -20.99 -14.40
CA LEU A 312 2.71 -22.34 -13.86
C LEU A 312 2.18 -23.40 -14.80
N PHE A 313 1.43 -23.01 -15.84
CA PHE A 313 0.90 -24.01 -16.76
C PHE A 313 2.00 -24.78 -17.46
N SER A 314 3.19 -24.19 -17.58
CA SER A 314 4.29 -24.81 -18.31
C SER A 314 5.58 -24.93 -17.52
N HIS A 315 5.62 -24.51 -16.27
CA HIS A 315 6.86 -24.49 -15.49
C HIS A 315 6.67 -25.16 -14.15
N VAL A 316 7.57 -26.09 -13.82
CA VAL A 316 7.63 -26.70 -12.50
C VAL A 316 8.39 -25.74 -11.58
N PRO A 317 7.79 -25.26 -10.48
CA PRO A 317 8.50 -24.36 -9.58
C PRO A 317 9.51 -25.07 -8.69
N PRO B 2 -52.60 -16.38 -20.87
CA PRO B 2 -51.58 -15.90 -21.80
C PRO B 2 -51.56 -16.66 -23.11
N ASN B 3 -51.46 -15.93 -24.20
CA ASN B 3 -51.38 -16.50 -25.53
C ASN B 3 -49.95 -16.48 -26.04
N ILE B 4 -49.66 -17.36 -26.99
CA ILE B 4 -48.37 -17.37 -27.65
C ILE B 4 -48.28 -16.19 -28.59
N LYS B 5 -47.20 -15.42 -28.48
CA LYS B 5 -46.82 -14.43 -29.47
C LYS B 5 -45.44 -14.76 -29.99
N ILE B 6 -45.31 -14.91 -31.30
CA ILE B 6 -44.04 -15.20 -31.95
C ILE B 6 -43.56 -13.93 -32.63
N PHE B 7 -42.36 -13.50 -32.29
CA PHE B 7 -41.72 -12.39 -32.95
C PHE B 7 -40.45 -12.87 -33.64
N SER B 8 -40.20 -12.35 -34.83
CA SER B 8 -39.01 -12.67 -35.58
C SER B 8 -38.00 -11.53 -35.48
N GLY B 9 -36.76 -11.88 -35.20
CA GLY B 9 -35.67 -10.97 -35.49
C GLY B 9 -35.39 -10.93 -36.97
N SER B 10 -34.40 -10.14 -37.35
CA SER B 10 -34.08 -10.01 -38.76
C SER B 10 -33.19 -11.13 -39.29
N SER B 11 -32.63 -11.97 -38.42
CA SER B 11 -31.65 -12.95 -38.89
C SER B 11 -32.30 -14.01 -39.78
N HIS B 12 -33.39 -14.63 -39.33
CA HIS B 12 -33.96 -15.78 -40.04
C HIS B 12 -35.48 -15.60 -40.09
N GLN B 13 -35.95 -14.81 -41.07
CA GLN B 13 -37.36 -14.53 -41.19
C GLN B 13 -38.15 -15.73 -41.68
N ASP B 14 -37.59 -16.49 -42.62
CA ASP B 14 -38.29 -17.61 -43.21
C ASP B 14 -38.53 -18.69 -42.15
N LEU B 15 -37.54 -18.96 -41.30
CA LEU B 15 -37.72 -19.93 -40.23
C LEU B 15 -38.82 -19.51 -39.27
N SER B 16 -38.83 -18.23 -38.89
CA SER B 16 -39.87 -17.73 -37.99
C SER B 16 -41.24 -17.87 -38.61
N GLN B 17 -41.36 -17.57 -39.90
CA GLN B 17 -42.63 -17.73 -40.57
C GLN B 17 -43.07 -19.18 -40.59
N LYS B 18 -42.15 -20.10 -40.88
CA LYS B 18 -42.49 -21.52 -40.86
C LYS B 18 -42.98 -21.96 -39.49
N ILE B 19 -42.30 -21.51 -38.44
CA ILE B 19 -42.71 -21.83 -37.08
C ILE B 19 -44.11 -21.27 -36.81
N ALA B 20 -44.35 -20.03 -37.22
CA ALA B 20 -45.65 -19.41 -36.96
C ALA B 20 -46.76 -20.14 -37.71
N ASP B 21 -46.51 -20.54 -38.96
CA ASP B 21 -47.52 -21.31 -39.69
C ASP B 21 -47.81 -22.64 -39.00
N ARG B 22 -46.77 -23.32 -38.50
CA ARG B 22 -47.03 -24.59 -37.84
C ARG B 22 -47.84 -24.42 -36.56
N LEU B 23 -47.75 -23.25 -35.92
CA LEU B 23 -48.53 -22.98 -34.73
C LEU B 23 -49.88 -22.37 -35.03
N GLY B 24 -50.21 -22.12 -36.29
CA GLY B 24 -51.45 -21.44 -36.62
C GLY B 24 -51.51 -20.02 -36.13
N LEU B 25 -50.43 -19.28 -36.25
CA LEU B 25 -50.33 -17.92 -35.75
C LEU B 25 -49.72 -17.02 -36.82
N GLU B 26 -50.01 -15.73 -36.71
CA GLU B 26 -49.29 -14.73 -37.46
C GLU B 26 -48.12 -14.21 -36.64
N LEU B 27 -47.05 -13.84 -37.33
CA LEU B 27 -45.91 -13.23 -36.65
C LEU B 27 -46.34 -11.90 -36.03
N GLY B 28 -45.87 -11.67 -34.81
CA GLY B 28 -46.18 -10.42 -34.14
C GLY B 28 -45.62 -9.23 -34.88
N LYS B 29 -46.35 -8.11 -34.80
CA LYS B 29 -45.91 -6.89 -35.45
C LYS B 29 -44.73 -6.30 -34.71
N VAL B 30 -43.60 -6.20 -35.39
CA VAL B 30 -42.41 -5.58 -34.82
C VAL B 30 -41.65 -4.90 -35.94
N VAL B 31 -41.14 -3.71 -35.65
CA VAL B 31 -40.24 -3.00 -36.53
C VAL B 31 -38.84 -3.21 -36.01
N THR B 32 -37.97 -3.82 -36.81
CA THR B 32 -36.59 -4.08 -36.44
C THR B 32 -35.72 -3.55 -37.56
N LYS B 33 -35.15 -2.37 -37.36
CA LYS B 33 -34.32 -1.72 -38.38
C LYS B 33 -33.13 -1.04 -37.74
N LYS B 34 -32.46 -0.16 -38.48
CA LYS B 34 -31.32 0.56 -37.95
C LYS B 34 -31.52 2.06 -38.09
N PHE B 35 -31.15 2.79 -37.05
CA PHE B 35 -31.05 4.23 -37.15
C PHE B 35 -29.93 4.60 -38.12
N SER B 36 -29.82 5.89 -38.42
CA SER B 36 -28.82 6.35 -39.37
C SER B 36 -27.40 5.98 -38.93
N ASN B 37 -27.12 6.12 -37.64
CA ASN B 37 -25.81 5.79 -37.10
C ASN B 37 -25.63 4.29 -36.83
N GLN B 38 -26.52 3.45 -37.34
CA GLN B 38 -26.43 1.99 -37.30
C GLN B 38 -26.74 1.39 -35.94
N GLU B 39 -27.37 2.15 -35.05
CA GLU B 39 -27.85 1.58 -33.81
C GLU B 39 -29.16 0.85 -34.09
N THR B 40 -29.37 -0.28 -33.41
CA THR B 40 -30.58 -1.05 -33.62
C THR B 40 -31.80 -0.28 -33.13
N CYS B 41 -32.84 -0.26 -33.95
CA CYS B 41 -34.12 0.34 -33.62
C CYS B 41 -35.17 -0.76 -33.58
N VAL B 42 -35.88 -0.86 -32.47
CA VAL B 42 -36.90 -1.89 -32.25
C VAL B 42 -38.17 -1.20 -31.78
N GLU B 43 -39.29 -1.60 -32.35
CA GLU B 43 -40.60 -1.05 -31.99
C GLU B 43 -41.60 -2.20 -31.98
N ILE B 44 -42.14 -2.53 -30.82
CA ILE B 44 -43.15 -3.59 -30.72
C ILE B 44 -44.48 -3.00 -31.16
N GLY B 45 -45.04 -3.52 -32.25
CA GLY B 45 -46.23 -2.97 -32.85
C GLY B 45 -47.54 -3.43 -32.28
N GLU B 46 -47.54 -4.25 -31.23
CA GLU B 46 -48.76 -4.71 -30.61
C GLU B 46 -48.48 -4.95 -29.14
N SER B 47 -49.53 -4.83 -28.33
CA SER B 47 -49.41 -5.09 -26.90
C SER B 47 -49.01 -6.54 -26.66
N VAL B 48 -48.02 -6.74 -25.79
CA VAL B 48 -47.63 -8.07 -25.37
C VAL B 48 -47.92 -8.28 -23.89
N ARG B 49 -48.69 -7.36 -23.31
CA ARG B 49 -48.96 -7.39 -21.88
C ARG B 49 -49.65 -8.69 -21.49
N GLY B 50 -49.05 -9.45 -20.59
CA GLY B 50 -49.61 -10.69 -20.14
C GLY B 50 -49.49 -11.85 -21.09
N GLU B 51 -48.73 -11.71 -22.17
CA GLU B 51 -48.61 -12.75 -23.17
C GLU B 51 -47.33 -13.55 -22.98
N ASP B 52 -47.30 -14.73 -23.60
CA ASP B 52 -46.14 -15.61 -23.61
C ASP B 52 -45.37 -15.37 -24.90
N VAL B 53 -44.28 -14.63 -24.81
CA VAL B 53 -43.59 -14.10 -25.99
C VAL B 53 -42.42 -15.00 -26.34
N TYR B 54 -42.31 -15.37 -27.62
CA TYR B 54 -41.18 -16.12 -28.14
C TYR B 54 -40.52 -15.29 -29.23
N ILE B 55 -39.23 -15.05 -29.09
CA ILE B 55 -38.46 -14.26 -30.05
C ILE B 55 -37.50 -15.19 -30.75
N VAL B 56 -37.60 -15.28 -32.07
CA VAL B 56 -36.81 -16.19 -32.87
C VAL B 56 -35.66 -15.42 -33.50
N GLN B 57 -34.43 -15.80 -33.16
CA GLN B 57 -33.25 -15.16 -33.71
C GLN B 57 -32.10 -16.15 -33.64
N SER B 58 -31.49 -16.44 -34.77
CA SER B 58 -30.36 -17.35 -34.80
C SER B 58 -29.04 -16.57 -34.78
N GLY B 59 -28.03 -17.20 -34.22
CA GLY B 59 -26.69 -16.63 -34.19
C GLY B 59 -25.96 -16.85 -35.50
N CYS B 60 -26.35 -16.08 -36.52
CA CYS B 60 -25.79 -16.23 -37.85
C CYS B 60 -25.75 -14.86 -38.51
N GLY B 61 -25.20 -14.82 -39.71
CA GLY B 61 -25.08 -13.56 -40.44
C GLY B 61 -24.21 -12.59 -39.67
N GLU B 62 -24.67 -11.34 -39.58
CA GLU B 62 -24.00 -10.31 -38.80
C GLU B 62 -24.32 -10.59 -37.34
N ILE B 63 -23.46 -11.40 -36.72
CA ILE B 63 -23.79 -12.04 -35.45
C ILE B 63 -23.98 -10.99 -34.36
N ASN B 64 -23.11 -9.99 -34.30
CA ASN B 64 -23.20 -9.01 -33.22
C ASN B 64 -24.45 -8.14 -33.38
N ASP B 65 -24.79 -7.77 -34.61
CA ASP B 65 -26.03 -7.03 -34.84
C ASP B 65 -27.24 -7.86 -34.43
N ASN B 66 -27.25 -9.14 -34.80
CA ASN B 66 -28.41 -9.98 -34.51
C ASN B 66 -28.54 -10.24 -33.01
N LEU B 67 -27.42 -10.46 -32.33
CA LEU B 67 -27.45 -10.63 -30.89
C LEU B 67 -27.94 -9.37 -30.19
N MET B 68 -27.43 -8.20 -30.61
CA MET B 68 -27.93 -6.94 -30.01
C MET B 68 -29.43 -6.82 -30.26
N GLU B 69 -29.89 -7.10 -31.48
CA GLU B 69 -31.30 -6.99 -31.80
C GLU B 69 -32.12 -7.90 -30.89
N LEU B 70 -31.66 -9.12 -30.69
CA LEU B 70 -32.36 -10.05 -29.81
C LEU B 70 -32.46 -9.51 -28.39
N LEU B 71 -31.34 -9.00 -27.87
CA LEU B 71 -31.35 -8.47 -26.51
C LEU B 71 -32.28 -7.27 -26.39
N ILE B 72 -32.25 -6.39 -27.37
CA ILE B 72 -33.11 -5.22 -27.34
C ILE B 72 -34.58 -5.62 -27.43
N MET B 73 -34.90 -6.59 -28.27
CA MET B 73 -36.28 -7.08 -28.35
C MET B 73 -36.74 -7.70 -27.04
N ILE B 74 -35.88 -8.50 -26.41
CA ILE B 74 -36.22 -9.09 -25.12
C ILE B 74 -36.49 -8.00 -24.10
N ASN B 75 -35.63 -6.98 -24.06
CA ASN B 75 -35.82 -5.88 -23.12
C ASN B 75 -37.12 -5.15 -23.38
N ALA B 76 -37.43 -4.87 -24.65
CA ALA B 76 -38.68 -4.19 -24.99
C ALA B 76 -39.89 -5.00 -24.55
N CYS B 77 -39.86 -6.31 -24.76
CA CYS B 77 -40.99 -7.14 -24.37
C CYS B 77 -41.09 -7.25 -22.85
N LYS B 78 -39.95 -7.30 -22.15
CA LYS B 78 -39.97 -7.41 -20.71
C LYS B 78 -40.54 -6.15 -20.05
N ILE B 79 -40.10 -4.97 -20.49
CA ILE B 79 -40.64 -3.76 -19.88
C ILE B 79 -42.01 -3.40 -20.42
N ALA B 80 -42.49 -4.11 -21.43
CA ALA B 80 -43.88 -4.00 -21.88
C ALA B 80 -44.79 -4.99 -21.16
N SER B 81 -44.31 -5.62 -20.09
CA SER B 81 -45.13 -6.43 -19.19
C SER B 81 -45.60 -7.74 -19.83
N ALA B 82 -44.76 -8.32 -20.69
CA ALA B 82 -45.00 -9.68 -21.12
C ALA B 82 -44.95 -10.60 -19.91
N SER B 83 -45.83 -11.60 -19.88
CA SER B 83 -45.84 -12.51 -18.73
C SER B 83 -44.57 -13.37 -18.73
N ARG B 84 -44.09 -13.75 -19.91
CA ARG B 84 -42.90 -14.57 -20.02
C ARG B 84 -42.24 -14.28 -21.36
N VAL B 85 -40.92 -14.24 -21.39
CA VAL B 85 -40.17 -14.00 -22.60
C VAL B 85 -39.20 -15.17 -22.81
N THR B 86 -39.26 -15.78 -23.97
CA THR B 86 -38.41 -16.91 -24.32
C THR B 86 -37.62 -16.56 -25.57
N ALA B 87 -36.30 -16.72 -25.48
CA ALA B 87 -35.43 -16.55 -26.65
C ALA B 87 -35.32 -17.89 -27.35
N VAL B 88 -35.77 -17.94 -28.59
CA VAL B 88 -35.64 -19.12 -29.43
C VAL B 88 -34.42 -18.88 -30.32
N ILE B 89 -33.30 -19.50 -29.95
CA ILE B 89 -32.03 -19.23 -30.61
C ILE B 89 -31.56 -20.52 -31.25
N PRO B 90 -31.96 -20.81 -32.50
CA PRO B 90 -31.62 -22.12 -33.08
C PRO B 90 -30.13 -22.40 -33.13
N CYS B 91 -29.30 -21.42 -33.47
CA CYS B 91 -27.84 -21.57 -33.43
C CYS B 91 -27.30 -20.56 -32.43
N PHE B 92 -26.77 -21.05 -31.31
CA PHE B 92 -26.38 -20.18 -30.21
C PHE B 92 -25.09 -19.45 -30.53
N PRO B 93 -25.07 -18.12 -30.52
CA PRO B 93 -23.85 -17.39 -30.86
C PRO B 93 -22.80 -17.51 -29.77
N TYR B 94 -21.54 -17.52 -30.21
CA TYR B 94 -20.35 -17.63 -29.34
C TYR B 94 -20.29 -18.97 -28.60
N ALA B 95 -20.99 -19.98 -29.10
CA ALA B 95 -21.00 -21.27 -28.42
C ALA B 95 -19.63 -21.94 -28.42
N ARG B 96 -18.81 -21.67 -29.43
CA ARG B 96 -17.49 -22.28 -29.47
C ARG B 96 -16.50 -21.65 -28.52
N GLN B 97 -16.81 -20.48 -27.95
CA GLN B 97 -15.99 -19.89 -26.90
C GLN B 97 -16.59 -20.20 -25.53
N ASP B 98 -16.56 -21.48 -25.19
CA ASP B 98 -17.18 -22.01 -23.98
C ASP B 98 -16.18 -22.28 -22.88
N LYS B 99 -14.90 -21.97 -23.09
CA LYS B 99 -13.86 -22.21 -22.10
C LYS B 99 -12.64 -21.39 -22.51
N LYS B 100 -11.71 -21.25 -21.55
CA LYS B 100 -10.43 -20.58 -21.73
C LYS B 100 -9.32 -21.54 -22.13
N ASP B 101 -9.12 -22.54 -21.29
CA ASP B 101 -8.30 -23.75 -21.42
C ASP B 101 -6.78 -23.64 -21.32
N LYS B 102 -6.15 -22.54 -21.73
CA LYS B 102 -4.84 -22.14 -21.23
C LYS B 102 -4.58 -20.67 -21.51
N SER B 103 -5.53 -19.98 -22.12
CA SER B 103 -5.26 -18.69 -22.72
C SER B 103 -6.02 -17.61 -21.96
N ARG B 104 -5.49 -16.39 -22.03
CA ARG B 104 -6.10 -15.23 -21.38
C ARG B 104 -7.22 -14.70 -22.28
N ALA B 105 -8.29 -15.47 -22.33
CA ALA B 105 -9.38 -15.31 -23.27
C ALA B 105 -10.70 -15.17 -22.54
N PRO B 106 -11.70 -14.54 -23.15
CA PRO B 106 -13.03 -14.52 -22.56
C PRO B 106 -13.71 -15.88 -22.68
N ILE B 107 -14.66 -16.11 -21.80
CA ILE B 107 -15.64 -17.18 -22.00
C ILE B 107 -16.87 -16.47 -22.56
N SER B 108 -16.87 -16.28 -23.88
CA SER B 108 -17.88 -15.43 -24.50
C SER B 108 -19.27 -16.03 -24.39
N ALA B 109 -19.39 -17.36 -24.43
CA ALA B 109 -20.69 -17.99 -24.29
C ALA B 109 -21.32 -17.64 -22.94
N LYS B 110 -20.53 -17.64 -21.88
CA LYS B 110 -21.03 -17.25 -20.56
C LYS B 110 -21.47 -15.79 -20.56
N LEU B 111 -20.69 -14.92 -21.21
CA LEU B 111 -21.09 -13.53 -21.32
C LEU B 111 -22.43 -13.40 -22.03
N VAL B 112 -22.61 -14.14 -23.12
CA VAL B 112 -23.87 -14.09 -23.86
C VAL B 112 -25.02 -14.58 -22.98
N ALA B 113 -24.80 -15.65 -22.22
CA ALA B 113 -25.83 -16.13 -21.30
C ALA B 113 -26.19 -15.06 -20.27
N ASN B 114 -25.17 -14.40 -19.71
CA ASN B 114 -25.42 -13.34 -18.74
C ASN B 114 -26.21 -12.20 -19.37
N MET B 115 -25.86 -11.83 -20.59
CA MET B 115 -26.56 -10.74 -21.27
C MET B 115 -28.01 -11.10 -21.55
N LEU B 116 -28.26 -12.34 -21.99
CA LEU B 116 -29.63 -12.78 -22.21
C LEU B 116 -30.42 -12.75 -20.91
N SER B 117 -29.81 -13.18 -19.81
CA SER B 117 -30.49 -13.17 -18.52
C SER B 117 -30.81 -11.75 -18.07
N VAL B 118 -29.84 -10.84 -18.15
CA VAL B 118 -30.06 -9.48 -17.68
C VAL B 118 -31.02 -8.73 -18.60
N ALA B 119 -31.11 -9.11 -19.87
CA ALA B 119 -32.09 -8.51 -20.76
C ALA B 119 -33.51 -8.88 -20.35
N GLY B 120 -33.69 -10.01 -19.69
CA GLY B 120 -34.99 -10.40 -19.17
C GLY B 120 -35.52 -11.73 -19.67
N ALA B 121 -34.72 -12.51 -20.37
CA ALA B 121 -35.19 -13.80 -20.86
C ALA B 121 -35.48 -14.73 -19.68
N ASP B 122 -36.67 -15.32 -19.69
CA ASP B 122 -37.05 -16.30 -18.68
C ASP B 122 -36.76 -17.72 -19.10
N HIS B 123 -36.41 -17.95 -20.35
CA HIS B 123 -36.35 -19.29 -20.91
C HIS B 123 -35.62 -19.23 -22.25
N ILE B 124 -34.82 -20.25 -22.51
CA ILE B 124 -34.06 -20.36 -23.76
C ILE B 124 -34.43 -21.66 -24.44
N ILE B 125 -34.69 -21.59 -25.74
CA ILE B 125 -34.83 -22.76 -26.57
C ILE B 125 -33.76 -22.69 -27.65
N THR B 126 -32.96 -23.74 -27.77
CA THR B 126 -31.87 -23.78 -28.72
C THR B 126 -31.74 -25.18 -29.27
N MET B 127 -30.92 -25.34 -30.30
CA MET B 127 -30.74 -26.65 -30.94
C MET B 127 -29.27 -26.99 -31.06
N ASP B 128 -28.91 -28.18 -30.59
CA ASP B 128 -27.57 -28.76 -30.69
C ASP B 128 -26.49 -27.74 -30.31
N LEU B 129 -26.53 -27.39 -29.02
CA LEU B 129 -25.48 -26.57 -28.46
C LEU B 129 -24.11 -27.22 -28.70
N HIS B 130 -23.13 -26.40 -29.05
CA HIS B 130 -21.78 -26.92 -29.29
C HIS B 130 -21.27 -27.71 -28.10
N ALA B 131 -21.52 -27.23 -26.90
CA ALA B 131 -21.22 -27.96 -25.67
C ALA B 131 -22.42 -27.87 -24.76
N SER B 132 -22.95 -29.01 -24.34
CA SER B 132 -24.14 -28.99 -23.51
C SER B 132 -23.87 -28.40 -22.12
N GLN B 133 -22.61 -28.28 -21.72
CA GLN B 133 -22.27 -27.54 -20.51
C GLN B 133 -22.75 -26.10 -20.58
N ILE B 134 -22.99 -25.57 -21.79
CA ILE B 134 -23.51 -24.22 -21.92
C ILE B 134 -24.85 -24.09 -21.20
N GLN B 135 -25.59 -25.19 -21.05
CA GLN B 135 -26.85 -25.11 -20.29
C GLN B 135 -26.59 -24.65 -18.87
N GLY B 136 -25.45 -25.02 -18.29
CA GLY B 136 -25.05 -24.57 -16.98
C GLY B 136 -24.56 -23.14 -16.91
N PHE B 137 -24.37 -22.49 -18.05
CA PHE B 137 -24.05 -21.06 -18.04
C PHE B 137 -25.24 -20.21 -17.66
N PHE B 138 -26.45 -20.76 -17.66
CA PHE B 138 -27.68 -20.05 -17.37
C PHE B 138 -28.19 -20.42 -15.97
N ASP B 139 -28.94 -19.50 -15.38
CA ASP B 139 -29.76 -19.84 -14.22
C ASP B 139 -31.22 -20.05 -14.56
N ILE B 140 -31.64 -19.66 -15.76
CA ILE B 140 -33.00 -19.91 -16.25
C ILE B 140 -33.01 -21.24 -16.98
N PRO B 141 -34.18 -21.88 -17.15
CA PRO B 141 -34.20 -23.15 -17.89
C PRO B 141 -33.77 -22.99 -19.34
N VAL B 142 -33.09 -23.99 -19.86
CA VAL B 142 -32.64 -24.03 -21.24
C VAL B 142 -33.04 -25.37 -21.83
N ASP B 143 -33.84 -25.35 -22.90
CA ASP B 143 -34.21 -26.57 -23.59
C ASP B 143 -33.33 -26.71 -24.83
N ASN B 144 -32.42 -27.66 -24.79
CA ASN B 144 -31.48 -27.92 -25.87
C ASN B 144 -32.05 -29.04 -26.73
N LEU B 145 -32.67 -28.67 -27.85
CA LEU B 145 -33.25 -29.64 -28.76
C LEU B 145 -32.17 -30.30 -29.61
N TYR B 146 -32.51 -31.44 -30.19
CA TYR B 146 -31.59 -32.22 -31.00
C TYR B 146 -32.14 -32.36 -32.42
N ALA B 147 -31.27 -32.21 -33.41
CA ALA B 147 -31.66 -32.47 -34.78
C ALA B 147 -31.67 -33.96 -35.10
N GLU B 148 -31.23 -34.80 -34.17
CA GLU B 148 -31.02 -36.22 -34.46
C GLU B 148 -32.25 -36.94 -35.02
N PRO B 149 -33.47 -36.75 -34.51
CA PRO B 149 -34.61 -37.44 -35.13
C PRO B 149 -34.80 -37.08 -36.60
N ALA B 150 -34.68 -35.79 -36.94
CA ALA B 150 -34.78 -35.38 -38.33
C ALA B 150 -33.62 -35.91 -39.16
N VAL B 151 -32.43 -35.99 -38.57
CA VAL B 151 -31.28 -36.55 -39.27
C VAL B 151 -31.50 -38.02 -39.58
N LEU B 152 -32.00 -38.79 -38.60
CA LEU B 152 -32.28 -40.19 -38.81
C LEU B 152 -33.33 -40.38 -39.89
N LYS B 153 -34.37 -39.55 -39.87
CA LYS B 153 -35.38 -39.62 -40.92
C LYS B 153 -34.76 -39.36 -42.29
N TRP B 154 -33.91 -38.34 -42.40
CA TRP B 154 -33.27 -38.06 -43.68
C TRP B 154 -32.41 -39.23 -44.13
N ILE B 155 -31.65 -39.82 -43.22
CA ILE B 155 -30.78 -40.94 -43.59
C ILE B 155 -31.61 -42.10 -44.12
N ARG B 156 -32.71 -42.41 -43.43
CA ARG B 156 -33.52 -43.55 -43.85
C ARG B 156 -34.22 -43.29 -45.16
N GLU B 157 -34.60 -42.05 -45.45
CA GLU B 157 -35.32 -41.78 -46.68
C GLU B 157 -34.43 -41.36 -47.85
N ASN B 158 -33.12 -41.19 -47.65
CA ASN B 158 -32.29 -40.69 -48.74
C ASN B 158 -31.07 -41.54 -49.08
N ILE B 159 -30.63 -42.42 -48.20
CA ILE B 159 -29.46 -43.25 -48.45
C ILE B 159 -29.92 -44.69 -48.53
N SER B 160 -29.91 -45.25 -49.74
CA SER B 160 -30.48 -46.58 -49.96
C SER B 160 -29.74 -47.67 -49.19
N GLU B 161 -28.45 -47.48 -48.95
CA GLU B 161 -27.62 -48.49 -48.29
C GLU B 161 -27.38 -48.17 -46.82
N TRP B 162 -28.32 -47.47 -46.17
CA TRP B 162 -28.07 -47.00 -44.82
C TRP B 162 -27.91 -48.12 -43.82
N ARG B 163 -28.48 -49.30 -44.09
CA ARG B 163 -28.30 -50.41 -43.16
C ARG B 163 -26.88 -50.92 -43.14
N ASN B 164 -26.11 -50.68 -44.20
CA ASN B 164 -24.71 -51.08 -44.26
C ASN B 164 -23.76 -49.92 -44.08
N CYS B 165 -24.27 -48.69 -43.97
CA CYS B 165 -23.44 -47.50 -43.91
C CYS B 165 -22.63 -47.46 -42.61
N THR B 166 -21.82 -46.42 -42.48
CA THR B 166 -21.01 -46.18 -41.31
C THR B 166 -21.19 -44.71 -40.91
N ILE B 167 -21.29 -44.45 -39.61
CA ILE B 167 -21.44 -43.10 -39.09
C ILE B 167 -20.10 -42.64 -38.52
N VAL B 168 -19.53 -41.60 -39.10
CA VAL B 168 -18.17 -41.19 -38.79
C VAL B 168 -18.17 -39.82 -38.11
N SER B 169 -17.55 -39.74 -36.98
CA SER B 169 -17.28 -38.47 -36.32
C SER B 169 -16.05 -37.82 -36.94
N PRO B 170 -16.10 -36.52 -37.26
CA PRO B 170 -14.92 -35.87 -37.85
C PRO B 170 -13.84 -35.57 -36.84
N ASP B 171 -14.20 -35.14 -35.63
CA ASP B 171 -13.25 -34.91 -34.56
C ASP B 171 -13.63 -35.80 -33.40
N ALA B 172 -12.64 -36.14 -32.57
CA ALA B 172 -12.90 -36.98 -31.41
C ALA B 172 -13.91 -36.37 -30.47
N GLY B 173 -14.07 -35.04 -30.48
CA GLY B 173 -14.88 -34.39 -29.47
C GLY B 173 -16.35 -34.77 -29.54
N GLY B 174 -16.91 -34.80 -30.74
CA GLY B 174 -18.33 -35.04 -30.90
C GLY B 174 -18.75 -36.45 -31.20
N ALA B 175 -17.91 -37.45 -30.92
CA ALA B 175 -18.23 -38.83 -31.29
C ALA B 175 -19.44 -39.35 -30.51
N LYS B 176 -19.84 -38.66 -29.45
CA LYS B 176 -21.04 -39.04 -28.73
C LYS B 176 -22.28 -38.98 -29.61
N ARG B 177 -22.38 -37.90 -30.40
CA ARG B 177 -23.48 -37.76 -31.34
C ARG B 177 -23.52 -38.94 -32.31
N VAL B 178 -22.37 -39.31 -32.85
CA VAL B 178 -22.34 -40.36 -33.87
C VAL B 178 -22.61 -41.72 -33.25
N THR B 179 -22.19 -41.93 -32.00
CA THR B 179 -22.53 -43.19 -31.33
C THR B 179 -24.03 -43.29 -31.09
N SER B 180 -24.66 -42.20 -30.68
CA SER B 180 -26.11 -42.21 -30.51
C SER B 180 -26.80 -42.52 -31.84
N ILE B 181 -26.35 -41.89 -32.92
CA ILE B 181 -26.96 -42.10 -34.22
C ILE B 181 -26.76 -43.55 -34.69
N ALA B 182 -25.54 -44.07 -34.53
CA ALA B 182 -25.27 -45.44 -34.93
C ALA B 182 -26.07 -46.44 -34.11
N ASP B 183 -26.22 -46.19 -32.81
CA ASP B 183 -27.06 -47.04 -31.98
C ASP B 183 -28.50 -47.02 -32.46
N ARG B 184 -29.02 -45.83 -32.79
CA ARG B 184 -30.37 -45.75 -33.33
C ARG B 184 -30.52 -46.48 -34.64
N LEU B 185 -29.54 -46.38 -35.53
CA LEU B 185 -29.60 -47.06 -36.82
C LEU B 185 -29.11 -48.50 -36.75
N ASN B 186 -28.48 -48.89 -35.64
CA ASN B 186 -27.84 -50.20 -35.52
C ASN B 186 -26.79 -50.40 -36.62
N VAL B 187 -25.78 -49.54 -36.60
CA VAL B 187 -24.66 -49.60 -37.53
C VAL B 187 -23.37 -49.32 -36.78
N ASP B 188 -22.25 -49.49 -37.48
CA ASP B 188 -20.94 -49.22 -36.90
C ASP B 188 -20.64 -47.73 -36.95
N PHE B 189 -19.95 -47.25 -35.91
CA PHE B 189 -19.46 -45.89 -35.89
C PHE B 189 -17.95 -45.89 -36.05
N ALA B 190 -17.49 -45.62 -37.27
CA ALA B 190 -16.08 -45.40 -37.58
C ALA B 190 -15.67 -44.02 -37.11
N LEU B 191 -14.45 -43.92 -36.60
CA LEU B 191 -13.95 -42.67 -36.05
C LEU B 191 -12.71 -42.17 -36.78
N ILE B 192 -12.56 -40.86 -36.78
CA ILE B 192 -11.48 -40.16 -37.49
C ILE B 192 -10.91 -39.11 -36.56
N HIS B 193 -9.57 -38.99 -36.53
CA HIS B 193 -8.96 -37.80 -35.95
C HIS B 193 -7.59 -37.57 -36.56
N LYS B 194 -7.14 -36.31 -36.54
CA LYS B 194 -5.85 -35.96 -37.13
C LYS B 194 -4.73 -36.22 -36.13
N GLU B 195 -3.55 -36.55 -36.66
CA GLU B 195 -2.40 -36.85 -35.83
C GLU B 195 -1.59 -35.58 -35.57
N ASP B 203 -0.90 -33.35 -40.30
CA ASP B 203 -1.59 -33.16 -41.58
C ASP B 203 -2.14 -34.48 -42.09
N ARG B 204 -2.02 -35.53 -41.28
CA ARG B 204 -2.53 -36.84 -41.62
C ARG B 204 -3.67 -37.22 -40.69
N MET B 205 -4.52 -38.14 -41.15
CA MET B 205 -5.71 -38.54 -40.42
C MET B 205 -5.68 -40.03 -40.17
N VAL B 206 -6.26 -40.46 -39.06
CA VAL B 206 -6.36 -41.87 -38.71
C VAL B 206 -7.83 -42.23 -38.51
N LEU B 207 -8.22 -43.37 -39.10
CA LEU B 207 -9.60 -43.84 -39.16
C LEU B 207 -9.67 -45.28 -38.64
N VAL B 208 -10.64 -45.52 -37.76
CA VAL B 208 -10.97 -46.87 -37.30
C VAL B 208 -12.38 -47.19 -37.72
N GLY B 209 -12.57 -48.40 -38.25
CA GLY B 209 -13.90 -48.79 -38.69
C GLY B 209 -13.86 -49.05 -40.18
N ASP B 210 -14.31 -50.24 -40.57
CA ASP B 210 -14.33 -50.62 -41.97
C ASP B 210 -15.24 -49.69 -42.76
N VAL B 211 -14.67 -48.97 -43.72
CA VAL B 211 -15.43 -48.12 -44.61
C VAL B 211 -15.38 -48.58 -46.06
N LYS B 212 -14.56 -49.59 -46.37
CA LYS B 212 -14.36 -49.99 -47.75
C LYS B 212 -15.66 -50.45 -48.39
N ASP B 213 -15.90 -49.99 -49.61
CA ASP B 213 -17.08 -50.33 -50.42
C ASP B 213 -18.39 -49.99 -49.73
N ARG B 214 -18.35 -49.15 -48.71
CA ARG B 214 -19.54 -48.77 -47.97
C ARG B 214 -19.80 -47.28 -48.13
N VAL B 215 -20.96 -46.85 -47.64
CA VAL B 215 -21.24 -45.44 -47.49
C VAL B 215 -20.80 -44.98 -46.12
N ALA B 216 -20.02 -43.90 -46.07
CA ALA B 216 -19.67 -43.27 -44.81
C ALA B 216 -20.49 -41.99 -44.65
N ILE B 217 -20.96 -41.74 -43.44
CA ILE B 217 -21.78 -40.58 -43.14
C ILE B 217 -21.08 -39.80 -42.04
N LEU B 218 -20.50 -38.66 -42.39
CA LEU B 218 -19.96 -37.76 -41.38
C LEU B 218 -21.11 -37.00 -40.72
N VAL B 219 -21.08 -36.97 -39.40
CA VAL B 219 -22.07 -36.23 -38.61
C VAL B 219 -21.34 -35.32 -37.65
N ASP B 220 -21.76 -34.06 -37.60
CA ASP B 220 -21.16 -33.07 -36.73
C ASP B 220 -22.19 -32.01 -36.40
N ASP B 221 -21.88 -31.20 -35.40
CA ASP B 221 -22.82 -30.16 -34.98
C ASP B 221 -22.82 -28.97 -35.93
N MET B 222 -21.70 -28.66 -36.56
CA MET B 222 -21.67 -27.48 -37.42
C MET B 222 -20.52 -27.61 -38.40
N ALA B 223 -20.67 -26.89 -39.52
CA ALA B 223 -19.61 -26.76 -40.52
C ALA B 223 -19.40 -25.28 -40.77
N ASP B 224 -18.29 -24.74 -40.29
CA ASP B 224 -18.04 -23.30 -40.41
C ASP B 224 -17.20 -22.99 -41.65
N THR B 225 -15.93 -23.39 -41.63
CA THR B 225 -15.07 -23.25 -42.79
C THR B 225 -14.95 -24.54 -43.58
N CYS B 226 -15.56 -25.60 -43.07
CA CYS B 226 -15.56 -26.94 -43.66
C CYS B 226 -14.17 -27.55 -43.75
N GLY B 227 -13.20 -26.97 -43.04
CA GLY B 227 -11.91 -27.63 -42.92
C GLY B 227 -12.02 -28.97 -42.22
N THR B 228 -12.87 -29.07 -41.21
CA THR B 228 -13.02 -30.30 -40.45
C THR B 228 -13.59 -31.42 -41.31
N ILE B 229 -14.69 -31.18 -42.03
CA ILE B 229 -15.32 -32.25 -42.79
C ILE B 229 -14.56 -32.56 -44.07
N CYS B 230 -13.90 -31.58 -44.68
CA CYS B 230 -13.18 -31.86 -45.91
C CYS B 230 -11.97 -32.75 -45.66
N HIS B 231 -11.25 -32.50 -44.58
CA HIS B 231 -10.13 -33.37 -44.21
C HIS B 231 -10.61 -34.78 -43.90
N ALA B 232 -11.69 -34.90 -43.13
CA ALA B 232 -12.26 -36.20 -42.81
C ALA B 232 -12.71 -36.93 -44.07
N ALA B 233 -13.33 -36.21 -45.00
CA ALA B 233 -13.77 -36.85 -46.24
C ALA B 233 -12.59 -37.30 -47.08
N ASP B 234 -11.52 -36.51 -47.12
CA ASP B 234 -10.32 -36.93 -47.83
C ASP B 234 -9.81 -38.25 -47.26
N LYS B 235 -9.71 -38.33 -45.94
CA LYS B 235 -9.31 -39.57 -45.31
C LYS B 235 -10.24 -40.73 -45.71
N LEU B 236 -11.55 -40.51 -45.62
CA LEU B 236 -12.49 -41.59 -45.90
C LEU B 236 -12.36 -42.07 -47.33
N LEU B 237 -12.22 -41.14 -48.29
CA LEU B 237 -12.03 -41.55 -49.67
C LEU B 237 -10.70 -42.25 -49.88
N SER B 238 -9.71 -41.97 -49.05
CA SER B 238 -8.46 -42.73 -49.12
C SER B 238 -8.71 -44.21 -48.82
N ALA B 239 -9.66 -44.49 -47.93
CA ALA B 239 -9.92 -45.86 -47.47
C ALA B 239 -11.08 -46.51 -48.21
N GLY B 240 -11.40 -46.06 -49.41
CA GLY B 240 -12.23 -46.81 -50.32
C GLY B 240 -13.74 -46.70 -50.13
N ALA B 241 -14.22 -45.73 -49.36
CA ALA B 241 -15.65 -45.57 -49.22
C ALA B 241 -16.28 -45.18 -50.56
N THR B 242 -17.36 -45.88 -50.90
CA THR B 242 -18.01 -45.66 -52.19
C THR B 242 -18.56 -44.25 -52.31
N ARG B 243 -19.23 -43.78 -51.26
CA ARG B 243 -19.71 -42.42 -51.18
C ARG B 243 -19.48 -41.89 -49.77
N VAL B 244 -19.37 -40.58 -49.65
CA VAL B 244 -19.22 -39.92 -48.36
C VAL B 244 -20.30 -38.84 -48.27
N TYR B 245 -21.02 -38.83 -47.16
CA TYR B 245 -21.99 -37.79 -46.88
C TYR B 245 -21.54 -37.01 -45.66
N ALA B 246 -21.96 -35.75 -45.60
CA ALA B 246 -21.78 -34.95 -44.40
C ALA B 246 -23.15 -34.46 -43.96
N ILE B 247 -23.46 -34.59 -42.69
CA ILE B 247 -24.72 -34.12 -42.14
C ILE B 247 -24.42 -33.26 -40.93
N LEU B 248 -24.97 -32.05 -40.90
CA LEU B 248 -24.71 -31.08 -39.85
C LEU B 248 -25.99 -30.36 -39.48
N THR B 249 -26.15 -30.05 -38.20
CA THR B 249 -27.30 -29.24 -37.85
C THR B 249 -27.10 -27.77 -38.24
N HIS B 250 -25.92 -27.19 -38.01
CA HIS B 250 -25.70 -25.77 -38.28
C HIS B 250 -24.79 -25.61 -39.50
N GLY B 251 -25.35 -25.12 -40.59
CA GLY B 251 -24.60 -24.81 -41.79
C GLY B 251 -24.08 -23.39 -41.87
N ILE B 252 -23.04 -23.05 -41.13
CA ILE B 252 -22.55 -21.68 -41.11
C ILE B 252 -21.90 -21.31 -42.44
N PHE B 253 -21.00 -22.16 -42.93
CA PHE B 253 -20.41 -22.03 -44.28
C PHE B 253 -19.77 -20.67 -44.51
N SER B 254 -18.93 -20.23 -43.58
CA SER B 254 -18.26 -18.95 -43.76
C SER B 254 -16.91 -19.15 -44.46
N GLY B 255 -16.34 -18.04 -44.92
CA GLY B 255 -15.02 -18.05 -45.52
C GLY B 255 -14.94 -18.85 -46.80
N PRO B 256 -13.99 -19.78 -46.85
CA PRO B 256 -13.78 -20.56 -48.08
C PRO B 256 -14.64 -21.81 -48.15
N ALA B 257 -15.69 -21.90 -47.33
CA ALA B 257 -16.42 -23.15 -47.16
C ALA B 257 -17.05 -23.63 -48.46
N ILE B 258 -17.69 -22.73 -49.21
CA ILE B 258 -18.40 -23.14 -50.41
C ILE B 258 -17.44 -23.69 -51.46
N SER B 259 -16.28 -23.05 -51.63
CA SER B 259 -15.30 -23.55 -52.58
C SER B 259 -14.76 -24.91 -52.16
N ARG B 260 -14.47 -25.09 -50.87
CA ARG B 260 -13.97 -26.39 -50.41
C ARG B 260 -15.00 -27.47 -50.62
N ILE B 261 -16.28 -27.19 -50.33
CA ILE B 261 -17.32 -28.19 -50.55
C ILE B 261 -17.43 -28.50 -52.04
N ASN B 262 -17.33 -27.48 -52.89
CA ASN B 262 -17.44 -27.72 -54.32
C ASN B 262 -16.30 -28.59 -54.83
N ASN B 263 -15.10 -28.42 -54.27
CA ASN B 263 -13.95 -29.20 -54.69
C ASN B 263 -13.79 -30.51 -53.92
N ALA B 264 -14.67 -30.80 -52.96
CA ALA B 264 -14.56 -32.03 -52.20
C ALA B 264 -15.41 -33.13 -52.83
N CYS B 265 -15.27 -34.34 -52.31
CA CYS B 265 -15.89 -35.52 -52.89
C CYS B 265 -17.23 -35.86 -52.26
N PHE B 266 -17.82 -34.95 -51.49
CA PHE B 266 -19.08 -35.25 -50.84
C PHE B 266 -20.17 -35.58 -51.86
N GLU B 267 -20.87 -36.68 -51.60
CA GLU B 267 -22.11 -36.92 -52.33
C GLU B 267 -23.15 -35.87 -51.97
N ALA B 268 -23.23 -35.51 -50.69
CA ALA B 268 -24.17 -34.51 -50.23
C ALA B 268 -23.67 -33.90 -48.93
N VAL B 269 -23.95 -32.62 -48.75
CA VAL B 269 -23.74 -31.92 -47.50
C VAL B 269 -25.12 -31.47 -47.04
N VAL B 270 -25.65 -32.14 -46.05
CA VAL B 270 -26.99 -31.88 -45.54
C VAL B 270 -26.87 -31.03 -44.29
N VAL B 271 -27.66 -29.97 -44.21
CA VAL B 271 -27.69 -29.12 -43.03
C VAL B 271 -29.13 -28.89 -42.64
N THR B 272 -29.35 -28.59 -41.36
CA THR B 272 -30.68 -28.13 -41.01
C THR B 272 -30.86 -26.65 -41.38
N ASN B 273 -32.09 -26.16 -41.32
CA ASN B 273 -32.33 -24.74 -41.53
C ASN B 273 -32.37 -23.96 -40.21
N THR B 274 -31.42 -24.22 -39.30
CA THR B 274 -31.25 -23.31 -38.17
C THR B 274 -30.65 -21.99 -38.63
N ILE B 275 -30.02 -21.98 -39.80
CA ILE B 275 -29.40 -20.82 -40.41
C ILE B 275 -29.95 -20.76 -41.83
N PRO B 276 -30.29 -19.59 -42.36
CA PRO B 276 -30.78 -19.53 -43.75
C PRO B 276 -29.72 -20.03 -44.72
N GLN B 277 -30.15 -20.80 -45.71
CA GLN B 277 -29.24 -21.50 -46.59
C GLN B 277 -29.41 -21.18 -48.07
N GLU B 278 -30.39 -20.36 -48.44
CA GLU B 278 -30.70 -20.16 -49.86
C GLU B 278 -29.52 -19.58 -50.63
N ASP B 279 -28.88 -18.56 -50.05
CA ASP B 279 -27.73 -17.94 -50.72
C ASP B 279 -26.60 -18.93 -50.91
N LYS B 280 -26.29 -19.72 -49.88
CA LYS B 280 -25.25 -20.73 -50.01
C LYS B 280 -25.66 -21.83 -50.98
N MET B 281 -26.95 -22.18 -50.99
CA MET B 281 -27.42 -23.22 -51.90
C MET B 281 -27.33 -22.78 -53.35
N LYS B 282 -27.39 -21.47 -53.61
CA LYS B 282 -27.24 -20.98 -54.97
C LYS B 282 -25.86 -21.31 -55.53
N HIS B 283 -24.83 -21.18 -54.71
CA HIS B 283 -23.45 -21.37 -55.14
C HIS B 283 -22.92 -22.79 -54.94
N CYS B 284 -23.71 -23.68 -54.34
CA CYS B 284 -23.24 -25.03 -54.05
C CYS B 284 -24.39 -26.01 -54.28
N SER B 285 -24.24 -26.87 -55.28
CA SER B 285 -25.33 -27.75 -55.68
C SER B 285 -25.53 -28.91 -54.71
N LYS B 286 -24.50 -29.30 -53.97
CA LYS B 286 -24.61 -30.48 -53.13
C LYS B 286 -25.10 -30.17 -51.72
N ILE B 287 -25.51 -28.95 -51.42
CA ILE B 287 -26.08 -28.64 -50.11
C ILE B 287 -27.57 -28.93 -50.15
N GLN B 288 -28.04 -29.75 -49.20
CA GLN B 288 -29.46 -29.98 -48.99
C GLN B 288 -29.84 -29.62 -47.56
N VAL B 289 -31.09 -29.19 -47.40
CA VAL B 289 -31.57 -28.64 -46.14
C VAL B 289 -32.63 -29.55 -45.54
N ILE B 290 -32.50 -29.83 -44.26
CA ILE B 290 -33.55 -30.49 -43.48
C ILE B 290 -34.31 -29.42 -42.73
N ASP B 291 -35.63 -29.39 -42.90
CA ASP B 291 -36.43 -28.42 -42.17
C ASP B 291 -36.58 -28.92 -40.73
N ILE B 292 -36.20 -28.08 -39.77
CA ILE B 292 -36.42 -28.40 -38.37
C ILE B 292 -37.46 -27.49 -37.74
N SER B 293 -38.23 -26.78 -38.56
CA SER B 293 -39.24 -25.88 -38.01
C SER B 293 -40.31 -26.64 -37.25
N MET B 294 -40.60 -27.89 -37.60
CA MET B 294 -41.58 -28.64 -36.83
C MET B 294 -41.09 -28.90 -35.41
N ILE B 295 -39.80 -29.20 -35.26
CA ILE B 295 -39.25 -29.45 -33.93
C ILE B 295 -39.31 -28.20 -33.08
N LEU B 296 -38.91 -27.06 -33.63
CA LEU B 296 -38.96 -25.80 -32.89
C LEU B 296 -40.39 -25.41 -32.56
N ALA B 297 -41.30 -25.57 -33.51
CA ALA B 297 -42.71 -25.26 -33.26
C ALA B 297 -43.27 -26.14 -32.16
N GLU B 298 -42.97 -27.44 -32.20
CA GLU B 298 -43.43 -28.34 -31.16
C GLU B 298 -42.84 -27.98 -29.81
N ALA B 299 -41.57 -27.60 -29.77
CA ALA B 299 -40.97 -27.19 -28.51
C ALA B 299 -41.66 -25.96 -27.95
N ILE B 300 -41.94 -24.98 -28.80
CA ILE B 300 -42.64 -23.77 -28.35
C ILE B 300 -44.03 -24.14 -27.82
N ARG B 301 -44.75 -24.95 -28.57
CA ARG B 301 -46.10 -25.34 -28.20
C ARG B 301 -46.11 -26.13 -26.89
N ARG B 302 -45.15 -27.03 -26.71
CA ARG B 302 -45.10 -27.84 -25.50
C ARG B 302 -44.66 -27.03 -24.28
N THR B 303 -43.70 -26.11 -24.43
CA THR B 303 -43.37 -25.26 -23.31
C THR B 303 -44.55 -24.38 -22.93
N HIS B 304 -45.28 -23.88 -23.92
CA HIS B 304 -46.46 -23.07 -23.60
C HIS B 304 -47.52 -23.89 -22.87
N ASN B 305 -47.75 -25.12 -23.31
CA ASN B 305 -48.84 -25.92 -22.74
C ASN B 305 -48.43 -26.73 -21.52
N GLY B 306 -47.18 -26.64 -21.08
CA GLY B 306 -46.75 -27.47 -19.97
C GLY B 306 -46.62 -28.93 -20.31
N GLU B 307 -46.39 -29.26 -21.57
CA GLU B 307 -46.21 -30.62 -22.03
C GLU B 307 -44.72 -30.97 -22.08
N SER B 308 -44.43 -32.26 -22.13
CA SER B 308 -43.04 -32.71 -22.10
C SER B 308 -42.29 -32.29 -23.36
N VAL B 309 -41.19 -31.58 -23.18
CA VAL B 309 -40.33 -31.23 -24.31
C VAL B 309 -39.37 -32.35 -24.64
N SER B 310 -38.88 -33.07 -23.62
CA SER B 310 -37.92 -34.13 -23.85
C SER B 310 -38.48 -35.25 -24.72
N TYR B 311 -39.80 -35.35 -24.82
CA TYR B 311 -40.43 -36.28 -25.75
C TYR B 311 -39.94 -36.06 -27.17
N LEU B 312 -39.60 -34.82 -27.52
CA LEU B 312 -39.07 -34.51 -28.84
C LEU B 312 -37.66 -35.02 -29.06
N PHE B 313 -36.93 -35.38 -28.00
CA PHE B 313 -35.56 -35.86 -28.20
C PHE B 313 -35.53 -37.13 -29.01
N SER B 314 -36.62 -37.89 -29.03
CA SER B 314 -36.65 -39.17 -29.73
C SER B 314 -37.80 -39.33 -30.71
N HIS B 315 -38.63 -38.32 -30.90
CA HIS B 315 -39.82 -38.45 -31.74
C HIS B 315 -39.89 -37.30 -32.74
N VAL B 316 -40.08 -37.64 -34.02
CA VAL B 316 -40.36 -36.66 -35.07
C VAL B 316 -41.84 -36.32 -35.01
N PRO B 317 -42.21 -35.05 -34.80
CA PRO B 317 -43.63 -34.69 -34.76
C PRO B 317 -44.27 -34.63 -36.14
N PRO C 2 -1.41 -1.81 -7.61
CA PRO C 2 -1.94 -1.93 -8.96
C PRO C 2 -1.49 -0.81 -9.88
N ASN C 3 -1.09 -1.18 -11.09
CA ASN C 3 -0.66 -0.23 -12.11
C ASN C 3 -1.77 -0.01 -13.12
N ILE C 4 -1.71 1.12 -13.78
CA ILE C 4 -2.63 1.42 -14.87
C ILE C 4 -2.26 0.57 -16.09
N LYS C 5 -3.25 -0.11 -16.65
CA LYS C 5 -3.13 -0.74 -17.95
C LYS C 5 -4.21 -0.19 -18.86
N ILE C 6 -3.81 0.35 -20.00
CA ILE C 6 -4.74 0.91 -20.98
C ILE C 6 -4.82 -0.08 -22.14
N PHE C 7 -6.04 -0.51 -22.45
CA PHE C 7 -6.28 -1.34 -23.62
C PHE C 7 -7.19 -0.59 -24.57
N SER C 8 -6.92 -0.73 -25.86
CA SER C 8 -7.73 -0.11 -26.90
C SER C 8 -8.62 -1.16 -27.55
N GLY C 9 -9.88 -0.84 -27.70
CA GLY C 9 -10.71 -1.55 -28.65
C GLY C 9 -10.36 -1.13 -30.06
N SER C 10 -11.08 -1.71 -31.02
CA SER C 10 -10.80 -1.40 -32.41
C SER C 10 -11.46 -0.11 -32.90
N SER C 11 -12.38 0.47 -32.13
CA SER C 11 -13.15 1.61 -32.62
C SER C 11 -12.27 2.83 -32.82
N HIS C 12 -11.49 3.22 -31.81
CA HIS C 12 -10.76 4.49 -31.86
C HIS C 12 -9.34 4.24 -31.35
N GLN C 13 -8.48 3.75 -32.24
CA GLN C 13 -7.11 3.43 -31.86
C GLN C 13 -6.27 4.67 -31.61
N ASP C 14 -6.47 5.70 -32.43
CA ASP C 14 -5.65 6.90 -32.33
C ASP C 14 -5.93 7.61 -31.00
N LEU C 15 -7.19 7.67 -30.58
CA LEU C 15 -7.51 8.27 -29.29
C LEU C 15 -6.86 7.51 -28.15
N SER C 16 -6.92 6.17 -28.19
CA SER C 16 -6.30 5.37 -27.14
C SER C 16 -4.81 5.60 -27.09
N GLN C 17 -4.16 5.68 -28.24
CA GLN C 17 -2.74 5.95 -28.28
C GLN C 17 -2.42 7.32 -27.68
N LYS C 18 -3.21 8.33 -28.02
CA LYS C 18 -2.99 9.66 -27.45
C LYS C 18 -3.12 9.64 -25.94
N ILE C 19 -4.15 8.94 -25.43
CA ILE C 19 -4.33 8.81 -23.99
C ILE C 19 -3.12 8.13 -23.37
N ALA C 20 -2.65 7.05 -24.00
CA ALA C 20 -1.53 6.30 -23.44
C ALA C 20 -0.26 7.14 -23.42
N ASP C 21 -0.01 7.92 -24.49
CA ASP C 21 1.15 8.80 -24.49
C ASP C 21 1.05 9.83 -23.38
N ARG C 22 -0.13 10.41 -23.17
CA ARG C 22 -0.24 11.41 -22.11
C ARG C 22 0.00 10.81 -20.73
N LEU C 23 -0.27 9.51 -20.56
CA LEU C 23 -0.01 8.85 -19.29
C LEU C 23 1.38 8.27 -19.18
N GLY C 24 2.20 8.39 -20.23
CA GLY C 24 3.51 7.76 -20.23
C GLY C 24 3.46 6.25 -20.19
N LEU C 25 2.56 5.65 -20.95
CA LEU C 25 2.37 4.21 -20.96
C LEU C 25 2.28 3.71 -22.40
N GLU C 26 2.58 2.44 -22.57
CA GLU C 26 2.30 1.74 -23.81
C GLU C 26 0.93 1.09 -23.71
N LEU C 27 0.25 1.00 -24.85
CA LEU C 27 -1.02 0.30 -24.90
C LEU C 27 -0.80 -1.18 -24.58
N GLY C 28 -1.70 -1.74 -23.78
CA GLY C 28 -1.60 -3.14 -23.45
C GLY C 28 -1.74 -4.03 -24.66
N LYS C 29 -1.04 -5.15 -24.63
CA LYS C 29 -1.10 -6.10 -25.75
C LYS C 29 -2.44 -6.80 -25.74
N VAL C 30 -3.20 -6.63 -26.82
CA VAL C 30 -4.47 -7.30 -26.98
C VAL C 30 -4.68 -7.57 -28.46
N VAL C 31 -5.18 -8.76 -28.76
CA VAL C 31 -5.60 -9.13 -30.10
C VAL C 31 -7.12 -9.00 -30.14
N THR C 32 -7.62 -8.12 -31.00
CA THR C 32 -9.05 -7.88 -31.15
C THR C 32 -9.36 -8.02 -32.63
N LYS C 33 -9.89 -9.16 -33.03
CA LYS C 33 -10.20 -9.42 -34.44
C LYS C 33 -11.51 -10.17 -34.57
N LYS C 34 -11.76 -10.76 -35.73
CA LYS C 34 -12.98 -11.53 -35.96
C LYS C 34 -12.64 -12.93 -36.44
N PHE C 35 -13.34 -13.92 -35.89
CA PHE C 35 -13.32 -15.25 -36.45
C PHE C 35 -13.92 -15.23 -37.86
N SER C 36 -13.82 -16.37 -38.54
CA SER C 36 -14.33 -16.46 -39.90
C SER C 36 -15.82 -16.15 -39.97
N ASN C 37 -16.59 -16.65 -39.00
CA ASN C 37 -18.03 -16.41 -38.97
C ASN C 37 -18.38 -15.05 -38.36
N GLN C 38 -17.42 -14.16 -38.19
CA GLN C 38 -17.61 -12.77 -37.77
C GLN C 38 -17.92 -12.63 -36.29
N GLU C 39 -17.64 -13.65 -35.48
CA GLU C 39 -17.74 -13.51 -34.04
C GLU C 39 -16.47 -12.81 -33.54
N THR C 40 -16.62 -11.95 -32.54
CA THR C 40 -15.48 -11.23 -32.01
C THR C 40 -14.52 -12.18 -31.33
N CYS C 41 -13.23 -12.03 -31.63
CA CYS C 41 -12.15 -12.79 -31.01
C CYS C 41 -11.29 -11.81 -30.23
N VAL C 42 -11.08 -12.10 -28.95
CA VAL C 42 -10.31 -11.24 -28.06
C VAL C 42 -9.29 -12.11 -27.33
N GLU C 43 -8.05 -11.64 -27.26
CA GLU C 43 -6.98 -12.35 -26.59
C GLU C 43 -6.13 -11.33 -25.85
N ILE C 44 -6.13 -11.38 -24.52
CA ILE C 44 -5.31 -10.47 -23.74
C ILE C 44 -3.88 -10.99 -23.74
N GLY C 45 -2.97 -10.21 -24.31
CA GLY C 45 -1.60 -10.62 -24.53
C GLY C 45 -0.66 -10.45 -23.37
N GLU C 46 -1.13 -9.97 -22.22
CA GLU C 46 -0.29 -9.80 -21.05
C GLU C 46 -1.15 -9.99 -19.81
N SER C 47 -0.51 -10.41 -18.73
CA SER C 47 -1.21 -10.57 -17.47
C SER C 47 -1.76 -9.24 -16.99
N VAL C 48 -3.01 -9.24 -16.56
CA VAL C 48 -3.63 -8.07 -15.96
C VAL C 48 -3.97 -8.34 -14.50
N ARG C 49 -3.44 -9.43 -13.95
CA ARG C 49 -3.76 -9.85 -12.60
C ARG C 49 -3.36 -8.77 -11.61
N GLY C 50 -4.34 -8.28 -10.84
CA GLY C 50 -4.07 -7.26 -9.84
C GLY C 50 -3.88 -5.86 -10.38
N GLU C 51 -4.13 -5.63 -11.66
CA GLU C 51 -3.91 -4.33 -12.26
C GLU C 51 -5.20 -3.55 -12.39
N ASP C 52 -5.06 -2.23 -12.58
CA ASP C 52 -6.18 -1.32 -12.79
C ASP C 52 -6.35 -1.11 -14.28
N VAL C 53 -7.33 -1.78 -14.87
CA VAL C 53 -7.47 -1.89 -16.32
C VAL C 53 -8.45 -0.85 -16.83
N TYR C 54 -8.05 -0.12 -17.87
CA TYR C 54 -8.93 0.82 -18.55
C TYR C 54 -9.04 0.40 -20.00
N ILE C 55 -10.27 0.22 -20.47
CA ILE C 55 -10.53 -0.20 -21.84
C ILE C 55 -11.20 0.95 -22.57
N VAL C 56 -10.58 1.41 -23.64
CA VAL C 56 -11.05 2.58 -24.38
C VAL C 56 -11.79 2.10 -25.61
N GLN C 57 -13.08 2.44 -25.69
CA GLN C 57 -13.90 2.06 -26.83
C GLN C 57 -15.04 3.06 -26.93
N SER C 58 -15.17 3.72 -28.07
CA SER C 58 -16.26 4.66 -28.28
C SER C 58 -17.41 4.00 -29.02
N GLY C 59 -18.61 4.50 -28.76
CA GLY C 59 -19.80 4.03 -29.43
C GLY C 59 -19.95 4.67 -30.79
N CYS C 60 -19.15 4.22 -31.74
CA CYS C 60 -19.13 4.79 -33.09
C CYS C 60 -18.83 3.68 -34.08
N GLY C 61 -18.84 4.04 -35.36
CA GLY C 61 -18.58 3.06 -36.40
C GLY C 61 -19.63 1.95 -36.38
N GLU C 62 -19.16 0.72 -36.48
CA GLU C 62 -20.02 -0.45 -36.38
C GLU C 62 -20.33 -0.64 -34.91
N ILE C 63 -21.41 0.00 -34.47
CA ILE C 63 -21.65 0.21 -33.05
C ILE C 63 -21.85 -1.12 -32.33
N ASN C 64 -22.61 -2.04 -32.93
CA ASN C 64 -22.89 -3.30 -32.26
C ASN C 64 -21.64 -4.16 -32.14
N ASP C 65 -20.81 -4.17 -33.18
CA ASP C 65 -19.54 -4.87 -33.11
C ASP C 65 -18.64 -4.29 -32.03
N ASN C 66 -18.56 -2.96 -31.96
CA ASN C 66 -17.68 -2.31 -31.00
C ASN C 66 -18.17 -2.53 -29.57
N LEU C 67 -19.48 -2.45 -29.37
CA LEU C 67 -20.05 -2.72 -28.05
C LEU C 67 -19.79 -4.16 -27.62
N MET C 68 -20.02 -5.11 -28.54
CA MET C 68 -19.73 -6.52 -28.19
C MET C 68 -18.24 -6.66 -27.84
N GLU C 69 -17.36 -6.06 -28.64
CA GLU C 69 -15.93 -6.15 -28.38
C GLU C 69 -15.59 -5.62 -27.00
N LEU C 70 -16.18 -4.48 -26.64
CA LEU C 70 -15.94 -3.90 -25.32
C LEU C 70 -16.39 -4.84 -24.22
N LEU C 71 -17.58 -5.41 -24.36
CA LEU C 71 -18.08 -6.31 -23.33
C LEU C 71 -17.21 -7.55 -23.21
N ILE C 72 -16.78 -8.11 -24.34
CA ILE C 72 -15.94 -9.29 -24.32
C ILE C 72 -14.58 -8.97 -23.69
N MET C 73 -14.02 -7.81 -23.99
CA MET C 73 -12.76 -7.42 -23.37
C MET C 73 -12.90 -7.25 -21.87
N ILE C 74 -13.99 -6.61 -21.43
CA ILE C 74 -14.22 -6.45 -20.00
C ILE C 74 -14.33 -7.81 -19.33
N ASN C 75 -15.06 -8.73 -19.95
CA ASN C 75 -15.19 -10.07 -19.39
C ASN C 75 -13.85 -10.78 -19.29
N ALA C 76 -13.04 -10.68 -20.36
CA ALA C 76 -11.73 -11.32 -20.36
C ALA C 76 -10.84 -10.75 -19.26
N CYS C 77 -10.87 -9.44 -19.07
CA CYS C 77 -10.04 -8.84 -18.02
C CYS C 77 -10.56 -9.20 -16.63
N LYS C 78 -11.88 -9.28 -16.46
CA LYS C 78 -12.46 -9.60 -15.17
C LYS C 78 -12.12 -11.02 -14.75
N ILE C 79 -12.27 -11.99 -15.66
CA ILE C 79 -11.94 -13.36 -15.27
C ILE C 79 -10.45 -13.64 -15.29
N ALA C 80 -9.64 -12.69 -15.78
CA ALA C 80 -8.19 -12.75 -15.64
C ALA C 80 -7.70 -12.08 -14.36
N SER C 81 -8.61 -11.77 -13.43
CA SER C 81 -8.29 -11.31 -12.08
C SER C 81 -7.67 -9.90 -12.08
N ALA C 82 -8.13 -9.05 -12.97
CA ALA C 82 -7.83 -7.63 -12.84
C ALA C 82 -8.42 -7.11 -11.55
N SER C 83 -7.69 -6.23 -10.86
CA SER C 83 -8.21 -5.70 -9.61
C SER C 83 -9.41 -4.80 -9.85
N ARG C 84 -9.42 -4.07 -10.95
CA ARG C 84 -10.51 -3.17 -11.28
C ARG C 84 -10.55 -3.00 -12.79
N VAL C 85 -11.75 -2.95 -13.35
CA VAL C 85 -11.93 -2.77 -14.78
C VAL C 85 -12.82 -1.54 -15.00
N THR C 86 -12.33 -0.61 -15.80
CA THR C 86 -13.03 0.62 -16.11
C THR C 86 -13.25 0.71 -17.61
N ALA C 87 -14.49 0.91 -18.02
CA ALA C 87 -14.82 1.16 -19.42
C ALA C 87 -14.72 2.65 -19.68
N VAL C 88 -13.82 3.04 -20.56
CA VAL C 88 -13.67 4.43 -20.99
C VAL C 88 -14.42 4.54 -22.32
N ILE C 89 -15.63 5.07 -22.26
CA ILE C 89 -16.51 5.10 -23.43
C ILE C 89 -16.77 6.56 -23.79
N PRO C 90 -15.92 7.18 -24.61
CA PRO C 90 -16.09 8.62 -24.88
C PRO C 90 -17.46 9.00 -25.42
N CYS C 91 -18.01 8.22 -26.34
CA CYS C 91 -19.36 8.42 -26.84
C CYS C 91 -20.19 7.20 -26.49
N PHE C 92 -21.15 7.38 -25.60
CA PHE C 92 -21.90 6.25 -25.04
C PHE C 92 -22.90 5.73 -26.06
N PRO C 93 -22.84 4.46 -26.45
CA PRO C 93 -23.77 3.95 -27.46
C PRO C 93 -25.18 3.81 -26.90
N TYR C 94 -26.16 4.02 -27.78
CA TYR C 94 -27.60 3.95 -27.47
C TYR C 94 -28.04 5.00 -26.45
N ALA C 95 -27.26 6.08 -26.30
CA ALA C 95 -27.60 7.10 -25.32
C ALA C 95 -28.89 7.82 -25.67
N ARG C 96 -29.23 7.92 -26.96
CA ARG C 96 -30.45 8.60 -27.34
C ARG C 96 -31.71 7.77 -27.10
N GLN C 97 -31.57 6.48 -26.83
CA GLN C 97 -32.71 5.65 -26.42
C GLN C 97 -32.72 5.50 -24.90
N ASP C 98 -32.97 6.62 -24.23
CA ASP C 98 -32.91 6.72 -22.78
C ASP C 98 -34.30 6.72 -22.14
N LYS C 99 -35.35 6.57 -22.93
CA LYS C 99 -36.71 6.57 -22.43
C LYS C 99 -37.62 5.98 -23.50
N LYS C 100 -38.84 5.63 -23.08
CA LYS C 100 -39.89 5.12 -23.96
C LYS C 100 -40.81 6.24 -24.45
N ASP C 101 -41.41 6.95 -23.52
CA ASP C 101 -42.18 8.19 -23.60
C ASP C 101 -43.59 8.15 -24.14
N LYS C 102 -43.93 7.26 -25.08
CA LYS C 102 -45.30 6.81 -25.29
C LYS C 102 -45.34 5.52 -26.07
N SER C 103 -44.18 4.99 -26.42
CA SER C 103 -44.11 3.94 -27.43
C SER C 103 -43.65 2.64 -26.79
N ARG C 104 -44.03 1.53 -27.42
CA ARG C 104 -43.65 0.21 -26.97
C ARG C 104 -42.24 -0.10 -27.46
N ALA C 105 -41.29 0.58 -26.84
CA ALA C 105 -39.91 0.62 -27.27
C ALA C 105 -38.98 0.19 -26.15
N PRO C 106 -37.79 -0.28 -26.47
CA PRO C 106 -36.80 -0.56 -25.44
C PRO C 106 -36.23 0.72 -24.86
N ILE C 107 -35.72 0.62 -23.64
CA ILE C 107 -34.82 1.63 -23.12
C ILE C 107 -33.42 1.05 -23.32
N SER C 108 -32.87 1.26 -24.52
CA SER C 108 -31.65 0.58 -24.91
C SER C 108 -30.46 1.02 -24.08
N ALA C 109 -30.42 2.29 -23.67
CA ALA C 109 -29.32 2.76 -22.84
C ALA C 109 -29.27 2.00 -21.52
N LYS C 110 -30.43 1.73 -20.91
CA LYS C 110 -30.45 0.93 -19.70
C LYS C 110 -29.98 -0.49 -19.95
N LEU C 111 -30.36 -1.07 -21.08
CA LEU C 111 -29.87 -2.40 -21.42
C LEU C 111 -28.35 -2.39 -21.56
N VAL C 112 -27.79 -1.37 -22.21
CA VAL C 112 -26.35 -1.28 -22.36
C VAL C 112 -25.67 -1.15 -21.00
N ALA C 113 -26.24 -0.34 -20.11
CA ALA C 113 -25.70 -0.22 -18.75
C ALA C 113 -25.72 -1.55 -18.03
N ASN C 114 -26.83 -2.29 -18.14
CA ASN C 114 -26.92 -3.61 -17.51
C ASN C 114 -25.88 -4.56 -18.08
N MET C 115 -25.68 -4.52 -19.40
CA MET C 115 -24.71 -5.41 -20.03
C MET C 115 -23.29 -5.07 -19.58
N LEU C 116 -22.96 -3.79 -19.50
CA LEU C 116 -21.65 -3.38 -19.01
C LEU C 116 -21.44 -3.84 -17.58
N SER C 117 -22.47 -3.72 -16.74
CA SER C 117 -22.36 -4.16 -15.36
C SER C 117 -22.16 -5.67 -15.26
N VAL C 118 -22.97 -6.45 -15.98
CA VAL C 118 -22.85 -7.90 -15.89
C VAL C 118 -21.57 -8.40 -16.53
N ALA C 119 -21.01 -7.67 -17.49
CA ALA C 119 -19.71 -8.04 -18.03
C ALA C 119 -18.60 -7.90 -17.01
N GLY C 120 -18.78 -7.02 -16.02
CA GLY C 120 -17.82 -6.89 -14.95
C GLY C 120 -17.21 -5.52 -14.76
N ALA C 121 -17.72 -4.51 -15.47
CA ALA C 121 -17.18 -3.17 -15.32
C ALA C 121 -17.43 -2.64 -13.91
N ASP C 122 -16.38 -2.16 -13.26
CA ASP C 122 -16.51 -1.56 -11.95
C ASP C 122 -16.68 -0.05 -11.99
N HIS C 123 -16.52 0.56 -13.16
CA HIS C 123 -16.44 2.01 -13.27
C HIS C 123 -16.58 2.39 -14.73
N ILE C 124 -17.26 3.50 -14.99
CA ILE C 124 -17.47 4.01 -16.33
C ILE C 124 -16.94 5.43 -16.39
N ILE C 125 -16.17 5.74 -17.43
CA ILE C 125 -15.79 7.10 -17.76
C ILE C 125 -16.33 7.42 -19.13
N THR C 126 -17.08 8.51 -19.25
CA THR C 126 -17.70 8.88 -20.50
C THR C 126 -17.68 10.40 -20.62
N MET C 127 -18.04 10.91 -21.78
CA MET C 127 -18.03 12.34 -22.02
C MET C 127 -19.35 12.81 -22.61
N ASP C 128 -19.94 13.83 -21.99
CA ASP C 128 -21.16 14.49 -22.46
C ASP C 128 -22.23 13.48 -22.84
N LEU C 129 -22.70 12.76 -21.83
CA LEU C 129 -23.84 11.87 -22.00
C LEU C 129 -25.02 12.65 -22.55
N HIS C 130 -25.73 12.04 -23.50
CA HIS C 130 -26.89 12.69 -24.10
C HIS C 130 -27.89 13.12 -23.03
N ALA C 131 -28.11 12.29 -22.03
CA ALA C 131 -28.93 12.64 -20.88
C ALA C 131 -28.18 12.20 -19.62
N SER C 132 -27.96 13.14 -18.71
CA SER C 132 -27.18 12.79 -17.53
C SER C 132 -27.94 11.84 -16.60
N GLN C 133 -29.26 11.69 -16.79
CA GLN C 133 -30.00 10.65 -16.10
C GLN C 133 -29.44 9.26 -16.39
N ILE C 134 -28.71 9.11 -17.50
CA ILE C 134 -28.09 7.82 -17.81
C ILE C 134 -27.14 7.39 -16.69
N GLN C 135 -26.59 8.35 -15.94
CA GLN C 135 -25.76 7.98 -14.80
C GLN C 135 -26.53 7.12 -13.81
N GLY C 136 -27.83 7.38 -13.66
CA GLY C 136 -28.68 6.59 -12.80
C GLY C 136 -29.06 5.24 -13.36
N PHE C 137 -28.75 4.95 -14.63
CA PHE C 137 -28.96 3.62 -15.16
C PHE C 137 -27.96 2.61 -14.61
N PHE C 138 -26.89 3.07 -13.97
CA PHE C 138 -25.84 2.23 -13.43
C PHE C 138 -25.95 2.14 -11.91
N ASP C 139 -25.44 1.04 -11.37
CA ASP C 139 -25.18 0.97 -9.94
C ASP C 139 -23.72 1.18 -9.59
N ILE C 140 -22.82 1.12 -10.57
CA ILE C 140 -21.41 1.42 -10.39
C ILE C 140 -21.18 2.91 -10.61
N PRO C 141 -20.10 3.49 -10.11
CA PRO C 141 -19.86 4.93 -10.35
C PRO C 141 -19.66 5.23 -11.83
N VAL C 142 -20.14 6.38 -12.26
CA VAL C 142 -20.00 6.86 -13.63
C VAL C 142 -19.49 8.29 -13.58
N ASP C 143 -18.34 8.52 -14.19
CA ASP C 143 -17.78 9.87 -14.29
C ASP C 143 -18.11 10.42 -15.67
N ASN C 144 -19.01 11.38 -15.71
CA ASN C 144 -19.46 12.02 -16.96
C ASN C 144 -18.66 13.30 -17.14
N LEU C 145 -17.63 13.24 -17.97
CA LEU C 145 -16.80 14.40 -18.24
C LEU C 145 -17.49 15.34 -19.22
N TYR C 146 -17.02 16.58 -19.25
CA TYR C 146 -17.58 17.63 -20.09
C TYR C 146 -16.52 18.15 -21.04
N ALA C 147 -16.91 18.35 -22.30
CA ALA C 147 -16.02 18.98 -23.26
C ALA C 147 -15.98 20.49 -23.09
N GLU C 148 -16.82 21.05 -22.22
CA GLU C 148 -16.97 22.50 -22.12
C GLU C 148 -15.67 23.27 -21.90
N PRO C 149 -14.75 22.86 -21.03
CA PRO C 149 -13.50 23.63 -20.91
C PRO C 149 -12.71 23.71 -22.21
N ALA C 150 -12.61 22.60 -22.94
CA ALA C 150 -11.94 22.60 -24.23
C ALA C 150 -12.69 23.44 -25.25
N VAL C 151 -14.03 23.41 -25.20
CA VAL C 151 -14.84 24.23 -26.09
C VAL C 151 -14.60 25.71 -25.84
N LEU C 152 -14.58 26.11 -24.57
CA LEU C 152 -14.33 27.50 -24.21
C LEU C 152 -12.96 27.93 -24.67
N LYS C 153 -11.96 27.07 -24.49
CA LYS C 153 -10.62 27.37 -24.97
C LYS C 153 -10.62 27.58 -26.49
N TRP C 154 -11.29 26.69 -27.22
CA TRP C 154 -11.35 26.85 -28.68
C TRP C 154 -12.03 28.15 -29.06
N ILE C 155 -13.13 28.50 -28.40
CA ILE C 155 -13.84 29.72 -28.74
C ILE C 155 -12.95 30.93 -28.52
N ARG C 156 -12.24 30.96 -27.39
CA ARG C 156 -11.41 32.11 -27.09
C ARG C 156 -10.22 32.21 -28.03
N GLU C 157 -9.68 31.09 -28.49
CA GLU C 157 -8.51 31.15 -29.36
C GLU C 157 -8.84 31.15 -30.84
N ASN C 158 -10.11 31.03 -31.25
CA ASN C 158 -10.39 30.92 -32.68
C ASN C 158 -11.42 31.90 -33.20
N ILE C 159 -12.23 32.51 -32.35
CA ILE C 159 -13.26 33.45 -32.79
C ILE C 159 -12.90 34.82 -32.25
N SER C 160 -12.46 35.71 -33.13
CA SER C 160 -11.93 37.01 -32.70
C SER C 160 -12.99 37.86 -32.00
N GLU C 161 -14.25 37.70 -32.38
CA GLU C 161 -15.34 38.52 -31.83
C GLU C 161 -16.12 37.78 -30.75
N TRP C 162 -15.48 36.87 -30.02
CA TRP C 162 -16.20 36.03 -29.08
C TRP C 162 -16.83 36.82 -27.95
N ARG C 163 -16.28 37.99 -27.61
CA ARG C 163 -16.88 38.77 -26.54
C ARG C 163 -18.23 39.35 -26.94
N ASN C 164 -18.49 39.47 -28.24
CA ASN C 164 -19.78 39.97 -28.73
C ASN C 164 -20.64 38.87 -29.30
N CYS C 165 -20.14 37.63 -29.36
CA CYS C 165 -20.85 36.53 -30.00
C CYS C 165 -22.10 36.17 -29.21
N THR C 166 -22.83 35.19 -29.74
CA THR C 166 -24.02 34.65 -29.11
C THR C 166 -23.93 33.12 -29.12
N ILE C 167 -24.34 32.50 -28.03
CA ILE C 167 -24.32 31.04 -27.93
C ILE C 167 -25.74 30.52 -28.10
N VAL C 168 -25.97 29.72 -29.13
CA VAL C 168 -27.31 29.34 -29.54
C VAL C 168 -27.49 27.83 -29.35
N SER C 169 -28.51 27.46 -28.65
CA SER C 169 -28.94 26.07 -28.56
C SER C 169 -29.77 25.71 -29.78
N PRO C 170 -29.52 24.57 -30.42
CA PRO C 170 -30.32 24.20 -31.60
C PRO C 170 -31.70 23.68 -31.25
N ASP C 171 -31.82 22.88 -30.19
CA ASP C 171 -33.10 22.42 -29.70
C ASP C 171 -33.27 22.89 -28.27
N ALA C 172 -34.53 23.03 -27.86
CA ALA C 172 -34.81 23.48 -26.49
C ALA C 172 -34.22 22.54 -25.44
N GLY C 173 -33.99 21.27 -25.79
CA GLY C 173 -33.61 20.30 -24.79
C GLY C 173 -32.27 20.60 -24.15
N GLY C 174 -31.27 20.93 -24.95
CA GLY C 174 -29.93 21.12 -24.46
C GLY C 174 -29.51 22.54 -24.14
N ALA C 175 -30.46 23.45 -23.92
CA ALA C 175 -30.10 24.85 -23.71
C ALA C 175 -29.34 25.05 -22.40
N LYS C 176 -29.36 24.05 -21.53
CA LYS C 176 -28.57 24.11 -20.30
C LYS C 176 -27.08 24.24 -20.60
N ARG C 177 -26.60 23.44 -21.55
CA ARG C 177 -25.21 23.52 -21.98
C ARG C 177 -24.86 24.93 -22.45
N VAL C 178 -25.73 25.52 -23.27
CA VAL C 178 -25.41 26.81 -23.85
C VAL C 178 -25.50 27.91 -22.80
N THR C 179 -26.40 27.77 -21.82
CA THR C 179 -26.43 28.75 -20.73
C THR C 179 -25.16 28.68 -19.90
N SER C 180 -24.69 27.47 -19.61
CA SER C 180 -23.43 27.35 -18.88
C SER C 180 -22.28 27.99 -19.66
N ILE C 181 -22.22 27.73 -20.97
CA ILE C 181 -21.16 28.29 -21.79
C ILE C 181 -21.25 29.82 -21.85
N ALA C 182 -22.46 30.35 -22.03
CA ALA C 182 -22.63 31.80 -22.09
C ALA C 182 -22.29 32.45 -20.76
N ASP C 183 -22.66 31.81 -19.65
CA ASP C 183 -22.28 32.32 -18.35
C ASP C 183 -20.76 32.35 -18.19
N ARG C 184 -20.08 31.29 -18.61
CA ARG C 184 -18.62 31.28 -18.57
C ARG C 184 -18.01 32.37 -19.44
N LEU C 185 -18.55 32.60 -20.63
CA LEU C 185 -18.03 33.62 -21.51
C LEU C 185 -18.58 35.00 -21.23
N ASN C 186 -19.63 35.09 -20.40
CA ASN C 186 -20.35 36.34 -20.16
C ASN C 186 -20.88 36.92 -21.47
N VAL C 187 -21.76 36.16 -22.12
CA VAL C 187 -22.41 36.57 -23.36
C VAL C 187 -23.87 36.16 -23.30
N ASP C 188 -24.63 36.59 -24.30
CA ASP C 188 -26.04 36.25 -24.40
C ASP C 188 -26.20 34.86 -25.01
N PHE C 189 -27.21 34.14 -24.53
CA PHE C 189 -27.59 32.86 -25.12
C PHE C 189 -28.91 33.02 -25.86
N ALA C 190 -28.82 33.15 -27.18
CA ALA C 190 -29.96 33.13 -28.07
C ALA C 190 -30.45 31.70 -28.23
N LEU C 191 -31.77 31.53 -28.32
CA LEU C 191 -32.35 30.20 -28.41
C LEU C 191 -33.17 30.03 -29.69
N ILE C 192 -33.23 28.78 -30.15
CA ILE C 192 -33.88 28.40 -31.39
C ILE C 192 -34.71 27.14 -31.12
N HIS C 193 -35.94 27.11 -31.66
CA HIS C 193 -36.65 25.84 -31.76
C HIS C 193 -37.65 25.90 -32.90
N LYS C 194 -37.99 24.73 -33.44
CA LYS C 194 -38.91 24.65 -34.56
C LYS C 194 -40.35 24.67 -34.08
N GLU C 195 -41.23 25.22 -34.90
CA GLU C 195 -42.64 25.32 -34.57
C GLU C 195 -43.41 24.09 -35.03
N ASP C 203 -42.01 23.42 -40.07
CA ASP C 203 -40.86 23.57 -40.96
C ASP C 203 -40.23 24.95 -40.80
N ARG C 204 -40.73 25.71 -39.83
CA ARG C 204 -40.21 27.02 -39.53
C ARG C 204 -39.55 27.04 -38.16
N MET C 205 -38.66 27.99 -37.94
CA MET C 205 -37.88 28.09 -36.72
C MET C 205 -38.12 29.44 -36.06
N VAL C 206 -38.05 29.48 -34.74
CA VAL C 206 -38.19 30.71 -33.98
C VAL C 206 -36.95 30.90 -33.13
N LEU C 207 -36.43 32.13 -33.13
CA LEU C 207 -35.18 32.52 -32.50
C LEU C 207 -35.40 33.73 -31.59
N VAL C 208 -34.89 33.64 -30.36
CA VAL C 208 -34.85 34.76 -29.43
C VAL C 208 -33.41 35.12 -29.15
N GLY C 209 -33.11 36.40 -29.17
CA GLY C 209 -31.75 36.83 -28.90
C GLY C 209 -31.20 37.51 -30.13
N ASP C 210 -30.71 38.73 -29.93
CA ASP C 210 -30.15 39.51 -31.03
C ASP C 210 -28.95 38.79 -31.62
N VAL C 211 -29.04 38.43 -32.90
CA VAL C 211 -27.94 37.84 -33.62
C VAL C 211 -27.44 38.71 -34.76
N LYS C 212 -28.11 39.81 -35.06
CA LYS C 212 -27.77 40.63 -36.22
C LYS C 212 -26.36 41.17 -36.11
N ASP C 213 -25.62 41.09 -37.21
CA ASP C 213 -24.25 41.57 -37.36
C ASP C 213 -23.30 40.96 -36.33
N ARG C 214 -23.68 39.85 -35.71
CA ARG C 214 -22.87 39.19 -34.70
C ARG C 214 -22.47 37.81 -35.19
N VAL C 215 -21.59 37.17 -34.42
CA VAL C 215 -21.30 35.77 -34.61
C VAL C 215 -22.22 34.96 -33.72
N ALA C 216 -22.89 33.97 -34.30
CA ALA C 216 -23.67 33.00 -33.54
C ALA C 216 -22.91 31.69 -33.46
N ILE C 217 -22.94 31.06 -32.29
CA ILE C 217 -22.23 29.82 -32.05
C ILE C 217 -23.27 28.79 -31.61
N LEU C 218 -23.58 27.85 -32.48
CA LEU C 218 -24.41 26.73 -32.08
C LEU C 218 -23.59 25.73 -31.29
N VAL C 219 -24.13 25.30 -30.15
CA VAL C 219 -23.50 24.31 -29.30
C VAL C 219 -24.49 23.20 -29.02
N ASP C 220 -24.04 21.95 -29.20
CA ASP C 220 -24.89 20.80 -28.97
C ASP C 220 -24.00 19.62 -28.58
N ASP C 221 -24.64 18.57 -28.08
CA ASP C 221 -23.88 17.41 -27.65
C ASP C 221 -23.42 16.55 -28.83
N MET C 222 -24.18 16.51 -29.91
CA MET C 222 -23.79 15.65 -31.02
C MET C 222 -24.45 16.12 -32.31
N ALA C 223 -23.83 15.77 -33.41
CA ALA C 223 -24.39 16.01 -34.74
C ALA C 223 -24.38 14.68 -35.48
N ASP C 224 -25.56 14.09 -35.67
CA ASP C 224 -25.65 12.78 -36.31
C ASP C 224 -25.90 12.91 -37.82
N THR C 225 -27.09 13.36 -38.18
CA THR C 225 -27.41 13.62 -39.57
C THR C 225 -27.29 15.10 -39.92
N CYS C 226 -27.00 15.93 -38.92
CA CYS C 226 -26.84 17.37 -39.04
C CYS C 226 -28.12 18.06 -39.47
N GLY C 227 -29.26 17.36 -39.43
CA GLY C 227 -30.53 18.04 -39.64
C GLY C 227 -30.79 19.10 -38.60
N THR C 228 -30.42 18.84 -37.35
CA THR C 228 -30.67 19.78 -36.27
C THR C 228 -29.87 21.07 -36.45
N ILE C 229 -28.57 20.98 -36.70
CA ILE C 229 -27.75 22.19 -36.79
C ILE C 229 -27.95 22.91 -38.12
N CYS C 230 -28.25 22.20 -39.20
CA CYS C 230 -28.43 22.88 -40.48
C CYS C 230 -29.70 23.74 -40.48
N HIS C 231 -30.78 23.22 -39.91
CA HIS C 231 -32.01 24.00 -39.78
C HIS C 231 -31.78 25.23 -38.89
N ALA C 232 -31.10 25.04 -37.76
CA ALA C 232 -30.80 26.15 -36.87
C ALA C 232 -29.93 27.20 -37.56
N ALA C 233 -28.95 26.75 -38.34
CA ALA C 233 -28.08 27.69 -39.05
C ALA C 233 -28.85 28.44 -40.12
N ASP C 234 -29.77 27.77 -40.82
CA ASP C 234 -30.60 28.46 -41.78
C ASP C 234 -31.39 29.58 -41.10
N LYS C 235 -32.00 29.27 -39.96
CA LYS C 235 -32.71 30.30 -39.21
C LYS C 235 -31.77 31.45 -38.85
N LEU C 236 -30.60 31.13 -38.30
CA LEU C 236 -29.69 32.18 -37.86
C LEU C 236 -29.27 33.08 -39.01
N LEU C 237 -28.96 32.49 -40.16
CA LEU C 237 -28.60 33.29 -41.32
C LEU C 237 -29.78 34.11 -41.82
N SER C 238 -31.01 33.66 -41.58
CA SER C 238 -32.16 34.49 -41.92
C SER C 238 -32.14 35.79 -41.12
N ALA C 239 -31.65 35.74 -39.88
CA ALA C 239 -31.69 36.88 -38.99
C ALA C 239 -30.37 37.65 -38.96
N GLY C 240 -29.57 37.56 -40.01
CA GLY C 240 -28.48 38.49 -40.24
C GLY C 240 -27.19 38.24 -39.52
N ALA C 241 -26.99 37.06 -38.94
CA ALA C 241 -25.73 36.76 -38.30
C ALA C 241 -24.59 36.76 -39.32
N THR C 242 -23.51 37.46 -38.97
CA THR C 242 -22.39 37.59 -39.90
C THR C 242 -21.75 36.24 -40.20
N ARG C 243 -21.52 35.44 -39.17
CA ARG C 243 -21.03 34.08 -39.30
C ARG C 243 -21.77 33.18 -38.33
N VAL C 244 -21.83 31.90 -38.66
CA VAL C 244 -22.44 30.90 -37.79
C VAL C 244 -21.43 29.78 -37.61
N TYR C 245 -21.21 29.40 -36.36
CA TYR C 245 -20.37 28.25 -36.03
C TYR C 245 -21.22 27.18 -35.39
N ALA C 246 -20.78 25.93 -35.54
CA ALA C 246 -21.37 24.82 -34.81
C ALA C 246 -20.25 24.15 -34.04
N ILE C 247 -20.50 23.87 -32.76
CA ILE C 247 -19.52 23.18 -31.93
C ILE C 247 -20.24 22.02 -31.25
N LEU C 248 -19.67 20.83 -31.36
CA LEU C 248 -20.27 19.61 -30.84
C LEU C 248 -19.19 18.71 -30.22
N THR C 249 -19.54 18.04 -29.14
CA THR C 249 -18.58 17.08 -28.62
C THR C 249 -18.51 15.82 -29.47
N HIS C 250 -19.65 15.27 -29.91
CA HIS C 250 -19.65 14.01 -30.66
C HIS C 250 -19.99 14.29 -32.13
N GLY C 251 -19.01 14.10 -33.00
CA GLY C 251 -19.19 14.21 -34.43
C GLY C 251 -19.54 12.91 -35.13
N ILE C 252 -20.78 12.45 -35.00
CA ILE C 252 -21.14 11.15 -35.60
C ILE C 252 -21.18 11.25 -37.11
N PHE C 253 -21.87 12.26 -37.65
CA PHE C 253 -21.85 12.57 -39.09
C PHE C 253 -22.26 11.38 -39.95
N SER C 254 -23.37 10.74 -39.62
CA SER C 254 -23.84 9.62 -40.41
C SER C 254 -24.80 10.10 -41.50
N GLY C 255 -25.07 9.22 -42.45
CA GLY C 255 -26.03 9.48 -43.50
C GLY C 255 -25.65 10.63 -44.40
N PRO C 256 -26.56 11.59 -44.55
CA PRO C 256 -26.30 12.72 -45.47
C PRO C 256 -25.57 13.88 -44.82
N ALA C 257 -24.94 13.64 -43.66
CA ALA C 257 -24.43 14.74 -42.86
C ALA C 257 -23.35 15.55 -43.59
N ILE C 258 -22.42 14.87 -44.25
CA ILE C 258 -21.31 15.57 -44.89
C ILE C 258 -21.81 16.47 -46.01
N SER C 259 -22.75 15.98 -46.81
CA SER C 259 -23.30 16.81 -47.88
C SER C 259 -24.05 18.02 -47.33
N ARG C 260 -24.85 17.82 -46.28
CA ARG C 260 -25.56 18.94 -45.68
C ARG C 260 -24.61 19.99 -45.14
N ILE C 261 -23.55 19.55 -44.45
CA ILE C 261 -22.56 20.49 -43.95
C ILE C 261 -21.90 21.23 -45.09
N ASN C 262 -21.57 20.51 -46.17
CA ASN C 262 -20.92 21.15 -47.30
C ASN C 262 -21.82 22.21 -47.93
N ASN C 263 -23.12 21.96 -47.98
CA ASN C 263 -24.06 22.89 -48.57
C ASN C 263 -24.59 23.92 -47.58
N ALA C 264 -24.19 23.87 -46.31
CA ALA C 264 -24.67 24.81 -45.32
C ALA C 264 -23.72 26.00 -45.22
N CYS C 265 -24.13 27.00 -44.46
CA CYS C 265 -23.41 28.26 -44.36
C CYS C 265 -22.45 28.33 -43.18
N PHE C 266 -22.16 27.19 -42.55
CA PHE C 266 -21.29 27.19 -41.39
C PHE C 266 -19.91 27.74 -41.73
N GLU C 267 -19.44 28.67 -40.92
CA GLU C 267 -18.03 29.03 -40.97
C GLU C 267 -17.15 27.86 -40.55
N ALA C 268 -17.58 27.13 -39.52
CA ALA C 268 -16.83 25.98 -39.05
C ALA C 268 -17.77 25.05 -38.29
N VAL C 269 -17.50 23.76 -38.42
CA VAL C 269 -18.15 22.73 -37.62
C VAL C 269 -17.04 22.08 -36.80
N VAL C 270 -17.00 22.39 -35.53
CA VAL C 270 -15.96 21.91 -34.63
C VAL C 270 -16.51 20.74 -33.85
N VAL C 271 -15.76 19.65 -33.78
CA VAL C 271 -16.15 18.49 -32.99
C VAL C 271 -14.97 18.06 -32.14
N THR C 272 -15.26 17.38 -31.04
CA THR C 272 -14.15 16.75 -30.34
C THR C 272 -13.75 15.44 -31.03
N ASN C 273 -12.62 14.88 -30.62
CA ASN C 273 -12.22 13.57 -31.13
C ASN C 273 -12.66 12.44 -30.20
N THR C 274 -13.91 12.47 -29.73
CA THR C 274 -14.46 11.29 -29.09
C THR C 274 -14.75 10.20 -30.11
N ILE C 275 -14.86 10.58 -31.37
CA ILE C 275 -15.10 9.69 -32.50
C ILE C 275 -14.03 10.02 -33.53
N PRO C 276 -13.43 9.04 -34.21
CA PRO C 276 -12.43 9.37 -35.24
C PRO C 276 -13.04 10.20 -36.35
N GLN C 277 -12.30 11.20 -36.80
CA GLN C 277 -12.82 12.19 -37.74
C GLN C 277 -12.06 12.31 -39.04
N GLU C 278 -10.96 11.58 -39.21
CA GLU C 278 -10.10 11.80 -40.37
C GLU C 278 -10.83 11.54 -41.68
N ASP C 279 -11.59 10.44 -41.75
CA ASP C 279 -12.32 10.12 -42.96
C ASP C 279 -13.35 11.19 -43.29
N LYS C 280 -14.09 11.65 -42.28
CA LYS C 280 -15.05 12.73 -42.51
C LYS C 280 -14.35 14.03 -42.87
N MET C 281 -13.21 14.29 -42.26
CA MET C 281 -12.47 15.52 -42.54
C MET C 281 -11.95 15.54 -43.98
N LYS C 282 -11.71 14.36 -44.56
CA LYS C 282 -11.26 14.32 -45.95
C LYS C 282 -12.33 14.88 -46.89
N HIS C 283 -13.59 14.58 -46.63
CA HIS C 283 -14.69 14.97 -47.49
C HIS C 283 -15.35 16.29 -47.10
N CYS C 284 -14.92 16.91 -46.01
CA CYS C 284 -15.55 18.15 -45.54
C CYS C 284 -14.48 19.07 -45.00
N SER C 285 -14.26 20.21 -45.67
CA SER C 285 -13.16 21.09 -45.32
C SER C 285 -13.44 21.90 -44.05
N LYS C 286 -14.70 22.10 -43.71
CA LYS C 286 -15.01 22.98 -42.58
C LYS C 286 -15.11 22.25 -41.25
N ILE C 287 -14.78 20.96 -41.19
CA ILE C 287 -14.75 20.23 -39.93
C ILE C 287 -13.39 20.43 -39.26
N GLN C 288 -13.40 20.89 -38.02
CA GLN C 288 -12.20 20.96 -37.21
C GLN C 288 -12.39 20.17 -35.92
N VAL C 289 -11.29 19.64 -35.40
CA VAL C 289 -11.33 18.71 -34.28
C VAL C 289 -10.65 19.33 -33.07
N ILE C 290 -11.30 19.23 -31.92
CA ILE C 290 -10.69 19.56 -30.64
C ILE C 290 -10.23 18.26 -29.99
N ASP C 291 -8.96 18.20 -29.63
CA ASP C 291 -8.45 17.02 -28.95
C ASP C 291 -8.92 17.05 -27.51
N ILE C 292 -9.60 16.00 -27.07
CA ILE C 292 -9.98 15.87 -25.67
C ILE C 292 -9.22 14.75 -24.98
N SER C 293 -8.15 14.26 -25.60
CA SER C 293 -7.38 13.19 -24.99
C SER C 293 -6.76 13.60 -23.67
N MET C 294 -6.44 14.89 -23.50
CA MET C 294 -5.89 15.31 -22.22
C MET C 294 -6.92 15.17 -21.10
N ILE C 295 -8.18 15.49 -21.40
CA ILE C 295 -9.23 15.38 -20.39
C ILE C 295 -9.44 13.92 -19.99
N LEU C 296 -9.51 13.03 -20.98
CA LEU C 296 -9.68 11.61 -20.68
C LEU C 296 -8.48 11.04 -19.94
N ALA C 297 -7.27 11.42 -20.36
CA ALA C 297 -6.06 10.96 -19.67
C ALA C 297 -6.05 11.44 -18.23
N GLU C 298 -6.39 12.71 -18.00
CA GLU C 298 -6.44 13.23 -16.64
C GLU C 298 -7.50 12.52 -15.82
N ALA C 299 -8.66 12.22 -16.41
CA ALA C 299 -9.68 11.50 -15.66
C ALA C 299 -9.19 10.11 -15.27
N ILE C 300 -8.53 9.42 -16.19
CA ILE C 300 -8.00 8.09 -15.87
C ILE C 300 -6.97 8.19 -14.76
N ARG C 301 -6.06 9.14 -14.88
CA ARG C 301 -5.00 9.31 -13.90
C ARG C 301 -5.56 9.68 -12.53
N ARG C 302 -6.56 10.53 -12.48
CA ARG C 302 -7.15 10.96 -11.22
C ARG C 302 -7.98 9.86 -10.58
N THR C 303 -8.74 9.10 -11.36
CA THR C 303 -9.45 7.95 -10.77
C THR C 303 -8.45 6.93 -10.23
N HIS C 304 -7.36 6.70 -10.94
CA HIS C 304 -6.36 5.77 -10.44
C HIS C 304 -5.72 6.26 -9.14
N ASN C 305 -5.42 7.55 -9.05
CA ASN C 305 -4.70 8.07 -7.90
C ASN C 305 -5.62 8.51 -6.76
N GLY C 306 -6.93 8.37 -6.90
CA GLY C 306 -7.82 8.86 -5.87
C GLY C 306 -7.90 10.36 -5.78
N GLU C 307 -7.63 11.07 -6.87
CA GLU C 307 -7.70 12.51 -6.94
C GLU C 307 -9.06 12.95 -7.48
N SER C 308 -9.39 14.22 -7.26
CA SER C 308 -10.70 14.72 -7.64
C SER C 308 -10.85 14.74 -9.16
N VAL C 309 -11.88 14.08 -9.65
CA VAL C 309 -12.20 14.13 -11.08
C VAL C 309 -13.03 15.36 -11.42
N SER C 310 -13.91 15.78 -10.52
CA SER C 310 -14.77 16.93 -10.79
C SER C 310 -13.98 18.21 -10.98
N TYR C 311 -12.73 18.24 -10.51
CA TYR C 311 -11.86 19.37 -10.79
C TYR C 311 -11.71 19.62 -12.28
N LEU C 312 -11.81 18.56 -13.09
CA LEU C 312 -11.75 18.69 -14.54
C LEU C 312 -12.98 19.33 -15.14
N PHE C 313 -14.10 19.40 -14.41
CA PHE C 313 -15.30 20.00 -14.98
C PHE C 313 -15.09 21.46 -15.33
N SER C 314 -14.13 22.12 -14.68
CA SER C 314 -13.91 23.54 -14.89
C SER C 314 -12.47 23.92 -15.25
N HIS C 315 -11.56 22.96 -15.37
CA HIS C 315 -10.15 23.25 -15.59
C HIS C 315 -9.62 22.46 -16.77
N VAL C 316 -8.96 23.14 -17.69
CA VAL C 316 -8.23 22.50 -18.78
C VAL C 316 -6.86 22.07 -18.25
N PRO C 317 -6.53 20.77 -18.30
CA PRO C 317 -5.22 20.32 -17.80
C PRO C 317 -4.08 20.63 -18.76
N PRO D 2 -56.16 -15.14 -9.35
CA PRO D 2 -55.86 -14.01 -8.47
C PRO D 2 -56.84 -12.86 -8.63
N ASN D 3 -57.27 -12.32 -7.50
CA ASN D 3 -58.17 -11.18 -7.48
C ASN D 3 -57.40 -9.90 -7.17
N ILE D 4 -57.98 -8.78 -7.57
CA ILE D 4 -57.42 -7.48 -7.24
C ILE D 4 -57.66 -7.19 -5.77
N LYS D 5 -56.61 -6.80 -5.06
CA LYS D 5 -56.72 -6.24 -3.72
C LYS D 5 -56.07 -4.86 -3.75
N ILE D 6 -56.83 -3.86 -3.34
CA ILE D 6 -56.34 -2.48 -3.27
C ILE D 6 -56.11 -2.15 -1.81
N PHE D 7 -54.89 -1.72 -1.48
CA PHE D 7 -54.57 -1.24 -0.16
C PHE D 7 -54.17 0.22 -0.25
N SER D 8 -54.59 1.01 0.73
CA SER D 8 -54.24 2.41 0.81
C SER D 8 -53.16 2.61 1.86
N GLY D 9 -52.14 3.37 1.50
CA GLY D 9 -51.30 3.97 2.50
C GLY D 9 -51.99 5.13 3.16
N SER D 10 -51.29 5.77 4.09
CA SER D 10 -51.90 6.88 4.81
C SER D 10 -51.83 8.21 4.06
N SER D 11 -51.05 8.28 2.97
CA SER D 11 -50.85 9.58 2.32
C SER D 11 -52.13 10.11 1.68
N HIS D 12 -52.81 9.30 0.87
CA HIS D 12 -53.94 9.78 0.08
C HIS D 12 -55.07 8.75 0.18
N GLN D 13 -55.84 8.83 1.27
CA GLN D 13 -56.91 7.88 1.50
C GLN D 13 -58.09 8.10 0.55
N ASP D 14 -58.43 9.36 0.28
CA ASP D 14 -59.58 9.68 -0.54
C ASP D 14 -59.36 9.18 -1.97
N LEU D 15 -58.14 9.36 -2.49
CA LEU D 15 -57.84 8.84 -3.83
C LEU D 15 -57.97 7.34 -3.90
N SER D 16 -57.45 6.63 -2.89
CA SER D 16 -57.55 5.18 -2.87
C SER D 16 -58.99 4.74 -2.82
N GLN D 17 -59.82 5.42 -2.02
CA GLN D 17 -61.23 5.09 -1.96
C GLN D 17 -61.90 5.30 -3.30
N LYS D 18 -61.60 6.41 -3.98
CA LYS D 18 -62.19 6.66 -5.29
C LYS D 18 -61.79 5.57 -6.28
N ILE D 19 -60.53 5.16 -6.26
CA ILE D 19 -60.06 4.08 -7.13
C ILE D 19 -60.82 2.80 -6.82
N ALA D 20 -60.96 2.49 -5.53
CA ALA D 20 -61.64 1.26 -5.14
C ALA D 20 -63.10 1.26 -5.56
N ASP D 21 -63.78 2.40 -5.40
CA ASP D 21 -65.17 2.48 -5.87
C ASP D 21 -65.27 2.28 -7.37
N ARG D 22 -64.35 2.87 -8.14
CA ARG D 22 -64.42 2.69 -9.59
C ARG D 22 -64.19 1.24 -9.98
N LEU D 23 -63.46 0.48 -9.18
CA LEU D 23 -63.24 -0.93 -9.47
C LEU D 23 -64.29 -1.84 -8.86
N GLY D 24 -65.27 -1.29 -8.14
CA GLY D 24 -66.24 -2.11 -7.45
C GLY D 24 -65.65 -2.97 -6.36
N LEU D 25 -64.74 -2.42 -5.58
CA LEU D 25 -64.05 -3.16 -4.53
C LEU D 25 -64.04 -2.35 -3.25
N GLU D 26 -63.89 -3.05 -2.15
CA GLU D 26 -63.59 -2.42 -0.87
C GLU D 26 -62.08 -2.37 -0.68
N LEU D 27 -61.62 -1.33 0.01
CA LEU D 27 -60.21 -1.24 0.36
C LEU D 27 -59.83 -2.39 1.28
N GLY D 28 -58.67 -2.99 1.02
CA GLY D 28 -58.20 -4.06 1.87
C GLY D 28 -57.95 -3.61 3.29
N LYS D 29 -58.19 -4.51 4.23
CA LYS D 29 -57.99 -4.20 5.63
C LYS D 29 -56.50 -4.12 5.93
N VAL D 30 -56.06 -2.95 6.36
CA VAL D 30 -54.67 -2.76 6.76
C VAL D 30 -54.63 -1.74 7.88
N VAL D 31 -53.80 -2.01 8.88
CA VAL D 31 -53.51 -1.07 9.94
C VAL D 31 -52.18 -0.42 9.62
N THR D 32 -52.17 0.90 9.43
CA THR D 32 -50.97 1.65 9.12
C THR D 32 -50.89 2.79 10.12
N LYS D 33 -50.05 2.64 11.13
CA LYS D 33 -49.92 3.64 12.18
C LYS D 33 -48.47 3.78 12.61
N LYS D 34 -48.23 4.40 13.76
CA LYS D 34 -46.88 4.56 14.26
C LYS D 34 -46.76 4.01 15.67
N PHE D 35 -45.67 3.30 15.93
CA PHE D 35 -45.32 2.94 17.29
C PHE D 35 -45.00 4.21 18.08
N SER D 36 -44.81 4.05 19.39
CA SER D 36 -44.55 5.19 20.26
C SER D 36 -43.30 5.94 19.82
N ASN D 37 -42.25 5.22 19.44
CA ASN D 37 -41.01 5.85 18.98
C ASN D 37 -41.05 6.28 17.52
N GLN D 38 -42.24 6.33 16.91
CA GLN D 38 -42.48 6.87 15.58
C GLN D 38 -42.00 5.95 14.46
N GLU D 39 -41.75 4.69 14.74
CA GLU D 39 -41.47 3.72 13.69
C GLU D 39 -42.79 3.30 13.06
N THR D 40 -42.79 3.10 11.75
CA THR D 40 -44.01 2.69 11.06
C THR D 40 -44.45 1.29 11.49
N CYS D 41 -45.73 1.15 11.80
CA CYS D 41 -46.34 -0.12 12.14
C CYS D 41 -47.36 -0.46 11.06
N VAL D 42 -47.22 -1.65 10.47
CA VAL D 42 -48.09 -2.10 9.40
C VAL D 42 -48.59 -3.49 9.74
N GLU D 43 -49.88 -3.71 9.56
CA GLU D 43 -50.51 -5.00 9.83
C GLU D 43 -51.52 -5.29 8.74
N ILE D 44 -51.28 -6.30 7.91
CA ILE D 44 -52.22 -6.67 6.87
C ILE D 44 -53.35 -7.46 7.50
N GLY D 45 -54.56 -6.92 7.44
CA GLY D 45 -55.71 -7.49 8.12
C GLY D 45 -56.44 -8.60 7.40
N GLU D 46 -55.98 -9.00 6.22
CA GLU D 46 -56.61 -10.07 5.49
C GLU D 46 -55.54 -10.79 4.67
N SER D 47 -55.80 -12.07 4.40
CA SER D 47 -54.89 -12.84 3.59
C SER D 47 -54.78 -12.25 2.18
N VAL D 48 -53.55 -12.11 1.71
CA VAL D 48 -53.30 -11.69 0.34
C VAL D 48 -52.65 -12.80 -0.47
N ARG D 49 -52.65 -14.02 0.08
CA ARG D 49 -51.97 -15.14 -0.54
C ARG D 49 -52.55 -15.40 -1.92
N GLY D 50 -51.71 -15.36 -2.94
CA GLY D 50 -52.15 -15.61 -4.29
C GLY D 50 -52.91 -14.49 -4.95
N GLU D 51 -52.98 -13.32 -4.34
CA GLU D 51 -53.75 -12.21 -4.88
C GLU D 51 -52.86 -11.21 -5.61
N ASP D 52 -53.50 -10.38 -6.42
CA ASP D 52 -52.84 -9.31 -7.16
C ASP D 52 -53.01 -8.02 -6.37
N VAL D 53 -51.96 -7.61 -5.67
CA VAL D 53 -52.05 -6.55 -4.67
C VAL D 53 -51.60 -5.23 -5.29
N TYR D 54 -52.40 -4.18 -5.08
CA TYR D 54 -52.05 -2.83 -5.49
C TYR D 54 -52.04 -1.95 -4.25
N ILE D 55 -50.94 -1.26 -4.02
CA ILE D 55 -50.77 -0.39 -2.87
C ILE D 55 -50.70 1.03 -3.38
N VAL D 56 -51.61 1.88 -2.92
CA VAL D 56 -51.72 3.25 -3.39
C VAL D 56 -51.08 4.16 -2.35
N GLN D 57 -50.04 4.87 -2.78
CA GLN D 57 -49.33 5.80 -1.91
C GLN D 57 -48.66 6.85 -2.77
N SER D 58 -48.98 8.11 -2.54
CA SER D 58 -48.36 9.19 -3.30
C SER D 58 -47.18 9.78 -2.51
N GLY D 59 -46.22 10.29 -3.26
CA GLY D 59 -45.07 10.95 -2.68
C GLY D 59 -45.39 12.39 -2.30
N CYS D 60 -46.12 12.55 -1.20
CA CYS D 60 -46.57 13.86 -0.76
C CYS D 60 -46.63 13.86 0.75
N GLY D 61 -46.96 15.02 1.31
CA GLY D 61 -47.02 15.15 2.76
C GLY D 61 -45.67 14.89 3.39
N GLU D 62 -45.67 14.10 4.45
CA GLU D 62 -44.44 13.67 5.11
C GLU D 62 -43.84 12.57 4.25
N ILE D 63 -43.00 13.00 3.30
CA ILE D 63 -42.61 12.14 2.19
C ILE D 63 -41.83 10.93 2.68
N ASN D 64 -40.91 11.13 3.62
CA ASN D 64 -40.08 10.02 4.07
C ASN D 64 -40.92 9.00 4.85
N ASP D 65 -41.85 9.47 5.68
CA ASP D 65 -42.75 8.55 6.37
C ASP D 65 -43.59 7.77 5.38
N ASN D 66 -44.14 8.44 4.36
CA ASN D 66 -45.01 7.77 3.41
C ASN D 66 -44.24 6.77 2.57
N LEU D 67 -43.03 7.13 2.15
CA LEU D 67 -42.19 6.20 1.39
C LEU D 67 -41.83 4.98 2.24
N MET D 68 -41.44 5.21 3.49
CA MET D 68 -41.15 4.03 4.37
C MET D 68 -42.40 3.17 4.50
N GLU D 69 -43.57 3.79 4.72
CA GLU D 69 -44.80 3.03 4.87
C GLU D 69 -45.06 2.19 3.64
N LEU D 70 -44.87 2.77 2.45
CA LEU D 70 -45.07 2.04 1.20
C LEU D 70 -44.14 0.85 1.12
N LEU D 71 -42.87 1.06 1.43
CA LEU D 71 -41.90 -0.05 1.35
C LEU D 71 -42.24 -1.15 2.35
N ILE D 72 -42.63 -0.77 3.56
CA ILE D 72 -42.98 -1.76 4.56
C ILE D 72 -44.23 -2.53 4.16
N MET D 73 -45.22 -1.85 3.58
CA MET D 73 -46.42 -2.54 3.10
C MET D 73 -46.08 -3.51 1.97
N ILE D 74 -45.24 -3.09 1.03
CA ILE D 74 -44.83 -3.98 -0.05
C ILE D 74 -44.15 -5.21 0.51
N ASN D 75 -43.25 -5.00 1.47
CA ASN D 75 -42.54 -6.14 2.07
C ASN D 75 -43.52 -7.08 2.78
N ALA D 76 -44.46 -6.52 3.53
CA ALA D 76 -45.45 -7.35 4.22
C ALA D 76 -46.28 -8.17 3.24
N CYS D 77 -46.70 -7.56 2.13
CA CYS D 77 -47.48 -8.30 1.16
C CYS D 77 -46.64 -9.34 0.43
N LYS D 78 -45.37 -9.03 0.15
CA LYS D 78 -44.52 -9.98 -0.54
C LYS D 78 -44.24 -11.22 0.31
N ILE D 79 -43.91 -11.03 1.59
CA ILE D 79 -43.66 -12.21 2.42
C ILE D 79 -44.93 -12.89 2.89
N ALA D 80 -46.09 -12.29 2.63
CA ALA D 80 -47.38 -12.94 2.83
C ALA D 80 -47.85 -13.68 1.59
N SER D 81 -46.97 -13.87 0.60
CA SER D 81 -47.21 -14.73 -0.56
C SER D 81 -48.26 -14.16 -1.50
N ALA D 82 -48.31 -12.84 -1.63
CA ALA D 82 -49.07 -12.25 -2.72
C ALA D 82 -48.49 -12.71 -4.05
N SER D 83 -49.36 -12.97 -5.02
CA SER D 83 -48.87 -13.43 -6.32
C SER D 83 -48.12 -12.31 -7.03
N ARG D 84 -48.56 -11.08 -6.86
CA ARG D 84 -47.94 -9.93 -7.50
C ARG D 84 -48.22 -8.70 -6.66
N VAL D 85 -47.23 -7.82 -6.53
CA VAL D 85 -47.37 -6.59 -5.78
C VAL D 85 -47.04 -5.42 -6.70
N THR D 86 -47.95 -4.47 -6.78
CA THR D 86 -47.79 -3.30 -7.62
C THR D 86 -47.89 -2.05 -6.75
N ALA D 87 -46.89 -1.18 -6.85
CA ALA D 87 -46.91 0.11 -6.18
C ALA D 87 -47.58 1.11 -7.10
N VAL D 88 -48.70 1.66 -6.66
CA VAL D 88 -49.40 2.72 -7.39
C VAL D 88 -48.98 4.03 -6.74
N ILE D 89 -48.06 4.73 -7.38
CA ILE D 89 -47.45 5.92 -6.80
C ILE D 89 -47.79 7.11 -7.70
N PRO D 90 -48.94 7.78 -7.47
CA PRO D 90 -49.35 8.84 -8.41
C PRO D 90 -48.32 9.95 -8.57
N CYS D 91 -47.68 10.39 -7.49
CA CYS D 91 -46.60 11.36 -7.54
C CYS D 91 -45.34 10.71 -7.01
N PHE D 92 -44.37 10.48 -7.88
CA PHE D 92 -43.19 9.70 -7.52
C PHE D 92 -42.25 10.53 -6.65
N PRO D 93 -41.93 10.08 -5.44
CA PRO D 93 -41.05 10.86 -4.57
C PRO D 93 -39.61 10.87 -5.07
N TYR D 94 -38.94 12.00 -4.83
CA TYR D 94 -37.54 12.24 -5.22
C TYR D 94 -37.35 12.23 -6.73
N ALA D 95 -38.42 12.46 -7.50
CA ALA D 95 -38.30 12.44 -8.95
C ALA D 95 -37.43 13.56 -9.47
N ARG D 96 -37.38 14.69 -8.77
CA ARG D 96 -36.56 15.80 -9.24
C ARG D 96 -35.08 15.59 -8.99
N GLN D 97 -34.69 14.62 -8.19
CA GLN D 97 -33.28 14.25 -8.03
C GLN D 97 -32.95 13.04 -8.90
N ASP D 98 -33.02 13.27 -10.21
CA ASP D 98 -32.86 12.23 -11.21
C ASP D 98 -31.48 12.25 -11.86
N LYS D 99 -30.59 13.13 -11.41
CA LYS D 99 -29.25 13.24 -11.97
C LYS D 99 -28.38 14.02 -11.00
N LYS D 100 -27.08 13.95 -11.21
CA LYS D 100 -26.08 14.69 -10.45
C LYS D 100 -25.72 16.03 -11.10
N ASP D 101 -25.27 15.93 -12.35
CA ASP D 101 -25.02 16.97 -13.35
C ASP D 101 -23.79 17.86 -13.20
N LYS D 102 -23.32 18.19 -11.99
CA LYS D 102 -21.94 18.58 -11.76
C LYS D 102 -21.57 18.43 -10.30
N SER D 103 -22.51 17.99 -9.48
CA SER D 103 -22.38 18.12 -8.04
C SER D 103 -22.22 16.74 -7.40
N ARG D 104 -21.59 16.72 -6.23
CA ARG D 104 -21.37 15.50 -5.48
C ARG D 104 -22.64 15.18 -4.70
N ALA D 105 -23.66 14.77 -5.44
CA ALA D 105 -25.02 14.62 -4.96
C ALA D 105 -25.52 13.20 -5.20
N PRO D 106 -26.51 12.76 -4.44
CA PRO D 106 -27.13 11.47 -4.74
C PRO D 106 -28.03 11.57 -5.97
N ILE D 107 -28.25 10.42 -6.60
CA ILE D 107 -29.35 10.27 -7.54
C ILE D 107 -30.46 9.60 -6.73
N SER D 108 -31.24 10.42 -6.02
CA SER D 108 -32.18 9.89 -5.05
C SER D 108 -33.29 9.09 -5.71
N ALA D 109 -33.71 9.49 -6.92
CA ALA D 109 -34.74 8.74 -7.62
C ALA D 109 -34.30 7.31 -7.90
N LYS D 110 -33.05 7.13 -8.28
CA LYS D 110 -32.52 5.78 -8.49
C LYS D 110 -32.50 4.99 -7.20
N LEU D 111 -32.12 5.64 -6.09
CA LEU D 111 -32.17 4.97 -4.80
C LEU D 111 -33.58 4.53 -4.45
N VAL D 112 -34.57 5.39 -4.70
CA VAL D 112 -35.96 5.03 -4.43
C VAL D 112 -36.39 3.85 -5.29
N ALA D 113 -36.00 3.86 -6.57
CA ALA D 113 -36.32 2.72 -7.44
C ALA D 113 -35.69 1.44 -6.91
N ASN D 114 -34.43 1.50 -6.48
CA ASN D 114 -33.77 0.33 -5.92
C ASN D 114 -34.48 -0.16 -4.67
N MET D 115 -34.90 0.77 -3.82
CA MET D 115 -35.59 0.39 -2.59
C MET D 115 -36.93 -0.26 -2.89
N LEU D 116 -37.68 0.29 -3.83
CA LEU D 116 -38.95 -0.32 -4.22
C LEU D 116 -38.73 -1.72 -4.77
N SER D 117 -37.69 -1.90 -5.59
CA SER D 117 -37.39 -3.22 -6.13
C SER D 117 -37.02 -4.22 -5.05
N VAL D 118 -36.13 -3.83 -4.13
CA VAL D 118 -35.70 -4.75 -3.10
C VAL D 118 -36.80 -5.03 -2.09
N ALA D 119 -37.74 -4.10 -1.92
CA ALA D 119 -38.89 -4.38 -1.06
C ALA D 119 -39.80 -5.45 -1.65
N GLY D 120 -39.78 -5.63 -2.98
CA GLY D 120 -40.52 -6.70 -3.61
C GLY D 120 -41.54 -6.26 -4.64
N ALA D 121 -41.56 -5.00 -5.02
CA ALA D 121 -42.51 -4.54 -6.02
C ALA D 121 -42.22 -5.20 -7.36
N ASP D 122 -43.25 -5.79 -7.97
CA ASP D 122 -43.13 -6.37 -9.29
C ASP D 122 -43.51 -5.42 -10.40
N HIS D 123 -44.07 -4.27 -10.08
CA HIS D 123 -44.68 -3.40 -11.07
C HIS D 123 -44.95 -2.04 -10.43
N ILE D 124 -44.75 -0.99 -11.20
CA ILE D 124 -44.98 0.37 -10.75
C ILE D 124 -45.97 1.04 -11.68
N ILE D 125 -46.97 1.70 -11.10
CA ILE D 125 -47.86 2.58 -11.84
C ILE D 125 -47.72 3.99 -11.27
N THR D 126 -47.43 4.95 -12.13
CA THR D 126 -47.21 6.32 -11.71
C THR D 126 -47.79 7.25 -12.76
N MET D 127 -47.84 8.54 -12.45
CA MET D 127 -48.41 9.52 -13.35
C MET D 127 -47.46 10.70 -13.54
N ASP D 128 -47.18 11.02 -14.80
CA ASP D 128 -46.38 12.17 -15.20
C ASP D 128 -45.09 12.27 -14.38
N LEU D 129 -44.24 11.27 -14.58
CA LEU D 129 -42.90 11.31 -14.00
C LEU D 129 -42.19 12.59 -14.42
N HIS D 130 -41.48 13.20 -13.48
CA HIS D 130 -40.74 14.43 -13.77
C HIS D 130 -39.80 14.24 -14.96
N ALA D 131 -39.13 13.10 -15.02
CA ALA D 131 -38.31 12.73 -16.17
C ALA D 131 -38.62 11.29 -16.53
N SER D 132 -39.03 11.06 -17.77
CA SER D 132 -39.39 9.71 -18.15
C SER D 132 -38.20 8.75 -18.18
N GLN D 133 -36.98 9.27 -18.16
CA GLN D 133 -35.80 8.43 -17.95
C GLN D 133 -35.87 7.68 -16.64
N ILE D 134 -36.68 8.15 -15.68
CA ILE D 134 -36.84 7.43 -14.43
C ILE D 134 -37.36 6.02 -14.68
N GLN D 135 -38.09 5.81 -15.78
CA GLN D 135 -38.52 4.45 -16.10
C GLN D 135 -37.34 3.49 -16.23
N GLY D 136 -36.21 3.99 -16.74
CA GLY D 136 -35.00 3.22 -16.85
C GLY D 136 -34.27 3.00 -15.55
N PHE D 137 -34.67 3.67 -14.48
CA PHE D 137 -34.09 3.39 -13.17
C PHE D 137 -34.56 2.07 -12.61
N PHE D 138 -35.59 1.46 -13.18
CA PHE D 138 -36.16 0.21 -12.72
C PHE D 138 -35.77 -0.94 -13.65
N ASP D 139 -35.75 -2.14 -13.11
CA ASP D 139 -35.71 -3.33 -13.94
C ASP D 139 -37.09 -4.00 -14.07
N ILE D 140 -38.05 -3.62 -13.25
CA ILE D 140 -39.43 -4.09 -13.34
C ILE D 140 -40.20 -3.17 -14.27
N PRO D 141 -41.32 -3.60 -14.85
CA PRO D 141 -42.10 -2.69 -15.70
C PRO D 141 -42.63 -1.50 -14.93
N VAL D 142 -42.68 -0.35 -15.60
CA VAL D 142 -43.21 0.88 -15.04
C VAL D 142 -44.19 1.47 -16.05
N ASP D 143 -45.44 1.65 -15.64
CA ASP D 143 -46.44 2.29 -16.48
C ASP D 143 -46.57 3.74 -16.05
N ASN D 144 -46.09 4.64 -16.89
CA ASN D 144 -46.12 6.08 -16.63
C ASN D 144 -47.34 6.67 -17.33
N LEU D 145 -48.41 6.87 -16.57
CA LEU D 145 -49.63 7.43 -17.12
C LEU D 145 -49.50 8.95 -17.31
N TYR D 146 -50.38 9.49 -18.13
CA TYR D 146 -50.38 10.91 -18.45
C TYR D 146 -51.70 11.54 -18.04
N ALA D 147 -51.63 12.71 -17.44
CA ALA D 147 -52.83 13.47 -17.15
C ALA D 147 -53.38 14.19 -18.37
N GLU D 148 -52.66 14.15 -19.49
CA GLU D 148 -53.03 14.95 -20.65
C GLU D 148 -54.46 14.77 -21.14
N PRO D 149 -55.01 13.55 -21.25
CA PRO D 149 -56.42 13.45 -21.69
C PRO D 149 -57.39 14.19 -20.78
N ALA D 150 -57.21 14.06 -19.46
CA ALA D 150 -58.05 14.78 -18.51
C ALA D 150 -57.82 16.29 -18.60
N VAL D 151 -56.58 16.70 -18.83
CA VAL D 151 -56.28 18.12 -19.01
C VAL D 151 -56.98 18.69 -20.23
N LEU D 152 -56.92 17.96 -21.36
CA LEU D 152 -57.59 18.39 -22.57
C LEU D 152 -59.09 18.49 -22.36
N LYS D 153 -59.67 17.51 -21.67
CA LYS D 153 -61.09 17.56 -21.35
C LYS D 153 -61.42 18.81 -20.53
N TRP D 154 -60.61 19.08 -19.50
CA TRP D 154 -60.86 20.28 -18.69
C TRP D 154 -60.77 21.55 -19.52
N ILE D 155 -59.77 21.64 -20.39
CA ILE D 155 -59.61 22.84 -21.20
C ILE D 155 -60.82 23.03 -22.10
N ARG D 156 -61.29 21.96 -22.72
CA ARG D 156 -62.42 22.09 -23.63
C ARG D 156 -63.71 22.43 -22.90
N GLU D 157 -63.87 21.93 -21.68
CA GLU D 157 -65.12 22.20 -20.96
C GLU D 157 -65.07 23.42 -20.06
N ASN D 158 -63.94 24.11 -19.91
CA ASN D 158 -63.87 25.20 -18.95
C ASN D 158 -63.37 26.52 -19.53
N ILE D 159 -62.70 26.52 -20.67
CA ILE D 159 -62.16 27.75 -21.25
C ILE D 159 -62.89 27.99 -22.56
N SER D 160 -63.77 29.01 -22.58
CA SER D 160 -64.64 29.23 -23.73
C SER D 160 -63.86 29.57 -24.99
N GLU D 161 -62.70 30.20 -24.85
CA GLU D 161 -61.91 30.64 -25.99
C GLU D 161 -60.74 29.71 -26.28
N TRP D 162 -60.88 28.42 -25.97
CA TRP D 162 -59.76 27.51 -26.08
C TRP D 162 -59.26 27.33 -27.50
N ARG D 163 -60.13 27.55 -28.49
CA ARG D 163 -59.68 27.42 -29.88
C ARG D 163 -58.72 28.52 -30.27
N ASN D 164 -58.74 29.65 -29.56
CA ASN D 164 -57.83 30.75 -29.83
C ASN D 164 -56.73 30.86 -28.79
N CYS D 165 -56.76 30.03 -27.75
CA CYS D 165 -55.83 30.14 -26.64
C CYS D 165 -54.41 29.79 -27.09
N THR D 166 -53.48 29.88 -26.16
CA THR D 166 -52.09 29.54 -26.36
C THR D 166 -51.62 28.66 -25.20
N ILE D 167 -50.84 27.64 -25.51
CA ILE D 167 -50.32 26.73 -24.49
C ILE D 167 -48.86 27.07 -24.23
N VAL D 168 -48.54 27.48 -23.01
CA VAL D 168 -47.24 28.03 -22.70
C VAL D 168 -46.50 27.11 -21.72
N SER D 169 -45.31 26.74 -22.07
CA SER D 169 -44.40 26.04 -21.18
C SER D 169 -43.72 27.04 -20.25
N PRO D 170 -43.65 26.78 -18.94
CA PRO D 170 -42.99 27.74 -18.05
C PRO D 170 -41.47 27.67 -18.12
N ASP D 171 -40.90 26.48 -18.24
CA ASP D 171 -39.47 26.31 -18.43
C ASP D 171 -39.24 25.59 -19.73
N ALA D 172 -38.06 25.80 -20.32
CA ALA D 172 -37.74 25.14 -21.58
C ALA D 172 -37.77 23.62 -21.47
N GLY D 173 -37.58 23.08 -20.26
CA GLY D 173 -37.42 21.65 -20.12
C GLY D 173 -38.64 20.85 -20.53
N GLY D 174 -39.82 21.29 -20.09
CA GLY D 174 -41.04 20.55 -20.32
C GLY D 174 -41.87 20.96 -21.51
N ALA D 175 -41.28 21.66 -22.49
CA ALA D 175 -42.08 22.16 -23.61
C ALA D 175 -42.63 21.04 -24.47
N LYS D 176 -42.11 19.82 -24.29
CA LYS D 176 -42.64 18.67 -25.01
C LYS D 176 -44.11 18.43 -24.66
N ARG D 177 -44.43 18.52 -23.36
CA ARG D 177 -45.80 18.37 -22.91
C ARG D 177 -46.70 19.39 -23.59
N VAL D 178 -46.26 20.64 -23.64
CA VAL D 178 -47.12 21.69 -24.17
C VAL D 178 -47.24 21.57 -25.69
N THR D 179 -46.21 21.09 -26.37
CA THR D 179 -46.34 20.84 -27.81
C THR D 179 -47.34 19.73 -28.08
N SER D 180 -47.29 18.66 -27.28
CA SER D 180 -48.28 17.60 -27.46
C SER D 180 -49.70 18.14 -27.23
N ILE D 181 -49.88 18.94 -26.19
CA ILE D 181 -51.20 19.48 -25.89
C ILE D 181 -51.67 20.42 -27.00
N ALA D 182 -50.78 21.29 -27.48
CA ALA D 182 -51.15 22.21 -28.54
C ALA D 182 -51.47 21.48 -29.82
N ASP D 183 -50.73 20.42 -30.13
CA ASP D 183 -51.04 19.60 -31.30
C ASP D 183 -52.40 18.96 -31.17
N ARG D 184 -52.72 18.43 -29.99
CA ARG D 184 -54.05 17.88 -29.75
C ARG D 184 -55.15 18.91 -29.90
N LEU D 185 -54.94 20.13 -29.39
CA LEU D 185 -55.94 21.18 -29.48
C LEU D 185 -55.87 21.94 -30.80
N ASN D 186 -54.80 21.76 -31.58
CA ASN D 186 -54.54 22.53 -32.78
C ASN D 186 -54.48 24.03 -32.46
N VAL D 187 -53.52 24.39 -31.62
CA VAL D 187 -53.27 25.78 -31.24
C VAL D 187 -51.78 26.03 -31.22
N ASP D 188 -51.40 27.29 -31.02
CA ASP D 188 -50.01 27.67 -30.93
C ASP D 188 -49.46 27.39 -29.54
N PHE D 189 -48.20 27.00 -29.49
CA PHE D 189 -47.50 26.85 -28.22
C PHE D 189 -46.46 27.95 -28.08
N ALA D 190 -46.82 28.97 -27.30
CA ALA D 190 -45.92 30.04 -26.91
C ALA D 190 -44.97 29.52 -25.83
N LEU D 191 -43.73 29.96 -25.87
CA LEU D 191 -42.72 29.49 -24.92
C LEU D 191 -42.13 30.63 -24.11
N ILE D 192 -41.71 30.28 -22.89
CA ILE D 192 -41.18 31.23 -21.91
C ILE D 192 -39.93 30.62 -21.29
N HIS D 193 -38.89 31.44 -21.13
CA HIS D 193 -37.79 31.05 -20.25
C HIS D 193 -37.08 32.29 -19.71
N LYS D 194 -36.45 32.14 -18.55
CA LYS D 194 -35.76 33.27 -17.92
C LYS D 194 -34.37 33.43 -18.51
N GLU D 195 -33.89 34.67 -18.51
CA GLU D 195 -32.58 34.98 -19.05
C GLU D 195 -31.51 34.90 -17.97
N ASP D 203 -33.42 37.77 -13.97
CA ASP D 203 -34.68 38.10 -13.32
C ASP D 203 -35.72 38.54 -14.34
N ARG D 204 -35.37 38.43 -15.61
CA ARG D 204 -36.27 38.76 -16.70
C ARG D 204 -36.63 37.52 -17.49
N MET D 205 -37.77 37.58 -18.18
CA MET D 205 -38.30 36.45 -18.91
C MET D 205 -38.46 36.81 -20.37
N VAL D 206 -38.31 35.82 -21.25
CA VAL D 206 -38.49 36.00 -22.68
C VAL D 206 -39.56 35.03 -23.16
N LEU D 207 -40.48 35.55 -23.99
CA LEU D 207 -41.66 34.84 -24.47
C LEU D 207 -41.73 34.94 -26.00
N VAL D 208 -41.96 33.80 -26.64
CA VAL D 208 -42.23 33.72 -28.08
C VAL D 208 -43.63 33.19 -28.28
N GLY D 209 -44.38 33.83 -29.16
CA GLY D 209 -45.74 33.38 -29.42
C GLY D 209 -46.69 34.48 -29.04
N ASP D 210 -47.54 34.86 -30.00
CA ASP D 210 -48.52 35.91 -29.76
C ASP D 210 -49.47 35.52 -28.65
N VAL D 211 -49.47 36.30 -27.57
CA VAL D 211 -50.40 36.10 -26.47
C VAL D 211 -51.36 37.26 -26.30
N LYS D 212 -51.18 38.35 -27.04
CA LYS D 212 -51.98 39.55 -26.83
C LYS D 212 -53.46 39.27 -27.07
N ASP D 213 -54.29 39.78 -26.16
CA ASP D 213 -55.76 39.67 -26.20
C ASP D 213 -56.23 38.22 -26.25
N ARG D 214 -55.38 37.27 -25.90
CA ARG D 214 -55.72 35.86 -25.91
C ARG D 214 -55.67 35.29 -24.51
N VAL D 215 -56.12 34.05 -24.39
CA VAL D 215 -55.92 33.28 -23.18
C VAL D 215 -54.63 32.50 -23.30
N ALA D 216 -53.77 32.61 -22.29
CA ALA D 216 -52.58 31.78 -22.20
C ALA D 216 -52.79 30.70 -21.15
N ILE D 217 -52.34 29.49 -21.45
CA ILE D 217 -52.50 28.36 -20.56
C ILE D 217 -51.11 27.82 -20.25
N LEU D 218 -50.63 28.04 -19.04
CA LEU D 218 -49.39 27.41 -18.61
C LEU D 218 -49.66 25.96 -18.24
N VAL D 219 -48.81 25.07 -18.76
CA VAL D 219 -48.90 23.65 -18.46
C VAL D 219 -47.55 23.18 -17.98
N ASP D 220 -47.54 22.44 -16.88
CA ASP D 220 -46.31 21.92 -16.30
C ASP D 220 -46.64 20.65 -15.53
N ASP D 221 -45.59 19.91 -15.18
CA ASP D 221 -45.80 18.66 -14.47
C ASP D 221 -46.11 18.88 -13.00
N MET D 222 -45.59 19.94 -12.38
CA MET D 222 -45.83 20.14 -10.97
C MET D 222 -45.60 21.60 -10.60
N ALA D 223 -46.24 22.00 -9.51
CA ALA D 223 -46.04 23.32 -8.92
C ALA D 223 -45.69 23.12 -7.46
N ASP D 224 -44.44 23.34 -7.10
CA ASP D 224 -43.99 23.11 -5.72
C ASP D 224 -44.07 24.39 -4.89
N THR D 225 -43.19 25.35 -5.19
CA THR D 225 -43.23 26.65 -4.54
C THR D 225 -43.93 27.68 -5.38
N CYS D 226 -44.32 27.31 -6.60
CA CYS D 226 -45.00 28.16 -7.57
C CYS D 226 -44.15 29.33 -8.02
N GLY D 227 -42.85 29.32 -7.73
CA GLY D 227 -41.96 30.31 -8.30
C GLY D 227 -41.92 30.23 -9.81
N THR D 228 -41.95 29.02 -10.37
CA THR D 228 -41.88 28.84 -11.80
C THR D 228 -43.10 29.41 -12.51
N ILE D 229 -44.31 29.09 -12.06
CA ILE D 229 -45.51 29.55 -12.76
C ILE D 229 -45.81 31.01 -12.47
N CYS D 230 -45.46 31.52 -11.29
CA CYS D 230 -45.76 32.91 -11.00
C CYS D 230 -44.89 33.84 -11.85
N HIS D 231 -43.62 33.52 -12.02
CA HIS D 231 -42.76 34.31 -12.91
C HIS D 231 -43.25 34.27 -14.34
N ALA D 232 -43.62 33.07 -14.82
CA ALA D 232 -44.14 32.93 -16.17
C ALA D 232 -45.43 33.73 -16.35
N ALA D 233 -46.30 33.70 -15.35
CA ALA D 233 -47.56 34.45 -15.44
C ALA D 233 -47.30 35.95 -15.44
N ASP D 234 -46.34 36.40 -14.65
CA ASP D 234 -45.99 37.82 -14.68
C ASP D 234 -45.54 38.22 -16.07
N LYS D 235 -44.67 37.42 -16.69
CA LYS D 235 -44.27 37.69 -18.06
C LYS D 235 -45.48 37.74 -18.99
N LEU D 236 -46.35 36.74 -18.91
CA LEU D 236 -47.48 36.68 -19.83
C LEU D 236 -48.39 37.90 -19.68
N LEU D 237 -48.66 38.30 -18.43
CA LEU D 237 -49.47 39.49 -18.22
C LEU D 237 -48.77 40.75 -18.71
N SER D 238 -47.43 40.75 -18.74
CA SER D 238 -46.73 41.88 -19.34
C SER D 238 -47.07 42.01 -20.81
N ALA D 239 -47.30 40.89 -21.49
CA ALA D 239 -47.52 40.89 -22.93
C ALA D 239 -49.00 40.83 -23.29
N GLY D 240 -49.88 41.27 -22.40
CA GLY D 240 -51.26 41.59 -22.77
C GLY D 240 -52.23 40.44 -22.83
N ALA D 241 -51.89 39.28 -22.29
CA ALA D 241 -52.83 38.17 -22.27
C ALA D 241 -54.05 38.52 -21.42
N THR D 242 -55.23 38.27 -21.97
CA THR D 242 -56.47 38.64 -21.28
C THR D 242 -56.62 37.87 -19.98
N ARG D 243 -56.37 36.57 -20.01
CA ARG D 243 -56.37 35.73 -18.83
C ARG D 243 -55.20 34.76 -18.91
N VAL D 244 -54.73 34.30 -17.76
CA VAL D 244 -53.68 33.31 -17.68
C VAL D 244 -54.17 32.17 -16.80
N TYR D 245 -54.02 30.95 -17.28
CA TYR D 245 -54.33 29.76 -16.51
C TYR D 245 -53.05 28.98 -16.26
N ALA D 246 -53.04 28.24 -15.16
CA ALA D 246 -51.98 27.28 -14.92
C ALA D 246 -52.63 25.91 -14.73
N ILE D 247 -52.09 24.90 -15.39
CA ILE D 247 -52.59 23.54 -15.24
C ILE D 247 -51.41 22.63 -14.95
N LEU D 248 -51.52 21.84 -13.89
CA LEU D 248 -50.45 20.98 -13.42
C LEU D 248 -51.01 19.64 -12.97
N THR D 249 -50.27 18.57 -13.23
CA THR D 249 -50.73 17.30 -12.70
C THR D 249 -50.47 17.19 -11.20
N HIS D 250 -49.31 17.61 -10.69
CA HIS D 250 -48.98 17.46 -9.28
C HIS D 250 -49.02 18.83 -8.59
N GLY D 251 -50.00 19.02 -7.72
CA GLY D 251 -50.11 20.22 -6.91
C GLY D 251 -49.45 20.12 -5.55
N ILE D 252 -48.12 20.20 -5.49
CA ILE D 252 -47.43 20.04 -4.21
C ILE D 252 -47.68 21.24 -3.30
N PHE D 253 -47.50 22.46 -3.83
CA PHE D 253 -47.87 23.70 -3.13
C PHE D 253 -47.22 23.81 -1.75
N SER D 254 -45.92 23.60 -1.68
CA SER D 254 -45.22 23.72 -0.41
C SER D 254 -44.70 25.15 -0.23
N GLY D 255 -44.29 25.46 1.00
CA GLY D 255 -43.68 26.72 1.32
C GLY D 255 -44.61 27.91 1.11
N PRO D 256 -44.14 28.89 0.34
CA PRO D 256 -44.92 30.11 0.15
C PRO D 256 -45.90 30.02 -1.02
N ALA D 257 -46.19 28.80 -1.49
CA ALA D 257 -46.93 28.64 -2.74
C ALA D 257 -48.33 29.26 -2.68
N ILE D 258 -49.05 29.03 -1.59
CA ILE D 258 -50.43 29.51 -1.51
C ILE D 258 -50.49 31.03 -1.53
N SER D 259 -49.58 31.69 -0.81
CA SER D 259 -49.56 33.15 -0.83
C SER D 259 -49.20 33.69 -2.21
N ARG D 260 -48.22 33.07 -2.87
CA ARG D 260 -47.86 33.52 -4.22
C ARG D 260 -49.02 33.36 -5.19
N ILE D 261 -49.72 32.23 -5.12
CA ILE D 261 -50.88 32.03 -5.99
C ILE D 261 -51.95 33.07 -5.68
N ASN D 262 -52.18 33.35 -4.40
CA ASN D 262 -53.20 34.32 -4.02
C ASN D 262 -52.86 35.70 -4.56
N ASN D 263 -51.58 36.06 -4.56
CA ASN D 263 -51.15 37.37 -5.04
C ASN D 263 -50.86 37.40 -6.53
N ALA D 264 -50.99 36.29 -7.24
CA ALA D 264 -50.73 36.26 -8.67
C ALA D 264 -52.00 36.51 -9.45
N CYS D 265 -51.86 36.67 -10.77
CA CYS D 265 -52.96 37.04 -11.63
C CYS D 265 -53.66 35.85 -12.28
N PHE D 266 -53.40 34.65 -11.80
CA PHE D 266 -54.01 33.47 -12.40
C PHE D 266 -55.53 33.55 -12.36
N GLU D 267 -56.16 33.29 -13.49
CA GLU D 267 -57.60 33.04 -13.49
C GLU D 267 -57.91 31.75 -12.75
N ALA D 268 -57.09 30.73 -12.93
CA ALA D 268 -57.28 29.46 -12.26
C ALA D 268 -55.95 28.70 -12.23
N VAL D 269 -55.75 27.96 -11.14
CA VAL D 269 -54.66 27.03 -11.00
C VAL D 269 -55.30 25.66 -10.85
N VAL D 270 -55.24 24.87 -11.90
CA VAL D 270 -55.87 23.56 -11.95
C VAL D 270 -54.81 22.51 -11.68
N VAL D 271 -55.10 21.58 -10.78
CA VAL D 271 -54.20 20.48 -10.49
C VAL D 271 -54.98 19.17 -10.53
N THR D 272 -54.28 18.08 -10.78
CA THR D 272 -54.95 16.80 -10.59
C THR D 272 -54.98 16.44 -9.10
N ASN D 273 -55.74 15.41 -8.75
CA ASN D 273 -55.73 14.91 -7.38
C ASN D 273 -54.76 13.74 -7.22
N THR D 274 -53.54 13.84 -7.76
CA THR D 274 -52.51 12.89 -7.39
C THR D 274 -52.02 13.14 -5.97
N ILE D 275 -52.29 14.33 -5.44
CA ILE D 275 -51.93 14.76 -4.10
C ILE D 275 -53.20 15.33 -3.50
N PRO D 276 -53.51 15.06 -2.23
CA PRO D 276 -54.73 15.65 -1.64
C PRO D 276 -54.66 17.17 -1.64
N GLN D 277 -55.77 17.81 -1.96
CA GLN D 277 -55.80 19.25 -2.19
C GLN D 277 -56.77 20.02 -1.30
N GLU D 278 -57.56 19.33 -0.46
CA GLU D 278 -58.61 20.01 0.28
C GLU D 278 -58.06 21.10 1.20
N ASP D 279 -56.99 20.80 1.93
CA ASP D 279 -56.41 21.78 2.83
C ASP D 279 -55.90 23.00 2.07
N LYS D 280 -55.22 22.78 0.94
CA LYS D 280 -54.75 23.90 0.13
C LYS D 280 -55.93 24.65 -0.49
N MET D 281 -56.98 23.93 -0.89
CA MET D 281 -58.13 24.58 -1.49
C MET D 281 -58.86 25.46 -0.48
N LYS D 282 -58.76 25.15 0.80
CA LYS D 282 -59.39 25.99 1.82
C LYS D 282 -58.77 27.38 1.83
N HIS D 283 -57.46 27.48 1.67
CA HIS D 283 -56.73 28.74 1.75
C HIS D 283 -56.54 29.43 0.41
N CYS D 284 -56.97 28.82 -0.70
CA CYS D 284 -56.75 29.40 -2.02
C CYS D 284 -57.98 29.13 -2.88
N SER D 285 -58.68 30.19 -3.25
CA SER D 285 -59.96 30.03 -3.95
C SER D 285 -59.78 29.65 -5.41
N LYS D 286 -58.64 29.97 -6.00
CA LYS D 286 -58.47 29.73 -7.43
C LYS D 286 -57.89 28.36 -7.77
N ILE D 287 -57.73 27.48 -6.79
CA ILE D 287 -57.28 26.11 -7.07
C ILE D 287 -58.49 25.24 -7.41
N GLN D 288 -58.43 24.59 -8.56
CA GLN D 288 -59.42 23.59 -8.94
C GLN D 288 -58.74 22.25 -9.21
N VAL D 289 -59.47 21.18 -8.97
CA VAL D 289 -58.91 19.83 -9.01
C VAL D 289 -59.56 19.04 -10.13
N ILE D 290 -58.73 18.37 -10.91
CA ILE D 290 -59.19 17.38 -11.89
C ILE D 290 -59.04 16.00 -11.27
N ASP D 291 -60.13 15.24 -11.24
CA ASP D 291 -60.05 13.89 -10.70
C ASP D 291 -59.38 13.00 -11.75
N ILE D 292 -58.32 12.33 -11.37
CA ILE D 292 -57.68 11.35 -12.23
C ILE D 292 -57.86 9.93 -11.72
N SER D 293 -58.78 9.72 -10.78
CA SER D 293 -58.99 8.39 -10.25
C SER D 293 -59.49 7.43 -11.31
N MET D 294 -60.22 7.90 -12.32
CA MET D 294 -60.65 6.99 -13.37
C MET D 294 -59.47 6.46 -14.16
N ILE D 295 -58.47 7.31 -14.42
CA ILE D 295 -57.29 6.88 -15.16
C ILE D 295 -56.52 5.83 -14.38
N LEU D 296 -56.30 6.08 -13.09
CA LEU D 296 -55.58 5.12 -12.26
C LEU D 296 -56.36 3.82 -12.11
N ALA D 297 -57.67 3.91 -11.92
CA ALA D 297 -58.50 2.71 -11.82
C ALA D 297 -58.44 1.90 -13.10
N GLU D 298 -58.54 2.58 -14.25
CA GLU D 298 -58.45 1.87 -15.52
C GLU D 298 -57.08 1.23 -15.71
N ALA D 299 -56.02 1.92 -15.31
CA ALA D 299 -54.70 1.33 -15.43
C ALA D 299 -54.58 0.08 -14.57
N ILE D 300 -55.09 0.13 -13.34
CA ILE D 300 -55.06 -1.04 -12.46
C ILE D 300 -55.85 -2.18 -13.09
N ARG D 301 -57.05 -1.88 -13.56
CA ARG D 301 -57.91 -2.89 -14.15
C ARG D 301 -57.29 -3.51 -15.40
N ARG D 302 -56.67 -2.69 -16.24
CA ARG D 302 -56.07 -3.19 -17.47
C ARG D 302 -54.80 -3.99 -17.21
N THR D 303 -53.96 -3.57 -16.26
CA THR D 303 -52.81 -4.39 -15.91
C THR D 303 -53.26 -5.73 -15.35
N HIS D 304 -54.31 -5.73 -14.52
CA HIS D 304 -54.80 -6.98 -13.98
C HIS D 304 -55.35 -7.89 -15.08
N ASN D 305 -56.07 -7.34 -16.04
CA ASN D 305 -56.72 -8.15 -17.06
C ASN D 305 -55.84 -8.42 -18.28
N GLY D 306 -54.61 -7.94 -18.30
CA GLY D 306 -53.79 -8.10 -19.48
C GLY D 306 -54.24 -7.29 -20.67
N GLU D 307 -54.93 -6.19 -20.44
CA GLU D 307 -55.40 -5.29 -21.48
C GLU D 307 -54.39 -4.16 -21.70
N SER D 308 -54.51 -3.49 -22.84
CA SER D 308 -53.55 -2.45 -23.18
C SER D 308 -53.67 -1.25 -22.24
N VAL D 309 -52.57 -0.88 -21.61
CA VAL D 309 -52.55 0.31 -20.77
C VAL D 309 -52.29 1.56 -21.61
N SER D 310 -51.46 1.44 -22.65
CA SER D 310 -51.12 2.59 -23.48
C SER D 310 -52.34 3.18 -24.18
N TYR D 311 -53.43 2.41 -24.29
CA TYR D 311 -54.68 2.93 -24.80
C TYR D 311 -55.15 4.14 -23.99
N LEU D 312 -54.83 4.17 -22.70
CA LEU D 312 -55.18 5.30 -21.84
C LEU D 312 -54.37 6.55 -22.14
N PHE D 313 -53.25 6.45 -22.85
CA PHE D 313 -52.46 7.64 -23.13
C PHE D 313 -53.23 8.65 -23.96
N SER D 314 -54.24 8.20 -24.71
CA SER D 314 -54.99 9.08 -25.59
C SER D 314 -56.50 9.04 -25.40
N HIS D 315 -57.01 8.27 -24.45
CA HIS D 315 -58.45 8.09 -24.29
C HIS D 315 -58.86 8.33 -22.84
N VAL D 316 -59.87 9.16 -22.63
CA VAL D 316 -60.49 9.35 -21.34
C VAL D 316 -61.50 8.22 -21.13
N PRO D 317 -61.34 7.40 -20.08
CA PRO D 317 -62.30 6.32 -19.85
C PRO D 317 -63.63 6.79 -19.26
N PRO E 2 -6.19 4.78 1.37
CA PRO E 2 -7.46 5.38 1.79
C PRO E 2 -7.42 5.92 3.21
N ASN E 3 -7.96 7.11 3.39
CA ASN E 3 -8.06 7.75 4.69
C ASN E 3 -9.47 7.61 5.24
N ILE E 4 -9.57 7.72 6.55
CA ILE E 4 -10.87 7.75 7.23
C ILE E 4 -11.54 9.08 6.96
N LYS E 5 -12.79 9.05 6.52
CA LYS E 5 -13.65 10.22 6.47
C LYS E 5 -14.90 9.91 7.30
N ILE E 6 -15.18 10.76 8.28
CA ILE E 6 -16.36 10.62 9.13
C ILE E 6 -17.36 11.68 8.70
N PHE E 7 -18.57 11.23 8.37
CA PHE E 7 -19.66 12.12 8.07
C PHE E 7 -20.77 11.91 9.11
N SER E 8 -21.40 12.99 9.51
CA SER E 8 -22.50 12.95 10.45
C SER E 8 -23.81 13.16 9.71
N GLY E 9 -24.78 12.31 10.00
CA GLY E 9 -26.15 12.65 9.69
C GLY E 9 -26.67 13.67 10.67
N SER E 10 -27.94 14.04 10.49
CA SER E 10 -28.52 15.06 11.37
C SER E 10 -29.02 14.50 12.69
N SER E 11 -29.09 13.18 12.86
CA SER E 11 -29.71 12.62 14.05
C SER E 11 -28.90 12.91 15.31
N HIS E 12 -27.59 12.63 15.29
CA HIS E 12 -26.78 12.70 16.50
C HIS E 12 -25.45 13.39 16.14
N GLN E 13 -25.48 14.72 16.11
CA GLN E 13 -24.29 15.48 15.73
C GLN E 13 -23.22 15.44 16.82
N ASP E 14 -23.63 15.51 18.08
CA ASP E 14 -22.68 15.56 19.18
C ASP E 14 -21.90 14.26 19.26
N LEU E 15 -22.57 13.13 19.07
CA LEU E 15 -21.87 11.84 19.08
C LEU E 15 -20.85 11.76 17.96
N SER E 16 -21.24 12.21 16.76
CA SER E 16 -20.31 12.18 15.63
C SER E 16 -19.10 13.06 15.89
N GLN E 17 -19.32 14.23 16.48
CA GLN E 17 -18.21 15.10 16.82
C GLN E 17 -17.29 14.45 17.84
N LYS E 18 -17.85 13.80 18.87
CA LYS E 18 -17.03 13.11 19.86
C LYS E 18 -16.19 12.03 19.20
N ILE E 19 -16.81 11.25 18.31
CA ILE E 19 -16.08 10.21 17.59
C ILE E 19 -14.95 10.82 16.78
N ALA E 20 -15.24 11.92 16.08
CA ALA E 20 -14.22 12.54 15.24
C ALA E 20 -13.06 13.09 16.06
N ASP E 21 -13.36 13.70 17.21
CA ASP E 21 -12.29 14.16 18.09
C ASP E 21 -11.43 13.00 18.57
N ARG E 22 -12.05 11.88 18.94
CA ARG E 22 -11.25 10.75 19.41
C ARG E 22 -10.35 10.20 18.31
N LEU E 23 -10.74 10.34 17.05
CA LEU E 23 -9.92 9.89 15.94
C LEU E 23 -8.94 10.95 15.44
N GLY E 24 -8.95 12.14 16.03
CA GLY E 24 -8.11 13.21 15.53
C GLY E 24 -8.48 13.68 14.14
N LEU E 25 -9.77 13.79 13.85
CA LEU E 25 -10.25 14.16 12.54
C LEU E 25 -11.32 15.24 12.66
N GLU E 26 -11.49 15.98 11.59
CA GLU E 26 -12.64 16.87 11.44
C GLU E 26 -13.76 16.12 10.73
N LEU E 27 -14.99 16.47 11.08
CA LEU E 27 -16.14 15.90 10.38
C LEU E 27 -16.12 16.34 8.93
N GLY E 28 -16.43 15.40 8.03
CA GLY E 28 -16.47 15.72 6.62
C GLY E 28 -17.54 16.75 6.31
N LYS E 29 -17.26 17.57 5.31
CA LYS E 29 -18.20 18.60 4.90
C LYS E 29 -19.37 17.95 4.18
N VAL E 30 -20.57 18.11 4.74
CA VAL E 30 -21.78 17.61 4.12
C VAL E 30 -22.91 18.56 4.46
N VAL E 31 -23.75 18.84 3.48
CA VAL E 31 -24.99 19.58 3.67
C VAL E 31 -26.12 18.55 3.72
N THR E 32 -26.82 18.50 4.85
CA THR E 32 -27.93 17.58 5.03
C THR E 32 -29.11 18.41 5.51
N LYS E 33 -30.03 18.71 4.60
CA LYS E 33 -31.19 19.55 4.91
C LYS E 33 -32.42 19.03 4.21
N LYS E 34 -33.47 19.84 4.14
CA LYS E 34 -34.70 19.44 3.46
C LYS E 34 -35.07 20.47 2.40
N PHE E 35 -35.49 19.98 1.24
CA PHE E 35 -36.13 20.82 0.25
C PHE E 35 -37.44 21.36 0.81
N SER E 36 -38.06 22.28 0.06
CA SER E 36 -39.30 22.88 0.50
C SER E 36 -40.39 21.84 0.72
N ASN E 37 -40.48 20.86 -0.17
CA ASN E 37 -41.49 19.80 -0.04
C ASN E 37 -41.06 18.69 0.92
N GLN E 38 -40.03 18.91 1.73
CA GLN E 38 -39.59 18.02 2.81
C GLN E 38 -38.87 16.78 2.31
N GLU E 39 -38.40 16.77 1.08
CA GLU E 39 -37.54 15.70 0.60
C GLU E 39 -36.12 15.96 1.10
N THR E 40 -35.41 14.90 1.47
CA THR E 40 -34.06 15.04 1.98
C THR E 40 -33.13 15.56 0.88
N CYS E 41 -32.32 16.55 1.22
CA CYS E 41 -31.30 17.11 0.34
C CYS E 41 -29.95 16.83 0.95
N VAL E 42 -29.06 16.19 0.19
CA VAL E 42 -27.74 15.82 0.63
C VAL E 42 -26.72 16.30 -0.39
N GLU E 43 -25.64 16.91 0.09
CA GLU E 43 -24.58 17.42 -0.78
C GLU E 43 -23.26 17.14 -0.11
N ILE E 44 -22.45 16.26 -0.70
CA ILE E 44 -21.13 15.95 -0.14
C ILE E 44 -20.18 17.09 -0.53
N GLY E 45 -19.68 17.80 0.47
CA GLY E 45 -18.87 18.99 0.26
C GLY E 45 -17.41 18.77 -0.01
N GLU E 46 -16.94 17.54 -0.06
CA GLU E 46 -15.55 17.25 -0.34
C GLU E 46 -15.47 15.92 -1.07
N SER E 47 -14.41 15.76 -1.85
CA SER E 47 -14.19 14.50 -2.57
C SER E 47 -14.00 13.37 -1.58
N VAL E 48 -14.68 12.26 -1.82
CA VAL E 48 -14.49 11.05 -1.04
C VAL E 48 -13.90 9.94 -1.90
N ARG E 49 -13.42 10.29 -3.08
CA ARG E 49 -12.92 9.32 -4.03
C ARG E 49 -11.75 8.54 -3.43
N GLY E 50 -11.90 7.22 -3.36
CA GLY E 50 -10.84 6.39 -2.82
C GLY E 50 -10.71 6.39 -1.32
N GLU E 51 -11.64 7.01 -0.60
CA GLU E 51 -11.54 7.12 0.85
C GLU E 51 -12.41 6.07 1.55
N ASP E 52 -12.11 5.85 2.82
CA ASP E 52 -12.86 4.94 3.67
C ASP E 52 -13.87 5.76 4.46
N VAL E 53 -15.13 5.73 4.05
CA VAL E 53 -16.16 6.65 4.52
C VAL E 53 -16.96 5.99 5.62
N TYR E 54 -17.14 6.69 6.74
CA TYR E 54 -18.01 6.25 7.83
C TYR E 54 -19.09 7.30 8.03
N ILE E 55 -20.34 6.86 7.99
CA ILE E 55 -21.49 7.75 8.15
C ILE E 55 -22.16 7.40 9.46
N VAL E 56 -22.26 8.37 10.36
CA VAL E 56 -22.80 8.15 11.69
C VAL E 56 -24.23 8.66 11.71
N GLN E 57 -25.16 7.74 11.99
CA GLN E 57 -26.58 8.09 12.06
C GLN E 57 -27.26 7.07 12.95
N SER E 58 -27.91 7.52 14.01
CA SER E 58 -28.64 6.62 14.88
C SER E 58 -30.12 6.59 14.52
N GLY E 59 -30.74 5.45 14.80
CA GLY E 59 -32.15 5.28 14.59
C GLY E 59 -32.97 5.87 15.72
N CYS E 60 -33.06 7.19 15.74
CA CYS E 60 -33.74 7.90 16.80
C CYS E 60 -34.39 9.14 16.22
N GLY E 61 -35.11 9.87 17.07
CA GLY E 61 -35.80 11.07 16.62
C GLY E 61 -36.82 10.75 15.55
N GLU E 62 -36.82 11.55 14.49
CA GLU E 62 -37.67 11.31 13.33
C GLU E 62 -37.03 10.18 12.54
N ILE E 63 -37.42 8.96 12.89
CA ILE E 63 -36.67 7.78 12.48
C ILE E 63 -36.69 7.61 10.96
N ASN E 64 -37.84 7.83 10.34
CA ASN E 64 -37.92 7.62 8.89
C ASN E 64 -37.12 8.67 8.14
N ASP E 65 -37.14 9.92 8.59
CA ASP E 65 -36.30 10.94 7.98
C ASP E 65 -34.83 10.61 8.14
N ASN E 66 -34.42 10.16 9.32
CA ASN E 66 -33.01 9.89 9.56
C ASN E 66 -32.54 8.67 8.76
N LEU E 67 -33.38 7.64 8.67
CA LEU E 67 -33.05 6.48 7.85
C LEU E 67 -32.93 6.86 6.39
N MET E 68 -33.89 7.65 5.88
CA MET E 68 -33.78 8.08 4.47
C MET E 68 -32.48 8.88 4.28
N GLU E 69 -32.18 9.78 5.21
CA GLU E 69 -30.97 10.59 5.09
C GLU E 69 -29.74 9.71 5.04
N LEU E 70 -29.68 8.69 5.89
CA LEU E 70 -28.56 7.78 5.90
C LEU E 70 -28.42 7.06 4.57
N LEU E 71 -29.54 6.56 4.04
CA LEU E 71 -29.49 5.84 2.76
C LEU E 71 -29.05 6.76 1.63
N ILE E 72 -29.56 7.99 1.61
CA ILE E 72 -29.19 8.93 0.58
C ILE E 72 -27.70 9.31 0.68
N MET E 73 -27.20 9.49 1.90
CA MET E 73 -25.78 9.76 2.07
C MET E 73 -24.91 8.61 1.61
N ILE E 74 -25.30 7.37 1.94
CA ILE E 74 -24.56 6.21 1.49
C ILE E 74 -24.54 6.16 -0.03
N ASN E 75 -25.68 6.41 -0.66
CA ASN E 75 -25.74 6.39 -2.11
C ASN E 75 -24.84 7.46 -2.72
N ALA E 76 -24.88 8.67 -2.15
CA ALA E 76 -24.04 9.75 -2.65
C ALA E 76 -22.56 9.41 -2.54
N CYS E 77 -22.16 8.81 -1.42
CA CYS E 77 -20.75 8.46 -1.26
C CYS E 77 -20.36 7.30 -2.18
N LYS E 78 -21.27 6.35 -2.38
CA LYS E 78 -20.97 5.21 -3.25
C LYS E 78 -20.79 5.64 -4.70
N ILE E 79 -21.69 6.48 -5.22
CA ILE E 79 -21.52 6.91 -6.61
C ILE E 79 -20.48 8.00 -6.76
N ALA E 80 -19.96 8.53 -5.66
CA ALA E 80 -18.80 9.42 -5.69
C ALA E 80 -17.48 8.65 -5.57
N SER E 81 -17.52 7.33 -5.72
CA SER E 81 -16.32 6.49 -5.83
C SER E 81 -15.54 6.40 -4.52
N ALA E 82 -16.24 6.41 -3.39
CA ALA E 82 -15.60 6.04 -2.15
C ALA E 82 -15.12 4.60 -2.24
N SER E 83 -13.95 4.33 -1.67
CA SER E 83 -13.43 2.96 -1.73
C SER E 83 -14.27 2.02 -0.88
N ARG E 84 -14.79 2.50 0.24
CA ARG E 84 -15.61 1.70 1.12
C ARG E 84 -16.53 2.63 1.89
N VAL E 85 -17.77 2.19 2.10
CA VAL E 85 -18.75 2.96 2.85
C VAL E 85 -19.25 2.12 4.01
N THR E 86 -19.18 2.66 5.21
CA THR E 86 -19.62 1.98 6.42
C THR E 86 -20.69 2.81 7.09
N ALA E 87 -21.82 2.20 7.38
CA ALA E 87 -22.88 2.83 8.16
C ALA E 87 -22.62 2.56 9.63
N VAL E 88 -22.41 3.62 10.39
CA VAL E 88 -22.24 3.53 11.84
C VAL E 88 -23.59 3.89 12.44
N ILE E 89 -24.34 2.87 12.84
CA ILE E 89 -25.72 3.05 13.30
C ILE E 89 -25.80 2.63 14.76
N PRO E 90 -25.54 3.53 15.70
CA PRO E 90 -25.49 3.11 17.12
C PRO E 90 -26.76 2.45 17.60
N CYS E 91 -27.92 2.96 17.23
CA CYS E 91 -29.20 2.33 17.55
C CYS E 91 -29.90 1.96 16.25
N PHE E 92 -30.01 0.67 15.99
CA PHE E 92 -30.49 0.20 14.70
C PHE E 92 -32.00 0.39 14.58
N PRO E 93 -32.49 1.13 13.59
CA PRO E 93 -33.93 1.35 13.48
C PRO E 93 -34.68 0.10 13.04
N TYR E 94 -35.90 -0.04 13.54
CA TYR E 94 -36.80 -1.16 13.27
C TYR E 94 -36.25 -2.49 13.79
N ALA E 95 -35.32 -2.45 14.76
CA ALA E 95 -34.74 -3.68 15.27
C ALA E 95 -35.76 -4.55 15.99
N ARG E 96 -36.78 -3.94 16.59
CA ARG E 96 -37.77 -4.72 17.29
C ARG E 96 -38.76 -5.43 16.37
N GLN E 97 -38.80 -5.07 15.09
CA GLN E 97 -39.58 -5.82 14.10
C GLN E 97 -38.69 -6.79 13.35
N ASP E 98 -38.19 -7.78 14.09
CA ASP E 98 -37.23 -8.75 13.59
C ASP E 98 -37.87 -10.10 13.24
N LYS E 99 -39.18 -10.21 13.37
CA LYS E 99 -39.90 -11.46 13.08
C LYS E 99 -41.38 -11.13 12.94
N LYS E 100 -42.11 -12.08 12.38
CA LYS E 100 -43.57 -12.03 12.21
C LYS E 100 -44.30 -12.67 13.38
N ASP E 101 -43.99 -13.95 13.61
CA ASP E 101 -44.34 -14.82 14.73
C ASP E 101 -45.76 -15.38 14.84
N LYS E 102 -46.79 -14.67 14.40
CA LYS E 102 -48.05 -15.28 14.00
C LYS E 102 -48.86 -14.34 13.13
N SER E 103 -48.33 -13.16 12.85
CA SER E 103 -49.15 -12.08 12.32
C SER E 103 -48.71 -11.76 10.91
N ARG E 104 -49.65 -11.21 10.13
CA ARG E 104 -49.38 -10.82 8.75
C ARG E 104 -48.70 -9.45 8.76
N ALA E 105 -47.45 -9.47 9.18
CA ALA E 105 -46.67 -8.28 9.48
C ALA E 105 -45.38 -8.28 8.67
N PRO E 106 -44.79 -7.11 8.44
CA PRO E 106 -43.48 -7.05 7.81
C PRO E 106 -42.40 -7.50 8.78
N ILE E 107 -41.28 -7.94 8.22
CA ILE E 107 -40.04 -8.05 8.97
C ILE E 107 -39.27 -6.79 8.61
N SER E 108 -39.54 -5.70 9.33
CA SER E 108 -39.03 -4.40 8.92
C SER E 108 -37.53 -4.31 9.06
N ALA E 109 -36.94 -5.00 10.05
CA ALA E 109 -35.49 -5.00 10.19
C ALA E 109 -34.81 -5.58 8.97
N LYS E 110 -35.37 -6.66 8.41
CA LYS E 110 -34.82 -7.22 7.19
C LYS E 110 -34.94 -6.26 6.02
N LEU E 111 -36.07 -5.55 5.93
CA LEU E 111 -36.23 -4.54 4.89
C LEU E 111 -35.17 -3.45 5.03
N VAL E 112 -34.91 -3.01 6.26
CA VAL E 112 -33.90 -1.98 6.49
C VAL E 112 -32.53 -2.49 6.09
N ALA E 113 -32.21 -3.74 6.43
CA ALA E 113 -30.93 -4.32 6.02
C ALA E 113 -30.82 -4.36 4.50
N ASN E 114 -31.89 -4.77 3.82
CA ASN E 114 -31.88 -4.81 2.36
C ASN E 114 -31.67 -3.41 1.78
N MET E 115 -32.32 -2.41 2.36
CA MET E 115 -32.18 -1.05 1.86
C MET E 115 -30.77 -0.53 2.07
N LEU E 116 -30.18 -0.80 3.24
CA LEU E 116 -28.80 -0.39 3.47
C LEU E 116 -27.86 -1.06 2.47
N SER E 117 -28.08 -2.35 2.19
CA SER E 117 -27.24 -3.05 1.22
C SER E 117 -27.39 -2.48 -0.18
N VAL E 118 -28.62 -2.25 -0.63
CA VAL E 118 -28.81 -1.74 -1.99
C VAL E 118 -28.36 -0.30 -2.11
N ALA E 119 -28.37 0.47 -1.03
CA ALA E 119 -27.82 1.82 -1.07
C ALA E 119 -26.31 1.81 -1.28
N GLY E 120 -25.64 0.74 -0.91
CA GLY E 120 -24.22 0.61 -1.17
C GLY E 120 -23.34 0.42 0.04
N ALA E 121 -23.92 0.20 1.21
CA ALA E 121 -23.10 0.01 2.41
C ALA E 121 -22.30 -1.28 2.29
N ASP E 122 -20.99 -1.19 2.53
CA ASP E 122 -20.14 -2.36 2.54
C ASP E 122 -19.95 -2.96 3.92
N HIS E 123 -20.41 -2.28 4.96
CA HIS E 123 -20.09 -2.64 6.33
C HIS E 123 -21.01 -1.89 7.26
N ILE E 124 -21.41 -2.54 8.34
CA ILE E 124 -22.29 -1.95 9.35
C ILE E 124 -21.60 -2.05 10.70
N ILE E 125 -21.60 -0.95 11.44
CA ILE E 125 -21.20 -0.94 12.84
C ILE E 125 -22.38 -0.49 13.66
N THR E 126 -22.76 -1.28 14.65
CA THR E 126 -23.91 -0.98 15.47
C THR E 126 -23.62 -1.41 16.90
N MET E 127 -24.50 -1.03 17.83
CA MET E 127 -24.30 -1.36 19.23
C MET E 127 -25.55 -1.99 19.82
N ASP E 128 -25.37 -3.15 20.46
CA ASP E 128 -26.42 -3.86 21.19
C ASP E 128 -27.70 -3.97 20.36
N LEU E 129 -27.59 -4.71 19.26
CA LEU E 129 -28.75 -5.05 18.47
C LEU E 129 -29.80 -5.72 19.34
N HIS E 130 -31.06 -5.34 19.13
CA HIS E 130 -32.15 -5.94 19.89
C HIS E 130 -32.13 -7.46 19.80
N ALA E 131 -31.88 -7.99 18.61
CA ALA E 131 -31.69 -9.42 18.42
C ALA E 131 -30.46 -9.61 17.55
N SER E 132 -29.50 -10.39 18.04
CA SER E 132 -28.27 -10.56 17.29
C SER E 132 -28.48 -11.36 16.01
N GLN E 133 -29.62 -12.05 15.87
CA GLN E 133 -29.99 -12.64 14.59
C GLN E 133 -30.08 -11.60 13.49
N ILE E 134 -30.25 -10.33 13.84
CA ILE E 134 -30.27 -9.28 12.82
C ILE E 134 -28.97 -9.26 12.03
N GLN E 135 -27.87 -9.72 12.62
CA GLN E 135 -26.63 -9.80 11.87
C GLN E 135 -26.79 -10.69 10.64
N GLY E 136 -27.61 -11.73 10.74
CA GLY E 136 -27.90 -12.60 9.62
C GLY E 136 -28.84 -12.01 8.59
N PHE E 137 -29.46 -10.86 8.87
CA PHE E 137 -30.26 -10.19 7.86
C PHE E 137 -29.41 -9.55 6.78
N PHE E 138 -28.10 -9.44 7.00
CA PHE E 138 -27.17 -8.82 6.07
C PHE E 138 -26.33 -9.86 5.36
N ASP E 139 -25.87 -9.52 4.16
CA ASP E 139 -24.81 -10.29 3.53
C ASP E 139 -23.45 -9.63 3.65
N ILE E 140 -23.39 -8.37 4.06
CA ILE E 140 -22.15 -7.66 4.34
C ILE E 140 -21.78 -7.86 5.80
N PRO E 141 -20.52 -7.68 6.19
CA PRO E 141 -20.16 -7.85 7.61
C PRO E 141 -20.86 -6.82 8.49
N VAL E 142 -21.22 -7.26 9.70
CA VAL E 142 -21.84 -6.41 10.69
C VAL E 142 -21.10 -6.59 12.00
N ASP E 143 -20.56 -5.50 12.54
CA ASP E 143 -19.90 -5.53 13.83
C ASP E 143 -20.87 -5.01 14.87
N ASN E 144 -21.36 -5.91 15.73
CA ASN E 144 -22.31 -5.58 16.78
C ASN E 144 -21.53 -5.37 18.08
N LEU E 145 -21.29 -4.12 18.41
CA LEU E 145 -20.56 -3.78 19.63
C LEU E 145 -21.47 -3.90 20.85
N TYR E 146 -20.84 -3.99 22.02
CA TYR E 146 -21.55 -4.16 23.28
C TYR E 146 -21.23 -3.00 24.20
N ALA E 147 -22.24 -2.48 24.87
CA ALA E 147 -22.02 -1.47 25.90
C ALA E 147 -21.54 -2.07 27.20
N GLU E 148 -21.50 -3.40 27.30
CA GLU E 148 -21.22 -4.06 28.58
C GLU E 148 -19.94 -3.60 29.26
N PRO E 149 -18.79 -3.45 28.58
CA PRO E 149 -17.61 -2.96 29.31
C PRO E 149 -17.80 -1.60 29.95
N ALA E 150 -18.43 -0.67 29.25
CA ALA E 150 -18.72 0.64 29.82
C ALA E 150 -19.74 0.53 30.96
N VAL E 151 -20.71 -0.36 30.83
CA VAL E 151 -21.69 -0.58 31.89
C VAL E 151 -21.00 -1.10 33.15
N LEU E 152 -20.11 -2.08 33.00
CA LEU E 152 -19.38 -2.62 34.14
C LEU E 152 -18.53 -1.55 34.80
N LYS E 153 -17.87 -0.72 33.99
CA LYS E 153 -17.10 0.38 34.54
C LYS E 153 -17.98 1.32 35.35
N TRP E 154 -19.15 1.68 34.81
CA TRP E 154 -20.07 2.56 35.53
C TRP E 154 -20.50 1.93 36.84
N ILE E 155 -20.85 0.64 36.83
CA ILE E 155 -21.30 -0.02 38.04
C ILE E 155 -20.22 0.01 39.09
N ARG E 156 -18.97 -0.30 38.70
CA ARG E 156 -17.90 -0.34 39.68
C ARG E 156 -17.57 1.05 40.22
N GLU E 157 -17.71 2.09 39.41
CA GLU E 157 -17.37 3.42 39.89
C GLU E 157 -18.52 4.20 40.49
N ASN E 158 -19.75 3.69 40.47
CA ASN E 158 -20.88 4.48 40.93
C ASN E 158 -21.75 3.82 41.98
N ILE E 159 -21.69 2.51 42.16
CA ILE E 159 -22.51 1.80 43.12
C ILE E 159 -21.58 1.21 44.18
N SER E 160 -21.60 1.79 45.37
CA SER E 160 -20.64 1.41 46.40
C SER E 160 -20.80 -0.04 46.83
N GLU E 161 -22.02 -0.59 46.77
CA GLU E 161 -22.31 -1.93 47.23
C GLU E 161 -22.39 -2.92 46.08
N TRP E 162 -21.66 -2.68 44.99
CA TRP E 162 -21.83 -3.50 43.79
C TRP E 162 -21.40 -4.95 44.02
N ARG E 163 -20.51 -5.21 44.97
CA ARG E 163 -20.11 -6.59 45.22
C ARG E 163 -21.25 -7.40 45.83
N ASN E 164 -22.22 -6.75 46.46
CA ASN E 164 -23.36 -7.43 47.04
C ASN E 164 -24.63 -7.25 46.22
N CYS E 165 -24.57 -6.46 45.15
CA CYS E 165 -25.76 -6.12 44.37
C CYS E 165 -26.28 -7.36 43.64
N THR E 166 -27.37 -7.15 42.92
CA THR E 166 -28.01 -8.17 42.10
C THR E 166 -28.31 -7.58 40.74
N ILE E 167 -28.08 -8.36 39.69
CA ILE E 167 -28.34 -7.93 38.32
C ILE E 167 -29.63 -8.58 37.84
N VAL E 168 -30.63 -7.76 37.53
CA VAL E 168 -31.98 -8.25 37.25
C VAL E 168 -32.35 -7.97 35.81
N SER E 169 -32.77 -9.00 35.11
CA SER E 169 -33.35 -8.87 33.79
C SER E 169 -34.81 -8.46 33.91
N PRO E 170 -35.29 -7.48 33.15
CA PRO E 170 -36.71 -7.10 33.25
C PRO E 170 -37.64 -8.06 32.55
N ASP E 171 -37.25 -8.59 31.40
CA ASP E 171 -38.03 -9.59 30.69
C ASP E 171 -37.15 -10.83 30.54
N ALA E 172 -37.80 -11.98 30.42
CA ALA E 172 -37.06 -13.23 30.26
C ALA E 172 -36.19 -13.23 29.01
N GLY E 173 -36.54 -12.41 28.01
CA GLY E 173 -35.85 -12.50 26.74
C GLY E 173 -34.37 -12.15 26.82
N GLY E 174 -34.05 -11.06 27.51
CA GLY E 174 -32.69 -10.57 27.55
C GLY E 174 -31.85 -11.00 28.73
N ALA E 175 -32.22 -12.07 29.42
CA ALA E 175 -31.50 -12.46 30.63
C ALA E 175 -30.07 -12.90 30.33
N LYS E 176 -29.77 -13.16 29.05
CA LYS E 176 -28.40 -13.48 28.66
C LYS E 176 -27.44 -12.35 28.98
N ARG E 177 -27.86 -11.12 28.67
CA ARG E 177 -27.06 -9.94 28.99
C ARG E 177 -26.76 -9.87 30.48
N VAL E 178 -27.79 -10.09 31.31
CA VAL E 178 -27.60 -9.94 32.73
C VAL E 178 -26.77 -11.07 33.31
N THR E 179 -26.86 -12.27 32.73
CA THR E 179 -25.99 -13.36 33.17
C THR E 179 -24.54 -13.06 32.84
N SER E 180 -24.28 -12.52 31.65
CA SER E 180 -22.92 -12.14 31.32
C SER E 180 -22.39 -11.08 32.28
N ILE E 181 -23.21 -10.08 32.58
CA ILE E 181 -22.80 -9.02 33.50
C ILE E 181 -22.56 -9.56 34.90
N ALA E 182 -23.45 -10.41 35.39
CA ALA E 182 -23.29 -10.98 36.71
C ALA E 182 -22.05 -11.87 36.80
N ASP E 183 -21.79 -12.63 35.74
CA ASP E 183 -20.57 -13.43 35.69
C ASP E 183 -19.33 -12.54 35.73
N ARG E 184 -19.33 -11.46 34.98
CA ARG E 184 -18.21 -10.51 35.04
C ARG E 184 -18.04 -9.90 36.42
N LEU E 185 -19.12 -9.54 37.08
CA LEU E 185 -19.05 -8.94 38.41
C LEU E 185 -18.98 -9.98 39.51
N ASN E 186 -19.22 -11.25 39.20
CA ASN E 186 -19.32 -12.32 40.19
C ASN E 186 -20.40 -11.99 41.23
N VAL E 187 -21.64 -11.88 40.76
CA VAL E 187 -22.79 -11.62 41.60
C VAL E 187 -23.95 -12.48 41.12
N ASP E 188 -25.03 -12.46 41.88
CA ASP E 188 -26.23 -13.19 41.53
C ASP E 188 -27.06 -12.43 40.50
N PHE E 189 -27.69 -13.18 39.59
CA PHE E 189 -28.62 -12.59 38.66
C PHE E 189 -30.04 -13.02 39.01
N ALA E 190 -30.76 -12.12 39.69
CA ALA E 190 -32.18 -12.27 39.97
C ALA E 190 -32.97 -12.00 38.70
N LEU E 191 -34.05 -12.75 38.51
CA LEU E 191 -34.86 -12.62 37.31
C LEU E 191 -36.29 -12.25 37.62
N ILE E 192 -36.91 -11.55 36.66
CA ILE E 192 -38.27 -11.03 36.79
C ILE E 192 -39.02 -11.32 35.49
N HIS E 193 -40.27 -11.76 35.62
CA HIS E 193 -41.16 -11.73 34.46
C HIS E 193 -42.61 -11.64 34.92
N LYS E 194 -43.47 -11.11 34.05
CA LYS E 194 -44.87 -10.94 34.39
C LYS E 194 -45.64 -12.22 34.13
N GLU E 195 -46.70 -12.43 34.92
CA GLU E 195 -47.52 -13.63 34.79
C GLU E 195 -48.66 -13.40 33.82
N ASP E 203 -50.89 -8.87 35.35
CA ASP E 203 -50.55 -7.57 35.91
C ASP E 203 -49.66 -7.73 37.14
N ARG E 204 -49.26 -8.97 37.41
CA ARG E 204 -48.37 -9.27 38.51
C ARG E 204 -47.03 -9.78 38.00
N MET E 205 -46.00 -9.65 38.83
CA MET E 205 -44.64 -9.98 38.46
C MET E 205 -44.10 -11.04 39.41
N VAL E 206 -43.22 -11.90 38.90
CA VAL E 206 -42.56 -12.92 39.72
C VAL E 206 -41.05 -12.74 39.61
N LEU E 207 -40.39 -12.80 40.76
CA LEU E 207 -38.97 -12.54 40.92
C LEU E 207 -38.30 -13.70 41.64
N VAL E 208 -37.18 -14.16 41.09
CA VAL E 208 -36.31 -15.15 41.74
C VAL E 208 -34.97 -14.51 42.02
N GLY E 209 -34.45 -14.73 43.22
CA GLY E 209 -33.16 -14.15 43.57
C GLY E 209 -33.35 -13.20 44.73
N ASP E 210 -32.60 -13.43 45.79
CA ASP E 210 -32.68 -12.59 46.98
C ASP E 210 -32.30 -11.15 46.64
N VAL E 211 -33.26 -10.24 46.83
CA VAL E 211 -33.00 -8.82 46.64
C VAL E 211 -33.13 -8.03 47.93
N LYS E 212 -33.57 -8.65 49.02
CA LYS E 212 -33.85 -7.92 50.24
C LYS E 212 -32.60 -7.25 50.78
N ASP E 213 -32.74 -6.00 51.19
CA ASP E 213 -31.69 -5.17 51.77
C ASP E 213 -30.49 -5.02 50.85
N ARG E 214 -30.64 -5.30 49.56
CA ARG E 214 -29.57 -5.22 48.59
C ARG E 214 -29.88 -4.16 47.56
N VAL E 215 -28.89 -3.87 46.71
CA VAL E 215 -29.12 -3.07 45.53
C VAL E 215 -29.46 -4.01 44.37
N ALA E 216 -30.54 -3.71 43.67
CA ALA E 216 -30.88 -4.41 42.43
C ALA E 216 -30.56 -3.51 41.25
N ILE E 217 -30.02 -4.10 40.20
CA ILE E 217 -29.61 -3.37 39.00
C ILE E 217 -30.35 -4.00 37.84
N LEU E 218 -31.35 -3.30 37.31
CA LEU E 218 -31.99 -3.74 36.08
C LEU E 218 -31.11 -3.39 34.89
N VAL E 219 -30.91 -4.37 34.01
CA VAL E 219 -30.14 -4.18 32.80
C VAL E 219 -30.97 -4.63 31.62
N ASP E 220 -31.03 -3.80 30.58
CA ASP E 220 -31.80 -4.12 29.38
C ASP E 220 -31.17 -3.40 28.21
N ASP E 221 -31.58 -3.79 27.00
CA ASP E 221 -31.01 -3.19 25.81
C ASP E 221 -31.58 -1.80 25.53
N MET E 222 -32.83 -1.55 25.90
CA MET E 222 -33.43 -0.26 25.60
C MET E 222 -34.61 -0.01 26.52
N ALA E 223 -34.93 1.28 26.69
CA ALA E 223 -36.11 1.72 27.41
C ALA E 223 -36.87 2.67 26.51
N ASP E 224 -38.01 2.21 25.98
CA ASP E 224 -38.77 3.04 25.04
C ASP E 224 -39.86 3.83 25.75
N THR E 225 -40.88 3.14 26.25
CA THR E 225 -41.93 3.76 27.04
C THR E 225 -41.70 3.58 28.52
N CYS E 226 -40.67 2.82 28.90
CA CYS E 226 -40.29 2.50 30.27
C CYS E 226 -41.37 1.72 31.00
N GLY E 227 -42.35 1.18 30.29
CA GLY E 227 -43.27 0.26 30.92
C GLY E 227 -42.58 -0.99 31.44
N THR E 228 -41.59 -1.48 30.71
CA THR E 228 -40.88 -2.69 31.12
C THR E 228 -40.10 -2.49 32.41
N ILE E 229 -39.30 -1.42 32.51
CA ILE E 229 -38.47 -1.25 33.69
C ILE E 229 -39.27 -0.73 34.88
N CYS E 230 -40.34 0.04 34.65
CA CYS E 230 -41.11 0.54 35.79
C CYS E 230 -41.85 -0.58 36.49
N HIS E 231 -42.43 -1.51 35.73
CA HIS E 231 -43.08 -2.67 36.32
C HIS E 231 -42.08 -3.53 37.09
N ALA E 232 -40.91 -3.77 36.49
CA ALA E 232 -39.88 -4.56 37.16
C ALA E 232 -39.42 -3.87 38.44
N ALA E 233 -39.26 -2.55 38.41
CA ALA E 233 -38.84 -1.82 39.60
C ALA E 233 -39.90 -1.87 40.68
N ASP E 234 -41.18 -1.78 40.30
CA ASP E 234 -42.24 -1.92 41.28
C ASP E 234 -42.14 -3.27 41.97
N LYS E 235 -41.98 -4.34 41.20
CA LYS E 235 -41.79 -5.65 41.78
C LYS E 235 -40.61 -5.68 42.74
N LEU E 236 -39.46 -5.15 42.29
CA LEU E 236 -38.25 -5.22 43.12
C LEU E 236 -38.45 -4.47 44.43
N LEU E 237 -39.07 -3.30 44.37
CA LEU E 237 -39.33 -2.55 45.60
C LEU E 237 -40.33 -3.28 46.49
N SER E 238 -41.21 -4.09 45.91
CA SER E 238 -42.09 -4.92 46.74
C SER E 238 -41.29 -5.88 47.60
N ALA E 239 -40.16 -6.37 47.07
CA ALA E 239 -39.36 -7.38 47.75
C ALA E 239 -38.19 -6.80 48.51
N GLY E 240 -38.26 -5.53 48.90
CA GLY E 240 -37.37 -4.98 49.91
C GLY E 240 -36.01 -4.52 49.45
N ALA E 241 -35.78 -4.37 48.15
CA ALA E 241 -34.49 -3.87 47.69
C ALA E 241 -34.28 -2.44 48.16
N THR E 242 -33.09 -2.19 48.72
CA THR E 242 -32.80 -0.87 49.29
C THR E 242 -32.83 0.21 48.21
N ARG E 243 -32.19 -0.06 47.08
CA ARG E 243 -32.23 0.82 45.93
C ARG E 243 -32.38 -0.01 44.67
N VAL E 244 -32.94 0.60 43.63
CA VAL E 244 -33.09 -0.04 42.33
C VAL E 244 -32.47 0.89 41.29
N TYR E 245 -31.62 0.33 40.45
CA TYR E 245 -31.05 1.05 39.32
C TYR E 245 -31.54 0.43 38.02
N ALA E 246 -31.60 1.24 36.98
CA ALA E 246 -31.84 0.75 35.64
C ALA E 246 -30.69 1.19 34.77
N ILE E 247 -30.14 0.27 33.98
CA ILE E 247 -29.06 0.59 33.06
C ILE E 247 -29.43 0.06 31.69
N LEU E 248 -29.36 0.92 30.69
CA LEU E 248 -29.76 0.60 29.32
C LEU E 248 -28.78 1.20 28.32
N THR E 249 -28.52 0.47 27.24
CA THR E 249 -27.71 1.08 26.21
C THR E 249 -28.48 2.13 25.41
N HIS E 250 -29.73 1.86 25.04
CA HIS E 250 -30.49 2.79 24.20
C HIS E 250 -31.59 3.46 25.02
N GLY E 251 -31.45 4.75 25.25
CA GLY E 251 -32.45 5.54 25.94
C GLY E 251 -33.45 6.23 25.03
N ILE E 252 -34.40 5.48 24.47
CA ILE E 252 -35.33 6.08 23.52
C ILE E 252 -36.28 7.05 24.22
N PHE E 253 -36.89 6.61 25.32
CA PHE E 253 -37.71 7.46 26.19
C PHE E 253 -38.82 8.19 25.44
N SER E 254 -39.59 7.44 24.66
CA SER E 254 -40.69 8.05 23.94
C SER E 254 -41.98 7.98 24.76
N GLY E 255 -42.98 8.74 24.33
CA GLY E 255 -44.29 8.72 24.95
C GLY E 255 -44.29 9.18 26.39
N PRO E 256 -44.84 8.36 27.27
CA PRO E 256 -44.96 8.76 28.68
C PRO E 256 -43.73 8.41 29.52
N ALA E 257 -42.60 8.13 28.86
CA ALA E 257 -41.46 7.55 29.57
C ALA E 257 -40.93 8.47 30.66
N ILE E 258 -40.80 9.77 30.36
CA ILE E 258 -40.19 10.69 31.32
C ILE E 258 -41.06 10.81 32.58
N SER E 259 -42.38 10.89 32.41
CA SER E 259 -43.26 10.96 33.57
C SER E 259 -43.21 9.68 34.40
N ARG E 260 -43.18 8.51 33.74
CA ARG E 260 -43.10 7.26 34.48
C ARG E 260 -41.80 7.17 35.27
N ILE E 261 -40.68 7.56 34.64
CA ILE E 261 -39.41 7.55 35.35
C ILE E 261 -39.44 8.51 36.53
N ASN E 262 -40.04 9.68 36.34
CA ASN E 262 -40.11 10.65 37.42
C ASN E 262 -40.93 10.13 38.59
N ASN E 263 -41.99 9.38 38.30
CA ASN E 263 -42.83 8.83 39.35
C ASN E 263 -42.38 7.47 39.86
N ALA E 264 -41.31 6.92 39.31
CA ALA E 264 -40.84 5.61 39.73
C ALA E 264 -39.78 5.76 40.82
N CYS E 265 -39.38 4.64 41.41
CA CYS E 265 -38.50 4.63 42.56
C CYS E 265 -37.03 4.44 42.18
N PHE E 266 -36.69 4.59 40.90
CA PHE E 266 -35.31 4.39 40.49
C PHE E 266 -34.36 5.35 41.20
N GLU E 267 -33.28 4.80 41.74
CA GLU E 267 -32.18 5.65 42.18
C GLU E 267 -31.53 6.34 40.99
N ALA E 268 -31.39 5.62 39.88
CA ALA E 268 -30.80 6.18 38.67
C ALA E 268 -31.25 5.38 37.47
N VAL E 269 -31.43 6.08 36.36
CA VAL E 269 -31.67 5.46 35.06
C VAL E 269 -30.48 5.87 34.20
N VAL E 270 -29.58 4.94 33.96
CA VAL E 270 -28.36 5.19 33.22
C VAL E 270 -28.56 4.69 31.79
N VAL E 271 -28.21 5.52 30.82
CA VAL E 271 -28.27 5.14 29.42
C VAL E 271 -26.95 5.48 28.75
N THR E 272 -26.66 4.79 27.67
CA THR E 272 -25.53 5.27 26.85
C THR E 272 -25.97 6.44 25.98
N ASN E 273 -25.00 7.11 25.36
CA ASN E 273 -25.32 8.15 24.40
C ASN E 273 -25.34 7.63 22.97
N THR E 274 -25.97 6.49 22.73
CA THR E 274 -26.26 6.09 21.36
C THR E 274 -27.37 6.95 20.77
N ILE E 275 -28.14 7.60 21.62
CA ILE E 275 -29.23 8.50 21.26
C ILE E 275 -28.99 9.78 22.04
N PRO E 276 -29.19 10.96 21.46
CA PRO E 276 -28.99 12.20 22.23
C PRO E 276 -29.95 12.26 23.41
N GLN E 277 -29.44 12.71 24.55
CA GLN E 277 -30.19 12.64 25.80
C GLN E 277 -30.39 13.99 26.50
N GLU E 278 -29.84 15.08 25.96
CA GLU E 278 -29.87 16.36 26.67
C GLU E 278 -31.29 16.83 26.93
N ASP E 279 -32.15 16.75 25.92
CA ASP E 279 -33.53 17.19 26.08
C ASP E 279 -34.27 16.36 27.13
N LYS E 280 -34.09 15.04 27.11
CA LYS E 280 -34.69 14.19 28.12
C LYS E 280 -34.09 14.44 29.49
N MET E 281 -32.78 14.71 29.54
CA MET E 281 -32.14 14.96 30.82
C MET E 281 -32.63 16.26 31.44
N LYS E 282 -33.08 17.22 30.63
CA LYS E 282 -33.62 18.45 31.18
C LYS E 282 -34.86 18.19 32.02
N HIS E 283 -35.72 17.28 31.57
CA HIS E 283 -36.99 17.00 32.22
C HIS E 283 -36.93 15.86 33.22
N CYS E 284 -35.79 15.19 33.38
CA CYS E 284 -35.69 14.05 34.26
C CYS E 284 -34.33 14.08 34.95
N SER E 285 -34.33 14.27 36.27
CA SER E 285 -33.08 14.47 36.99
C SER E 285 -32.32 13.17 37.19
N LYS E 286 -33.00 12.03 37.17
CA LYS E 286 -32.33 10.77 37.49
C LYS E 286 -31.74 10.06 36.27
N ILE E 287 -31.77 10.68 35.09
CA ILE E 287 -31.12 10.10 33.92
C ILE E 287 -29.65 10.49 33.90
N GLN E 288 -28.77 9.49 33.82
CA GLN E 288 -27.35 9.72 33.62
C GLN E 288 -26.88 9.00 32.36
N VAL E 289 -25.86 9.56 31.72
CA VAL E 289 -25.42 9.10 30.41
C VAL E 289 -24.01 8.53 30.53
N ILE E 290 -23.80 7.36 29.93
CA ILE E 290 -22.48 6.79 29.73
C ILE E 290 -22.04 7.11 28.32
N ASP E 291 -20.87 7.72 28.18
CA ASP E 291 -20.35 8.01 26.86
C ASP E 291 -19.79 6.72 26.27
N ILE E 292 -20.28 6.34 25.09
CA ILE E 292 -19.72 5.20 24.38
C ILE E 292 -18.99 5.62 23.12
N SER E 293 -18.67 6.91 22.99
CA SER E 293 -17.98 7.37 21.80
C SER E 293 -16.59 6.75 21.69
N MET E 294 -15.95 6.41 22.80
CA MET E 294 -14.63 5.77 22.69
C MET E 294 -14.75 4.40 22.06
N ILE E 295 -15.81 3.66 22.39
CA ILE E 295 -16.00 2.32 21.82
C ILE E 295 -16.24 2.42 20.32
N LEU E 296 -17.12 3.33 19.90
CA LEU E 296 -17.39 3.51 18.48
C LEU E 296 -16.16 4.00 17.73
N ALA E 297 -15.42 4.95 18.31
CA ALA E 297 -14.20 5.43 17.68
C ALA E 297 -13.18 4.32 17.53
N GLU E 298 -13.01 3.50 18.57
CA GLU E 298 -12.08 2.38 18.48
C GLU E 298 -12.52 1.37 17.45
N ALA E 299 -13.83 1.11 17.35
CA ALA E 299 -14.30 0.19 16.34
C ALA E 299 -14.01 0.71 14.93
N ILE E 300 -14.25 2.00 14.72
CA ILE E 300 -13.96 2.60 13.41
C ILE E 300 -12.48 2.49 13.10
N ARG E 301 -11.64 2.85 14.07
CA ARG E 301 -10.21 2.83 13.88
C ARG E 301 -9.69 1.42 13.62
N ARG E 302 -10.22 0.44 14.33
CA ARG E 302 -9.77 -0.94 14.17
C ARG E 302 -10.25 -1.54 12.85
N THR E 303 -11.49 -1.26 12.44
CA THR E 303 -11.92 -1.73 11.12
C THR E 303 -11.07 -1.10 10.03
N HIS E 304 -10.74 0.19 10.17
CA HIS E 304 -9.90 0.84 9.17
C HIS E 304 -8.51 0.22 9.12
N ASN E 305 -7.93 -0.08 10.27
CA ASN E 305 -6.55 -0.57 10.32
C ASN E 305 -6.43 -2.08 10.19
N GLY E 306 -7.54 -2.81 10.05
CA GLY E 306 -7.45 -4.24 10.03
C GLY E 306 -7.10 -4.88 11.36
N GLU E 307 -7.41 -4.21 12.46
CA GLU E 307 -7.17 -4.69 13.80
C GLU E 307 -8.41 -5.39 14.34
N SER E 308 -8.24 -6.19 15.38
CA SER E 308 -9.33 -6.96 15.93
C SER E 308 -10.39 -6.05 16.56
N VAL E 309 -11.62 -6.18 16.11
CA VAL E 309 -12.73 -5.44 16.71
C VAL E 309 -13.28 -6.18 17.94
N SER E 310 -13.29 -7.52 17.88
CA SER E 310 -13.84 -8.30 18.99
C SER E 310 -13.06 -8.09 20.29
N TYR E 311 -11.84 -7.58 20.20
CA TYR E 311 -11.08 -7.21 21.39
C TYR E 311 -11.84 -6.19 22.23
N LEU E 312 -12.66 -5.35 21.60
CA LEU E 312 -13.48 -4.39 22.31
C LEU E 312 -14.63 -5.02 23.07
N PHE E 313 -15.00 -6.26 22.77
CA PHE E 313 -16.11 -6.87 23.48
C PHE E 313 -15.83 -7.01 24.97
N SER E 314 -14.56 -7.03 25.36
CA SER E 314 -14.19 -7.24 26.75
C SER E 314 -13.25 -6.18 27.32
N HIS E 315 -12.87 -5.16 26.55
CA HIS E 315 -11.88 -4.19 26.99
C HIS E 315 -12.40 -2.77 26.77
N VAL E 316 -12.32 -1.95 27.81
CA VAL E 316 -12.60 -0.52 27.71
C VAL E 316 -11.35 0.17 27.17
N PRO E 317 -11.42 0.86 26.03
CA PRO E 317 -10.24 1.55 25.50
C PRO E 317 -9.91 2.83 26.24
N PRO F 2 -51.40 -25.65 -13.12
CA PRO F 2 -50.36 -26.41 -12.44
C PRO F 2 -50.92 -27.34 -11.38
N ASN F 3 -50.43 -28.57 -11.36
CA ASN F 3 -50.82 -29.57 -10.39
C ASN F 3 -49.76 -29.70 -9.31
N ILE F 4 -50.18 -30.20 -8.16
CA ILE F 4 -49.25 -30.50 -7.07
C ILE F 4 -48.45 -31.74 -7.42
N LYS F 5 -47.14 -31.65 -7.30
CA LYS F 5 -46.26 -32.80 -7.34
C LYS F 5 -45.47 -32.84 -6.04
N ILE F 6 -45.55 -33.95 -5.32
CA ILE F 6 -44.82 -34.15 -4.08
C ILE F 6 -43.66 -35.09 -4.35
N PHE F 7 -42.46 -34.65 -4.03
CA PHE F 7 -41.27 -35.48 -4.11
C PHE F 7 -40.69 -35.65 -2.72
N SER F 8 -40.22 -36.85 -2.44
CA SER F 8 -39.59 -37.16 -1.17
C SER F 8 -38.07 -37.22 -1.35
N GLY F 9 -37.36 -36.55 -0.46
CA GLY F 9 -35.97 -36.87 -0.28
C GLY F 9 -35.80 -38.18 0.48
N SER F 10 -34.56 -38.56 0.71
CA SER F 10 -34.31 -39.81 1.40
C SER F 10 -34.42 -39.71 2.91
N SER F 11 -34.50 -38.51 3.48
CA SER F 11 -34.44 -38.36 4.93
C SER F 11 -35.67 -38.97 5.61
N HIS F 12 -36.87 -38.60 5.16
CA HIS F 12 -38.10 -38.99 5.86
C HIS F 12 -39.12 -39.45 4.81
N GLN F 13 -39.01 -40.71 4.41
CA GLN F 13 -39.90 -41.25 3.38
C GLN F 13 -41.31 -41.47 3.90
N ASP F 14 -41.43 -41.93 5.14
CA ASP F 14 -42.73 -42.24 5.70
C ASP F 14 -43.57 -40.98 5.85
N LEU F 15 -42.95 -39.88 6.29
CA LEU F 15 -43.67 -38.62 6.39
C LEU F 15 -44.16 -38.14 5.03
N SER F 16 -43.30 -38.24 4.01
CA SER F 16 -43.70 -37.82 2.67
C SER F 16 -44.85 -38.66 2.16
N GLN F 17 -44.82 -39.97 2.42
CA GLN F 17 -45.92 -40.83 2.01
C GLN F 17 -47.21 -40.45 2.71
N LYS F 18 -47.14 -40.17 4.02
CA LYS F 18 -48.34 -39.75 4.75
C LYS F 18 -48.91 -38.47 4.18
N ILE F 19 -48.04 -37.50 3.88
CA ILE F 19 -48.48 -36.25 3.28
C ILE F 19 -49.15 -36.52 1.94
N ALA F 20 -48.54 -37.37 1.12
CA ALA F 20 -49.08 -37.66 -0.20
C ALA F 20 -50.44 -38.35 -0.11
N ASP F 21 -50.60 -39.29 0.82
CA ASP F 21 -51.89 -39.93 1.02
C ASP F 21 -52.95 -38.91 1.44
N ARG F 22 -52.60 -37.99 2.34
CA ARG F 22 -53.59 -37.01 2.76
C ARG F 22 -54.00 -36.09 1.62
N LEU F 23 -53.13 -35.88 0.63
CA LEU F 23 -53.47 -35.07 -0.52
C LEU F 23 -54.11 -35.87 -1.65
N GLY F 24 -54.26 -37.18 -1.50
CA GLY F 24 -54.75 -38.00 -2.59
C GLY F 24 -53.84 -38.06 -3.78
N LEU F 25 -52.54 -38.15 -3.55
CA LEU F 25 -51.54 -38.15 -4.61
C LEU F 25 -50.55 -39.28 -4.40
N GLU F 26 -49.91 -39.69 -5.49
CA GLU F 26 -48.75 -40.56 -5.40
C GLU F 26 -47.49 -39.70 -5.35
N LEU F 27 -46.48 -40.21 -4.67
CA LEU F 27 -45.19 -39.55 -4.65
C LEU F 27 -44.59 -39.52 -6.04
N GLY F 28 -44.02 -38.38 -6.42
CA GLY F 28 -43.39 -38.27 -7.72
C GLY F 28 -42.22 -39.22 -7.87
N LYS F 29 -42.04 -39.70 -9.09
CA LYS F 29 -40.94 -40.61 -9.37
C LYS F 29 -39.61 -39.85 -9.34
N VAL F 30 -38.74 -40.25 -8.43
CA VAL F 30 -37.41 -39.66 -8.34
C VAL F 30 -36.45 -40.74 -7.86
N VAL F 31 -35.28 -40.77 -8.46
CA VAL F 31 -34.17 -41.61 -8.03
C VAL F 31 -33.23 -40.73 -7.23
N THR F 32 -33.05 -41.05 -5.95
CA THR F 32 -32.16 -40.30 -5.07
C THR F 32 -31.21 -41.30 -4.43
N LYS F 33 -29.99 -41.39 -4.95
CA LYS F 33 -29.01 -42.34 -4.45
C LYS F 33 -27.62 -41.73 -4.43
N LYS F 34 -26.58 -42.54 -4.31
CA LYS F 34 -25.22 -42.04 -4.29
C LYS F 34 -24.39 -42.72 -5.36
N PHE F 35 -23.58 -41.94 -6.05
CA PHE F 35 -22.55 -42.50 -6.92
C PHE F 35 -21.53 -43.24 -6.06
N SER F 36 -20.61 -43.94 -6.74
CA SER F 36 -19.62 -44.72 -6.03
C SER F 36 -18.77 -43.87 -5.10
N ASN F 37 -18.39 -42.67 -5.54
CA ASN F 37 -17.60 -41.77 -4.72
C ASN F 37 -18.44 -40.96 -3.72
N GLN F 38 -19.70 -41.36 -3.50
CA GLN F 38 -20.58 -40.80 -2.48
C GLN F 38 -21.13 -39.42 -2.83
N GLU F 39 -21.05 -39.02 -4.09
CA GLU F 39 -21.72 -37.80 -4.52
C GLU F 39 -23.20 -38.11 -4.73
N THR F 40 -24.06 -37.17 -4.38
CA THR F 40 -25.49 -37.36 -4.53
C THR F 40 -25.88 -37.47 -5.99
N CYS F 41 -26.68 -38.47 -6.32
CA CYS F 41 -27.22 -38.67 -7.65
C CYS F 41 -28.74 -38.50 -7.59
N VAL F 42 -29.27 -37.61 -8.41
CA VAL F 42 -30.69 -37.31 -8.44
C VAL F 42 -31.17 -37.40 -9.88
N GLU F 43 -32.31 -38.06 -10.08
CA GLU F 43 -32.91 -38.21 -11.40
C GLU F 43 -34.41 -38.05 -11.26
N ILE F 44 -34.97 -37.00 -11.84
CA ILE F 44 -36.42 -36.78 -11.80
C ILE F 44 -37.06 -37.69 -12.85
N GLY F 45 -37.88 -38.63 -12.40
CA GLY F 45 -38.44 -39.65 -13.25
C GLY F 45 -39.69 -39.28 -14.01
N GLU F 46 -40.17 -38.05 -13.87
CA GLU F 46 -41.36 -37.60 -14.58
C GLU F 46 -41.23 -36.10 -14.85
N SER F 47 -41.89 -35.66 -15.91
CA SER F 47 -41.89 -34.25 -16.23
C SER F 47 -42.53 -33.44 -15.12
N VAL F 48 -41.89 -32.35 -14.73
CA VAL F 48 -42.43 -31.42 -13.76
C VAL F 48 -42.71 -30.07 -14.42
N ARG F 49 -42.66 -30.02 -15.75
CA ARG F 49 -42.80 -28.78 -16.48
C ARG F 49 -44.15 -28.15 -16.19
N GLY F 50 -44.13 -26.92 -15.69
CA GLY F 50 -45.36 -26.22 -15.39
C GLY F 50 -46.09 -26.67 -14.14
N GLU F 51 -45.48 -27.52 -13.32
CA GLU F 51 -46.15 -28.04 -12.14
C GLU F 51 -45.69 -27.31 -10.88
N ASP F 52 -46.48 -27.47 -9.83
CA ASP F 52 -46.20 -26.89 -8.51
C ASP F 52 -45.54 -27.98 -7.67
N VAL F 53 -44.22 -27.90 -7.52
CA VAL F 53 -43.42 -28.99 -6.97
C VAL F 53 -43.16 -28.73 -5.49
N TYR F 54 -43.39 -29.75 -4.67
CA TYR F 54 -43.07 -29.70 -3.25
C TYR F 54 -42.09 -30.83 -2.95
N ILE F 55 -40.96 -30.49 -2.36
CA ILE F 55 -39.93 -31.45 -2.03
C ILE F 55 -39.84 -31.55 -0.51
N VAL F 56 -40.06 -32.74 0.02
CA VAL F 56 -40.11 -32.97 1.45
C VAL F 56 -38.77 -33.54 1.90
N GLN F 57 -38.08 -32.82 2.78
CA GLN F 57 -36.80 -33.26 3.30
C GLN F 57 -36.59 -32.59 4.65
N SER F 58 -36.40 -33.37 5.69
CA SER F 58 -36.14 -32.84 7.01
C SER F 58 -34.64 -32.78 7.30
N GLY F 59 -34.27 -31.82 8.12
CA GLY F 59 -32.89 -31.67 8.55
C GLY F 59 -32.56 -32.62 9.69
N CYS F 60 -32.40 -33.90 9.35
CA CYS F 60 -32.16 -34.94 10.33
C CYS F 60 -31.26 -36.00 9.72
N GLY F 61 -30.89 -36.98 10.52
CA GLY F 61 -30.01 -38.03 10.05
C GLY F 61 -28.67 -37.48 9.63
N GLU F 62 -28.19 -37.92 8.47
CA GLU F 62 -26.96 -37.40 7.87
C GLU F 62 -27.30 -36.05 7.27
N ILE F 63 -27.15 -35.02 8.09
CA ILE F 63 -27.75 -33.73 7.78
C ILE F 63 -27.15 -33.13 6.53
N ASN F 64 -25.83 -33.21 6.38
CA ASN F 64 -25.19 -32.59 5.22
C ASN F 64 -25.56 -33.31 3.93
N ASP F 65 -25.65 -34.64 3.98
CA ASP F 65 -26.10 -35.39 2.80
C ASP F 65 -27.53 -35.02 2.44
N ASN F 66 -28.41 -34.92 3.44
CA ASN F 66 -29.81 -34.63 3.17
C ASN F 66 -29.99 -33.21 2.65
N LEU F 67 -29.26 -32.26 3.21
CA LEU F 67 -29.31 -30.89 2.72
C LEU F 67 -28.81 -30.81 1.28
N MET F 68 -27.69 -31.46 1.00
CA MET F 68 -27.19 -31.46 -0.41
C MET F 68 -28.25 -32.07 -1.32
N GLU F 69 -28.84 -33.20 -0.91
CA GLU F 69 -29.85 -33.85 -1.73
C GLU F 69 -31.01 -32.92 -2.02
N LEU F 70 -31.46 -32.20 -0.99
CA LEU F 70 -32.56 -31.25 -1.16
C LEU F 70 -32.18 -30.17 -2.15
N LEU F 71 -30.99 -29.60 -2.02
CA LEU F 71 -30.58 -28.54 -2.94
C LEU F 71 -30.47 -29.06 -4.36
N ILE F 72 -29.91 -30.25 -4.53
CA ILE F 72 -29.78 -30.82 -5.87
C ILE F 72 -31.15 -31.10 -6.48
N MET F 73 -32.10 -31.61 -5.68
CA MET F 73 -33.45 -31.84 -6.18
C MET F 73 -34.12 -30.53 -6.58
N ILE F 74 -33.98 -29.50 -5.77
CA ILE F 74 -34.55 -28.19 -6.11
C ILE F 74 -33.97 -27.71 -7.43
N ASN F 75 -32.65 -27.82 -7.58
CA ASN F 75 -32.01 -27.37 -8.82
C ASN F 75 -32.52 -28.17 -10.02
N ALA F 76 -32.65 -29.49 -9.88
CA ALA F 76 -33.14 -30.32 -10.97
C ALA F 76 -34.56 -29.92 -11.36
N CYS F 77 -35.42 -29.67 -10.37
CA CYS F 77 -36.79 -29.27 -10.69
C CYS F 77 -36.86 -27.89 -11.30
N LYS F 78 -36.00 -26.97 -10.84
CA LYS F 78 -36.01 -25.62 -11.36
C LYS F 78 -35.56 -25.59 -12.82
N ILE F 79 -34.47 -26.28 -13.16
CA ILE F 79 -34.05 -26.27 -14.56
C ILE F 79 -34.87 -27.19 -15.43
N ALA F 80 -35.76 -27.99 -14.84
CA ALA F 80 -36.74 -28.75 -15.59
C ALA F 80 -38.04 -27.97 -15.79
N SER F 81 -38.04 -26.67 -15.51
CA SER F 81 -39.14 -25.76 -15.84
C SER F 81 -40.38 -26.02 -14.99
N ALA F 82 -40.19 -26.41 -13.74
CA ALA F 82 -41.29 -26.40 -12.79
C ALA F 82 -41.79 -24.96 -12.64
N SER F 83 -43.11 -24.79 -12.53
CA SER F 83 -43.65 -23.45 -12.39
C SER F 83 -43.27 -22.85 -11.03
N ARG F 84 -43.22 -23.69 -10.00
CA ARG F 84 -42.88 -23.23 -8.67
C ARG F 84 -42.28 -24.40 -7.90
N VAL F 85 -41.25 -24.13 -7.10
CA VAL F 85 -40.61 -25.14 -6.29
C VAL F 85 -40.66 -24.71 -4.83
N THR F 86 -41.18 -25.58 -3.98
CA THR F 86 -41.30 -25.32 -2.56
C THR F 86 -40.55 -26.38 -1.79
N ALA F 87 -39.66 -25.95 -0.90
CA ALA F 87 -38.96 -26.85 0.00
C ALA F 87 -39.80 -27.03 1.25
N VAL F 88 -40.24 -28.24 1.51
CA VAL F 88 -40.97 -28.57 2.72
C VAL F 88 -39.95 -29.17 3.68
N ILE F 89 -39.50 -28.37 4.64
CA ILE F 89 -38.40 -28.77 5.52
C ILE F 89 -38.94 -28.80 6.95
N PRO F 90 -39.50 -29.93 7.39
CA PRO F 90 -40.14 -29.95 8.73
C PRO F 90 -39.21 -29.54 9.86
N CYS F 91 -37.96 -30.00 9.85
CA CYS F 91 -36.96 -29.57 10.82
C CYS F 91 -35.84 -28.88 10.08
N PHE F 92 -35.70 -27.57 10.28
CA PHE F 92 -34.78 -26.77 9.49
C PHE F 92 -33.34 -27.02 9.94
N PRO F 93 -32.46 -27.46 9.06
CA PRO F 93 -31.07 -27.72 9.47
C PRO F 93 -30.30 -26.45 9.76
N TYR F 94 -29.39 -26.55 10.72
CA TYR F 94 -28.53 -25.46 11.18
C TYR F 94 -29.32 -24.31 11.80
N ALA F 95 -30.54 -24.58 12.26
CA ALA F 95 -31.37 -23.52 12.84
C ALA F 95 -30.78 -22.97 14.13
N ARG F 96 -30.04 -23.80 14.88
CA ARG F 96 -29.46 -23.32 16.12
C ARG F 96 -28.24 -22.44 15.92
N GLN F 97 -27.68 -22.39 14.72
CA GLN F 97 -26.61 -21.44 14.40
C GLN F 97 -27.19 -20.23 13.68
N ASP F 98 -28.00 -19.48 14.41
CA ASP F 98 -28.74 -18.34 13.88
C ASP F 98 -28.11 -17.00 14.24
N LYS F 99 -26.96 -17.01 14.90
CA LYS F 99 -26.27 -15.79 15.31
C LYS F 99 -24.85 -16.15 15.68
N LYS F 100 -24.00 -15.11 15.77
CA LYS F 100 -22.61 -15.22 16.19
C LYS F 100 -22.44 -14.99 17.69
N ASP F 101 -22.90 -13.84 18.15
CA ASP F 101 -23.09 -13.35 19.52
C ASP F 101 -21.87 -12.94 20.34
N LYS F 102 -20.69 -13.55 20.15
CA LYS F 102 -19.42 -12.92 20.50
C LYS F 102 -18.27 -13.62 19.80
N SER F 103 -18.57 -14.63 18.99
CA SER F 103 -17.54 -15.55 18.53
C SER F 103 -17.35 -15.42 17.03
N ARG F 104 -16.16 -15.76 16.57
CA ARG F 104 -15.82 -15.71 15.15
C ARG F 104 -16.36 -16.97 14.48
N ALA F 105 -17.68 -17.00 14.35
CA ALA F 105 -18.43 -18.17 13.94
C ALA F 105 -19.28 -17.86 12.72
N PRO F 106 -19.66 -18.86 11.95
CA PRO F 106 -20.61 -18.64 10.86
C PRO F 106 -22.01 -18.44 11.40
N ILE F 107 -22.84 -17.77 10.61
CA ILE F 107 -24.28 -17.82 10.79
C ILE F 107 -24.77 -18.86 9.79
N SER F 108 -24.72 -20.13 10.20
CA SER F 108 -24.96 -21.22 9.27
C SER F 108 -26.39 -21.24 8.75
N ALA F 109 -27.35 -20.85 9.58
CA ALA F 109 -28.74 -20.81 9.13
C ALA F 109 -28.91 -19.84 7.97
N LYS F 110 -28.24 -18.68 8.02
CA LYS F 110 -28.30 -17.74 6.91
C LYS F 110 -27.66 -18.33 5.66
N LEU F 111 -26.55 -19.05 5.83
CA LEU F 111 -25.93 -19.71 4.69
C LEU F 111 -26.88 -20.72 4.06
N VAL F 112 -27.57 -21.50 4.90
CA VAL F 112 -28.53 -22.48 4.38
C VAL F 112 -29.66 -21.78 3.64
N ALA F 113 -30.16 -20.67 4.18
CA ALA F 113 -31.19 -19.92 3.49
C ALA F 113 -30.69 -19.42 2.13
N ASN F 114 -29.48 -18.89 2.09
CA ASN F 114 -28.90 -18.43 0.83
C ASN F 114 -28.77 -19.57 -0.17
N MET F 115 -28.34 -20.74 0.30
CA MET F 115 -28.18 -21.88 -0.58
C MET F 115 -29.52 -22.35 -1.13
N LEU F 116 -30.55 -22.40 -0.28
CA LEU F 116 -31.88 -22.76 -0.75
C LEU F 116 -32.39 -21.77 -1.78
N SER F 117 -32.15 -20.48 -1.55
CA SER F 117 -32.57 -19.47 -2.52
C SER F 117 -31.85 -19.62 -3.85
N VAL F 118 -30.53 -19.77 -3.82
CA VAL F 118 -29.77 -19.86 -5.07
C VAL F 118 -30.04 -21.17 -5.79
N ALA F 119 -30.43 -22.22 -5.06
CA ALA F 119 -30.82 -23.46 -5.72
C ALA F 119 -32.11 -23.29 -6.52
N GLY F 120 -32.96 -22.35 -6.14
CA GLY F 120 -34.15 -22.04 -6.89
C GLY F 120 -35.46 -22.17 -6.14
N ALA F 121 -35.41 -22.36 -4.83
CA ALA F 121 -36.64 -22.47 -4.06
C ALA F 121 -37.42 -21.16 -4.10
N ASP F 122 -38.69 -21.23 -4.43
CA ASP F 122 -39.56 -20.07 -4.43
C ASP F 122 -40.31 -19.89 -3.12
N HIS F 123 -40.27 -20.88 -2.25
CA HIS F 123 -41.14 -20.92 -1.07
C HIS F 123 -40.62 -21.98 -0.12
N ILE F 124 -40.71 -21.70 1.18
CA ILE F 124 -40.28 -22.61 2.22
C ILE F 124 -41.46 -22.88 3.14
N ILE F 125 -41.68 -24.15 3.46
CA ILE F 125 -42.62 -24.54 4.51
C ILE F 125 -41.82 -25.30 5.56
N THR F 126 -41.93 -24.86 6.80
CA THR F 126 -41.18 -25.46 7.89
C THR F 126 -42.04 -25.45 9.14
N MET F 127 -41.58 -26.14 10.18
CA MET F 127 -42.35 -26.25 11.41
C MET F 127 -41.48 -25.89 12.61
N ASP F 128 -41.97 -24.98 13.45
CA ASP F 128 -41.35 -24.57 14.70
C ASP F 128 -39.85 -24.31 14.53
N LEU F 129 -39.58 -23.27 13.75
CA LEU F 129 -38.21 -22.79 13.62
C LEU F 129 -37.64 -22.47 15.00
N HIS F 130 -36.38 -22.84 15.21
CA HIS F 130 -35.73 -22.58 16.49
C HIS F 130 -35.80 -21.09 16.84
N ALA F 131 -35.60 -20.22 15.88
CA ALA F 131 -35.79 -18.79 16.06
C ALA F 131 -36.57 -18.27 14.87
N SER F 132 -37.70 -17.62 15.15
CA SER F 132 -38.53 -17.15 14.05
C SER F 132 -37.88 -16.02 13.26
N GLN F 133 -36.82 -15.40 13.80
CA GLN F 133 -36.01 -14.48 13.01
C GLN F 133 -35.42 -15.14 11.78
N ILE F 134 -35.32 -16.47 11.77
CA ILE F 134 -34.83 -17.18 10.60
C ILE F 134 -35.70 -16.88 9.39
N GLN F 135 -36.97 -16.54 9.59
CA GLN F 135 -37.83 -16.16 8.47
C GLN F 135 -37.24 -14.96 7.73
N GLY F 136 -36.60 -14.05 8.45
CA GLY F 136 -35.94 -12.91 7.86
C GLY F 136 -34.62 -13.22 7.17
N PHE F 137 -34.11 -14.44 7.32
CA PHE F 137 -32.93 -14.84 6.56
C PHE F 137 -33.23 -15.07 5.09
N PHE F 138 -34.51 -15.15 4.72
CA PHE F 138 -34.94 -15.42 3.36
C PHE F 138 -35.49 -14.14 2.73
N ASP F 139 -35.41 -14.08 1.39
CA ASP F 139 -36.19 -13.10 0.65
C ASP F 139 -37.44 -13.69 0.02
N ILE F 140 -37.56 -15.01 -0.02
CA ILE F 140 -38.77 -15.69 -0.49
C ILE F 140 -39.71 -15.89 0.69
N PRO F 141 -41.01 -16.10 0.48
CA PRO F 141 -41.90 -16.35 1.60
C PRO F 141 -41.55 -17.63 2.35
N VAL F 142 -41.74 -17.59 3.66
CA VAL F 142 -41.50 -18.74 4.53
C VAL F 142 -42.72 -18.91 5.42
N ASP F 143 -43.37 -20.07 5.35
CA ASP F 143 -44.48 -20.39 6.22
C ASP F 143 -43.99 -21.25 7.35
N ASN F 144 -43.94 -20.68 8.55
CA ASN F 144 -43.46 -21.36 9.75
C ASN F 144 -44.67 -21.90 10.50
N LEU F 145 -44.96 -23.19 10.32
CA LEU F 145 -46.08 -23.82 10.98
C LEU F 145 -45.76 -24.12 12.44
N TYR F 146 -46.79 -24.34 13.23
CA TYR F 146 -46.66 -24.60 14.66
C TYR F 146 -47.25 -25.97 14.98
N ALA F 147 -46.56 -26.71 15.82
CA ALA F 147 -47.10 -27.97 16.32
C ALA F 147 -48.10 -27.76 17.44
N GLU F 148 -48.27 -26.51 17.90
CA GLU F 148 -49.07 -26.25 19.10
C GLU F 148 -50.50 -26.81 19.05
N PRO F 149 -51.26 -26.69 17.95
CA PRO F 149 -52.60 -27.29 17.96
C PRO F 149 -52.59 -28.79 18.20
N ALA F 150 -51.67 -29.51 17.56
CA ALA F 150 -51.55 -30.94 17.78
C ALA F 150 -51.09 -31.25 19.20
N VAL F 151 -50.20 -30.41 19.75
CA VAL F 151 -49.75 -30.58 21.12
C VAL F 151 -50.91 -30.42 22.10
N LEU F 152 -51.73 -29.38 21.89
CA LEU F 152 -52.89 -29.15 22.76
C LEU F 152 -53.85 -30.32 22.68
N LYS F 153 -54.09 -30.83 21.46
CA LYS F 153 -54.94 -32.00 21.30
C LYS F 153 -54.39 -33.19 22.08
N TRP F 154 -53.08 -33.44 21.97
CA TRP F 154 -52.49 -34.55 22.70
C TRP F 154 -52.64 -34.37 24.21
N ILE F 155 -52.41 -33.16 24.70
CA ILE F 155 -52.51 -32.91 26.13
C ILE F 155 -53.94 -33.19 26.61
N ARG F 156 -54.92 -32.70 25.86
CA ARG F 156 -56.31 -32.89 26.29
C ARG F 156 -56.74 -34.34 26.22
N GLU F 157 -56.22 -35.11 25.26
CA GLU F 157 -56.65 -36.49 25.15
C GLU F 157 -55.77 -37.49 25.90
N ASN F 158 -54.66 -37.07 26.52
CA ASN F 158 -53.77 -38.03 27.14
C ASN F 158 -53.44 -37.77 28.59
N ILE F 159 -53.64 -36.57 29.10
CA ILE F 159 -53.33 -36.24 30.49
C ILE F 159 -54.63 -35.93 31.20
N SER F 160 -55.06 -36.84 32.08
CA SER F 160 -56.37 -36.72 32.70
C SER F 160 -56.49 -35.47 33.57
N GLU F 161 -55.39 -35.02 34.15
CA GLU F 161 -55.40 -33.89 35.07
C GLU F 161 -54.92 -32.60 34.41
N TRP F 162 -55.13 -32.46 33.10
CA TRP F 162 -54.57 -31.34 32.37
C TRP F 162 -55.13 -30.00 32.83
N ARG F 163 -56.34 -29.98 33.37
CA ARG F 163 -56.89 -28.71 33.84
C ARG F 163 -56.16 -28.19 35.06
N ASN F 164 -55.47 -29.06 35.80
CA ASN F 164 -54.70 -28.66 36.96
C ASN F 164 -53.21 -28.67 36.70
N CYS F 165 -52.78 -29.10 35.52
CA CYS F 165 -51.37 -29.26 35.22
C CYS F 165 -50.66 -27.90 35.16
N THR F 166 -49.36 -27.96 34.92
CA THR F 166 -48.53 -26.78 34.77
C THR F 166 -47.67 -26.95 33.52
N ILE F 167 -47.50 -25.88 32.76
CA ILE F 167 -46.69 -25.90 31.54
C ILE F 167 -45.37 -25.24 31.83
N VAL F 168 -44.27 -25.98 31.71
CA VAL F 168 -42.97 -25.52 32.16
C VAL F 168 -42.04 -25.38 30.97
N SER F 169 -41.44 -24.22 30.84
CA SER F 169 -40.36 -23.99 29.88
C SER F 169 -39.05 -24.50 30.46
N PRO F 170 -38.25 -25.24 29.69
CA PRO F 170 -36.97 -25.72 30.24
C PRO F 170 -35.90 -24.65 30.28
N ASP F 171 -35.81 -23.79 29.28
CA ASP F 171 -34.90 -22.67 29.29
C ASP F 171 -35.71 -21.39 29.16
N ALA F 172 -35.14 -20.29 29.67
CA ALA F 172 -35.83 -19.01 29.61
C ALA F 172 -36.13 -18.60 28.17
N GLY F 173 -35.37 -19.09 27.20
CA GLY F 173 -35.49 -18.59 25.84
C GLY F 173 -36.85 -18.86 25.22
N GLY F 174 -37.35 -20.08 25.37
CA GLY F 174 -38.58 -20.47 24.72
C GLY F 174 -39.86 -20.36 25.53
N ALA F 175 -39.86 -19.57 26.60
CA ALA F 175 -41.03 -19.51 27.48
C ALA F 175 -42.24 -18.91 26.77
N LYS F 176 -42.02 -18.26 25.62
CA LYS F 176 -43.13 -17.74 24.83
C LYS F 176 -44.07 -18.87 24.39
N ARG F 177 -43.48 -19.98 23.92
CA ARG F 177 -44.26 -21.14 23.53
C ARG F 177 -45.13 -21.62 24.69
N VAL F 178 -44.54 -21.73 25.87
CA VAL F 178 -45.28 -22.29 27.00
C VAL F 178 -46.33 -21.32 27.51
N THR F 179 -46.09 -20.01 27.39
CA THR F 179 -47.13 -19.06 27.75
C THR F 179 -48.31 -19.16 26.79
N SER F 180 -48.04 -19.30 25.49
CA SER F 180 -49.12 -19.47 24.55
C SER F 180 -49.92 -20.73 24.86
N ILE F 181 -49.23 -21.83 25.16
CA ILE F 181 -49.90 -23.09 25.46
C ILE F 181 -50.72 -22.97 26.74
N ALA F 182 -50.15 -22.36 27.78
CA ALA F 182 -50.87 -22.20 29.03
C ALA F 182 -52.08 -21.30 28.87
N ASP F 183 -51.96 -20.24 28.08
CA ASP F 183 -53.11 -19.39 27.79
C ASP F 183 -54.20 -20.16 27.07
N ARG F 184 -53.82 -20.98 26.09
CA ARG F 184 -54.81 -21.83 25.41
C ARG F 184 -55.48 -22.80 26.36
N LEU F 185 -54.74 -23.43 27.27
CA LEU F 185 -55.29 -24.38 28.21
C LEU F 185 -55.87 -23.72 29.45
N ASN F 186 -55.61 -22.43 29.65
CA ASN F 186 -55.98 -21.71 30.87
C ASN F 186 -55.38 -22.40 32.10
N VAL F 187 -54.05 -22.45 32.14
CA VAL F 187 -53.31 -23.02 33.27
C VAL F 187 -52.12 -22.12 33.57
N ASP F 188 -51.43 -22.44 34.66
CA ASP F 188 -50.23 -21.71 35.04
C ASP F 188 -49.03 -22.18 34.25
N PHE F 189 -48.14 -21.24 33.94
CA PHE F 189 -46.87 -21.58 33.33
C PHE F 189 -45.75 -21.37 34.33
N ALA F 190 -45.29 -22.48 34.93
CA ALA F 190 -44.12 -22.51 35.79
C ALA F 190 -42.87 -22.44 34.93
N LEU F 191 -41.86 -21.73 35.42
CA LEU F 191 -40.63 -21.55 34.65
C LEU F 191 -39.41 -22.09 35.39
N ILE F 192 -38.42 -22.51 34.60
CA ILE F 192 -37.20 -23.14 35.09
C ILE F 192 -36.02 -22.52 34.36
N HIS F 193 -34.94 -22.22 35.10
CA HIS F 193 -33.67 -21.95 34.44
C HIS F 193 -32.52 -22.27 35.40
N LYS F 194 -31.36 -22.57 34.82
CA LYS F 194 -30.20 -22.93 35.62
C LYS F 194 -29.47 -21.67 36.09
N GLU F 195 -28.84 -21.78 37.26
CA GLU F 195 -28.11 -20.66 37.84
C GLU F 195 -26.66 -20.65 37.38
N ASP F 203 -24.94 -25.56 38.24
CA ASP F 203 -25.40 -26.94 38.21
C ASP F 203 -26.71 -27.10 38.97
N ARG F 204 -27.27 -25.98 39.41
CA ARG F 204 -28.53 -25.96 40.11
C ARG F 204 -29.59 -25.24 39.27
N MET F 205 -30.85 -25.55 39.55
CA MET F 205 -31.97 -25.03 38.78
C MET F 205 -32.92 -24.27 39.70
N VAL F 206 -33.58 -23.25 39.17
CA VAL F 206 -34.56 -22.47 39.91
C VAL F 206 -35.88 -22.52 39.16
N LEU F 207 -36.96 -22.75 39.92
CA LEU F 207 -38.31 -22.96 39.41
C LEU F 207 -39.28 -22.03 40.10
N VAL F 208 -40.12 -21.36 39.32
CA VAL F 208 -41.24 -20.55 39.82
C VAL F 208 -42.53 -21.16 39.35
N GLY F 209 -43.49 -21.28 40.25
CA GLY F 209 -44.77 -21.85 39.86
C GLY F 209 -45.00 -23.11 40.66
N ASP F 210 -46.14 -23.15 41.35
CA ASP F 210 -46.48 -24.32 42.16
C ASP F 210 -46.60 -25.56 41.29
N VAL F 211 -45.75 -26.55 41.56
CA VAL F 211 -45.81 -27.82 40.87
C VAL F 211 -46.15 -28.98 41.81
N LYS F 212 -46.22 -28.73 43.12
CA LYS F 212 -46.42 -29.81 44.08
C LYS F 212 -47.74 -30.52 43.84
N ASP F 213 -47.68 -31.86 43.89
CA ASP F 213 -48.83 -32.75 43.72
C ASP F 213 -49.55 -32.54 42.40
N ARG F 214 -48.91 -31.90 41.43
CA ARG F 214 -49.51 -31.63 40.13
C ARG F 214 -48.73 -32.34 39.04
N VAL F 215 -49.28 -32.30 37.84
CA VAL F 215 -48.55 -32.72 36.66
C VAL F 215 -47.85 -31.51 36.07
N ALA F 216 -46.55 -31.66 35.80
CA ALA F 216 -45.79 -30.65 35.08
C ALA F 216 -45.55 -31.13 33.66
N ILE F 217 -45.68 -30.21 32.70
CA ILE F 217 -45.51 -30.53 31.29
C ILE F 217 -44.41 -29.64 30.75
N LEU F 218 -43.24 -30.21 30.50
CA LEU F 218 -42.20 -29.47 29.81
C LEU F 218 -42.51 -29.40 28.32
N VAL F 219 -42.40 -28.20 27.77
CA VAL F 219 -42.62 -27.96 26.35
C VAL F 219 -41.40 -27.23 25.80
N ASP F 220 -40.89 -27.72 24.68
CA ASP F 220 -39.73 -27.11 24.04
C ASP F 220 -39.79 -27.41 22.55
N ASP F 221 -38.96 -26.70 21.79
CA ASP F 221 -38.96 -26.88 20.35
C ASP F 221 -38.23 -28.16 19.93
N MET F 222 -37.22 -28.58 20.67
CA MET F 222 -36.47 -29.76 20.26
C MET F 222 -35.74 -30.35 21.46
N ALA F 223 -35.44 -31.64 21.35
CA ALA F 223 -34.62 -32.35 22.31
C ALA F 223 -33.50 -33.03 21.55
N ASP F 224 -32.29 -32.52 21.68
CA ASP F 224 -31.15 -33.07 20.93
C ASP F 224 -30.40 -34.11 21.74
N THR F 225 -29.71 -33.67 22.79
CA THR F 225 -29.02 -34.56 23.71
C THR F 225 -29.83 -34.81 24.96
N CYS F 226 -30.97 -34.13 25.09
CA CYS F 226 -31.88 -34.21 26.22
C CYS F 226 -31.24 -33.76 27.53
N GLY F 227 -30.10 -33.09 27.46
CA GLY F 227 -29.56 -32.45 28.65
C GLY F 227 -30.49 -31.40 29.19
N THR F 228 -31.13 -30.63 28.31
CA THR F 228 -32.01 -29.55 28.74
C THR F 228 -33.24 -30.08 29.49
N ILE F 229 -33.93 -31.08 28.94
CA ILE F 229 -35.16 -31.55 29.58
C ILE F 229 -34.86 -32.44 30.78
N CYS F 230 -33.76 -33.17 30.78
CA CYS F 230 -33.47 -34.04 31.92
C CYS F 230 -33.14 -33.22 33.17
N HIS F 231 -32.37 -32.15 33.01
CA HIS F 231 -32.08 -31.26 34.13
C HIS F 231 -33.36 -30.60 34.65
N ALA F 232 -34.20 -30.12 33.74
CA ALA F 232 -35.47 -29.52 34.14
C ALA F 232 -36.36 -30.51 34.86
N ALA F 233 -36.40 -31.75 34.38
CA ALA F 233 -37.22 -32.78 35.03
C ALA F 233 -36.68 -33.12 36.41
N ASP F 234 -35.36 -33.16 36.56
CA ASP F 234 -34.79 -33.39 37.88
C ASP F 234 -35.23 -32.31 38.84
N LYS F 235 -35.14 -31.06 38.41
CA LYS F 235 -35.63 -29.96 39.24
C LYS F 235 -37.11 -30.14 39.60
N LEU F 236 -37.94 -30.43 38.60
CA LEU F 236 -39.37 -30.55 38.86
C LEU F 236 -39.67 -31.65 39.85
N LEU F 237 -39.01 -32.80 39.70
CA LEU F 237 -39.21 -33.89 40.65
C LEU F 237 -38.69 -33.53 42.04
N SER F 238 -37.71 -32.63 42.12
CA SER F 238 -37.29 -32.15 43.43
C SER F 238 -38.43 -31.44 44.15
N ALA F 239 -39.29 -30.74 43.39
CA ALA F 239 -40.34 -29.93 43.96
C ALA F 239 -41.69 -30.64 43.98
N GLY F 240 -41.70 -31.97 43.96
CA GLY F 240 -42.88 -32.74 44.32
C GLY F 240 -43.92 -32.95 43.24
N ALA F 241 -43.59 -32.68 41.98
CA ALA F 241 -44.54 -32.95 40.92
C ALA F 241 -44.85 -34.44 40.81
N THR F 242 -46.13 -34.77 40.75
CA THR F 242 -46.55 -36.17 40.73
C THR F 242 -46.03 -36.88 39.49
N ARG F 243 -46.17 -36.24 38.34
CA ARG F 243 -45.63 -36.75 37.09
C ARG F 243 -45.03 -35.59 36.31
N VAL F 244 -44.07 -35.91 35.45
CA VAL F 244 -43.46 -34.93 34.57
C VAL F 244 -43.55 -35.45 33.15
N TYR F 245 -44.01 -34.61 32.23
CA TYR F 245 -44.04 -34.93 30.82
C TYR F 245 -43.12 -33.98 30.08
N ALA F 246 -42.60 -34.46 28.96
CA ALA F 246 -41.87 -33.60 28.03
C ALA F 246 -42.56 -33.69 26.68
N ILE F 247 -42.79 -32.55 26.06
CA ILE F 247 -43.40 -32.51 24.73
C ILE F 247 -42.54 -31.62 23.85
N LEU F 248 -42.15 -32.14 22.69
CA LEU F 248 -41.26 -31.45 21.77
C LEU F 248 -41.73 -31.66 20.33
N THR F 249 -41.57 -30.63 19.51
CA THR F 249 -41.87 -30.86 18.11
C THR F 249 -40.77 -31.66 17.41
N HIS F 250 -39.50 -31.38 17.66
CA HIS F 250 -38.40 -32.06 16.97
C HIS F 250 -37.69 -33.01 17.92
N GLY F 251 -37.84 -34.31 17.68
CA GLY F 251 -37.14 -35.33 18.44
C GLY F 251 -35.82 -35.77 17.83
N ILE F 252 -34.78 -34.96 17.95
CA ILE F 252 -33.50 -35.30 17.32
C ILE F 252 -32.85 -36.49 18.03
N PHE F 253 -32.76 -36.44 19.36
CA PHE F 253 -32.31 -37.56 20.19
C PHE F 253 -30.94 -38.11 19.76
N SER F 254 -29.97 -37.21 19.61
CA SER F 254 -28.63 -37.65 19.26
C SER F 254 -27.79 -37.91 20.50
N GLY F 255 -26.66 -38.57 20.30
CA GLY F 255 -25.71 -38.82 21.36
C GLY F 255 -26.25 -39.68 22.48
N PRO F 256 -26.16 -39.20 23.71
CA PRO F 256 -26.59 -39.99 24.86
C PRO F 256 -28.06 -39.84 25.20
N ALA F 257 -28.85 -39.30 24.27
CA ALA F 257 -30.22 -38.89 24.59
C ALA F 257 -31.08 -40.07 25.05
N ILE F 258 -31.00 -41.20 24.35
CA ILE F 258 -31.87 -42.32 24.68
C ILE F 258 -31.58 -42.86 26.08
N SER F 259 -30.30 -42.97 26.43
CA SER F 259 -29.95 -43.44 27.77
C SER F 259 -30.42 -42.47 28.84
N ARG F 260 -30.25 -41.15 28.61
CA ARG F 260 -30.70 -40.18 29.59
C ARG F 260 -32.21 -40.24 29.78
N ILE F 261 -32.96 -40.36 28.68
CA ILE F 261 -34.41 -40.48 28.78
C ILE F 261 -34.78 -41.75 29.54
N ASN F 262 -34.09 -42.85 29.26
CA ASN F 262 -34.39 -44.11 29.94
C ASN F 262 -34.15 -43.99 31.43
N ASN F 263 -33.11 -43.27 31.84
CA ASN F 263 -32.78 -43.11 33.24
C ASN F 263 -33.48 -41.93 33.91
N ALA F 264 -34.28 -41.16 33.16
CA ALA F 264 -34.97 -40.02 33.74
C ALA F 264 -36.36 -40.42 34.22
N CYS F 265 -37.03 -39.50 34.89
CA CYS F 265 -38.30 -39.78 35.54
C CYS F 265 -39.51 -39.40 34.68
N PHE F 266 -39.29 -39.14 33.40
CA PHE F 266 -40.40 -38.74 32.54
C PHE F 266 -41.49 -39.80 32.50
N GLU F 267 -42.73 -39.36 32.69
CA GLU F 267 -43.86 -40.23 32.39
C GLU F 267 -43.93 -40.49 30.89
N ALA F 268 -43.67 -39.47 30.08
CA ALA F 268 -43.69 -39.62 28.64
C ALA F 268 -42.85 -38.51 28.02
N VAL F 269 -42.20 -38.86 26.91
CA VAL F 269 -41.51 -37.91 26.06
C VAL F 269 -42.22 -37.97 24.72
N VAL F 270 -43.00 -36.96 24.42
CA VAL F 270 -43.81 -36.90 23.22
C VAL F 270 -43.09 -36.01 22.21
N VAL F 271 -42.97 -36.49 20.98
CA VAL F 271 -42.37 -35.70 19.91
C VAL F 271 -43.28 -35.76 18.70
N THR F 272 -43.17 -34.76 17.84
CA THR F 272 -43.85 -34.90 16.56
C THR F 272 -43.02 -35.78 15.62
N ASN F 273 -43.62 -36.17 14.50
CA ASN F 273 -42.87 -36.91 13.48
C ASN F 273 -42.32 -35.97 12.40
N THR F 274 -41.72 -34.86 12.79
CA THR F 274 -40.94 -34.09 11.83
C THR F 274 -39.64 -34.81 11.50
N ILE F 275 -39.23 -35.73 12.36
CA ILE F 275 -38.03 -36.54 12.22
C ILE F 275 -38.48 -37.99 12.41
N PRO F 276 -37.99 -38.96 11.65
CA PRO F 276 -38.40 -40.34 11.87
C PRO F 276 -37.99 -40.82 13.25
N GLN F 277 -38.88 -41.55 13.90
CA GLN F 277 -38.70 -41.92 15.31
C GLN F 277 -38.70 -43.41 15.59
N GLU F 278 -38.93 -44.25 14.58
CA GLU F 278 -39.10 -45.68 14.84
C GLU F 278 -37.87 -46.30 15.48
N ASP F 279 -36.69 -45.98 14.97
CA ASP F 279 -35.46 -46.54 15.54
C ASP F 279 -35.27 -46.11 16.98
N LYS F 280 -35.51 -44.83 17.28
CA LYS F 280 -35.40 -44.36 18.65
C LYS F 280 -36.49 -44.97 19.53
N MET F 281 -37.69 -45.16 18.97
CA MET F 281 -38.78 -45.74 19.75
C MET F 281 -38.50 -47.20 20.10
N LYS F 282 -37.69 -47.88 19.29
CA LYS F 282 -37.33 -49.26 19.62
C LYS F 282 -36.55 -49.33 20.92
N HIS F 283 -35.65 -48.38 21.15
CA HIS F 283 -34.76 -48.40 22.29
C HIS F 283 -35.29 -47.61 23.49
N CYS F 284 -36.43 -46.94 23.35
CA CYS F 284 -36.96 -46.11 24.44
C CYS F 284 -38.47 -46.25 24.48
N SER F 285 -38.98 -46.84 25.55
CA SER F 285 -40.41 -47.15 25.62
C SER F 285 -41.27 -45.92 25.88
N LYS F 286 -40.71 -44.88 26.48
CA LYS F 286 -41.52 -43.74 26.85
C LYS F 286 -41.62 -42.66 25.77
N ILE F 287 -41.10 -42.91 24.58
CA ILE F 287 -41.25 -41.96 23.48
C ILE F 287 -42.56 -42.23 22.76
N GLN F 288 -43.39 -41.20 22.63
CA GLN F 288 -44.60 -41.25 21.82
C GLN F 288 -44.57 -40.17 20.76
N VAL F 289 -45.21 -40.45 19.63
CA VAL F 289 -45.13 -39.60 18.45
C VAL F 289 -46.49 -39.00 18.15
N ILE F 290 -46.52 -37.70 17.91
CA ILE F 290 -47.69 -37.02 17.37
C ILE F 290 -47.52 -36.87 15.88
N ASP F 291 -48.49 -37.34 15.11
CA ASP F 291 -48.41 -37.19 13.67
C ASP F 291 -48.77 -35.75 13.32
N ILE F 292 -47.89 -35.07 12.61
CA ILE F 292 -48.18 -33.73 12.12
C ILE F 292 -48.32 -33.71 10.60
N SER F 293 -48.48 -34.88 9.98
CA SER F 293 -48.61 -34.92 8.53
C SER F 293 -49.87 -34.22 8.05
N MET F 294 -50.93 -34.17 8.87
CA MET F 294 -52.12 -33.45 8.43
C MET F 294 -51.84 -31.96 8.34
N ILE F 295 -51.06 -31.41 9.27
CA ILE F 295 -50.75 -29.99 9.25
C ILE F 295 -49.92 -29.65 8.02
N LEU F 296 -48.89 -30.46 7.74
CA LEU F 296 -48.06 -30.22 6.56
C LEU F 296 -48.87 -30.38 5.27
N ALA F 297 -49.71 -31.42 5.21
CA ALA F 297 -50.53 -31.61 4.02
C ALA F 297 -51.49 -30.44 3.81
N GLU F 298 -52.10 -29.96 4.89
CA GLU F 298 -53.00 -28.82 4.78
C GLU F 298 -52.23 -27.57 4.35
N ALA F 299 -51.03 -27.36 4.87
CA ALA F 299 -50.24 -26.21 4.45
C ALA F 299 -49.92 -26.29 2.96
N ILE F 300 -49.53 -27.47 2.48
CA ILE F 300 -49.23 -27.63 1.07
C ILE F 300 -50.47 -27.34 0.23
N ARG F 301 -51.59 -27.92 0.64
CA ARG F 301 -52.84 -27.75 -0.10
C ARG F 301 -53.29 -26.30 -0.11
N ARG F 302 -53.16 -25.61 1.01
CA ARG F 302 -53.59 -24.21 1.09
C ARG F 302 -52.66 -23.28 0.33
N THR F 303 -51.35 -23.50 0.38
CA THR F 303 -50.47 -22.69 -0.46
C THR F 303 -50.75 -22.92 -1.93
N HIS F 304 -51.03 -24.16 -2.32
CA HIS F 304 -51.36 -24.43 -3.71
C HIS F 304 -52.65 -23.73 -4.13
N ASN F 305 -53.66 -23.75 -3.27
CA ASN F 305 -54.97 -23.22 -3.64
C ASN F 305 -55.14 -21.74 -3.33
N GLY F 306 -54.11 -21.07 -2.81
CA GLY F 306 -54.27 -19.69 -2.43
C GLY F 306 -55.16 -19.46 -1.24
N GLU F 307 -55.27 -20.45 -0.36
CA GLU F 307 -56.07 -20.36 0.85
C GLU F 307 -55.19 -19.95 2.03
N SER F 308 -55.82 -19.48 3.09
CA SER F 308 -55.07 -18.97 4.25
C SER F 308 -54.31 -20.09 4.94
N VAL F 309 -53.00 -19.92 5.08
CA VAL F 309 -52.18 -20.87 5.83
C VAL F 309 -52.22 -20.56 7.32
N SER F 310 -52.28 -19.28 7.68
CA SER F 310 -52.27 -18.90 9.09
C SER F 310 -53.48 -19.43 9.84
N TYR F 311 -54.54 -19.81 9.12
CA TYR F 311 -55.68 -20.47 9.74
C TYR F 311 -55.25 -21.73 10.48
N LEU F 312 -54.19 -22.40 10.00
CA LEU F 312 -53.66 -23.59 10.67
C LEU F 312 -52.95 -23.28 11.97
N PHE F 313 -52.58 -22.03 12.23
CA PHE F 313 -51.89 -21.72 13.48
C PHE F 313 -52.74 -22.03 14.69
N SER F 314 -54.07 -22.04 14.54
CA SER F 314 -54.98 -22.24 15.65
C SER F 314 -55.99 -23.35 15.45
N HIS F 315 -55.96 -24.06 14.33
CA HIS F 315 -56.98 -25.06 14.02
C HIS F 315 -56.33 -26.38 13.62
N VAL F 316 -56.78 -27.47 14.25
CA VAL F 316 -56.39 -28.82 13.85
C VAL F 316 -57.27 -29.24 12.68
N PRO F 317 -56.70 -29.55 11.52
CA PRO F 317 -57.53 -29.97 10.37
C PRO F 317 -58.05 -31.41 10.50
N PRO G 2 52.46 16.70 20.98
CA PRO G 2 51.63 15.80 21.77
C PRO G 2 52.42 14.71 22.48
N ASN G 3 52.11 14.48 23.74
CA ASN G 3 52.74 13.46 24.54
C ASN G 3 51.84 12.24 24.65
N ILE G 4 52.46 11.10 24.94
CA ILE G 4 51.72 9.88 25.19
C ILE G 4 51.05 9.97 26.55
N LYS G 5 49.76 9.69 26.60
CA LYS G 5 49.04 9.47 27.85
C LYS G 5 48.42 8.08 27.80
N ILE G 6 48.72 7.25 28.78
CA ILE G 6 48.19 5.91 28.90
C ILE G 6 47.13 5.91 29.99
N PHE G 7 45.93 5.49 29.66
CA PHE G 7 44.86 5.31 30.63
C PHE G 7 44.49 3.84 30.67
N SER G 8 44.21 3.35 31.86
CA SER G 8 43.78 1.98 32.07
C SER G 8 42.28 1.95 32.33
N GLY G 9 41.59 1.07 31.65
CA GLY G 9 40.27 0.66 32.09
C GLY G 9 40.38 -0.26 33.29
N SER G 10 39.24 -0.71 33.78
CA SER G 10 39.24 -1.56 34.95
C SER G 10 39.51 -3.03 34.64
N SER G 11 39.50 -3.43 33.37
CA SER G 11 39.60 -4.84 33.04
C SER G 11 40.97 -5.43 33.39
N HIS G 12 42.04 -4.78 32.95
CA HIS G 12 43.38 -5.35 33.09
C HIS G 12 44.32 -4.24 33.57
N GLN G 13 44.33 -4.01 34.87
CA GLN G 13 45.16 -2.94 35.44
C GLN G 13 46.64 -3.29 35.42
N ASP G 14 46.97 -4.55 35.69
CA ASP G 14 48.37 -4.96 35.77
C ASP G 14 49.03 -4.85 34.41
N LEU G 15 48.33 -5.23 33.35
CA LEU G 15 48.88 -5.09 32.00
C LEU G 15 49.13 -3.62 31.66
N SER G 16 48.19 -2.75 31.99
CA SER G 16 48.36 -1.33 31.71
C SER G 16 49.55 -0.76 32.48
N GLN G 17 49.71 -1.18 33.74
CA GLN G 17 50.87 -0.73 34.51
C GLN G 17 52.17 -1.21 33.89
N LYS G 18 52.21 -2.47 33.45
CA LYS G 18 53.43 -2.98 32.80
C LYS G 18 53.75 -2.19 31.54
N ILE G 19 52.73 -1.89 30.74
CA ILE G 19 52.93 -1.09 29.54
C ILE G 19 53.47 0.29 29.91
N ALA G 20 52.88 0.91 30.92
CA ALA G 20 53.31 2.24 31.32
C ALA G 20 54.74 2.24 31.82
N ASP G 21 55.13 1.24 32.60
CA ASP G 21 56.52 1.14 33.05
C ASP G 21 57.46 0.99 31.88
N ARG G 22 57.11 0.16 30.89
CA ARG G 22 58.00 0.00 29.75
C ARG G 22 58.16 1.29 28.96
N LEU G 23 57.15 2.17 28.99
CA LEU G 23 57.23 3.45 28.31
C LEU G 23 57.83 4.55 29.17
N GLY G 24 58.18 4.27 30.42
CA GLY G 24 58.65 5.31 31.31
C GLY G 24 57.61 6.35 31.63
N LEU G 25 56.37 5.93 31.86
CA LEU G 25 55.27 6.84 32.12
C LEU G 25 54.47 6.36 33.31
N GLU G 26 53.76 7.30 33.94
CA GLU G 26 52.75 6.97 34.92
C GLU G 26 51.41 6.85 34.22
N LEU G 27 50.56 5.97 34.75
CA LEU G 27 49.20 5.87 34.23
C LEU G 27 48.45 7.17 34.47
N GLY G 28 47.68 7.59 33.47
CA GLY G 28 46.90 8.80 33.61
C GLY G 28 45.87 8.68 34.70
N LYS G 29 45.59 9.81 35.36
CA LYS G 29 44.60 9.82 36.42
C LYS G 29 43.20 9.70 35.84
N VAL G 30 42.51 8.64 36.20
CA VAL G 30 41.13 8.44 35.77
C VAL G 30 40.38 7.72 36.87
N VAL G 31 39.16 8.15 37.12
CA VAL G 31 38.24 7.47 38.01
C VAL G 31 37.29 6.67 37.15
N THR G 32 37.30 5.35 37.32
CA THR G 32 36.43 4.45 36.57
C THR G 32 35.70 3.57 37.58
N LYS G 33 34.45 3.91 37.86
CA LYS G 33 33.67 3.19 38.86
C LYS G 33 32.23 3.04 38.40
N LYS G 34 31.33 2.69 39.31
CA LYS G 34 29.93 2.55 38.98
C LYS G 34 29.07 3.41 39.89
N PHE G 35 28.08 4.08 39.31
CA PHE G 35 27.05 4.73 40.09
C PHE G 35 26.24 3.66 40.84
N SER G 36 25.36 4.12 41.72
CA SER G 36 24.56 3.20 42.52
C SER G 36 23.73 2.27 41.64
N ASN G 37 23.14 2.79 40.57
CA ASN G 37 22.34 1.98 39.66
C ASN G 37 23.17 1.22 38.64
N GLN G 38 24.49 1.12 38.85
CA GLN G 38 25.40 0.30 38.06
C GLN G 38 25.71 0.88 36.69
N GLU G 39 25.45 2.17 36.47
CA GLU G 39 25.89 2.82 35.25
C GLU G 39 27.36 3.18 35.41
N THR G 40 28.12 3.06 34.33
CA THR G 40 29.53 3.38 34.39
C THR G 40 29.76 4.87 34.64
N CYS G 41 30.64 5.18 35.57
CA CYS G 41 31.06 6.54 35.89
C CYS G 41 32.53 6.69 35.53
N VAL G 42 32.83 7.68 34.71
CA VAL G 42 34.19 7.93 34.24
C VAL G 42 34.50 9.40 34.47
N GLU G 43 35.69 9.67 35.01
CA GLU G 43 36.14 11.04 35.27
C GLU G 43 37.62 11.12 34.92
N ILE G 44 37.96 11.89 33.90
CA ILE G 44 39.36 12.06 33.52
C ILE G 44 39.99 13.07 34.47
N GLY G 45 40.97 12.63 35.24
CA GLY G 45 41.56 13.42 36.29
C GLY G 45 42.66 14.37 35.89
N GLU G 46 42.98 14.46 34.60
CA GLU G 46 44.01 15.37 34.12
C GLU G 46 43.65 15.78 32.71
N SER G 47 44.11 16.96 32.33
CA SER G 47 43.88 17.46 30.98
C SER G 47 44.54 16.54 29.96
N VAL G 48 43.81 16.20 28.92
CA VAL G 48 44.34 15.45 27.80
C VAL G 48 44.34 16.28 26.54
N ARG G 49 44.14 17.58 26.67
CA ARG G 49 44.02 18.48 25.53
C ARG G 49 45.30 18.45 24.71
N GLY G 50 45.18 18.09 23.44
CA GLY G 50 46.33 18.05 22.56
C GLY G 50 47.25 16.87 22.75
N GLU G 51 46.87 15.88 23.55
CA GLU G 51 47.73 14.75 23.82
C GLU G 51 47.34 13.54 22.99
N ASP G 52 48.26 12.59 22.91
CA ASP G 52 48.06 11.32 22.19
C ASP G 52 47.64 10.28 23.23
N VAL G 53 46.36 9.97 23.29
CA VAL G 53 45.78 9.18 24.37
C VAL G 53 45.66 7.73 23.95
N TYR G 54 46.12 6.82 24.80
CA TYR G 54 45.97 5.39 24.61
C TYR G 54 45.19 4.83 25.80
N ILE G 55 44.10 4.13 25.50
CA ILE G 55 43.24 3.56 26.53
C ILE G 55 43.36 2.05 26.44
N VAL G 56 43.79 1.41 27.51
CA VAL G 56 44.04 -0.02 27.54
C VAL G 56 42.85 -0.71 28.19
N GLN G 57 42.19 -1.58 27.44
CA GLN G 57 41.03 -2.32 27.96
C GLN G 57 40.91 -3.59 27.14
N SER G 58 40.93 -4.73 27.80
CA SER G 58 40.77 -6.01 27.11
C SER G 58 39.33 -6.48 27.20
N GLY G 59 38.92 -7.23 26.18
CA GLY G 59 37.59 -7.82 26.14
C GLY G 59 37.54 -9.09 26.97
N CYS G 60 37.50 -8.94 28.29
CA CYS G 60 37.52 -10.05 29.20
C CYS G 60 36.70 -9.70 30.43
N GLY G 61 36.56 -10.66 31.34
CA GLY G 61 35.78 -10.44 32.53
C GLY G 61 34.33 -10.13 32.20
N GLU G 62 33.79 -9.11 32.85
CA GLU G 62 32.45 -8.62 32.56
C GLU G 62 32.52 -7.82 31.28
N ILE G 63 32.34 -8.53 30.16
CA ILE G 63 32.73 -7.99 28.87
C ILE G 63 31.90 -6.76 28.51
N ASN G 64 30.59 -6.80 28.78
CA ASN G 64 29.75 -5.67 28.40
C ASN G 64 30.06 -4.44 29.24
N ASP G 65 30.33 -4.63 30.54
CA ASP G 65 30.73 -3.51 31.37
C ASP G 65 32.05 -2.92 30.88
N ASN G 66 33.01 -3.77 30.56
CA ASN G 66 34.32 -3.28 30.15
C ASN G 66 34.26 -2.58 28.80
N LEU G 67 33.48 -3.12 27.87
CA LEU G 67 33.28 -2.46 26.58
C LEU G 67 32.61 -1.11 26.75
N MET G 68 31.56 -1.05 27.57
CA MET G 68 30.90 0.26 27.81
C MET G 68 31.92 1.23 28.42
N GLU G 69 32.71 0.77 29.39
CA GLU G 69 33.68 1.64 30.04
C GLU G 69 34.67 2.18 29.01
N LEU G 70 35.14 1.32 28.12
CA LEU G 70 36.07 1.75 27.09
C LEU G 70 35.45 2.81 26.20
N LEU G 71 34.20 2.58 25.76
CA LEU G 71 33.56 3.55 24.89
C LEU G 71 33.35 4.88 25.60
N ILE G 72 32.94 4.84 26.87
CA ILE G 72 32.73 6.06 27.63
C ILE G 72 34.04 6.81 27.83
N MET G 73 35.13 6.09 28.11
CA MET G 73 36.44 6.73 28.23
C MET G 73 36.89 7.38 26.93
N ILE G 74 36.69 6.68 25.82
CA ILE G 74 37.04 7.25 24.51
C ILE G 74 36.25 8.52 24.27
N ASN G 75 34.96 8.49 24.57
CA ASN G 75 34.13 9.68 24.37
C ASN G 75 34.60 10.83 25.25
N ALA G 76 34.91 10.54 26.51
CA ALA G 76 35.37 11.58 27.42
C ALA G 76 36.68 12.20 26.93
N CYS G 77 37.59 11.38 26.44
CA CYS G 77 38.85 11.91 25.94
C CYS G 77 38.66 12.69 24.65
N LYS G 78 37.76 12.24 23.78
CA LYS G 78 37.52 12.92 22.52
C LYS G 78 36.91 14.30 22.74
N ILE G 79 35.89 14.41 23.60
CA ILE G 79 35.31 15.72 23.82
C ILE G 79 36.14 16.58 24.76
N ALA G 80 37.18 16.03 25.37
CA ALA G 80 38.16 16.80 26.09
C ALA G 80 39.32 17.27 25.21
N SER G 81 39.17 17.15 23.89
CA SER G 81 40.09 17.72 22.90
C SER G 81 41.46 17.02 22.90
N ALA G 82 41.47 15.72 23.13
CA ALA G 82 42.67 14.94 22.86
C ALA G 82 42.98 15.03 21.37
N SER G 83 44.27 15.12 21.03
CA SER G 83 44.62 15.21 19.63
C SER G 83 44.35 13.90 18.91
N ARG G 84 44.52 12.77 19.60
CA ARG G 84 44.28 11.47 19.00
C ARG G 84 43.94 10.50 20.12
N VAL G 85 42.99 9.60 19.86
CA VAL G 85 42.58 8.60 20.83
C VAL G 85 42.74 7.22 20.20
N THR G 86 43.47 6.35 20.88
CA THR G 86 43.73 5.00 20.42
C THR G 86 43.21 4.02 21.45
N ALA G 87 42.39 3.08 21.01
CA ALA G 87 41.93 1.99 21.85
C ALA G 87 42.92 0.84 21.75
N VAL G 88 43.54 0.50 22.86
CA VAL G 88 44.46 -0.64 22.93
C VAL G 88 43.65 -1.79 23.51
N ILE G 89 43.19 -2.69 22.65
CA ILE G 89 42.28 -3.75 23.05
C ILE G 89 42.98 -5.08 22.83
N PRO G 90 43.73 -5.59 23.81
CA PRO G 90 44.52 -6.81 23.57
C PRO G 90 43.68 -7.99 23.12
N CYS G 91 42.51 -8.21 23.71
CA CYS G 91 41.59 -9.26 23.28
C CYS G 91 40.30 -8.59 22.84
N PHE G 92 40.02 -8.65 21.55
CA PHE G 92 38.91 -7.90 20.96
C PHE G 92 37.59 -8.56 21.31
N PRO G 93 36.67 -7.86 21.97
CA PRO G 93 35.40 -8.49 22.35
C PRO G 93 34.49 -8.72 21.15
N TYR G 94 33.72 -9.81 21.22
CA TYR G 94 32.79 -10.24 20.17
C TYR G 94 33.48 -10.61 18.87
N ALA G 95 34.77 -10.93 18.92
CA ALA G 95 35.51 -11.25 17.72
C ALA G 95 35.00 -12.54 17.07
N ARG G 96 34.49 -13.47 17.86
CA ARG G 96 33.99 -14.71 17.29
C ARG G 96 32.65 -14.58 16.59
N GLN G 97 31.95 -13.46 16.78
CA GLN G 97 30.74 -13.18 16.02
C GLN G 97 31.06 -12.24 14.86
N ASP G 98 31.84 -12.77 13.92
CA ASP G 98 32.36 -12.02 12.79
C ASP G 98 31.59 -12.28 11.50
N LYS G 99 30.55 -13.10 11.55
CA LYS G 99 29.76 -13.44 10.37
C LYS G 99 28.44 -14.04 10.84
N LYS G 100 27.49 -14.13 9.91
CA LYS G 100 26.18 -14.73 10.11
C LYS G 100 26.16 -16.20 9.71
N ASP G 101 26.50 -16.45 8.46
CA ASP G 101 26.79 -17.71 7.78
C ASP G 101 25.63 -18.64 7.40
N LYS G 102 24.54 -18.69 8.16
CA LYS G 102 23.25 -19.12 7.65
C LYS G 102 22.11 -18.66 8.57
N SER G 103 22.45 -17.95 9.63
CA SER G 103 21.51 -17.75 10.72
C SER G 103 21.14 -16.28 10.81
N ARG G 104 19.95 -16.04 11.36
CA ARG G 104 19.45 -14.67 11.53
C ARG G 104 20.07 -14.08 12.81
N ALA G 105 21.35 -13.79 12.70
CA ALA G 105 22.20 -13.42 13.82
C ALA G 105 22.86 -12.08 13.57
N PRO G 106 23.27 -11.38 14.63
CA PRO G 106 24.04 -10.16 14.45
C PRO G 106 25.46 -10.49 14.01
N ILE G 107 26.09 -9.51 13.37
CA ILE G 107 27.54 -9.51 13.21
C ILE G 107 28.04 -8.59 14.32
N SER G 108 28.22 -9.14 15.51
CA SER G 108 28.47 -8.32 16.69
C SER G 108 29.83 -7.63 16.62
N ALA G 109 30.82 -8.27 16.00
CA ALA G 109 32.13 -7.64 15.86
C ALA G 109 32.03 -6.35 15.04
N LYS G 110 31.22 -6.36 13.98
CA LYS G 110 31.03 -5.15 13.20
C LYS G 110 30.32 -4.07 14.02
N LEU G 111 29.34 -4.46 14.83
CA LEU G 111 28.69 -3.51 15.71
C LEU G 111 29.68 -2.89 16.68
N VAL G 112 30.58 -3.70 17.25
CA VAL G 112 31.58 -3.20 18.17
C VAL G 112 32.51 -2.23 17.46
N ALA G 113 32.93 -2.56 16.24
CA ALA G 113 33.77 -1.65 15.46
C ALA G 113 33.06 -0.32 15.21
N ASN G 114 31.77 -0.38 14.84
CA ASN G 114 31.00 0.84 14.63
C ASN G 114 30.91 1.66 15.90
N MET G 115 30.70 1.00 17.04
CA MET G 115 30.59 1.73 18.30
C MET G 115 31.91 2.38 18.68
N LEU G 116 33.02 1.67 18.48
CA LEU G 116 34.32 2.27 18.76
C LEU G 116 34.57 3.47 17.86
N SER G 117 34.19 3.38 16.59
CA SER G 117 34.36 4.50 15.68
C SER G 117 33.51 5.70 16.08
N VAL G 118 32.22 5.47 16.39
CA VAL G 118 31.36 6.59 16.73
C VAL G 118 31.71 7.17 18.09
N ALA G 119 32.31 6.38 18.98
CA ALA G 119 32.79 6.94 20.24
C ALA G 119 33.94 7.91 20.03
N GLY G 120 34.69 7.76 18.95
CA GLY G 120 35.74 8.70 18.61
C GLY G 120 37.13 8.12 18.49
N ALA G 121 37.26 6.80 18.50
CA ALA G 121 38.58 6.19 18.36
C ALA G 121 39.16 6.50 16.98
N ASP G 122 40.39 6.99 16.95
CA ASP G 122 41.08 7.23 15.70
C ASP G 122 41.96 6.08 15.27
N HIS G 123 42.15 5.08 16.13
CA HIS G 123 43.15 4.05 15.89
C HIS G 123 42.89 2.90 16.88
N ILE G 124 43.10 1.69 16.41
CA ILE G 124 42.91 0.49 17.22
C ILE G 124 44.22 -0.30 17.22
N ILE G 125 44.65 -0.72 18.39
CA ILE G 125 45.74 -1.69 18.53
C ILE G 125 45.18 -2.92 19.24
N THR G 126 45.37 -4.07 18.62
CA THR G 126 44.85 -5.31 19.15
C THR G 126 45.85 -6.43 18.88
N MET G 127 45.61 -7.59 19.47
CA MET G 127 46.52 -8.72 19.30
C MET G 127 45.76 -9.97 18.90
N ASP G 128 46.22 -10.61 17.82
CA ASP G 128 45.69 -11.89 17.32
C ASP G 128 44.17 -11.89 17.27
N LEU G 129 43.66 -11.03 16.38
CA LEU G 129 42.24 -11.03 16.08
C LEU G 129 41.80 -12.42 15.66
N HIS G 130 40.63 -12.83 16.14
CA HIS G 130 40.11 -14.15 15.78
C HIS G 130 40.03 -14.32 14.27
N ALA G 131 39.59 -13.28 13.56
CA ALA G 131 39.60 -13.27 12.11
C ALA G 131 40.18 -11.94 11.66
N SER G 132 41.22 -11.98 10.84
CA SER G 132 41.85 -10.73 10.45
C SER G 132 40.96 -9.90 9.52
N GLN G 133 39.90 -10.50 8.96
CA GLN G 133 38.90 -9.73 8.25
C GLN G 133 38.26 -8.68 9.15
N ILE G 134 38.33 -8.84 10.46
CA ILE G 134 37.82 -7.83 11.37
C ILE G 134 38.49 -6.48 11.14
N GLN G 135 39.73 -6.49 10.63
CA GLN G 135 40.37 -5.21 10.31
C GLN G 135 39.55 -4.42 9.30
N GLY G 136 38.88 -5.11 8.38
CA GLY G 136 38.00 -4.48 7.42
C GLY G 136 36.68 -4.01 7.97
N PHE G 137 36.35 -4.37 9.21
CA PHE G 137 35.15 -3.83 9.83
C PHE G 137 35.32 -2.37 10.23
N PHE G 138 36.54 -1.85 10.22
CA PHE G 138 36.84 -0.48 10.60
C PHE G 138 37.14 0.36 9.38
N ASP G 139 36.90 1.67 9.52
CA ASP G 139 37.43 2.62 8.55
C ASP G 139 38.68 3.34 9.08
N ILE G 140 38.97 3.24 10.36
CA ILE G 140 40.18 3.78 10.95
C ILE G 140 41.28 2.72 10.89
N PRO G 141 42.55 3.08 10.96
CA PRO G 141 43.61 2.06 10.95
C PRO G 141 43.52 1.13 12.15
N VAL G 142 43.85 -0.14 11.92
CA VAL G 142 43.88 -1.16 12.96
C VAL G 142 45.20 -1.89 12.86
N ASP G 143 45.97 -1.87 13.93
CA ASP G 143 47.23 -2.61 14.00
C ASP G 143 46.98 -3.91 14.76
N ASN G 144 46.99 -5.02 14.04
CA ASN G 144 46.76 -6.34 14.60
C ASN G 144 48.11 -6.98 14.88
N LEU G 145 48.54 -6.93 16.13
CA LEU G 145 49.82 -7.50 16.54
C LEU G 145 49.70 -9.01 16.67
N TYR G 146 50.85 -9.68 16.67
CA TYR G 146 50.92 -11.13 16.74
C TYR G 146 51.72 -11.54 17.96
N ALA G 147 51.23 -12.55 18.68
CA ALA G 147 52.00 -13.11 19.77
C ALA G 147 53.09 -14.06 19.30
N GLU G 148 53.14 -14.35 18.00
CA GLU G 148 54.03 -15.38 17.48
C GLU G 148 55.50 -15.20 17.87
N PRO G 149 56.11 -14.01 17.80
CA PRO G 149 57.51 -13.91 18.24
C PRO G 149 57.73 -14.33 19.68
N ALA G 150 56.85 -13.90 20.59
CA ALA G 150 56.95 -14.32 21.98
C ALA G 150 56.69 -15.81 22.14
N VAL G 151 55.78 -16.37 21.35
CA VAL G 151 55.51 -17.80 21.39
C VAL G 151 56.75 -18.58 20.95
N LEU G 152 57.39 -18.16 19.87
CA LEU G 152 58.60 -18.82 19.40
C LEU G 152 59.71 -18.75 20.44
N LYS G 153 59.85 -17.59 21.07
CA LYS G 153 60.83 -17.46 22.14
C LYS G 153 60.54 -18.44 23.28
N TRP G 154 59.27 -18.53 23.68
CA TRP G 154 58.92 -19.46 24.75
C TRP G 154 59.24 -20.90 24.35
N ILE G 155 58.90 -21.28 23.12
CA ILE G 155 59.13 -22.65 22.68
C ILE G 155 60.63 -22.96 22.71
N ARG G 156 61.45 -22.03 22.23
CA ARG G 156 62.88 -22.29 22.18
C ARG G 156 63.49 -22.33 23.57
N GLU G 157 62.97 -21.55 24.51
CA GLU G 157 63.56 -21.54 25.85
C GLU G 157 62.92 -22.52 26.82
N ASN G 158 61.85 -23.23 26.46
CA ASN G 158 61.17 -24.07 27.43
C ASN G 158 60.98 -25.52 27.02
N ILE G 159 61.09 -25.85 25.74
CA ILE G 159 60.88 -27.21 25.26
C ILE G 159 62.21 -27.71 24.70
N SER G 160 62.85 -28.62 25.43
CA SER G 160 64.21 -29.04 25.07
C SER G 160 64.26 -29.73 23.72
N GLU G 161 63.18 -30.40 23.32
CA GLU G 161 63.15 -31.17 22.08
C GLU G 161 62.44 -30.42 20.96
N TRP G 162 62.47 -29.09 20.98
CA TRP G 162 61.67 -28.32 20.04
C TRP G 162 62.10 -28.52 18.60
N ARG G 163 63.35 -28.90 18.36
CA ARG G 163 63.78 -29.13 16.99
C ARG G 163 63.13 -30.37 16.39
N ASN G 164 62.66 -31.30 17.22
CA ASN G 164 61.99 -32.49 16.76
C ASN G 164 60.48 -32.44 16.98
N CYS G 165 59.99 -31.38 17.62
CA CYS G 165 58.58 -31.29 17.98
C CYS G 165 57.71 -31.16 16.74
N THR G 166 56.41 -31.11 16.98
CA THR G 166 55.40 -30.93 15.93
C THR G 166 54.43 -29.84 16.37
N ILE G 167 54.03 -28.98 15.45
CA ILE G 167 53.11 -27.89 15.73
C ILE G 167 51.74 -28.27 15.18
N VAL G 168 50.76 -28.39 16.06
CA VAL G 168 49.45 -28.96 15.70
C VAL G 168 48.38 -27.90 15.83
N SER G 169 47.62 -27.71 14.79
CA SER G 169 46.42 -26.88 14.81
C SER G 169 45.27 -27.68 15.39
N PRO G 170 44.48 -27.13 16.31
CA PRO G 170 43.36 -27.89 16.86
C PRO G 170 42.17 -27.96 15.94
N ASP G 171 41.86 -26.87 15.23
CA ASP G 171 40.80 -26.87 14.23
C ASP G 171 41.42 -26.48 12.90
N ALA G 172 40.77 -26.92 11.81
CA ALA G 172 41.28 -26.62 10.48
C ALA G 172 41.35 -25.12 10.23
N GLY G 173 40.54 -24.33 10.94
CA GLY G 173 40.44 -22.91 10.62
C GLY G 173 41.74 -22.15 10.81
N GLY G 174 42.42 -22.38 11.93
CA GLY G 174 43.60 -21.62 12.26
C GLY G 174 44.93 -22.24 11.89
N ALA G 175 44.95 -23.19 10.96
CA ALA G 175 46.20 -23.89 10.65
C ALA G 175 47.23 -22.95 10.01
N LYS G 176 46.79 -21.78 9.56
CA LYS G 176 47.73 -20.79 9.03
C LYS G 176 48.75 -20.37 10.09
N ARG G 177 48.26 -20.13 11.31
CA ARG G 177 49.15 -19.76 12.41
C ARG G 177 50.19 -20.84 12.63
N VAL G 178 49.77 -22.11 12.64
CA VAL G 178 50.69 -23.19 12.96
C VAL G 178 51.66 -23.42 11.81
N THR G 179 51.24 -23.19 10.56
CA THR G 179 52.18 -23.29 9.46
C THR G 179 53.24 -22.20 9.54
N SER G 180 52.84 -20.98 9.89
CA SER G 180 53.83 -19.92 10.06
C SER G 180 54.81 -20.27 11.16
N ILE G 181 54.31 -20.79 12.29
CA ILE G 181 55.18 -21.15 13.41
C ILE G 181 56.12 -22.29 13.03
N ALA G 182 55.60 -23.31 12.35
CA ALA G 182 56.44 -24.43 11.94
C ALA G 182 57.49 -23.99 10.93
N ASP G 183 57.13 -23.11 10.01
CA ASP G 183 58.11 -22.57 9.08
C ASP G 183 59.20 -21.81 9.81
N ARG G 184 58.83 -20.99 10.79
CA ARG G 184 59.83 -20.29 11.60
C ARG G 184 60.74 -21.25 12.35
N LEU G 185 60.18 -22.32 12.93
CA LEU G 185 60.97 -23.28 13.67
C LEU G 185 61.59 -24.34 12.78
N ASN G 186 61.19 -24.43 11.52
CA ASN G 186 61.60 -25.49 10.60
C ASN G 186 61.25 -26.87 11.18
N VAL G 187 59.95 -27.09 11.38
CA VAL G 187 59.44 -28.36 11.88
C VAL G 187 58.18 -28.72 11.10
N ASP G 188 57.67 -29.92 11.35
CA ASP G 188 56.45 -30.37 10.71
C ASP G 188 55.22 -29.81 11.42
N PHE G 189 54.18 -29.50 10.65
CA PHE G 189 52.91 -29.11 11.22
C PHE G 189 51.89 -30.23 11.00
N ALA G 190 51.66 -31.01 12.06
CA ALA G 190 50.62 -32.01 12.11
C ALA G 190 49.28 -31.32 12.30
N LEU G 191 48.25 -31.85 11.67
CA LEU G 191 46.92 -31.25 11.73
C LEU G 191 45.89 -32.20 12.31
N ILE G 192 44.88 -31.60 12.94
CA ILE G 192 43.81 -32.33 13.63
C ILE G 192 42.48 -31.69 13.26
N HIS G 193 41.47 -32.51 12.99
CA HIS G 193 40.11 -32.01 12.97
C HIS G 193 39.13 -33.14 13.28
N LYS G 194 37.95 -32.77 13.80
CA LYS G 194 36.96 -33.76 14.17
C LYS G 194 36.13 -34.16 12.97
N GLU G 195 35.65 -35.41 12.98
CA GLU G 195 34.86 -35.94 11.88
C GLU G 195 33.38 -35.68 12.11
N ASP G 203 32.44 -37.35 17.03
CA ASP G 203 33.07 -37.42 18.34
C ASP G 203 34.47 -38.01 18.23
N ARG G 204 34.92 -38.24 17.00
CA ARG G 204 36.26 -38.76 16.74
C ARG G 204 37.09 -37.70 16.03
N MET G 205 38.41 -37.85 16.14
CA MET G 205 39.35 -36.88 15.60
C MET G 205 40.29 -37.57 14.62
N VAL G 206 40.73 -36.83 13.61
CA VAL G 206 41.69 -37.34 12.64
C VAL G 206 42.92 -36.43 12.63
N LEU G 207 44.09 -37.06 12.63
CA LEU G 207 45.39 -36.41 12.74
C LEU G 207 46.30 -36.85 11.62
N VAL G 208 46.94 -35.88 10.96
CA VAL G 208 47.99 -36.13 9.97
C VAL G 208 49.30 -35.56 10.49
N GLY G 209 50.37 -36.33 10.36
CA GLY G 209 51.66 -35.86 10.84
C GLY G 209 52.14 -36.76 11.94
N ASP G 210 53.34 -37.29 11.76
CA ASP G 210 53.93 -38.19 12.74
C ASP G 210 54.11 -37.46 14.08
N VAL G 211 53.43 -37.96 15.11
CA VAL G 211 53.59 -37.43 16.45
C VAL G 211 54.20 -38.45 17.41
N LYS G 212 54.38 -39.69 16.99
CA LYS G 212 54.83 -40.74 17.90
C LYS G 212 56.19 -40.41 18.48
N ASP G 213 56.33 -40.63 19.79
CA ASP G 213 57.54 -40.41 20.56
C ASP G 213 58.07 -38.99 20.45
N ARG G 214 57.25 -38.05 20.02
CA ARG G 214 57.65 -36.67 19.85
C ARG G 214 56.85 -35.79 20.80
N VAL G 215 57.25 -34.51 20.86
CA VAL G 215 56.44 -33.51 21.51
C VAL G 215 55.52 -32.87 20.49
N ALA G 216 54.23 -32.80 20.82
CA ALA G 216 53.27 -32.07 20.02
C ALA G 216 52.93 -30.76 20.71
N ILE G 217 52.81 -29.69 19.93
CA ILE G 217 52.53 -28.37 20.46
C ILE G 217 51.26 -27.88 19.77
N LEU G 218 50.17 -27.84 20.51
CA LEU G 218 48.95 -27.22 20.00
C LEU G 218 49.07 -25.71 20.09
N VAL G 219 48.74 -25.04 18.99
CA VAL G 219 48.76 -23.58 18.93
C VAL G 219 47.40 -23.11 18.43
N ASP G 220 46.83 -22.14 19.12
CA ASP G 220 45.53 -21.59 18.74
C ASP G 220 45.45 -20.15 19.24
N ASP G 221 44.46 -19.44 18.74
CA ASP G 221 44.31 -18.03 19.12
C ASP G 221 43.72 -17.87 20.51
N MET G 222 42.86 -18.79 20.95
CA MET G 222 42.23 -18.63 22.24
C MET G 222 41.74 -19.96 22.76
N ALA G 223 41.60 -20.06 24.06
CA ALA G 223 41.00 -21.21 24.73
C ALA G 223 39.90 -20.68 25.64
N ASP G 224 38.65 -20.92 25.26
CA ASP G 224 37.52 -20.39 26.03
C ASP G 224 37.01 -21.42 27.04
N THR G 225 36.40 -22.49 26.54
CA THR G 225 35.95 -23.59 27.38
C THR G 225 36.93 -24.75 27.36
N CYS G 226 37.97 -24.64 26.54
CA CYS G 226 39.02 -25.64 26.36
C CYS G 226 38.49 -26.95 25.81
N GLY G 227 37.25 -26.96 25.30
CA GLY G 227 36.78 -28.13 24.57
C GLY G 227 37.62 -28.41 23.34
N THR G 228 38.04 -27.37 22.63
CA THR G 228 38.82 -27.55 21.42
C THR G 228 40.18 -28.19 21.70
N ILE G 229 40.93 -27.67 22.66
CA ILE G 229 42.28 -28.19 22.89
C ILE G 229 42.24 -29.51 23.64
N CYS G 230 41.25 -29.75 24.49
CA CYS G 230 41.22 -31.01 25.23
C CYS G 230 40.93 -32.19 24.30
N HIS G 231 40.01 -32.00 23.35
CA HIS G 231 39.74 -33.04 22.35
C HIS G 231 40.98 -33.30 21.49
N ALA G 232 41.63 -32.24 21.05
CA ALA G 232 42.84 -32.38 20.24
C ALA G 232 43.93 -33.09 21.02
N ALA G 233 44.09 -32.76 22.30
CA ALA G 233 45.10 -33.42 23.12
C ALA G 233 44.79 -34.88 23.34
N ASP G 234 43.51 -35.21 23.52
CA ASP G 234 43.13 -36.62 23.63
C ASP G 234 43.53 -37.37 22.38
N LYS G 235 43.23 -36.82 21.21
CA LYS G 235 43.66 -37.43 19.97
C LYS G 235 45.18 -37.61 19.92
N LEU G 236 45.92 -36.55 20.25
CA LEU G 236 47.38 -36.63 20.16
C LEU G 236 47.94 -37.70 21.08
N LEU G 237 47.42 -37.78 22.30
CA LEU G 237 47.87 -38.81 23.22
C LEU G 237 47.49 -40.20 22.75
N SER G 238 46.40 -40.31 21.96
CA SER G 238 46.08 -41.60 21.36
C SER G 238 47.19 -42.06 20.42
N ALA G 239 47.85 -41.12 19.75
CA ALA G 239 48.86 -41.44 18.75
C ALA G 239 50.27 -41.36 19.28
N GLY G 240 50.45 -41.51 20.60
CA GLY G 240 51.76 -41.79 21.16
C GLY G 240 52.68 -40.62 21.39
N ALA G 241 52.19 -39.39 21.35
CA ALA G 241 53.04 -38.25 21.64
C ALA G 241 53.52 -38.30 23.08
N THR G 242 54.82 -38.10 23.27
CA THR G 242 55.41 -38.20 24.59
C THR G 242 54.85 -37.12 25.53
N ARG G 243 54.76 -35.90 25.04
CA ARG G 243 54.15 -34.80 25.77
C ARG G 243 53.32 -33.97 24.80
N VAL G 244 52.31 -33.29 25.35
CA VAL G 244 51.48 -32.39 24.57
C VAL G 244 51.48 -31.04 25.27
N TYR G 245 51.72 -29.98 24.52
CA TYR G 245 51.61 -28.63 25.02
C TYR G 245 50.50 -27.91 24.30
N ALA G 246 49.91 -26.93 24.97
CA ALA G 246 48.97 -26.02 24.34
C ALA G 246 49.50 -24.61 24.53
N ILE G 247 49.52 -23.82 23.47
CA ILE G 247 49.95 -22.43 23.53
C ILE G 247 48.88 -21.57 22.89
N LEU G 248 48.43 -20.54 23.59
CA LEU G 248 47.36 -19.67 23.14
C LEU G 248 47.67 -18.23 23.50
N THR G 249 47.29 -17.32 22.61
CA THR G 249 47.44 -15.92 22.99
C THR G 249 46.40 -15.48 24.00
N HIS G 250 45.13 -15.85 23.84
CA HIS G 250 44.05 -15.40 24.73
C HIS G 250 43.59 -16.54 25.62
N GLY G 251 43.89 -16.45 26.91
CA GLY G 251 43.42 -17.41 27.89
C GLY G 251 42.12 -17.05 28.57
N ILE G 252 40.99 -17.21 27.87
CA ILE G 252 39.70 -16.80 28.45
C ILE G 252 39.31 -17.73 29.60
N PHE G 253 39.37 -19.04 29.38
CA PHE G 253 39.18 -20.05 30.43
C PHE G 253 37.85 -19.88 31.18
N SER G 254 36.77 -19.74 30.43
CA SER G 254 35.46 -19.63 31.06
C SER G 254 34.82 -21.00 31.26
N GLY G 255 33.76 -21.04 32.06
CA GLY G 255 32.98 -22.23 32.27
C GLY G 255 33.77 -23.36 32.91
N PRO G 256 33.75 -24.53 32.27
CA PRO G 256 34.42 -25.70 32.85
C PRO G 256 35.88 -25.82 32.48
N ALA G 257 36.48 -24.73 31.99
CA ALA G 257 37.81 -24.81 31.38
C ALA G 257 38.87 -25.29 32.36
N ILE G 258 38.86 -24.76 33.58
CA ILE G 258 39.91 -25.10 34.54
C ILE G 258 39.85 -26.57 34.92
N SER G 259 38.65 -27.10 35.13
CA SER G 259 38.53 -28.52 35.45
C SER G 259 38.98 -29.40 34.29
N ARG G 260 38.61 -29.04 33.06
CA ARG G 260 39.05 -29.83 31.90
C ARG G 260 40.56 -29.81 31.77
N ILE G 261 41.18 -28.65 31.94
CA ILE G 261 42.64 -28.57 31.88
C ILE G 261 43.27 -29.42 32.98
N ASN G 262 42.69 -29.37 34.19
CA ASN G 262 43.24 -30.14 35.28
C ASN G 262 43.16 -31.63 35.00
N ASN G 263 42.09 -32.08 34.36
CA ASN G 263 41.91 -33.49 34.05
C ASN G 263 42.52 -33.90 32.72
N ALA G 264 43.11 -32.98 31.98
CA ALA G 264 43.71 -33.32 30.69
C ALA G 264 45.20 -33.65 30.86
N CYS G 265 45.80 -34.12 29.77
CA CYS G 265 47.17 -34.62 29.81
C CYS G 265 48.20 -33.56 29.41
N PHE G 266 47.81 -32.29 29.36
CA PHE G 266 48.75 -31.25 28.96
C PHE G 266 49.95 -31.20 29.87
N GLU G 267 51.14 -31.19 29.27
CA GLU G 267 52.32 -30.82 30.04
C GLU G 267 52.26 -29.37 30.50
N ALA G 268 51.77 -28.49 29.63
CA ALA G 268 51.63 -27.09 29.96
C ALA G 268 50.59 -26.45 29.06
N VAL G 269 49.87 -25.49 29.63
CA VAL G 269 48.96 -24.64 28.89
C VAL G 269 49.51 -23.22 29.04
N VAL G 270 50.11 -22.71 28.00
CA VAL G 270 50.75 -21.41 28.00
C VAL G 270 49.81 -20.42 27.36
N VAL G 271 49.62 -19.27 28.00
CA VAL G 271 48.79 -18.21 27.46
C VAL G 271 49.56 -16.90 27.56
N THR G 272 49.21 -15.95 26.71
CA THR G 272 49.75 -14.61 26.95
C THR G 272 48.94 -13.91 28.04
N ASN G 273 49.46 -12.77 28.51
CA ASN G 273 48.69 -11.95 29.45
C ASN G 273 47.90 -10.86 28.75
N THR G 274 47.21 -11.19 27.66
CA THR G 274 46.22 -10.25 27.14
C THR G 274 45.00 -10.20 28.04
N ILE G 275 44.82 -11.20 28.88
CA ILE G 275 43.74 -11.32 29.84
C ILE G 275 44.40 -11.63 31.18
N PRO G 276 43.94 -11.05 32.28
CA PRO G 276 44.55 -11.38 33.58
C PRO G 276 44.38 -12.85 33.91
N GLN G 277 45.43 -13.47 34.43
CA GLN G 277 45.47 -14.91 34.61
C GLN G 277 45.71 -15.37 36.05
N GLU G 278 45.92 -14.45 36.99
CA GLU G 278 46.31 -14.85 38.34
C GLU G 278 45.26 -15.72 39.01
N ASP G 279 43.99 -15.34 38.90
CA ASP G 279 42.92 -16.12 39.51
C ASP G 279 42.85 -17.52 38.92
N LYS G 280 42.95 -17.63 37.60
CA LYS G 280 42.94 -18.94 36.96
C LYS G 280 44.20 -19.73 37.31
N MET G 281 45.34 -19.05 37.42
CA MET G 281 46.58 -19.73 37.77
C MET G 281 46.54 -20.29 39.19
N LYS G 282 45.75 -19.68 40.06
CA LYS G 282 45.61 -20.22 41.42
C LYS G 282 45.00 -21.61 41.41
N HIS G 283 44.01 -21.83 40.54
CA HIS G 283 43.28 -23.09 40.51
C HIS G 283 43.83 -24.09 39.51
N CYS G 284 44.85 -23.74 38.74
CA CYS G 284 45.39 -24.63 37.71
C CYS G 284 46.90 -24.48 37.66
N SER G 285 47.60 -25.54 38.03
CA SER G 285 49.06 -25.46 38.17
C SER G 285 49.78 -25.46 36.82
N LYS G 286 49.15 -25.98 35.78
CA LYS G 286 49.85 -26.11 34.50
C LYS G 286 49.67 -24.90 33.59
N ILE G 287 49.05 -23.83 34.06
CA ILE G 287 48.94 -22.62 33.25
C ILE G 287 50.19 -21.76 33.46
N GLN G 288 50.85 -21.40 32.36
CA GLN G 288 51.96 -20.45 32.40
C GLN G 288 51.65 -19.28 31.48
N VAL G 289 52.19 -18.12 31.83
CA VAL G 289 51.86 -16.87 31.16
C VAL G 289 53.08 -16.33 30.45
N ILE G 290 52.90 -15.92 29.20
CA ILE G 290 53.91 -15.16 28.46
C ILE G 290 53.54 -13.69 28.53
N ASP G 291 54.47 -12.87 28.99
CA ASP G 291 54.21 -11.44 29.05
C ASP G 291 54.33 -10.88 27.64
N ILE G 292 53.28 -10.21 27.16
CA ILE G 292 53.33 -9.52 25.89
C ILE G 292 53.29 -8.01 26.06
N SER G 293 53.53 -7.52 27.27
CA SER G 293 53.49 -6.08 27.50
C SER G 293 54.59 -5.36 26.72
N MET G 294 55.71 -6.02 26.45
CA MET G 294 56.74 -5.35 25.65
C MET G 294 56.25 -5.11 24.23
N ILE G 295 55.53 -6.07 23.66
CA ILE G 295 55.03 -5.92 22.30
C ILE G 295 54.01 -4.78 22.23
N LEU G 296 53.08 -4.73 23.18
CA LEU G 296 52.10 -3.65 23.20
C LEU G 296 52.76 -2.30 23.44
N ALA G 297 53.71 -2.24 24.37
CA ALA G 297 54.42 -0.99 24.63
C ALA G 297 55.17 -0.53 23.40
N GLU G 298 55.85 -1.45 22.70
CA GLU G 298 56.55 -1.07 21.48
C GLU G 298 55.59 -0.60 20.41
N ALA G 299 54.44 -1.26 20.28
CA ALA G 299 53.47 -0.81 19.30
C ALA G 299 52.98 0.60 19.60
N ILE G 300 52.69 0.88 20.88
CA ILE G 300 52.26 2.22 21.26
C ILE G 300 53.34 3.24 20.95
N ARG G 301 54.58 2.92 21.33
CA ARG G 301 55.69 3.83 21.12
C ARG G 301 55.95 4.07 19.65
N ARG G 302 55.85 3.04 18.82
CA ARG G 302 56.10 3.18 17.39
C ARG G 302 54.97 3.92 16.68
N THR G 303 53.71 3.68 17.05
CA THR G 303 52.63 4.47 16.47
C THR G 303 52.78 5.94 16.85
N HIS G 304 53.17 6.21 18.10
CA HIS G 304 53.37 7.58 18.51
C HIS G 304 54.50 8.25 17.74
N ASN G 305 55.60 7.54 17.52
CA ASN G 305 56.77 8.14 16.89
C ASN G 305 56.77 8.04 15.37
N GLY G 306 55.74 7.46 14.77
CA GLY G 306 55.75 7.29 13.33
C GLY G 306 56.74 6.25 12.84
N GLU G 307 57.08 5.29 13.68
CA GLU G 307 58.00 4.21 13.34
C GLU G 307 57.20 2.98 12.88
N SER G 308 57.89 2.07 12.21
CA SER G 308 57.23 0.90 11.63
C SER G 308 56.70 -0.02 12.73
N VAL G 309 55.41 -0.31 12.69
CA VAL G 309 54.83 -1.26 13.62
C VAL G 309 54.99 -2.69 13.11
N SER G 310 54.92 -2.89 11.80
CA SER G 310 55.03 -4.22 11.23
C SER G 310 56.38 -4.87 11.51
N TYR G 311 57.38 -4.07 11.86
CA TYR G 311 58.67 -4.60 12.29
C TYR G 311 58.50 -5.54 13.49
N LEU G 312 57.50 -5.29 14.32
CA LEU G 312 57.21 -6.15 15.46
C LEU G 312 56.62 -7.49 15.08
N PHE G 313 56.12 -7.64 13.85
CA PHE G 313 55.55 -8.93 13.46
C PHE G 313 56.57 -10.04 13.49
N SER G 314 57.86 -9.71 13.37
CA SER G 314 58.90 -10.71 13.31
C SER G 314 60.03 -10.52 14.32
N HIS G 315 59.97 -9.51 15.17
CA HIS G 315 61.07 -9.19 16.08
C HIS G 315 60.55 -9.04 17.50
N VAL G 316 61.20 -9.72 18.43
CA VAL G 316 60.96 -9.55 19.86
C VAL G 316 61.75 -8.33 20.32
N PRO G 317 61.10 -7.30 20.87
CA PRO G 317 61.83 -6.12 21.33
C PRO G 317 62.54 -6.34 22.66
N PRO H 2 5.61 0.04 -5.61
CA PRO H 2 6.84 -0.12 -6.41
C PRO H 2 6.90 -1.46 -7.13
N ASN H 3 7.29 -1.42 -8.39
CA ASN H 3 7.44 -2.61 -9.20
C ASN H 3 8.92 -2.98 -9.32
N ILE H 4 9.16 -4.25 -9.61
CA ILE H 4 10.51 -4.72 -9.87
C ILE H 4 10.96 -4.22 -11.24
N LYS H 5 12.15 -3.62 -11.28
CA LYS H 5 12.84 -3.32 -12.53
C LYS H 5 14.18 -4.00 -12.49
N ILE H 6 14.48 -4.83 -13.49
CA ILE H 6 15.75 -5.52 -13.60
C ILE H 6 16.55 -4.84 -14.69
N PHE H 7 17.75 -4.42 -14.36
CA PHE H 7 18.68 -3.86 -15.33
C PHE H 7 19.92 -4.76 -15.39
N SER H 8 20.43 -4.95 -16.59
CA SER H 8 21.63 -5.73 -16.80
C SER H 8 22.82 -4.80 -17.05
N GLY H 9 23.92 -5.05 -16.38
CA GLY H 9 25.18 -4.53 -16.82
C GLY H 9 25.68 -5.30 -18.02
N SER H 10 26.85 -4.91 -18.51
CA SER H 10 27.38 -5.57 -19.70
C SER H 10 28.11 -6.87 -19.39
N SER H 11 28.37 -7.18 -18.12
CA SER H 11 29.20 -8.34 -17.81
C SER H 11 28.50 -9.66 -18.17
N HIS H 12 27.26 -9.84 -17.72
CA HIS H 12 26.59 -11.14 -17.87
C HIS H 12 25.16 -10.87 -18.34
N GLN H 13 25.00 -10.69 -19.65
CA GLN H 13 23.68 -10.39 -20.21
C GLN H 13 22.76 -11.60 -20.20
N ASP H 14 23.30 -12.77 -20.48
CA ASP H 14 22.49 -13.98 -20.58
C ASP H 14 21.90 -14.33 -19.20
N LEU H 15 22.70 -14.18 -18.14
CA LEU H 15 22.18 -14.43 -16.80
C LEU H 15 21.06 -13.46 -16.45
N SER H 16 21.22 -12.19 -16.77
CA SER H 16 20.19 -11.21 -16.49
C SER H 16 18.91 -11.52 -17.25
N GLN H 17 19.05 -11.93 -18.51
CA GLN H 17 17.87 -12.32 -19.27
C GLN H 17 17.17 -13.52 -18.66
N LYS H 18 17.94 -14.52 -18.23
CA LYS H 18 17.33 -15.69 -17.60
C LYS H 18 16.58 -15.29 -16.34
N ILE H 19 17.18 -14.42 -15.52
CA ILE H 19 16.52 -13.94 -14.32
C ILE H 19 15.24 -13.21 -14.67
N ALA H 20 15.28 -12.35 -15.69
CA ALA H 20 14.11 -11.59 -16.08
C ALA H 20 13.00 -12.49 -16.58
N ASP H 21 13.34 -13.51 -17.37
CA ASP H 21 12.33 -14.46 -17.82
C ASP H 21 11.69 -15.18 -16.65
N ARG H 22 12.49 -15.61 -15.67
CA ARG H 22 11.91 -16.30 -14.53
C ARG H 22 10.98 -15.41 -13.73
N LEU H 23 11.19 -14.10 -13.75
CA LEU H 23 10.31 -13.17 -13.06
C LEU H 23 9.15 -12.69 -13.91
N GLY H 24 9.06 -13.13 -15.17
CA GLY H 24 8.04 -12.61 -16.06
C GLY H 24 8.17 -11.14 -16.36
N LEU H 25 9.39 -10.68 -16.59
CA LEU H 25 9.67 -9.27 -16.84
C LEU H 25 10.59 -9.12 -18.04
N GLU H 26 10.53 -7.95 -18.65
CA GLU H 26 11.53 -7.55 -19.63
C GLU H 26 12.65 -6.79 -18.93
N LEU H 27 13.85 -6.93 -19.46
CA LEU H 27 14.97 -6.16 -18.95
C LEU H 27 14.73 -4.67 -19.17
N GLY H 28 15.05 -3.87 -18.16
CA GLY H 28 14.89 -2.44 -18.29
C GLY H 28 15.77 -1.86 -19.38
N LYS H 29 15.25 -0.81 -20.04
CA LYS H 29 16.01 -0.16 -21.10
C LYS H 29 17.17 0.62 -20.50
N VAL H 30 18.37 0.25 -20.87
CA VAL H 30 19.57 0.97 -20.43
C VAL H 30 20.60 0.89 -21.54
N VAL H 31 21.28 2.00 -21.79
CA VAL H 31 22.41 2.07 -22.68
C VAL H 31 23.66 2.05 -21.83
N THR H 32 24.49 1.03 -22.01
CA THR H 32 25.73 0.87 -21.25
C THR H 32 26.85 0.67 -22.28
N LYS H 33 27.60 1.73 -22.56
CA LYS H 33 28.66 1.66 -23.55
C LYS H 33 29.87 2.46 -23.09
N LYS H 34 30.78 2.78 -24.00
CA LYS H 34 31.96 3.55 -23.67
C LYS H 34 32.07 4.77 -24.57
N PHE H 35 32.41 5.91 -23.97
CA PHE H 35 32.79 7.07 -24.76
C PHE H 35 34.09 6.77 -25.51
N SER H 36 34.48 7.69 -26.38
CA SER H 36 35.68 7.49 -27.19
C SER H 36 36.92 7.29 -26.32
N ASN H 37 37.04 8.06 -25.24
CA ASN H 37 38.18 7.94 -24.33
C ASN H 37 38.02 6.80 -23.32
N GLN H 38 37.07 5.90 -23.53
CA GLN H 38 36.89 4.68 -22.76
C GLN H 38 36.28 4.92 -21.38
N GLU H 39 35.67 6.08 -21.15
CA GLU H 39 34.92 6.29 -19.93
C GLU H 39 33.55 5.64 -20.08
N THR H 40 33.04 5.06 -19.01
CA THR H 40 31.74 4.41 -19.07
C THR H 40 30.63 5.42 -19.30
N CYS H 41 29.74 5.10 -20.24
CA CYS H 41 28.56 5.89 -20.55
C CYS H 41 27.33 5.07 -20.19
N VAL H 42 26.47 5.64 -19.37
CA VAL H 42 25.25 4.97 -18.90
C VAL H 42 24.08 5.91 -19.12
N GLU H 43 22.99 5.37 -19.66
CA GLU H 43 21.78 6.13 -19.91
C GLU H 43 20.58 5.26 -19.57
N ILE H 44 19.84 5.63 -18.54
CA ILE H 44 18.64 4.87 -18.16
C ILE H 44 17.51 5.26 -19.11
N GLY H 45 17.04 4.29 -19.88
CA GLY H 45 16.07 4.54 -20.92
C GLY H 45 14.62 4.58 -20.52
N GLU H 46 14.32 4.43 -19.22
CA GLU H 46 12.96 4.48 -18.74
C GLU H 46 12.97 5.02 -17.33
N SER H 47 11.86 5.64 -16.94
CA SER H 47 11.73 6.16 -15.59
C SER H 47 11.81 5.02 -14.59
N VAL H 48 12.59 5.21 -13.53
CA VAL H 48 12.67 4.28 -12.43
C VAL H 48 12.13 4.91 -11.15
N ARG H 49 11.47 6.05 -11.28
CA ARG H 49 10.99 6.81 -10.13
C ARG H 49 10.02 5.97 -9.31
N GLY H 50 10.34 5.75 -8.05
CA GLY H 50 9.49 4.99 -7.17
C GLY H 50 9.52 3.49 -7.37
N GLU H 51 10.45 2.98 -8.18
CA GLU H 51 10.50 1.55 -8.47
C GLU H 51 11.59 0.86 -7.64
N ASP H 52 11.47 -0.45 -7.56
CA ASP H 52 12.43 -1.31 -6.86
C ASP H 52 13.40 -1.85 -7.90
N VAL H 53 14.60 -1.26 -7.96
CA VAL H 53 15.54 -1.50 -9.05
C VAL H 53 16.56 -2.55 -8.64
N TYR H 54 16.77 -3.53 -9.51
CA TYR H 54 17.81 -4.54 -9.33
C TYR H 54 18.76 -4.48 -10.50
N ILE H 55 20.04 -4.32 -10.22
CA ILE H 55 21.06 -4.22 -11.25
C ILE H 55 21.94 -5.46 -11.16
N VAL H 56 22.00 -6.21 -12.25
CA VAL H 56 22.72 -7.48 -12.28
C VAL H 56 24.07 -7.26 -12.94
N GLN H 57 25.14 -7.50 -12.20
CA GLN H 57 26.50 -7.35 -12.71
C GLN H 57 27.41 -8.26 -11.90
N SER H 58 28.11 -9.15 -12.57
CA SER H 58 29.04 -10.03 -11.89
C SER H 58 30.46 -9.48 -11.98
N GLY H 59 31.25 -9.81 -10.97
CA GLY H 59 32.65 -9.43 -10.93
C GLY H 59 33.50 -10.36 -11.76
N CYS H 60 33.43 -10.21 -13.08
CA CYS H 60 34.12 -11.08 -14.01
C CYS H 60 34.52 -10.27 -15.23
N GLY H 61 35.23 -10.93 -16.14
CA GLY H 61 35.70 -10.25 -17.34
C GLY H 61 36.62 -9.10 -17.00
N GLU H 62 36.38 -7.95 -17.64
CA GLU H 62 37.13 -6.73 -17.35
C GLU H 62 36.56 -6.17 -16.05
N ILE H 63 37.15 -6.61 -14.95
CA ILE H 63 36.51 -6.44 -13.64
C ILE H 63 36.38 -4.98 -13.28
N ASN H 64 37.41 -4.17 -13.54
CA ASN H 64 37.35 -2.77 -13.15
C ASN H 64 36.32 -2.02 -13.98
N ASP H 65 36.23 -2.31 -15.28
CA ASP H 65 35.20 -1.70 -16.10
C ASP H 65 33.81 -2.08 -15.62
N ASN H 66 33.61 -3.36 -15.30
CA ASN H 66 32.29 -3.82 -14.89
C ASN H 66 31.90 -3.23 -13.53
N LEU H 67 32.84 -3.17 -12.61
CA LEU H 67 32.58 -2.54 -11.31
C LEU H 67 32.24 -1.07 -11.48
N MET H 68 33.01 -0.35 -12.29
CA MET H 68 32.68 1.08 -12.52
C MET H 68 31.29 1.18 -13.12
N GLU H 69 30.97 0.34 -14.10
CA GLU H 69 29.66 0.40 -14.74
C GLU H 69 28.56 0.17 -13.72
N LEU H 70 28.74 -0.80 -12.83
CA LEU H 70 27.75 -1.06 -11.79
C LEU H 70 27.57 0.15 -10.89
N LEU H 71 28.67 0.76 -10.45
CA LEU H 71 28.56 1.91 -9.58
C LEU H 71 27.88 3.08 -10.28
N ILE H 72 28.21 3.31 -11.55
CA ILE H 72 27.59 4.40 -12.30
C ILE H 72 26.11 4.14 -12.50
N MET H 73 25.72 2.89 -12.78
CA MET H 73 24.30 2.57 -12.91
C MET H 73 23.56 2.77 -11.61
N ILE H 74 24.14 2.34 -10.48
CA ILE H 74 23.52 2.55 -9.19
C ILE H 74 23.32 4.04 -8.93
N ASN H 75 24.35 4.84 -9.22
CA ASN H 75 24.24 6.28 -9.02
C ASN H 75 23.14 6.88 -9.88
N ALA H 76 23.07 6.47 -11.16
CA ALA H 76 22.05 6.98 -12.05
C ALA H 76 20.65 6.64 -11.56
N CYS H 77 20.46 5.41 -11.07
CA CYS H 77 19.15 5.02 -10.58
C CYS H 77 18.80 5.74 -9.28
N LYS H 78 19.80 5.95 -8.41
CA LYS H 78 19.55 6.63 -7.15
C LYS H 78 19.16 8.07 -7.35
N ILE H 79 19.87 8.81 -8.21
CA ILE H 79 19.49 10.20 -8.42
C ILE H 79 18.29 10.34 -9.35
N ALA H 80 17.83 9.25 -9.96
CA ALA H 80 16.58 9.24 -10.70
C ALA H 80 15.40 8.85 -9.80
N SER H 81 15.59 8.84 -8.48
CA SER H 81 14.52 8.69 -7.50
C SER H 81 13.91 7.29 -7.50
N ALA H 82 14.73 6.29 -7.75
CA ALA H 82 14.30 4.92 -7.48
C ALA H 82 14.01 4.77 -6.00
N SER H 83 12.95 4.03 -5.67
CA SER H 83 12.62 3.85 -4.26
C SER H 83 13.67 3.01 -3.55
N ARG H 84 14.24 2.04 -4.24
CA ARG H 84 15.26 1.18 -3.66
C ARG H 84 16.14 0.66 -4.78
N VAL H 85 17.44 0.57 -4.52
CA VAL H 85 18.39 0.05 -5.50
C VAL H 85 19.14 -1.11 -4.88
N THR H 86 19.13 -2.25 -5.57
CA THR H 86 19.79 -3.46 -5.12
C THR H 86 20.81 -3.89 -6.15
N ALA H 87 22.05 -4.09 -5.72
CA ALA H 87 23.09 -4.64 -6.57
C ALA H 87 23.04 -6.15 -6.48
N VAL H 88 22.78 -6.80 -7.60
CA VAL H 88 22.80 -8.26 -7.69
C VAL H 88 24.15 -8.62 -8.27
N ILE H 89 25.08 -9.04 -7.42
CA ILE H 89 26.47 -9.28 -7.82
C ILE H 89 26.76 -10.76 -7.62
N PRO H 90 26.50 -11.61 -8.60
CA PRO H 90 26.67 -13.06 -8.37
C PRO H 90 28.07 -13.45 -7.93
N CYS H 91 29.11 -12.87 -8.52
CA CYS H 91 30.49 -13.09 -8.09
C CYS H 91 31.06 -11.76 -7.64
N PHE H 92 31.31 -11.65 -6.34
CA PHE H 92 31.70 -10.37 -5.76
C PHE H 92 33.14 -10.03 -6.11
N PRO H 93 33.41 -8.91 -6.76
CA PRO H 93 34.78 -8.57 -7.13
C PRO H 93 35.64 -8.19 -5.94
N TYR H 94 36.92 -8.53 -6.01
CA TYR H 94 37.92 -8.29 -4.97
C TYR H 94 37.62 -9.03 -3.67
N ALA H 95 36.82 -10.09 -3.73
CA ALA H 95 36.46 -10.82 -2.53
C ALA H 95 37.68 -11.50 -1.90
N ARG H 96 38.67 -11.88 -2.69
CA ARG H 96 39.84 -12.54 -2.13
C ARG H 96 40.79 -11.58 -1.42
N GLN H 97 40.62 -10.28 -1.60
CA GLN H 97 41.38 -9.29 -0.83
C GLN H 97 40.54 -8.78 0.34
N ASP H 98 40.27 -9.69 1.27
CA ASP H 98 39.40 -9.45 2.41
C ASP H 98 40.16 -9.18 3.69
N LYS H 99 41.49 -9.15 3.64
CA LYS H 99 42.32 -8.91 4.81
C LYS H 99 43.71 -8.54 4.35
N LYS H 100 44.50 -8.01 5.27
CA LYS H 100 45.91 -7.64 5.07
C LYS H 100 46.85 -8.77 5.45
N ASP H 101 46.75 -9.20 6.71
CA ASP H 101 47.34 -10.36 7.38
C ASP H 101 48.81 -10.33 7.75
N LYS H 102 49.69 -9.68 6.99
CA LYS H 102 50.97 -9.19 7.51
C LYS H 102 51.54 -8.11 6.61
N SER H 103 50.83 -7.77 5.54
CA SER H 103 51.43 -7.01 4.45
C SER H 103 50.79 -5.64 4.38
N ARG H 104 51.54 -4.68 3.83
CA ARG H 104 51.07 -3.31 3.67
C ARG H 104 50.21 -3.25 2.40
N ALA H 105 49.03 -3.83 2.51
CA ALA H 105 48.14 -4.08 1.39
C ALA H 105 46.78 -3.46 1.64
N PRO H 106 46.02 -3.17 0.60
CA PRO H 106 44.64 -2.73 0.78
C PRO H 106 43.75 -3.87 1.21
N ILE H 107 42.65 -3.53 1.86
CA ILE H 107 41.53 -4.45 2.01
C ILE H 107 40.55 -4.04 0.91
N SER H 108 40.77 -4.58 -0.29
CA SER H 108 40.04 -4.10 -1.46
C SER H 108 38.56 -4.42 -1.39
N ALA H 109 38.20 -5.55 -0.78
CA ALA H 109 36.79 -5.89 -0.63
C ALA H 109 36.05 -4.85 0.19
N LYS H 110 36.68 -4.35 1.26
CA LYS H 110 36.06 -3.29 2.05
C LYS H 110 35.92 -2.01 1.24
N LEU H 111 36.93 -1.69 0.43
CA LEU H 111 36.83 -0.53 -0.44
C LEU H 111 35.66 -0.67 -1.41
N VAL H 112 35.50 -1.86 -1.99
CA VAL H 112 34.38 -2.10 -2.91
C VAL H 112 33.05 -1.94 -2.19
N ALA H 113 32.95 -2.47 -0.98
CA ALA H 113 31.73 -2.31 -0.19
C ALA H 113 31.44 -0.84 0.07
N ASN H 114 32.46 -0.07 0.44
CA ASN H 114 32.28 1.36 0.66
C ASN H 114 31.83 2.07 -0.60
N MET H 115 32.41 1.70 -1.73
CA MET H 115 32.03 2.34 -2.99
C MET H 115 30.60 2.01 -3.37
N LEU H 116 30.18 0.75 -3.18
CA LEU H 116 28.80 0.39 -3.46
C LEU H 116 27.84 1.16 -2.56
N SER H 117 28.21 1.32 -1.29
CA SER H 117 27.36 2.07 -0.36
C SER H 117 27.25 3.54 -0.76
N VAL H 118 28.39 4.17 -1.06
CA VAL H 118 28.36 5.60 -1.39
C VAL H 118 27.71 5.83 -2.74
N ALA H 119 27.73 4.85 -3.65
CA ALA H 119 27.02 4.98 -4.90
C ALA H 119 25.51 5.00 -4.70
N GLY H 120 25.02 4.40 -3.61
CA GLY H 120 23.62 4.46 -3.28
C GLY H 120 22.91 3.12 -3.15
N ALA H 121 23.65 2.02 -3.16
CA ALA H 121 23.02 0.71 -3.05
C ALA H 121 22.38 0.57 -1.67
N ASP H 122 21.12 0.18 -1.64
CA ASP H 122 20.43 -0.09 -0.39
C ASP H 122 20.49 -1.55 0.04
N HIS H 123 20.97 -2.43 -0.83
CA HIS H 123 20.86 -3.86 -0.61
C HIS H 123 21.77 -4.56 -1.60
N ILE H 124 22.40 -5.65 -1.14
CA ILE H 124 23.29 -6.46 -1.96
C ILE H 124 22.78 -7.89 -1.97
N ILE H 125 22.72 -8.48 -3.15
CA ILE H 125 22.49 -9.92 -3.30
C ILE H 125 23.70 -10.51 -3.99
N THR H 126 24.28 -11.53 -3.40
CA THR H 126 25.48 -12.14 -3.94
C THR H 126 25.41 -13.64 -3.68
N MET H 127 26.34 -14.39 -4.27
CA MET H 127 26.35 -15.84 -4.12
C MET H 127 27.73 -16.32 -3.73
N ASP H 128 27.79 -17.12 -2.66
CA ASP H 128 29.00 -17.78 -2.17
C ASP H 128 30.18 -16.81 -2.10
N LEU H 129 30.03 -15.84 -1.22
CA LEU H 129 31.13 -14.93 -0.91
C LEU H 129 32.35 -15.73 -0.49
N HIS H 130 33.53 -15.31 -0.98
CA HIS H 130 34.76 -16.00 -0.63
C HIS H 130 34.94 -16.08 0.88
N ALA H 131 34.62 -15.02 1.60
CA ALA H 131 34.60 -15.02 3.05
C ALA H 131 33.32 -14.35 3.51
N SER H 132 32.53 -15.06 4.32
CA SER H 132 31.25 -14.49 4.73
C SER H 132 31.42 -13.30 5.66
N GLN H 133 32.62 -13.10 6.22
CA GLN H 133 32.91 -11.87 6.94
C GLN H 133 32.74 -10.64 6.06
N ILE H 134 32.77 -10.80 4.73
CA ILE H 134 32.54 -9.68 3.83
C ILE H 134 31.16 -9.07 4.08
N GLN H 135 30.21 -9.86 4.58
CA GLN H 135 28.90 -9.30 4.91
C GLN H 135 29.03 -8.17 5.93
N GLY H 136 29.99 -8.29 6.85
CA GLY H 136 30.26 -7.25 7.82
C GLY H 136 31.00 -6.05 7.27
N PHE H 137 31.48 -6.10 6.03
CA PHE H 137 32.05 -4.92 5.41
C PHE H 137 31.00 -3.89 5.02
N PHE H 138 29.73 -4.27 5.04
CA PHE H 138 28.62 -3.39 4.66
C PHE H 138 27.85 -2.94 5.89
N ASP H 139 27.22 -1.78 5.77
CA ASP H 139 26.20 -1.39 6.74
C ASP H 139 24.78 -1.62 6.23
N ILE H 140 24.62 -1.87 4.93
CA ILE H 140 23.33 -2.22 4.34
C ILE H 140 23.16 -3.74 4.40
N PRO H 141 21.94 -4.27 4.31
CA PRO H 141 21.78 -5.72 4.32
C PRO H 141 22.43 -6.39 3.12
N VAL H 142 22.98 -7.57 3.33
CA VAL H 142 23.61 -8.37 2.30
C VAL H 142 23.05 -9.78 2.38
N ASP H 143 22.44 -10.25 1.30
CA ASP H 143 21.94 -11.61 1.23
C ASP H 143 22.95 -12.46 0.46
N ASN H 144 23.64 -13.32 1.17
CA ASN H 144 24.67 -14.20 0.60
C ASN H 144 24.02 -15.55 0.31
N LEU H 145 23.65 -15.77 -0.94
CA LEU H 145 23.04 -17.01 -1.36
C LEU H 145 24.08 -18.11 -1.51
N TYR H 146 23.62 -19.35 -1.50
CA TYR H 146 24.48 -20.52 -1.59
C TYR H 146 24.12 -21.33 -2.82
N ALA H 147 25.14 -21.80 -3.54
CA ALA H 147 24.91 -22.71 -4.65
C ALA H 147 24.67 -24.13 -4.18
N GLU H 148 24.81 -24.40 -2.88
CA GLU H 148 24.77 -25.77 -2.38
C GLU H 148 23.53 -26.56 -2.76
N PRO H 149 22.30 -26.02 -2.70
CA PRO H 149 21.15 -26.84 -3.13
C PRO H 149 21.25 -27.29 -4.58
N ALA H 150 21.66 -26.39 -5.47
CA ALA H 150 21.84 -26.75 -6.87
C ALA H 150 22.98 -27.75 -7.04
N VAL H 151 24.05 -27.60 -6.25
CA VAL H 151 25.15 -28.55 -6.30
C VAL H 151 24.70 -29.94 -5.88
N LEU H 152 23.94 -30.03 -4.80
CA LEU H 152 23.42 -31.31 -4.33
C LEU H 152 22.53 -31.95 -5.36
N LYS H 153 21.67 -31.14 -6.00
CA LYS H 153 20.83 -31.66 -7.07
C LYS H 153 21.66 -32.22 -8.21
N TRP H 154 22.71 -31.48 -8.62
CA TRP H 154 23.57 -31.98 -9.69
C TRP H 154 24.24 -33.28 -9.30
N ILE H 155 24.74 -33.37 -8.07
CA ILE H 155 25.43 -34.58 -7.64
C ILE H 155 24.48 -35.77 -7.68
N ARG H 156 23.26 -35.58 -7.19
CA ARG H 156 22.30 -36.68 -7.15
C ARG H 156 21.86 -37.10 -8.55
N GLU H 157 21.77 -36.16 -9.47
CA GLU H 157 21.30 -36.52 -10.81
C GLU H 157 22.41 -36.85 -11.79
N ASN H 158 23.69 -36.73 -11.43
CA ASN H 158 24.75 -36.94 -12.41
C ASN H 158 25.82 -37.94 -12.01
N ILE H 159 25.94 -38.27 -10.73
CA ILE H 159 26.97 -39.20 -10.26
C ILE H 159 26.26 -40.43 -9.71
N SER H 160 26.34 -41.54 -10.45
CA SER H 160 25.56 -42.72 -10.10
C SER H 160 25.97 -43.31 -8.75
N GLU H 161 27.22 -43.14 -8.35
CA GLU H 161 27.74 -43.71 -7.12
C GLU H 161 27.83 -42.70 -5.99
N TRP H 162 26.95 -41.69 -6.00
CA TRP H 162 27.07 -40.59 -5.05
C TRP H 162 26.88 -41.04 -3.62
N ARG H 163 26.15 -42.13 -3.38
CA ARG H 163 25.97 -42.59 -2.01
C ARG H 163 27.26 -43.13 -1.42
N ASN H 164 28.21 -43.55 -2.27
CA ASN H 164 29.50 -44.04 -1.80
C ASN H 164 30.62 -43.05 -2.03
N CYS H 165 30.34 -41.91 -2.66
CA CYS H 165 31.36 -40.94 -3.01
C CYS H 165 31.96 -40.31 -1.77
N THR H 166 32.93 -39.43 -1.99
CA THR H 166 33.59 -38.66 -0.95
C THR H 166 33.65 -37.20 -1.38
N ILE H 167 33.41 -36.30 -0.44
CA ILE H 167 33.44 -34.86 -0.71
C ILE H 167 34.74 -34.29 -0.17
N VAL H 168 35.58 -33.75 -1.05
CA VAL H 168 36.94 -33.37 -0.69
C VAL H 168 37.09 -31.86 -0.81
N SER H 169 37.56 -31.24 0.24
CA SER H 169 37.96 -29.86 0.23
C SER H 169 39.37 -29.73 -0.35
N PRO H 170 39.61 -28.80 -1.26
CA PRO H 170 40.97 -28.66 -1.83
C PRO H 170 41.93 -27.97 -0.89
N ASP H 171 41.48 -26.94 -0.18
CA ASP H 171 42.30 -26.27 0.82
C ASP H 171 41.58 -26.37 2.15
N ALA H 172 42.36 -26.32 3.24
CA ALA H 172 41.78 -26.41 4.57
C ALA H 172 40.79 -25.29 4.83
N GLY H 173 40.89 -24.17 4.14
CA GLY H 173 40.07 -23.01 4.47
C GLY H 173 38.60 -23.25 4.28
N GLY H 174 38.21 -23.85 3.16
CA GLY H 174 36.81 -24.01 2.83
C GLY H 174 36.18 -25.34 3.19
N ALA H 175 36.76 -26.09 4.12
CA ALA H 175 36.25 -27.43 4.42
C ALA H 175 34.86 -27.36 5.05
N LYS H 176 34.45 -26.18 5.52
CA LYS H 176 33.10 -26.02 6.05
C LYS H 176 32.05 -26.33 4.99
N ARG H 177 32.27 -25.82 3.77
CA ARG H 177 31.35 -26.10 2.67
C ARG H 177 31.23 -27.59 2.44
N VAL H 178 32.36 -28.30 2.43
CA VAL H 178 32.33 -29.72 2.10
C VAL H 178 31.72 -30.52 3.24
N THR H 179 31.92 -30.09 4.49
CA THR H 179 31.25 -30.77 5.60
C THR H 179 29.74 -30.60 5.51
N SER H 180 29.27 -29.39 5.18
CA SER H 180 27.84 -29.20 5.01
C SER H 180 27.29 -30.10 3.90
N ILE H 181 28.02 -30.16 2.77
CA ILE H 181 27.56 -30.99 1.65
C ILE H 181 27.56 -32.46 2.02
N ALA H 182 28.62 -32.92 2.69
CA ALA H 182 28.69 -34.33 3.09
C ALA H 182 27.59 -34.67 4.10
N ASP H 183 27.31 -33.76 5.03
CA ASP H 183 26.21 -33.97 5.96
C ASP H 183 24.88 -34.08 5.23
N ARG H 184 24.64 -33.20 4.26
CA ARG H 184 23.44 -33.29 3.45
C ARG H 184 23.34 -34.60 2.69
N LEU H 185 24.44 -35.07 2.11
CA LEU H 185 24.44 -36.31 1.36
C LEU H 185 24.63 -37.53 2.24
N ASN H 186 25.00 -37.35 3.50
CA ASN H 186 25.37 -38.44 4.40
C ASN H 186 26.51 -39.27 3.82
N VAL H 187 27.65 -38.63 3.62
CA VAL H 187 28.86 -39.28 3.11
C VAL H 187 30.06 -38.75 3.89
N ASP H 188 31.21 -39.35 3.63
CA ASP H 188 32.45 -38.94 4.28
C ASP H 188 33.03 -37.71 3.56
N PHE H 189 33.64 -36.83 4.35
CA PHE H 189 34.38 -35.72 3.78
C PHE H 189 35.87 -35.94 4.00
N ALA H 190 36.54 -36.38 2.93
CA ALA H 190 37.98 -36.49 2.87
C ALA H 190 38.58 -35.11 2.69
N LEU H 191 39.72 -34.86 3.33
CA LEU H 191 40.36 -33.56 3.27
C LEU H 191 41.77 -33.63 2.69
N ILE H 192 42.17 -32.53 2.06
CA ILE H 192 43.44 -32.40 1.37
C ILE H 192 44.07 -31.07 1.75
N HIS H 193 45.38 -31.07 2.01
CA HIS H 193 46.12 -29.81 2.04
C HIS H 193 47.59 -30.06 1.72
N LYS H 194 48.25 -29.03 1.21
CA LYS H 194 49.65 -29.16 0.83
C LYS H 194 50.55 -28.96 2.05
N GLU H 195 51.70 -29.60 2.02
CA GLU H 195 52.66 -29.52 3.11
C GLU H 195 53.64 -28.38 2.89
N ASP H 203 55.41 -29.04 -2.03
CA ASP H 203 54.96 -29.49 -3.35
C ASP H 203 54.25 -30.83 -3.25
N ARG H 204 54.06 -31.30 -2.02
CA ARG H 204 53.36 -32.55 -1.77
C ARG H 204 52.04 -32.28 -1.05
N MET H 205 51.12 -33.22 -1.18
CA MET H 205 49.78 -33.07 -0.63
C MET H 205 49.49 -34.21 0.34
N VAL H 206 48.68 -33.94 1.36
CA VAL H 206 48.27 -34.94 2.33
C VAL H 206 46.75 -35.01 2.35
N LEU H 207 46.24 -36.25 2.33
CA LEU H 207 44.82 -36.56 2.21
C LEU H 207 44.40 -37.50 3.34
N VAL H 208 43.29 -37.16 4.00
CA VAL H 208 42.64 -38.02 4.98
C VAL H 208 41.27 -38.41 4.47
N GLY H 209 40.93 -39.68 4.59
CA GLY H 209 39.64 -40.13 4.12
C GLY H 209 39.83 -41.13 3.00
N ASP H 210 39.23 -42.31 3.18
CA ASP H 210 39.34 -43.36 2.19
C ASP H 210 38.75 -42.91 0.87
N VAL H 211 39.58 -42.85 -0.17
CA VAL H 211 39.12 -42.53 -1.52
C VAL H 211 39.29 -43.69 -2.49
N LYS H 212 39.94 -44.77 -2.07
CA LYS H 212 40.26 -45.86 -2.99
C LYS H 212 39.00 -46.48 -3.58
N ASP H 213 39.02 -46.71 -4.89
CA ASP H 213 37.95 -47.32 -5.66
C ASP H 213 36.63 -46.56 -5.54
N ARG H 214 36.67 -45.31 -5.10
CA ARG H 214 35.49 -44.49 -4.92
C ARG H 214 35.54 -43.29 -5.86
N VAL H 215 34.42 -42.57 -5.91
CA VAL H 215 34.41 -41.27 -6.56
C VAL H 215 34.72 -40.20 -5.53
N ALA H 216 35.67 -39.33 -5.85
CA ALA H 216 35.96 -38.16 -5.04
C ALA H 216 35.38 -36.92 -5.72
N ILE H 217 34.80 -36.04 -4.93
CA ILE H 217 34.17 -34.83 -5.44
C ILE H 217 34.84 -33.65 -4.75
N LEU H 218 35.67 -32.93 -5.49
CA LEU H 218 36.21 -31.68 -4.96
C LEU H 218 35.16 -30.58 -5.04
N VAL H 219 34.99 -29.86 -3.95
CA VAL H 219 34.05 -28.75 -3.87
C VAL H 219 34.81 -27.53 -3.36
N ASP H 220 34.62 -26.40 -4.05
CA ASP H 220 35.28 -25.16 -3.67
C ASP H 220 34.43 -24.00 -4.15
N ASP H 221 34.74 -22.81 -3.64
CA ASP H 221 33.96 -21.63 -4.01
C ASP H 221 34.31 -21.12 -5.40
N MET H 222 35.56 -21.29 -5.84
CA MET H 222 35.94 -20.75 -7.14
C MET H 222 37.18 -21.46 -7.65
N ALA H 223 37.33 -21.44 -8.97
CA ALA H 223 38.52 -21.94 -9.63
C ALA H 223 39.04 -20.83 -10.54
N ASP H 224 40.15 -20.22 -10.16
CA ASP H 224 40.69 -19.10 -10.92
C ASP H 224 41.73 -19.56 -11.93
N THR H 225 42.88 -20.00 -11.44
CA THR H 225 43.93 -20.55 -12.29
C THR H 225 43.91 -22.07 -12.28
N CYS H 226 43.04 -22.66 -11.46
CA CYS H 226 42.87 -24.10 -11.29
C CYS H 226 44.11 -24.78 -10.75
N GLY H 227 45.07 -24.01 -10.23
CA GLY H 227 46.17 -24.61 -9.51
C GLY H 227 45.72 -25.37 -8.29
N THR H 228 44.73 -24.85 -7.58
CA THR H 228 44.24 -25.48 -6.36
C THR H 228 43.59 -26.84 -6.65
N ILE H 229 42.68 -26.90 -7.62
CA ILE H 229 41.97 -28.16 -7.85
C ILE H 229 42.83 -29.15 -8.61
N CYS H 230 43.75 -28.70 -9.46
CA CYS H 230 44.57 -29.65 -10.21
C CYS H 230 45.55 -30.38 -9.28
N HIS H 231 46.14 -29.66 -8.34
CA HIS H 231 47.01 -30.30 -7.34
C HIS H 231 46.22 -31.29 -6.49
N ALA H 232 45.05 -30.89 -6.03
CA ALA H 232 44.21 -31.78 -5.23
C ALA H 232 43.81 -33.02 -6.02
N ALA H 233 43.47 -32.85 -7.30
CA ALA H 233 43.10 -33.99 -8.13
C ALA H 233 44.28 -34.93 -8.35
N ASP H 234 45.48 -34.37 -8.54
CA ASP H 234 46.66 -35.20 -8.66
C ASP H 234 46.84 -36.07 -7.41
N LYS H 235 46.72 -35.44 -6.24
CA LYS H 235 46.78 -36.20 -5.00
C LYS H 235 45.72 -37.30 -4.97
N LEU H 236 44.47 -36.96 -5.29
CA LEU H 236 43.40 -37.94 -5.20
C LEU H 236 43.65 -39.12 -6.13
N LEU H 237 44.09 -38.84 -7.36
CA LEU H 237 44.40 -39.92 -8.28
C LEU H 237 45.58 -40.75 -7.81
N SER H 238 46.49 -40.15 -7.03
CA SER H 238 47.56 -40.95 -6.44
C SER H 238 46.99 -42.02 -5.51
N ALA H 239 45.89 -41.72 -4.82
CA ALA H 239 45.31 -42.61 -3.82
C ALA H 239 44.17 -43.45 -4.37
N GLY H 240 44.12 -43.67 -5.69
CA GLY H 240 43.29 -44.71 -6.26
C GLY H 240 41.83 -44.39 -6.48
N ALA H 241 41.44 -43.11 -6.43
CA ALA H 241 40.06 -42.77 -6.71
C ALA H 241 39.70 -43.10 -8.16
N THR H 242 38.57 -43.78 -8.34
CA THR H 242 38.18 -44.21 -9.67
C THR H 242 37.92 -43.02 -10.59
N ARG H 243 37.21 -42.02 -10.10
CA ARG H 243 36.99 -40.78 -10.82
C ARG H 243 37.11 -39.62 -9.84
N VAL H 244 37.45 -38.46 -10.37
CA VAL H 244 37.52 -37.23 -9.59
C VAL H 244 36.67 -36.18 -10.28
N TYR H 245 35.81 -35.53 -9.52
CA TYR H 245 35.03 -34.41 -10.01
C TYR H 245 35.43 -33.14 -9.28
N ALA H 246 35.27 -32.02 -9.95
CA ALA H 246 35.42 -30.72 -9.30
C ALA H 246 34.11 -29.97 -9.48
N ILE H 247 33.60 -29.38 -8.41
CA ILE H 247 32.39 -28.57 -8.47
C ILE H 247 32.68 -27.24 -7.81
N LEU H 248 32.36 -26.16 -8.51
CA LEU H 248 32.64 -24.81 -8.05
C LEU H 248 31.48 -23.88 -8.39
N THR H 249 31.20 -22.94 -7.50
CA THR H 249 30.19 -21.96 -7.87
C THR H 249 30.72 -20.95 -8.87
N HIS H 250 31.94 -20.44 -8.72
CA HIS H 250 32.47 -19.40 -9.60
C HIS H 250 33.56 -19.98 -10.49
N GLY H 251 33.27 -20.08 -11.78
CA GLY H 251 34.23 -20.53 -12.78
C GLY H 251 35.01 -19.41 -13.44
N ILE H 252 35.98 -18.82 -12.75
CA ILE H 252 36.72 -17.69 -13.31
C ILE H 252 37.61 -18.14 -14.47
N PHE H 253 38.40 -19.19 -14.26
CA PHE H 253 39.18 -19.84 -15.32
C PHE H 253 40.09 -18.87 -16.05
N SER H 254 40.85 -18.08 -15.31
CA SER H 254 41.78 -17.16 -15.93
C SER H 254 43.14 -17.81 -16.13
N GLY H 255 43.98 -17.15 -16.94
CA GLY H 255 45.34 -17.59 -17.16
C GLY H 255 45.45 -18.95 -17.80
N PRO H 256 46.21 -19.85 -17.18
CA PRO H 256 46.43 -21.18 -17.78
C PRO H 256 45.38 -22.20 -17.40
N ALA H 257 44.23 -21.74 -16.90
CA ALA H 257 43.26 -22.65 -16.30
C ALA H 257 42.74 -23.69 -17.30
N ILE H 258 42.40 -23.26 -18.51
CA ILE H 258 41.81 -24.18 -19.47
C ILE H 258 42.79 -25.28 -19.86
N SER H 259 44.05 -24.92 -20.07
CA SER H 259 45.04 -25.94 -20.41
C SER H 259 45.26 -26.92 -19.25
N ARG H 260 45.32 -26.41 -18.01
CA ARG H 260 45.48 -27.31 -16.87
C ARG H 260 44.31 -28.26 -16.74
N ILE H 261 43.09 -27.75 -16.91
CA ILE H 261 41.91 -28.62 -16.84
C ILE H 261 41.96 -29.66 -17.95
N ASN H 262 42.37 -29.24 -19.15
CA ASN H 262 42.43 -30.19 -20.26
C ASN H 262 43.44 -31.29 -19.99
N ASN H 263 44.56 -30.96 -19.35
CA ASN H 263 45.59 -31.94 -19.05
C ASN H 263 45.39 -32.66 -17.72
N ALA H 264 44.35 -32.32 -16.98
CA ALA H 264 44.10 -32.97 -15.70
C ALA H 264 43.16 -34.17 -15.87
N CYS H 265 43.00 -34.92 -14.79
CA CYS H 265 42.25 -36.18 -14.84
C CYS H 265 40.79 -36.02 -14.43
N PHE H 266 40.28 -34.79 -14.37
CA PHE H 266 38.90 -34.59 -13.95
C PHE H 266 37.94 -35.31 -14.88
N GLU H 267 37.01 -36.05 -14.28
CA GLU H 267 35.87 -36.53 -15.04
C GLU H 267 35.00 -35.35 -15.49
N ALA H 268 34.82 -34.37 -14.62
CA ALA H 268 34.03 -33.20 -14.94
C ALA H 268 34.43 -32.05 -14.03
N VAL H 269 34.37 -30.85 -14.59
CA VAL H 269 34.54 -29.61 -13.84
C VAL H 269 33.22 -28.87 -13.99
N VAL H 270 32.43 -28.87 -12.93
CA VAL H 270 31.11 -28.27 -12.94
C VAL H 270 31.20 -26.90 -12.28
N VAL H 271 30.63 -25.89 -12.92
CA VAL H 271 30.59 -24.55 -12.36
C VAL H 271 29.17 -24.02 -12.46
N THR H 272 28.84 -23.08 -11.59
CA THR H 272 27.58 -22.39 -11.82
C THR H 272 27.74 -21.32 -12.91
N ASN H 273 26.62 -20.77 -13.36
CA ASN H 273 26.69 -19.64 -14.30
C ASN H 273 26.61 -18.30 -13.59
N THR H 274 27.36 -18.12 -12.50
CA THR H 274 27.53 -16.77 -11.97
C THR H 274 28.43 -15.95 -12.87
N ILE H 275 29.21 -16.61 -13.71
CA ILE H 275 30.13 -16.00 -14.67
C ILE H 275 29.80 -16.65 -16.01
N PRO H 276 29.78 -15.90 -17.12
CA PRO H 276 29.51 -16.54 -18.41
C PRO H 276 30.58 -17.57 -18.75
N GLN H 277 30.15 -18.70 -19.29
CA GLN H 277 31.04 -19.84 -19.48
C GLN H 277 31.15 -20.33 -20.92
N GLU H 278 30.40 -19.75 -21.86
CA GLU H 278 30.34 -20.30 -23.21
C GLU H 278 31.71 -20.30 -23.88
N ASP H 279 32.45 -19.20 -23.76
CA ASP H 279 33.76 -19.12 -24.38
C ASP H 279 34.71 -20.15 -23.80
N LYS H 280 34.71 -20.31 -22.48
CA LYS H 280 35.55 -21.33 -21.84
C LYS H 280 35.07 -22.73 -22.21
N MET H 281 33.76 -22.93 -22.32
CA MET H 281 33.24 -24.24 -22.67
C MET H 281 33.62 -24.64 -24.09
N LYS H 282 33.84 -23.66 -24.97
CA LYS H 282 34.27 -23.97 -26.32
C LYS H 282 35.64 -24.66 -26.32
N HIS H 283 36.55 -24.22 -25.47
CA HIS H 283 37.92 -24.72 -25.43
C HIS H 283 38.12 -25.86 -24.45
N CYS H 284 37.11 -26.24 -23.67
CA CYS H 284 37.26 -27.26 -22.65
C CYS H 284 36.00 -28.11 -22.61
N SER H 285 36.12 -29.39 -22.98
CA SER H 285 34.96 -30.24 -23.13
C SER H 285 34.41 -30.70 -21.78
N LYS H 286 35.23 -30.73 -20.74
CA LYS H 286 34.77 -31.27 -19.47
C LYS H 286 34.14 -30.24 -18.54
N ILE H 287 33.94 -29.00 -19.00
CA ILE H 287 33.26 -28.01 -18.18
C ILE H 287 31.75 -28.14 -18.40
N GLN H 288 31.02 -28.29 -17.30
CA GLN H 288 29.56 -28.26 -17.33
C GLN H 288 29.05 -27.16 -16.39
N VAL H 289 27.90 -26.60 -16.74
CA VAL H 289 27.36 -25.43 -16.06
C VAL H 289 26.07 -25.80 -15.35
N ILE H 290 25.96 -25.38 -14.10
CA ILE H 290 24.70 -25.44 -13.35
C ILE H 290 24.05 -24.07 -13.42
N ASP H 291 22.81 -24.02 -13.87
CA ASP H 291 22.11 -22.75 -13.91
C ASP H 291 21.66 -22.40 -12.49
N ILE H 292 22.05 -21.22 -12.02
CA ILE H 292 21.57 -20.73 -10.74
C ILE H 292 20.65 -19.54 -10.88
N SER H 293 20.14 -19.30 -12.11
CA SER H 293 19.26 -18.17 -12.31
C SER H 293 17.96 -18.31 -11.54
N MET H 294 17.51 -19.54 -11.27
CA MET H 294 16.29 -19.68 -10.48
C MET H 294 16.52 -19.20 -9.05
N ILE H 295 17.70 -19.48 -8.48
CA ILE H 295 17.99 -19.05 -7.12
C ILE H 295 18.04 -17.53 -7.04
N LEU H 296 18.73 -16.89 -7.99
CA LEU H 296 18.81 -15.44 -7.99
C LEU H 296 17.44 -14.81 -8.23
N ALA H 297 16.66 -15.36 -9.16
CA ALA H 297 15.33 -14.84 -9.41
C ALA H 297 14.44 -14.97 -8.17
N GLU H 298 14.51 -16.11 -7.48
CA GLU H 298 13.73 -16.29 -6.27
C GLU H 298 14.18 -15.32 -5.19
N ALA H 299 15.49 -15.10 -5.06
CA ALA H 299 15.96 -14.14 -4.07
C ALA H 299 15.44 -12.74 -4.37
N ILE H 300 15.48 -12.33 -5.64
CA ILE H 300 14.97 -11.02 -6.01
C ILE H 300 13.48 -10.92 -5.69
N ARG H 301 12.72 -11.95 -6.08
CA ARG H 301 11.29 -11.96 -5.87
C ARG H 301 10.95 -11.93 -4.39
N ARG H 302 11.67 -12.69 -3.57
CA ARG H 302 11.39 -12.74 -2.15
C ARG H 302 11.80 -11.46 -1.43
N THR H 303 12.94 -10.85 -1.80
CA THR H 303 13.26 -9.55 -1.21
C THR H 303 12.22 -8.51 -1.58
N HIS H 304 11.74 -8.54 -2.83
CA HIS H 304 10.71 -7.59 -3.23
C HIS H 304 9.42 -7.81 -2.44
N ASN H 305 9.01 -9.06 -2.24
CA ASN H 305 7.73 -9.35 -1.61
C ASN H 305 7.80 -9.42 -0.09
N GLY H 306 8.97 -9.22 0.52
CA GLY H 306 9.08 -9.38 1.94
C GLY H 306 8.97 -10.80 2.42
N GLU H 307 9.31 -11.76 1.58
CA GLU H 307 9.29 -13.18 1.91
C GLU H 307 10.68 -13.63 2.36
N SER H 308 10.73 -14.77 3.03
CA SER H 308 11.99 -15.26 3.59
C SER H 308 12.97 -15.63 2.49
N VAL H 309 14.15 -15.02 2.53
CA VAL H 309 15.22 -15.39 1.60
C VAL H 309 15.99 -16.61 2.09
N SER H 310 16.18 -16.73 3.40
CA SER H 310 16.95 -17.83 3.96
C SER H 310 16.30 -19.18 3.67
N TYR H 311 15.02 -19.20 3.33
CA TYR H 311 14.37 -20.43 2.89
C TYR H 311 15.09 -21.02 1.69
N LEU H 312 15.71 -20.19 0.85
CA LEU H 312 16.46 -20.66 -0.29
C LEU H 312 17.77 -21.34 0.09
N PHE H 313 18.27 -21.15 1.31
CA PHE H 313 19.53 -21.77 1.69
C PHE H 313 19.44 -23.29 1.65
N SER H 314 18.23 -23.85 1.77
CA SER H 314 18.07 -25.30 1.82
C SER H 314 17.07 -25.85 0.81
N HIS H 315 16.46 -25.02 -0.03
CA HIS H 315 15.42 -25.46 -0.93
C HIS H 315 15.71 -25.00 -2.36
N VAL H 316 15.64 -25.94 -3.30
CA VAL H 316 15.71 -25.65 -4.72
C VAL H 316 14.33 -25.20 -5.18
N PRO H 317 14.17 -23.98 -5.72
CA PRO H 317 12.85 -23.54 -6.18
C PRO H 317 12.45 -24.15 -7.51
N PRO I 2 56.19 14.88 9.58
CA PRO I 2 55.84 14.10 8.38
C PRO I 2 56.63 14.53 7.16
N ASN I 3 57.12 13.55 6.42
CA ASN I 3 57.86 13.78 5.20
C ASN I 3 56.96 13.53 3.99
N ILE I 4 57.35 14.13 2.87
CA ILE I 4 56.66 13.89 1.61
C ILE I 4 57.03 12.51 1.10
N LYS I 5 56.02 11.72 0.74
CA LYS I 5 56.21 10.48 0.00
C LYS I 5 55.40 10.58 -1.28
N ILE I 6 56.04 10.41 -2.42
CA ILE I 6 55.40 10.43 -3.72
C ILE I 6 55.29 9.00 -4.22
N PHE I 7 54.08 8.58 -4.54
CA PHE I 7 53.84 7.29 -5.16
C PHE I 7 53.25 7.50 -6.54
N SER I 8 53.67 6.69 -7.49
CA SER I 8 53.15 6.73 -8.84
C SER I 8 52.18 5.59 -9.06
N GLY I 9 51.04 5.88 -9.63
CA GLY I 9 50.24 4.85 -10.26
C GLY I 9 50.84 4.44 -11.58
N SER I 10 50.18 3.51 -12.25
CA SER I 10 50.72 3.01 -13.51
C SER I 10 50.39 3.91 -14.70
N SER I 11 49.49 4.89 -14.54
CA SER I 11 49.04 5.65 -15.69
C SER I 11 50.15 6.51 -16.29
N HIS I 12 50.83 7.30 -15.46
CA HIS I 12 51.79 8.29 -15.95
C HIS I 12 53.05 8.21 -15.09
N GLN I 13 53.92 7.26 -15.41
CA GLN I 13 55.14 7.06 -14.63
C GLN I 13 56.15 8.17 -14.85
N ASP I 14 56.28 8.63 -16.09
CA ASP I 14 57.28 9.65 -16.43
C ASP I 14 56.96 10.96 -15.73
N LEU I 15 55.68 11.34 -15.67
CA LEU I 15 55.30 12.55 -14.97
C LEU I 15 55.61 12.45 -13.49
N SER I 16 55.32 11.31 -12.88
CA SER I 16 55.61 11.13 -11.46
C SER I 16 57.10 11.21 -11.19
N GLN I 17 57.90 10.61 -12.07
CA GLN I 17 59.35 10.71 -11.91
C GLN I 17 59.83 12.15 -12.03
N LYS I 18 59.30 12.90 -12.99
CA LYS I 18 59.69 14.31 -13.13
C LYS I 18 59.34 15.09 -11.87
N ILE I 19 58.13 14.86 -11.33
CA ILE I 19 57.73 15.52 -10.10
C ILE I 19 58.68 15.16 -8.96
N ALA I 20 59.02 13.88 -8.84
CA ALA I 20 59.89 13.44 -7.76
C ALA I 20 61.28 14.04 -7.89
N ASP I 21 61.82 14.11 -9.11
CA ASP I 21 63.12 14.77 -9.29
C ASP I 21 63.06 16.23 -8.90
N ARG I 22 61.99 16.93 -9.27
CA ARG I 22 61.91 18.34 -8.90
C ARG I 22 61.84 18.53 -7.39
N LEU I 23 61.31 17.56 -6.67
CA LEU I 23 61.24 17.64 -5.21
C LEU I 23 62.48 17.08 -4.53
N GLY I 24 63.45 16.57 -5.28
CA GLY I 24 64.60 15.92 -4.67
C GLY I 24 64.26 14.66 -3.91
N LEU I 25 63.38 13.84 -4.44
CA LEU I 25 62.92 12.63 -3.79
C LEU I 25 62.95 11.45 -4.76
N GLU I 26 63.03 10.27 -4.20
CA GLU I 26 62.80 9.05 -4.96
C GLU I 26 61.33 8.66 -4.85
N LEU I 27 60.82 8.06 -5.92
CA LEU I 27 59.46 7.53 -5.89
C LEU I 27 59.35 6.44 -4.83
N GLY I 28 58.25 6.47 -4.09
CA GLY I 28 58.03 5.44 -3.08
C GLY I 28 57.90 4.06 -3.69
N LYS I 29 58.37 3.07 -2.96
CA LYS I 29 58.29 1.69 -3.43
C LYS I 29 56.85 1.20 -3.38
N VAL I 30 56.31 0.86 -4.53
CA VAL I 30 54.96 0.31 -4.61
C VAL I 30 54.92 -0.67 -5.76
N VAL I 31 54.25 -1.80 -5.54
CA VAL I 31 53.96 -2.77 -6.58
C VAL I 31 52.53 -2.55 -7.01
N THR I 32 52.33 -2.21 -8.28
CA THR I 32 51.01 -1.97 -8.84
C THR I 32 50.89 -2.83 -10.09
N LYS I 33 50.21 -3.96 -9.97
CA LYS I 33 50.07 -4.89 -11.08
C LYS I 33 48.67 -5.49 -11.11
N LYS I 34 48.48 -6.57 -11.85
CA LYS I 34 47.19 -7.23 -11.92
C LYS I 34 47.32 -8.69 -11.56
N PHE I 35 46.37 -9.18 -10.76
CA PHE I 35 46.23 -10.62 -10.56
C PHE I 35 45.84 -11.28 -11.88
N SER I 36 45.83 -12.61 -11.86
CA SER I 36 45.52 -13.36 -13.08
C SER I 36 44.13 -13.01 -13.62
N ASN I 37 43.15 -12.86 -12.73
CA ASN I 37 41.80 -12.49 -13.14
C ASN I 37 41.61 -11.00 -13.37
N GLN I 38 42.70 -10.24 -13.48
CA GLN I 38 42.72 -8.83 -13.85
C GLN I 38 42.23 -7.90 -12.75
N GLU I 39 42.19 -8.37 -11.50
CA GLU I 39 41.91 -7.48 -10.39
C GLU I 39 43.20 -6.75 -10.03
N THR I 40 43.07 -5.49 -9.66
CA THR I 40 44.24 -4.69 -9.31
C THR I 40 44.91 -5.22 -8.05
N CYS I 41 46.23 -5.37 -8.10
CA CYS I 41 47.05 -5.77 -6.96
C CYS I 41 47.96 -4.61 -6.60
N VAL I 42 47.91 -4.19 -5.34
CA VAL I 42 48.70 -3.08 -4.85
C VAL I 42 49.42 -3.52 -3.58
N GLU I 43 50.70 -3.20 -3.49
CA GLU I 43 51.52 -3.54 -2.33
C GLU I 43 52.43 -2.36 -2.02
N ILE I 44 52.23 -1.71 -0.89
CA ILE I 44 53.08 -0.59 -0.50
C ILE I 44 54.38 -1.15 0.07
N GLY I 45 55.48 -0.87 -0.59
CA GLY I 45 56.77 -1.45 -0.27
C GLY I 45 57.55 -0.77 0.83
N GLU I 46 57.02 0.26 1.44
CA GLU I 46 57.70 0.96 2.52
C GLU I 46 56.65 1.52 3.47
N SER I 47 57.04 1.68 4.73
CA SER I 47 56.15 2.25 5.71
C SER I 47 55.80 3.69 5.32
N VAL I 48 54.52 4.02 5.40
CA VAL I 48 54.04 5.38 5.20
C VAL I 48 53.46 5.95 6.48
N ARG I 49 53.70 5.26 7.60
CA ARG I 49 53.11 5.65 8.87
C ARG I 49 53.55 7.06 9.25
N GLY I 50 52.59 7.95 9.44
CA GLY I 50 52.90 9.31 9.82
C GLY I 50 53.43 10.20 8.72
N GLU I 51 53.40 9.75 7.48
CA GLU I 51 53.96 10.52 6.38
C GLU I 51 52.86 11.23 5.59
N ASP I 52 53.28 12.21 4.81
CA ASP I 52 52.40 12.98 3.93
C ASP I 52 52.49 12.38 2.54
N VAL I 53 51.48 11.60 2.16
CA VAL I 53 51.55 10.76 0.97
C VAL I 53 50.86 11.46 -0.19
N TYR I 54 51.53 11.49 -1.34
CA TYR I 54 50.96 12.01 -2.57
C TYR I 54 50.98 10.90 -3.61
N ILE I 55 49.82 10.61 -4.18
CA ILE I 55 49.69 9.55 -5.18
C ILE I 55 49.35 10.21 -6.50
N VAL I 56 50.21 9.98 -7.50
CA VAL I 56 50.07 10.63 -8.80
C VAL I 56 49.43 9.63 -9.77
N GLN I 57 48.27 9.99 -10.28
CA GLN I 57 47.55 9.15 -11.24
C GLN I 57 46.65 10.04 -12.07
N SER I 58 46.81 10.01 -13.38
CA SER I 58 45.97 10.79 -14.27
C SER I 58 44.84 9.94 -14.82
N GLY I 59 43.72 10.61 -15.10
CA GLY I 59 42.57 9.97 -15.70
C GLY I 59 42.74 9.81 -17.19
N CYS I 60 43.57 8.84 -17.60
CA CYS I 60 43.90 8.62 -18.99
C CYS I 60 44.12 7.14 -19.21
N GLY I 61 44.36 6.78 -20.47
CA GLY I 61 44.57 5.38 -20.80
C GLY I 61 43.35 4.54 -20.46
N GLU I 62 43.59 3.40 -19.83
CA GLU I 62 42.52 2.53 -19.35
C GLU I 62 41.95 3.18 -18.08
N ILE I 63 40.97 4.05 -18.28
CA ILE I 63 40.58 4.98 -17.24
C ILE I 63 40.01 4.26 -16.02
N ASN I 64 39.19 3.23 -16.24
CA ASN I 64 38.59 2.54 -15.11
C ASN I 64 39.63 1.78 -14.31
N ASP I 65 40.59 1.14 -15.00
CA ASP I 65 41.68 0.47 -14.29
C ASP I 65 42.50 1.46 -13.48
N ASN I 66 42.81 2.61 -14.07
CA ASN I 66 43.65 3.57 -13.39
C ASN I 66 42.94 4.20 -12.20
N LEU I 67 41.64 4.49 -12.35
CA LEU I 67 40.85 5.00 -11.24
C LEU I 67 40.77 3.98 -10.10
N MET I 68 40.50 2.72 -10.45
CA MET I 68 40.47 1.68 -9.39
C MET I 68 41.83 1.61 -8.70
N GLU I 69 42.92 1.63 -9.48
CA GLU I 69 44.25 1.55 -8.90
C GLU I 69 44.48 2.70 -7.93
N LEU I 70 44.08 3.91 -8.32
CA LEU I 70 44.23 5.07 -7.45
C LEU I 70 43.45 4.89 -6.16
N LEU I 71 42.21 4.44 -6.26
CA LEU I 71 41.40 4.27 -5.05
C LEU I 71 42.00 3.20 -4.15
N ILE I 72 42.47 2.10 -4.73
CA ILE I 72 43.07 1.03 -3.94
C ILE I 72 44.35 1.51 -3.26
N MET I 73 45.17 2.29 -3.97
CA MET I 73 46.37 2.84 -3.36
C MET I 73 46.05 3.79 -2.21
N ILE I 74 45.05 4.65 -2.41
CA ILE I 74 44.64 5.55 -1.34
C ILE I 74 44.20 4.76 -0.12
N ASN I 75 43.39 3.72 -0.35
CA ASN I 75 42.93 2.89 0.77
C ASN I 75 44.09 2.22 1.49
N ALA I 76 45.05 1.68 0.73
CA ALA I 76 46.20 1.03 1.33
C ALA I 76 47.01 2.01 2.17
N CYS I 77 47.21 3.22 1.67
CA CYS I 77 47.97 4.21 2.43
C CYS I 77 47.20 4.68 3.66
N LYS I 78 45.88 4.82 3.55
CA LYS I 78 45.07 5.27 4.67
C LYS I 78 45.08 4.25 5.81
N ILE I 79 44.86 2.97 5.49
CA ILE I 79 44.87 1.98 6.57
C ILE I 79 46.28 1.62 7.02
N ALA I 80 47.31 2.08 6.32
CA ALA I 80 48.68 1.99 6.79
C ALA I 80 49.09 3.18 7.64
N SER I 81 48.14 4.01 8.06
CA SER I 81 48.36 5.08 9.03
C SER I 81 49.21 6.22 8.48
N ALA I 82 49.07 6.52 7.19
CA ALA I 82 49.60 7.75 6.67
C ALA I 82 48.94 8.93 7.37
N SER I 83 49.72 9.97 7.66
CA SER I 83 49.14 11.13 8.34
C SER I 83 48.17 11.86 7.42
N ARG I 84 48.47 11.91 6.13
CA ARG I 84 47.62 12.59 5.16
C ARG I 84 47.84 11.94 3.81
N VAL I 85 46.76 11.79 3.05
CA VAL I 85 46.81 11.21 1.71
C VAL I 85 46.23 12.22 0.72
N THR I 86 46.99 12.54 -0.31
CA THR I 86 46.58 13.49 -1.33
C THR I 86 46.61 12.78 -2.69
N ALA I 87 45.51 12.86 -3.41
CA ALA I 87 45.43 12.36 -4.77
C ALA I 87 45.85 13.47 -5.71
N VAL I 88 46.92 13.25 -6.45
CA VAL I 88 47.39 14.19 -7.45
C VAL I 88 46.87 13.66 -8.79
N ILE I 89 45.79 14.24 -9.28
CA ILE I 89 45.11 13.75 -10.47
C ILE I 89 45.19 14.80 -11.56
N PRO I 90 46.24 14.81 -12.37
CA PRO I 90 46.39 15.91 -13.34
C PRO I 90 45.22 16.06 -14.29
N CYS I 91 44.67 14.97 -14.79
CA CYS I 91 43.47 15.00 -15.62
C CYS I 91 42.37 14.22 -14.90
N PHE I 92 41.34 14.93 -14.45
CA PHE I 92 40.33 14.33 -13.58
C PHE I 92 39.40 13.44 -14.41
N PRO I 93 39.28 12.16 -14.08
CA PRO I 93 38.42 11.28 -14.88
C PRO I 93 36.93 11.57 -14.66
N TYR I 94 36.15 11.38 -15.71
CA TYR I 94 34.70 11.61 -15.74
C TYR I 94 34.33 13.07 -15.51
N ALA I 95 35.26 13.99 -15.74
CA ALA I 95 34.99 15.40 -15.51
C ALA I 95 33.91 15.93 -16.45
N ARG I 96 33.80 15.38 -17.64
CA ARG I 96 32.79 15.86 -18.58
C ARG I 96 31.38 15.39 -18.23
N GLN I 97 31.23 14.43 -17.34
CA GLN I 97 29.91 14.05 -16.84
C GLN I 97 29.65 14.72 -15.49
N ASP I 98 29.53 16.03 -15.54
CA ASP I 98 29.38 16.88 -14.36
C ASP I 98 27.95 17.33 -14.13
N LYS I 99 27.02 16.89 -14.95
CA LYS I 99 25.61 17.27 -14.83
C LYS I 99 24.78 16.29 -15.63
N LYS I 100 23.48 16.31 -15.38
CA LYS I 100 22.47 15.51 -16.10
C LYS I 100 21.87 16.28 -17.27
N ASP I 101 21.29 17.43 -16.97
CA ASP I 101 20.79 18.50 -17.83
C ASP I 101 19.47 18.31 -18.58
N LYS I 102 19.12 17.09 -19.00
CA LYS I 102 17.73 16.73 -19.25
C LYS I 102 17.56 15.21 -19.27
N SER I 103 18.63 14.48 -19.04
CA SER I 103 18.65 13.06 -19.35
C SER I 103 18.77 12.26 -18.08
N ARG I 104 18.28 11.02 -18.15
CA ARG I 104 18.32 10.10 -17.01
C ARG I 104 19.71 9.46 -16.95
N ALA I 105 20.68 10.28 -16.56
CA ALA I 105 22.09 9.97 -16.65
C ALA I 105 22.75 10.11 -15.28
N PRO I 106 23.86 9.44 -15.05
CA PRO I 106 24.62 9.65 -13.82
C PRO I 106 25.33 10.99 -13.86
N ILE I 107 25.64 11.51 -12.67
CA ILE I 107 26.63 12.56 -12.53
C ILE I 107 27.90 11.83 -12.11
N SER I 108 28.65 11.35 -13.09
CA SER I 108 29.76 10.45 -12.81
C SER I 108 30.88 11.16 -12.08
N ALA I 109 31.10 12.44 -12.35
CA ALA I 109 32.14 13.18 -11.64
C ALA I 109 31.86 13.22 -10.15
N LYS I 110 30.59 13.41 -9.76
CA LYS I 110 30.24 13.38 -8.35
C LYS I 110 30.47 12.01 -7.75
N LEU I 111 30.15 10.96 -8.49
CA LEU I 111 30.43 9.61 -8.01
C LEU I 111 31.92 9.40 -7.80
N VAL I 112 32.75 9.88 -8.72
CA VAL I 112 34.19 9.76 -8.57
C VAL I 112 34.67 10.52 -7.34
N ALA I 113 34.14 11.72 -7.13
CA ALA I 113 34.50 12.48 -5.93
C ALA I 113 34.13 11.74 -4.66
N ASN I 114 32.93 11.16 -4.64
CA ASN I 114 32.50 10.37 -3.48
C ASN I 114 33.40 9.17 -3.25
N MET I 115 33.79 8.50 -4.33
CA MET I 115 34.66 7.34 -4.20
C MET I 115 36.04 7.73 -3.68
N LEU I 116 36.59 8.84 -4.19
CA LEU I 116 37.87 9.32 -3.68
C LEU I 116 37.79 9.66 -2.20
N SER I 117 36.69 10.30 -1.79
CA SER I 117 36.51 10.64 -0.39
C SER I 117 36.40 9.40 0.49
N VAL I 118 35.58 8.43 0.09
CA VAL I 118 35.40 7.24 0.91
C VAL I 118 36.64 6.36 0.91
N ALA I 119 37.47 6.44 -0.13
CA ALA I 119 38.74 5.72 -0.12
C ALA I 119 39.69 6.29 0.92
N GLY I 120 39.55 7.56 1.27
CA GLY I 120 40.34 8.15 2.32
C GLY I 120 41.17 9.36 1.92
N ALA I 121 40.97 9.89 0.72
CA ALA I 121 41.73 11.05 0.30
C ALA I 121 41.38 12.25 1.16
N ASP I 122 42.40 12.91 1.70
CA ASP I 122 42.20 14.13 2.47
C ASP I 122 42.31 15.40 1.65
N HIS I 123 42.76 15.29 0.40
CA HIS I 123 43.13 16.44 -0.39
C HIS I 123 43.28 16.01 -1.85
N ILE I 124 42.86 16.87 -2.76
CA ILE I 124 42.95 16.62 -4.18
C ILE I 124 43.74 17.75 -4.83
N ILE I 125 44.69 17.39 -5.68
CA ILE I 125 45.37 18.34 -6.55
C ILE I 125 45.10 17.93 -7.99
N THR I 126 44.60 18.85 -8.78
CA THR I 126 44.24 18.57 -10.16
C THR I 126 44.57 19.80 -11.00
N MET I 127 44.49 19.65 -12.32
CA MET I 127 44.81 20.74 -13.24
C MET I 127 43.70 20.93 -14.25
N ASP I 128 43.23 22.17 -14.37
CA ASP I 128 42.23 22.59 -15.35
C ASP I 128 41.06 21.63 -15.41
N LEU I 129 40.32 21.59 -14.30
CA LEU I 129 39.07 20.86 -14.26
C LEU I 129 38.15 21.33 -15.38
N HIS I 130 37.48 20.37 -16.02
CA HIS I 130 36.55 20.72 -17.10
C HIS I 130 35.52 21.73 -16.64
N ALA I 131 34.99 21.57 -15.43
CA ALA I 131 34.10 22.54 -14.83
C ALA I 131 34.57 22.76 -13.39
N SER I 132 34.84 24.01 -13.04
CA SER I 132 35.35 24.28 -11.70
C SER I 132 34.30 24.03 -10.62
N GLN I 133 33.02 23.90 -11.00
CA GLN I 133 32.01 23.46 -10.06
C GLN I 133 32.33 22.08 -9.50
N ILE I 134 33.16 21.30 -10.18
CA ILE I 134 33.56 20.00 -9.66
C ILE I 134 34.24 20.15 -8.31
N GLN I 135 34.86 21.31 -8.03
CA GLN I 135 35.43 21.51 -6.71
C GLN I 135 34.38 21.38 -5.62
N GLY I 136 33.15 21.78 -5.91
CA GLY I 136 32.04 21.64 -4.99
C GLY I 136 31.50 20.23 -4.86
N PHE I 137 31.93 19.30 -5.72
CA PHE I 137 31.55 17.91 -5.55
C PHE I 137 32.26 17.26 -4.38
N PHE I 138 33.28 17.89 -3.83
CA PHE I 138 34.07 17.37 -2.72
C PHE I 138 33.73 18.10 -1.43
N ASP I 139 33.93 17.41 -0.31
CA ASP I 139 33.96 18.08 0.98
C ASP I 139 35.38 18.31 1.49
N ILE I 140 36.37 17.67 0.89
CA ILE I 140 37.78 17.89 1.21
C ILE I 140 38.31 19.02 0.34
N PRO I 141 39.40 19.69 0.70
CA PRO I 141 39.95 20.75 -0.16
C PRO I 141 40.41 20.20 -1.51
N VAL I 142 40.21 21.01 -2.54
CA VAL I 142 40.64 20.67 -3.90
C VAL I 142 41.40 21.86 -4.45
N ASP I 143 42.65 21.65 -4.82
CA ASP I 143 43.47 22.68 -5.46
C ASP I 143 43.45 22.46 -6.96
N ASN I 144 42.75 23.32 -7.69
CA ASN I 144 42.62 23.24 -9.13
C ASN I 144 43.66 24.16 -9.76
N LEU I 145 44.78 23.58 -10.19
CA LEU I 145 45.85 24.35 -10.80
C LEU I 145 45.49 24.71 -12.25
N TYR I 146 46.19 25.69 -12.79
CA TYR I 146 45.96 26.18 -14.14
C TYR I 146 47.22 26.03 -14.96
N ALA I 147 47.06 25.57 -16.19
CA ALA I 147 48.19 25.54 -17.12
C ALA I 147 48.49 26.89 -17.73
N GLU I 148 47.65 27.90 -17.46
CA GLU I 148 47.76 29.18 -18.14
C GLU I 148 49.14 29.83 -18.05
N PRO I 149 49.84 29.87 -16.90
CA PRO I 149 51.18 30.47 -16.91
C PRO I 149 52.14 29.80 -17.87
N ALA I 150 52.14 28.46 -17.90
CA ALA I 150 52.99 27.73 -18.84
C ALA I 150 52.55 27.97 -20.28
N VAL I 151 51.24 28.09 -20.51
CA VAL I 151 50.74 28.37 -21.86
C VAL I 151 51.21 29.74 -22.32
N LEU I 152 51.11 30.75 -21.45
CA LEU I 152 51.57 32.09 -21.79
C LEU I 152 53.06 32.10 -22.09
N LYS I 153 53.84 31.37 -21.28
CA LYS I 153 55.27 31.26 -21.55
C LYS I 153 55.52 30.65 -22.91
N TRP I 154 54.81 29.56 -23.25
CA TRP I 154 54.99 28.93 -24.55
C TRP I 154 54.65 29.89 -25.67
N ILE I 155 53.53 30.62 -25.53
CA ILE I 155 53.13 31.56 -26.59
C ILE I 155 54.19 32.61 -26.81
N ARG I 156 54.72 33.17 -25.71
CA ARG I 156 55.71 34.23 -25.85
C ARG I 156 57.01 33.71 -26.42
N GLU I 157 57.39 32.47 -26.14
CA GLU I 157 58.65 31.97 -26.63
C GLU I 157 58.57 31.23 -27.96
N ASN I 158 57.37 31.01 -28.51
CA ASN I 158 57.27 30.20 -29.72
C ASN I 158 56.54 30.84 -30.88
N ILE I 159 55.74 31.87 -30.64
CA ILE I 159 54.98 32.53 -31.70
C ILE I 159 55.52 33.95 -31.85
N SER I 160 56.24 34.20 -32.94
CA SER I 160 56.93 35.47 -33.11
C SER I 160 55.97 36.65 -33.18
N GLU I 161 54.76 36.43 -33.69
CA GLU I 161 53.78 37.50 -33.88
C GLU I 161 52.73 37.52 -32.78
N TRP I 162 53.08 37.07 -31.58
CA TRP I 162 52.07 36.92 -30.53
C TRP I 162 51.45 38.24 -30.11
N ARG I 163 52.16 39.36 -30.28
CA ARG I 163 51.57 40.64 -29.91
C ARG I 163 50.43 41.02 -30.84
N ASN I 164 50.38 40.48 -32.05
CA ASN I 164 49.31 40.75 -32.98
C ASN I 164 48.33 39.58 -33.11
N CYS I 165 48.61 38.47 -32.44
CA CYS I 165 47.80 37.27 -32.58
C CYS I 165 46.40 37.48 -32.01
N THR I 166 45.58 36.44 -32.13
CA THR I 166 44.22 36.42 -31.59
C THR I 166 44.02 35.11 -30.83
N ILE I 167 43.35 35.18 -29.70
CA ILE I 167 43.08 34.01 -28.87
C ILE I 167 41.63 33.61 -29.08
N VAL I 168 41.41 32.41 -29.60
CA VAL I 168 40.08 31.98 -30.04
C VAL I 168 39.61 30.82 -29.18
N SER I 169 38.44 30.97 -28.62
CA SER I 169 37.74 29.87 -27.95
C SER I 169 37.05 29.00 -28.99
N PRO I 170 37.16 27.67 -28.90
CA PRO I 170 36.48 26.82 -29.88
C PRO I 170 34.99 26.67 -29.62
N ASP I 171 34.58 26.58 -28.37
CA ASP I 171 33.17 26.54 -28.02
C ASP I 171 32.89 27.71 -27.09
N ALA I 172 31.64 28.16 -27.09
CA ALA I 172 31.26 29.28 -26.23
C ALA I 172 31.50 28.98 -24.76
N GLY I 173 31.52 27.71 -24.37
CA GLY I 173 31.58 27.38 -22.95
C GLY I 173 32.84 27.84 -22.27
N GLY I 174 33.99 27.62 -22.89
CA GLY I 174 35.26 27.93 -22.27
C GLY I 174 35.89 29.26 -22.61
N ALA I 175 35.10 30.23 -23.10
CA ALA I 175 35.68 31.49 -23.54
C ALA I 175 36.28 32.28 -22.37
N LYS I 176 35.94 31.89 -21.14
CA LYS I 176 36.54 32.54 -19.97
C LYS I 176 38.05 32.35 -19.96
N ARG I 177 38.50 31.13 -20.26
CA ARG I 177 39.94 30.85 -20.34
C ARG I 177 40.61 31.76 -21.36
N VAL I 178 40.01 31.90 -22.53
CA VAL I 178 40.64 32.68 -23.59
C VAL I 178 40.60 34.16 -23.27
N THR I 179 39.57 34.64 -22.58
CA THR I 179 39.56 36.03 -22.17
C THR I 179 40.66 36.30 -21.16
N SER I 180 40.86 35.38 -20.20
CA SER I 180 41.95 35.56 -19.25
C SER I 180 43.30 35.59 -19.97
N ILE I 181 43.49 34.68 -20.94
CA ILE I 181 44.76 34.63 -21.66
C ILE I 181 44.96 35.89 -22.49
N ALA I 182 43.91 36.36 -23.17
CA ALA I 182 44.03 37.57 -23.99
C ALA I 182 44.29 38.79 -23.12
N ASP I 183 43.65 38.87 -21.96
CA ASP I 183 43.93 39.95 -21.02
C ASP I 183 45.39 39.93 -20.58
N ARG I 184 45.91 38.74 -20.25
CA ARG I 184 47.31 38.62 -19.89
C ARG I 184 48.24 39.04 -21.01
N LEU I 185 47.94 38.66 -22.25
CA LEU I 185 48.77 39.01 -23.39
C LEU I 185 48.43 40.38 -23.96
N ASN I 186 47.33 40.99 -23.54
CA ASN I 186 46.82 42.23 -24.12
C ASN I 186 46.60 42.08 -25.62
N VAL I 187 45.70 41.17 -25.98
CA VAL I 187 45.33 40.92 -27.38
C VAL I 187 43.81 40.74 -27.44
N ASP I 188 43.31 40.65 -28.66
CA ASP I 188 41.90 40.42 -28.89
C ASP I 188 41.55 38.94 -28.74
N PHE I 189 40.36 38.67 -28.21
CA PHE I 189 39.85 37.32 -28.16
C PHE I 189 38.70 37.17 -29.14
N ALA I 190 39.01 36.58 -30.29
CA ALA I 190 38.02 36.20 -31.29
C ALA I 190 37.29 34.95 -30.82
N LEU I 191 36.00 34.87 -31.09
CA LEU I 191 35.18 33.75 -30.64
C LEU I 191 34.55 33.00 -31.81
N ILE I 192 34.32 31.71 -31.57
CA ILE I 192 33.78 30.79 -32.58
C ILE I 192 32.71 29.94 -31.93
N HIS I 193 31.60 29.74 -32.62
CA HIS I 193 30.68 28.68 -32.23
C HIS I 193 29.88 28.21 -33.44
N LYS I 194 29.41 26.97 -33.38
CA LYS I 194 28.65 26.39 -34.49
C LYS I 194 27.19 26.79 -34.41
N GLU I 195 26.55 26.90 -35.57
CA GLU I 195 25.15 27.28 -35.66
C GLU I 195 24.25 26.06 -35.60
N ASP I 203 26.21 22.73 -39.18
CA ASP I 203 27.47 22.29 -39.74
C ASP I 203 28.32 23.48 -40.16
N ARG I 204 27.84 24.68 -39.84
CA ARG I 204 28.56 25.91 -40.13
C ARG I 204 28.99 26.58 -38.83
N MET I 205 30.02 27.42 -38.93
CA MET I 205 30.62 28.08 -37.78
C MET I 205 30.55 29.58 -37.96
N VAL I 206 30.42 30.31 -36.85
CA VAL I 206 30.42 31.76 -36.85
C VAL I 206 31.54 32.27 -35.96
N LEU I 207 32.28 33.26 -36.47
CA LEU I 207 33.47 33.81 -35.85
C LEU I 207 33.36 35.33 -35.74
N VAL I 208 33.65 35.85 -34.55
CA VAL I 208 33.77 37.29 -34.32
C VAL I 208 35.20 37.62 -33.93
N GLY I 209 35.74 38.67 -34.53
CA GLY I 209 37.11 39.04 -34.21
C GLY I 209 37.95 38.93 -35.46
N ASP I 210 38.61 40.03 -35.80
CA ASP I 210 39.46 40.05 -36.98
C ASP I 210 40.59 39.04 -36.86
N VAL I 211 40.61 38.06 -37.77
CA VAL I 211 41.68 37.09 -37.83
C VAL I 211 42.49 37.19 -39.11
N LYS I 212 42.08 38.02 -40.06
CA LYS I 212 42.73 38.07 -41.37
C LYS I 212 44.20 38.46 -41.23
N ASP I 213 45.06 37.75 -41.95
CA ASP I 213 46.51 37.97 -42.00
C ASP I 213 47.16 37.91 -40.63
N ARG I 214 46.49 37.33 -39.64
CA ARG I 214 47.01 37.22 -38.29
C ARG I 214 47.20 35.77 -37.92
N VAL I 215 47.83 35.56 -36.76
CA VAL I 215 47.88 34.24 -36.16
C VAL I 215 46.70 34.10 -35.22
N ALA I 216 45.95 33.02 -35.36
CA ALA I 216 44.89 32.66 -34.42
C ALA I 216 45.38 31.53 -33.52
N ILE I 217 45.05 31.61 -32.24
CA ILE I 217 45.47 30.63 -31.26
C ILE I 217 44.21 30.08 -30.61
N LEU I 218 43.85 28.85 -30.95
CA LEU I 218 42.77 28.18 -30.24
C LEU I 218 43.26 27.69 -28.89
N VAL I 219 42.50 27.97 -27.84
CA VAL I 219 42.80 27.53 -26.50
C VAL I 219 41.58 26.81 -25.94
N ASP I 220 41.81 25.63 -25.36
CA ASP I 220 40.73 24.85 -24.78
C ASP I 220 41.31 23.98 -23.68
N ASP I 221 40.43 23.40 -22.88
CA ASP I 221 40.88 22.58 -21.76
C ASP I 221 41.34 21.20 -22.22
N MET I 222 40.75 20.65 -23.28
CA MET I 222 41.13 19.32 -23.69
C MET I 222 40.76 19.10 -25.15
N ALA I 223 41.45 18.16 -25.78
CA ALA I 223 41.15 17.72 -27.13
C ALA I 223 41.01 16.20 -27.09
N ASP I 224 39.78 15.71 -27.22
CA ASP I 224 39.54 14.27 -27.12
C ASP I 224 39.54 13.61 -28.49
N THR I 225 38.52 13.90 -29.30
CA THR I 225 38.45 13.42 -30.66
C THR I 225 38.91 14.48 -31.65
N CYS I 226 39.21 15.67 -31.17
CA CYS I 226 39.64 16.83 -31.95
C CYS I 226 38.59 17.29 -32.95
N GLY I 227 37.36 16.82 -32.82
CA GLY I 227 36.28 17.40 -33.60
C GLY I 227 36.07 18.86 -33.32
N THR I 228 36.20 19.26 -32.06
CA THR I 228 35.99 20.66 -31.68
C THR I 228 37.03 21.58 -32.30
N ILE I 229 38.32 21.26 -32.17
CA ILE I 229 39.34 22.16 -32.67
C ILE I 229 39.48 22.10 -34.18
N CYS I 230 39.20 20.95 -34.81
CA CYS I 230 39.34 20.87 -36.25
C CYS I 230 38.28 21.70 -36.96
N HIS I 231 37.04 21.66 -36.46
CA HIS I 231 35.99 22.50 -37.01
C HIS I 231 36.31 23.99 -36.83
N ALA I 232 36.78 24.36 -35.63
CA ALA I 232 37.14 25.75 -35.38
C ALA I 232 38.29 26.19 -36.28
N ALA I 233 39.28 25.31 -36.50
CA ALA I 233 40.40 25.66 -37.37
C ALA I 233 39.95 25.81 -38.81
N ASP I 234 39.03 24.95 -39.26
CA ASP I 234 38.48 25.10 -40.60
C ASP I 234 37.84 26.47 -40.76
N LYS I 235 37.01 26.85 -39.79
CA LYS I 235 36.42 28.19 -39.82
C LYS I 235 37.49 29.27 -39.89
N LEU I 236 38.50 29.19 -39.01
CA LEU I 236 39.51 30.24 -38.96
C LEU I 236 40.26 30.35 -40.28
N LEU I 237 40.61 29.22 -40.89
CA LEU I 237 41.28 29.26 -42.18
C LEU I 237 40.36 29.80 -43.27
N SER I 238 39.05 29.65 -43.11
CA SER I 238 38.13 30.27 -44.06
C SER I 238 38.28 31.79 -44.03
N ALA I 239 38.56 32.36 -42.87
CA ALA I 239 38.62 33.79 -42.68
C ALA I 239 40.05 34.35 -42.76
N GLY I 240 40.96 33.64 -43.41
CA GLY I 240 42.22 34.21 -43.83
C GLY I 240 43.32 34.27 -42.81
N ALA I 241 43.21 33.55 -41.70
CA ALA I 241 44.29 33.53 -40.72
C ALA I 241 45.54 32.90 -41.33
N THR I 242 46.67 33.57 -41.15
CA THR I 242 47.92 33.10 -41.75
C THR I 242 48.32 31.74 -41.18
N ARG I 243 48.25 31.59 -39.87
CA ARG I 243 48.49 30.32 -39.21
C ARG I 243 47.47 30.14 -38.11
N VAL I 244 47.20 28.89 -37.76
CA VAL I 244 46.30 28.54 -36.67
C VAL I 244 47.05 27.61 -35.72
N TYR I 245 47.00 27.92 -34.44
CA TYR I 245 47.56 27.06 -33.41
C TYR I 245 46.44 26.56 -32.53
N ALA I 246 46.64 25.38 -31.95
CA ALA I 246 45.76 24.88 -30.91
C ALA I 246 46.60 24.62 -29.68
N ILE I 247 46.13 25.07 -28.51
CA ILE I 247 46.82 24.83 -27.26
C ILE I 247 45.82 24.27 -26.27
N LEU I 248 46.16 23.15 -25.64
CA LEU I 248 45.28 22.45 -24.73
C LEU I 248 46.06 21.93 -23.54
N THR I 249 45.44 21.96 -22.37
CA THR I 249 46.11 21.33 -21.24
C THR I 249 46.06 19.81 -21.31
N HIS I 250 44.92 19.21 -21.66
CA HIS I 250 44.79 17.75 -21.66
C HIS I 250 44.71 17.24 -23.10
N GLY I 251 45.76 16.54 -23.53
CA GLY I 251 45.80 15.90 -24.83
C GLY I 251 45.32 14.47 -24.85
N ILE I 252 44.01 14.24 -24.77
CA ILE I 252 43.51 12.87 -24.70
C ILE I 252 43.70 12.15 -26.04
N PHE I 253 43.31 12.79 -27.14
CA PHE I 253 43.58 12.30 -28.49
C PHE I 253 43.09 10.87 -28.73
N SER I 254 41.84 10.61 -28.36
CA SER I 254 41.29 9.28 -28.58
C SER I 254 40.60 9.20 -29.95
N GLY I 255 40.31 7.97 -30.36
CA GLY I 255 39.58 7.73 -31.59
C GLY I 255 40.30 8.20 -32.84
N PRO I 256 39.62 9.01 -33.65
CA PRO I 256 40.21 9.46 -34.90
C PRO I 256 41.05 10.73 -34.78
N ALA I 257 41.45 11.08 -33.55
CA ALA I 257 42.04 12.38 -33.31
C ALA I 257 43.33 12.58 -34.09
N ILE I 258 44.22 11.58 -34.10
CA ILE I 258 45.52 11.75 -34.74
C ILE I 258 45.36 11.96 -36.24
N SER I 259 44.47 11.21 -36.87
CA SER I 259 44.24 11.39 -38.31
C SER I 259 43.66 12.77 -38.61
N ARG I 260 42.71 13.23 -37.80
CA ARG I 260 42.13 14.55 -38.03
C ARG I 260 43.18 15.64 -37.88
N ILE I 261 44.03 15.53 -36.85
CA ILE I 261 45.09 16.51 -36.67
C ILE I 261 46.05 16.48 -37.85
N ASN I 262 46.38 15.27 -38.33
CA ASN I 262 47.30 15.17 -39.46
C ASN I 262 46.72 15.81 -40.70
N ASN I 263 45.41 15.69 -40.91
CA ASN I 263 44.77 16.25 -42.08
C ASN I 263 44.29 17.70 -41.87
N ALA I 264 44.49 18.27 -40.70
CA ALA I 264 44.06 19.64 -40.44
C ALA I 264 45.20 20.61 -40.74
N CYS I 265 44.88 21.90 -40.69
CA CYS I 265 45.81 22.95 -41.08
C CYS I 265 46.57 23.54 -39.90
N PHE I 266 46.55 22.89 -38.74
CA PHE I 266 47.24 23.42 -37.58
C PHE I 266 48.73 23.58 -37.83
N GLU I 267 49.25 24.76 -37.50
CA GLU I 267 50.70 24.91 -37.43
C GLU I 267 51.26 24.07 -36.30
N ALA I 268 50.56 24.02 -35.16
CA ALA I 268 51.00 23.24 -34.03
C ALA I 268 49.81 22.93 -33.14
N VAL I 269 49.84 21.75 -32.54
CA VAL I 269 48.90 21.35 -31.51
C VAL I 269 49.72 21.12 -30.26
N VAL I 270 49.65 22.05 -29.33
CA VAL I 270 50.44 22.03 -28.11
C VAL I 270 49.56 21.50 -26.99
N VAL I 271 50.08 20.55 -26.23
CA VAL I 271 49.37 20.01 -25.07
C VAL I 271 50.31 20.00 -23.89
N THR I 272 49.74 20.02 -22.70
CA THR I 272 50.60 19.76 -21.54
C THR I 272 50.85 18.25 -21.39
N ASN I 273 51.78 17.90 -20.52
CA ASN I 273 51.98 16.48 -20.20
C ASN I 273 51.21 16.05 -18.96
N THR I 274 49.94 16.44 -18.84
CA THR I 274 49.09 15.82 -17.84
C THR I 274 48.74 14.39 -18.22
N ILE I 275 48.90 14.06 -19.49
CA ILE I 275 48.65 12.73 -20.06
C ILE I 275 49.90 12.38 -20.84
N PRO I 276 50.40 11.14 -20.79
CA PRO I 276 51.57 10.79 -21.59
C PRO I 276 51.30 10.96 -23.07
N GLN I 277 52.29 11.51 -23.80
CA GLN I 277 52.08 11.90 -25.18
C GLN I 277 53.05 11.26 -26.16
N GLU I 278 54.00 10.45 -25.70
CA GLU I 278 55.05 9.94 -26.60
C GLU I 278 54.47 9.10 -27.73
N ASP I 279 53.53 8.21 -27.40
CA ASP I 279 52.94 7.35 -28.43
C ASP I 279 52.18 8.18 -29.46
N LYS I 280 51.41 9.17 -29.02
CA LYS I 280 50.71 10.04 -29.95
C LYS I 280 51.69 10.89 -30.74
N MET I 281 52.77 11.34 -30.11
CA MET I 281 53.75 12.16 -30.80
C MET I 281 54.46 11.38 -31.89
N LYS I 282 54.57 10.06 -31.74
CA LYS I 282 55.18 9.25 -32.78
C LYS I 282 54.40 9.32 -34.08
N HIS I 283 53.07 9.33 -33.99
CA HIS I 283 52.21 9.29 -35.16
C HIS I 283 51.77 10.67 -35.63
N CYS I 284 52.14 11.74 -34.94
CA CYS I 284 51.69 13.08 -35.30
C CYS I 284 52.83 14.06 -35.06
N SER I 285 53.35 14.64 -36.15
CA SER I 285 54.53 15.48 -36.04
C SER I 285 54.23 16.85 -35.44
N LYS I 286 53.00 17.33 -35.54
CA LYS I 286 52.70 18.68 -35.09
C LYS I 286 52.28 18.76 -33.64
N ILE I 287 52.34 17.68 -32.88
CA ILE I 287 52.06 17.73 -31.45
C ILE I 287 53.32 18.12 -30.70
N GLN I 288 53.22 19.17 -29.88
CA GLN I 288 54.28 19.56 -28.96
C GLN I 288 53.76 19.57 -27.54
N VAL I 289 54.65 19.29 -26.59
CA VAL I 289 54.27 19.10 -25.19
C VAL I 289 54.88 20.20 -24.34
N ILE I 290 54.07 20.78 -23.48
CA ILE I 290 54.53 21.67 -22.42
C ILE I 290 54.64 20.88 -21.14
N ASP I 291 55.81 20.90 -20.52
CA ASP I 291 55.98 20.21 -19.26
C ASP I 291 55.33 21.05 -18.16
N ILE I 292 54.40 20.44 -17.42
CA ILE I 292 53.82 21.10 -16.27
C ILE I 292 54.23 20.44 -14.96
N SER I 293 55.28 19.62 -15.00
CA SER I 293 55.73 18.95 -13.78
C SER I 293 56.23 19.95 -12.74
N MET I 294 56.75 21.11 -13.17
CA MET I 294 57.19 22.08 -12.17
C MET I 294 55.99 22.64 -11.40
N ILE I 295 54.88 22.87 -12.09
CA ILE I 295 53.69 23.39 -11.42
C ILE I 295 53.15 22.38 -10.41
N LEU I 296 53.06 21.11 -10.81
CA LEU I 296 52.58 20.09 -9.89
C LEU I 296 53.54 19.89 -8.72
N ALA I 297 54.84 19.89 -9.00
CA ALA I 297 55.82 19.76 -7.92
C ALA I 297 55.73 20.92 -6.95
N GLU I 298 55.58 22.14 -7.46
CA GLU I 298 55.45 23.30 -6.59
C GLU I 298 54.17 23.22 -5.78
N ALA I 299 53.07 22.77 -6.39
CA ALA I 299 51.84 22.63 -5.63
C ALA I 299 52.00 21.63 -4.50
N ILE I 300 52.63 20.49 -4.78
CA ILE I 300 52.86 19.48 -3.74
C ILE I 300 53.71 20.07 -2.63
N ARG I 301 54.80 20.73 -3.00
CA ARG I 301 55.72 21.30 -2.03
C ARG I 301 55.04 22.37 -1.18
N ARG I 302 54.22 23.22 -1.79
CA ARG I 302 53.56 24.29 -1.07
C ARG I 302 52.44 23.76 -0.17
N THR I 303 51.68 22.77 -0.61
CA THR I 303 50.69 22.18 0.29
C THR I 303 51.38 21.52 1.47
N HIS I 304 52.50 20.84 1.23
CA HIS I 304 53.23 20.23 2.34
C HIS I 304 53.74 21.28 3.32
N ASN I 305 54.28 22.38 2.82
CA ASN I 305 54.90 23.38 3.68
C ASN I 305 53.93 24.42 4.22
N GLY I 306 52.65 24.34 3.89
CA GLY I 306 51.73 25.37 4.30
C GLY I 306 51.92 26.70 3.61
N GLU I 307 52.49 26.70 2.43
CA GLU I 307 52.70 27.90 1.63
C GLU I 307 51.54 28.11 0.66
N SER I 308 51.42 29.32 0.14
CA SER I 308 50.30 29.66 -0.72
C SER I 308 50.38 28.90 -2.04
N VAL I 309 49.32 28.17 -2.37
CA VAL I 309 49.23 27.49 -3.65
C VAL I 309 48.71 28.43 -4.73
N SER I 310 47.79 29.32 -4.38
CA SER I 310 47.21 30.23 -5.36
C SER I 310 48.25 31.15 -5.99
N TYR I 311 49.41 31.31 -5.35
CA TYR I 311 50.51 32.05 -5.93
C TYR I 311 50.91 31.46 -7.28
N LEU I 312 50.73 30.15 -7.45
CA LEU I 312 51.03 29.49 -8.72
C LEU I 312 50.04 29.82 -9.82
N PHE I 313 48.86 30.36 -9.49
CA PHE I 313 47.89 30.68 -10.53
C PHE I 313 48.43 31.71 -11.50
N SER I 314 49.39 32.53 -11.08
CA SER I 314 49.90 33.61 -11.91
C SER I 314 51.41 33.61 -12.08
N HIS I 315 52.14 32.65 -11.50
CA HIS I 315 53.60 32.66 -11.52
C HIS I 315 54.13 31.32 -11.99
N VAL I 316 55.03 31.36 -12.97
CA VAL I 316 55.78 30.18 -13.40
C VAL I 316 56.94 29.97 -12.44
N PRO I 317 57.03 28.82 -11.75
CA PRO I 317 58.15 28.60 -10.83
C PRO I 317 59.45 28.25 -11.53
N PRO J 2 0.74 7.46 2.65
CA PRO J 2 1.12 8.85 2.88
C PRO J 2 0.41 9.82 1.96
N ASN J 3 -0.07 10.91 2.54
CA ASN J 3 -0.74 11.97 1.79
C ASN J 3 0.21 13.14 1.58
N ILE J 4 -0.09 13.93 0.57
CA ILE J 4 0.66 15.16 0.31
C ILE J 4 0.27 16.20 1.36
N LYS J 5 1.26 16.80 1.98
CA LYS J 5 1.08 18.00 2.81
C LYS J 5 1.96 19.09 2.24
N ILE J 6 1.36 20.23 1.91
CA ILE J 6 2.09 21.39 1.40
C ILE J 6 2.16 22.41 2.51
N PHE J 7 3.37 22.83 2.84
CA PHE J 7 3.60 23.91 3.78
C PHE J 7 4.28 25.06 3.07
N SER J 8 3.87 26.28 3.41
CA SER J 8 4.46 27.48 2.85
C SER J 8 5.41 28.11 3.87
N GLY J 9 6.59 28.47 3.42
CA GLY J 9 7.38 29.42 4.16
C GLY J 9 6.83 30.83 3.97
N SER J 10 7.49 31.79 4.58
CA SER J 10 7.02 33.16 4.50
C SER J 10 7.44 33.88 3.23
N SER J 11 8.35 33.31 2.44
CA SER J 11 8.90 34.04 1.31
C SER J 11 7.86 34.27 0.22
N HIS J 12 7.15 33.21 -0.20
CA HIS J 12 6.26 33.31 -1.36
C HIS J 12 4.95 32.60 -1.01
N GLN J 13 4.06 33.30 -0.31
CA GLN J 13 2.80 32.71 0.12
C GLN J 13 1.84 32.50 -1.04
N ASP J 14 1.79 33.45 -1.97
CA ASP J 14 0.85 33.38 -3.08
C ASP J 14 1.17 32.20 -3.98
N LEU J 15 2.47 31.96 -4.24
CA LEU J 15 2.85 30.81 -5.05
C LEU J 15 2.45 29.50 -4.37
N SER J 16 2.67 29.39 -3.06
CA SER J 16 2.31 28.18 -2.35
C SER J 16 0.80 27.96 -2.39
N GLN J 17 0.03 29.03 -2.25
CA GLN J 17 -1.42 28.90 -2.35
C GLN J 17 -1.85 28.44 -3.73
N LYS J 18 -1.24 28.99 -4.78
CA LYS J 18 -1.57 28.56 -6.13
C LYS J 18 -1.25 27.09 -6.33
N ILE J 19 -0.10 26.65 -5.84
CA ILE J 19 0.26 25.23 -5.93
C ILE J 19 -0.75 24.39 -5.19
N ALA J 20 -1.15 24.80 -3.99
CA ALA J 20 -2.09 24.02 -3.20
C ALA J 20 -3.44 23.94 -3.88
N ASP J 21 -3.92 25.04 -4.46
CA ASP J 21 -5.17 25.00 -5.20
C ASP J 21 -5.09 24.04 -6.38
N ARG J 22 -3.98 24.05 -7.12
CA ARG J 22 -3.87 23.15 -8.26
C ARG J 22 -3.86 21.69 -7.82
N LEU J 23 -3.41 21.41 -6.61
CA LEU J 23 -3.42 20.04 -6.09
C LEU J 23 -4.72 19.68 -5.37
N GLY J 24 -5.66 20.61 -5.26
CA GLY J 24 -6.87 20.36 -4.49
C GLY J 24 -6.61 20.15 -3.01
N LEU J 25 -5.73 20.95 -2.42
CA LEU J 25 -5.35 20.81 -1.03
C LEU J 25 -5.37 22.17 -0.35
N GLU J 26 -5.52 22.15 0.96
CA GLU J 26 -5.28 23.33 1.78
C GLU J 26 -3.84 23.34 2.25
N LEU J 27 -3.30 24.53 2.41
CA LEU J 27 -1.96 24.67 2.96
C LEU J 27 -1.93 24.14 4.40
N GLY J 28 -0.89 23.42 4.74
CA GLY J 28 -0.75 22.90 6.08
C GLY J 28 -0.64 24.02 7.11
N LYS J 29 -1.19 23.76 8.29
CA LYS J 29 -1.12 24.74 9.36
C LYS J 29 0.29 24.85 9.90
N VAL J 30 0.88 26.02 9.78
CA VAL J 30 2.21 26.27 10.33
C VAL J 30 2.28 27.71 10.76
N VAL J 31 2.89 27.94 11.92
CA VAL J 31 3.21 29.27 12.41
C VAL J 31 4.67 29.52 12.11
N THR J 32 4.94 30.54 11.29
CA THR J 32 6.30 30.91 10.92
C THR J 32 6.46 32.40 11.21
N LYS J 33 7.09 32.72 12.33
CA LYS J 33 7.25 34.11 12.74
C LYS J 33 8.63 34.33 13.36
N LYS J 34 8.82 35.44 14.06
CA LYS J 34 10.09 35.73 14.69
C LYS J 34 9.89 35.99 16.18
N PHE J 35 10.78 35.43 16.99
CA PHE J 35 10.86 35.81 18.38
C PHE J 35 11.30 37.27 18.49
N SER J 36 11.26 37.80 19.72
CA SER J 36 11.61 39.20 19.93
C SER J 36 13.03 39.50 19.46
N ASN J 37 13.97 38.60 19.73
CA ASN J 37 15.36 38.77 19.31
C ASN J 37 15.61 38.38 17.86
N GLN J 38 14.55 38.21 17.06
CA GLN J 38 14.61 37.98 15.62
C GLN J 38 15.07 36.57 15.25
N GLU J 39 15.02 35.63 16.17
CA GLU J 39 15.27 34.24 15.83
C GLU J 39 13.99 33.67 15.22
N THR J 40 14.14 32.80 14.22
CA THR J 40 12.99 32.21 13.58
C THR J 40 12.23 31.29 14.53
N CYS J 41 10.92 31.44 14.58
CA CYS J 41 10.02 30.60 15.36
C CYS J 41 9.13 29.83 14.40
N VAL J 42 9.13 28.51 14.53
CA VAL J 42 8.35 27.63 13.66
C VAL J 42 7.56 26.68 14.53
N GLU J 43 6.28 26.51 14.21
CA GLU J 43 5.39 25.62 14.94
C GLU J 43 4.51 24.90 13.93
N ILE J 44 4.67 23.58 13.81
CA ILE J 44 3.84 22.80 12.90
C ILE J 44 2.49 22.56 13.57
N GLY J 45 1.43 23.09 12.99
CA GLY J 45 0.12 23.07 13.59
C GLY J 45 -0.70 21.82 13.37
N GLU J 46 -0.16 20.82 12.69
CA GLU J 46 -0.87 19.58 12.46
C GLU J 46 0.14 18.45 12.38
N SER J 47 -0.31 17.25 12.72
CA SER J 47 0.55 16.08 12.64
C SER J 47 0.97 15.84 11.18
N VAL J 48 2.25 15.59 10.98
CA VAL J 48 2.78 15.22 9.68
C VAL J 48 3.32 13.80 9.71
N ARG J 49 3.01 13.06 10.76
CA ARG J 49 3.53 11.72 10.95
C ARG J 49 3.11 10.82 9.80
N GLY J 50 4.10 10.25 9.11
CA GLY J 50 3.83 9.36 8.00
C GLY J 50 3.38 10.03 6.72
N GLU J 51 3.45 11.35 6.64
CA GLU J 51 2.98 12.07 5.46
C GLU J 51 4.15 12.46 4.56
N ASP J 52 3.81 12.79 3.31
CA ASP J 52 4.76 13.25 2.30
C ASP J 52 4.72 14.77 2.30
N VAL J 53 5.71 15.40 2.90
CA VAL J 53 5.68 16.83 3.19
C VAL J 53 6.46 17.58 2.12
N TYR J 54 5.85 18.64 1.60
CA TYR J 54 6.51 19.54 0.66
C TYR J 54 6.50 20.94 1.27
N ILE J 55 7.68 21.54 1.35
CA ILE J 55 7.82 22.87 1.93
C ILE J 55 8.25 23.81 0.81
N VAL J 56 7.45 24.84 0.57
CA VAL J 56 7.67 25.77 -0.53
C VAL J 56 8.32 27.03 0.03
N GLN J 57 9.53 27.31 -0.45
CA GLN J 57 10.27 28.50 -0.02
C GLN J 57 11.24 28.87 -1.12
N SER J 58 11.14 30.09 -1.62
CA SER J 58 12.05 30.56 -2.66
C SER J 58 13.19 31.35 -2.04
N GLY J 59 14.34 31.31 -2.70
CA GLY J 59 15.50 32.08 -2.29
C GLY J 59 15.40 33.51 -2.76
N CYS J 60 14.56 34.30 -2.09
CA CYS J 60 14.30 35.67 -2.46
C CYS J 60 14.04 36.48 -1.20
N GLY J 61 13.85 37.79 -1.40
CA GLY J 61 13.62 38.66 -0.25
C GLY J 61 14.79 38.65 0.70
N GLU J 62 14.47 38.54 1.99
CA GLU J 62 15.50 38.41 3.03
C GLU J 62 16.00 36.97 2.98
N ILE J 63 17.03 36.77 2.16
CA ILE J 63 17.41 35.43 1.74
C ILE J 63 17.87 34.59 2.93
N ASN J 64 18.67 35.17 3.82
CA ASN J 64 19.19 34.39 4.94
C ASN J 64 18.08 34.01 5.90
N ASP J 65 17.13 34.93 6.16
CA ASP J 65 16.00 34.60 7.00
C ASP J 65 15.16 33.49 6.37
N ASN J 66 14.91 33.57 5.07
CA ASN J 66 14.07 32.58 4.42
C ASN J 66 14.76 31.22 4.37
N LEU J 67 16.05 31.19 4.11
CA LEU J 67 16.80 29.94 4.12
C LEU J 67 16.80 29.33 5.52
N MET J 68 17.03 30.13 6.54
CA MET J 68 16.97 29.59 7.92
C MET J 68 15.58 29.03 8.19
N GLU J 69 14.53 29.76 7.80
CA GLU J 69 13.17 29.31 8.04
C GLU J 69 12.93 27.97 7.36
N LEU J 70 13.39 27.83 6.12
CA LEU J 70 13.23 26.57 5.40
C LEU J 70 13.94 25.44 6.12
N LEU J 71 15.17 25.66 6.56
CA LEU J 71 15.90 24.61 7.25
C LEU J 71 15.23 24.23 8.56
N ILE J 72 14.74 25.22 9.31
CA ILE J 72 14.07 24.94 10.56
C ILE J 72 12.77 24.19 10.33
N MET J 73 12.02 24.55 9.29
CA MET J 73 10.80 23.81 8.97
C MET J 73 11.10 22.37 8.58
N ILE J 74 12.13 22.16 7.77
CA ILE J 74 12.52 20.80 7.39
C ILE J 74 12.87 19.99 8.64
N ASN J 75 13.65 20.58 9.54
CA ASN J 75 14.03 19.89 10.76
C ASN J 75 12.81 19.54 11.60
N ALA J 76 11.87 20.49 11.74
CA ALA J 76 10.67 20.24 12.51
C ALA J 76 9.85 19.10 11.92
N CYS J 77 9.72 19.07 10.60
CA CYS J 77 8.95 18.01 9.96
C CYS J 77 9.68 16.67 10.06
N LYS J 78 11.01 16.68 9.96
CA LYS J 78 11.76 15.43 10.04
C LYS J 78 11.67 14.81 11.43
N ILE J 79 11.85 15.61 12.48
CA ILE J 79 11.75 15.02 13.82
C ILE J 79 10.31 14.81 14.26
N ALA J 80 9.33 15.29 13.49
CA ALA J 80 7.94 14.95 13.71
C ALA J 80 7.51 13.71 12.93
N SER J 81 8.48 12.96 12.39
CA SER J 81 8.25 11.63 11.79
C SER J 81 7.46 11.72 10.49
N ALA J 82 7.69 12.77 9.71
CA ALA J 82 7.22 12.77 8.33
C ALA J 82 7.89 11.64 7.57
N SER J 83 7.13 10.97 6.71
CA SER J 83 7.71 9.87 5.95
C SER J 83 8.75 10.37 4.95
N ARG J 84 8.52 11.54 4.38
CA ARG J 84 9.44 12.12 3.41
C ARG J 84 9.29 13.63 3.45
N VAL J 85 10.40 14.35 3.34
CA VAL J 85 10.38 15.81 3.33
C VAL J 85 11.06 16.28 2.04
N THR J 86 10.36 17.12 1.29
CA THR J 86 10.86 17.67 0.04
C THR J 86 10.87 19.19 0.14
N ALA J 87 12.03 19.77 -0.16
CA ALA J 87 12.15 21.22 -0.25
C ALA J 87 11.82 21.64 -1.66
N VAL J 88 10.78 22.44 -1.82
CA VAL J 88 10.40 23.01 -3.12
C VAL J 88 10.96 24.42 -3.13
N ILE J 89 12.09 24.59 -3.81
CA ILE J 89 12.83 25.86 -3.78
C ILE J 89 12.84 26.43 -5.19
N PRO J 90 11.83 27.21 -5.59
CA PRO J 90 11.76 27.66 -6.99
C PRO J 90 12.99 28.41 -7.44
N CYS J 91 13.54 29.31 -6.62
CA CYS J 91 14.78 30.00 -6.91
C CYS J 91 15.81 29.62 -5.86
N PHE J 92 16.83 28.89 -6.27
CA PHE J 92 17.77 28.31 -5.32
C PHE J 92 18.71 29.38 -4.79
N PRO J 93 18.77 29.61 -3.48
CA PRO J 93 19.65 30.65 -2.95
C PRO J 93 21.12 30.28 -3.05
N TYR J 94 21.96 31.30 -3.26
CA TYR J 94 23.41 31.18 -3.40
C TYR J 94 23.82 30.37 -4.62
N ALA J 95 22.93 30.25 -5.61
CA ALA J 95 23.24 29.44 -6.79
C ALA J 95 24.39 30.05 -7.60
N ARG J 96 24.55 31.37 -7.56
CA ARG J 96 25.62 31.99 -8.33
C ARG J 96 26.99 31.82 -7.69
N GLN J 97 27.06 31.38 -6.44
CA GLN J 97 28.34 31.03 -5.81
C GLN J 97 28.55 29.52 -5.88
N ASP J 98 28.71 29.03 -7.10
CA ASP J 98 28.83 27.61 -7.39
C ASP J 98 30.26 27.17 -7.63
N LYS J 99 31.22 28.07 -7.50
CA LYS J 99 32.63 27.75 -7.73
C LYS J 99 33.47 28.86 -7.12
N LYS J 100 34.76 28.57 -6.96
CA LYS J 100 35.77 29.51 -6.47
C LYS J 100 36.45 30.25 -7.60
N ASP J 101 37.06 29.49 -8.51
CA ASP J 101 37.64 29.82 -9.80
C ASP J 101 38.99 30.54 -9.86
N LYS J 102 39.32 31.41 -8.90
CA LYS J 102 40.72 31.74 -8.59
C LYS J 102 40.83 32.36 -7.21
N SER J 103 39.72 32.49 -6.51
CA SER J 103 39.67 33.34 -5.33
C SER J 103 39.46 32.51 -4.08
N ARG J 104 39.91 33.04 -2.95
CA ARG J 104 39.78 32.38 -1.67
C ARG J 104 38.36 32.63 -1.14
N ALA J 105 37.40 31.99 -1.78
CA ALA J 105 35.99 32.24 -1.59
C ALA J 105 35.26 30.95 -1.21
N PRO J 106 34.12 31.06 -0.56
CA PRO J 106 33.30 29.86 -0.30
C PRO J 106 32.64 29.38 -1.59
N ILE J 107 32.30 28.11 -1.59
CA ILE J 107 31.33 27.58 -2.56
C ILE J 107 30.02 27.52 -1.79
N SER J 108 29.31 28.66 -1.77
CA SER J 108 28.15 28.80 -0.91
C SER J 108 27.01 27.88 -1.31
N ALA J 109 26.85 27.62 -2.61
CA ALA J 109 25.80 26.71 -3.05
C ALA J 109 26.01 25.32 -2.48
N LYS J 110 27.25 24.85 -2.43
CA LYS J 110 27.53 23.55 -1.82
C LYS J 110 27.22 23.56 -0.34
N LEU J 111 27.55 24.66 0.35
CA LEU J 111 27.20 24.77 1.76
C LEU J 111 25.69 24.70 1.96
N VAL J 112 24.93 25.39 1.10
CA VAL J 112 23.47 25.36 1.19
C VAL J 112 22.95 23.95 0.97
N ALA J 113 23.51 23.24 -0.02
CA ALA J 113 23.12 21.85 -0.25
C ALA J 113 23.41 20.99 0.96
N ASN J 114 24.58 21.15 1.56
CA ASN J 114 24.93 20.39 2.77
C ASN J 114 23.97 20.70 3.90
N MET J 115 23.61 21.98 4.07
CA MET J 115 22.69 22.35 5.13
C MET J 115 21.30 21.77 4.92
N LEU J 116 20.82 21.80 3.68
CA LEU J 116 19.53 21.19 3.38
C LEU J 116 19.55 19.69 3.65
N SER J 117 20.65 19.02 3.29
CA SER J 117 20.76 17.59 3.56
C SER J 117 20.78 17.29 5.05
N VAL J 118 21.59 18.02 5.81
CA VAL J 118 21.68 17.74 7.25
C VAL J 118 20.41 18.14 7.98
N ALA J 119 19.64 19.09 7.45
CA ALA J 119 18.36 19.41 8.05
C ALA J 119 17.36 18.27 7.89
N GLY J 120 17.54 17.43 6.88
CA GLY J 120 16.70 16.26 6.71
C GLY J 120 15.94 16.16 5.41
N ALA J 121 16.22 17.04 4.46
CA ALA J 121 15.53 16.98 3.17
C ALA J 121 15.88 15.70 2.44
N ASP J 122 14.85 14.97 2.00
CA ASP J 122 15.05 13.77 1.21
C ASP J 122 15.02 14.02 -0.28
N HIS J 123 14.64 15.21 -0.71
CA HIS J 123 14.35 15.49 -2.10
C HIS J 123 14.26 17.00 -2.29
N ILE J 124 14.77 17.47 -3.44
CA ILE J 124 14.74 18.88 -3.78
C ILE J 124 14.02 19.04 -5.11
N ILE J 125 13.11 19.99 -5.18
CA ILE J 125 12.50 20.42 -6.43
C ILE J 125 12.84 21.90 -6.62
N THR J 126 13.41 22.24 -7.76
CA THR J 126 13.83 23.60 -8.03
C THR J 126 13.60 23.89 -9.51
N MET J 127 13.75 25.15 -9.89
CA MET J 127 13.51 25.55 -11.28
C MET J 127 14.68 26.36 -11.80
N ASP J 128 15.20 25.95 -12.96
CA ASP J 128 16.26 26.65 -13.69
C ASP J 128 17.41 27.06 -12.76
N LEU J 129 18.07 26.04 -12.25
CA LEU J 129 19.29 26.25 -11.50
C LEU J 129 20.28 27.04 -12.32
N HIS J 130 20.96 28.00 -11.67
CA HIS J 130 21.95 28.81 -12.37
C HIS J 130 23.00 27.94 -13.06
N ALA J 131 23.45 26.89 -12.40
CA ALA J 131 24.34 25.91 -13.00
C ALA J 131 23.81 24.53 -12.66
N SER J 132 23.56 23.71 -13.66
CA SER J 132 22.99 22.40 -13.39
C SER J 132 23.97 21.47 -12.68
N GLN J 133 25.26 21.82 -12.65
CA GLN J 133 26.22 21.12 -11.81
C GLN J 133 25.82 21.17 -10.33
N ILE J 134 24.98 22.15 -9.95
CA ILE J 134 24.51 22.20 -8.57
C ILE J 134 23.77 20.93 -8.19
N GLN J 135 23.19 20.23 -9.17
CA GLN J 135 22.54 18.95 -8.86
C GLN J 135 23.53 17.98 -8.25
N GLY J 136 24.79 18.03 -8.67
CA GLY J 136 25.84 17.21 -8.11
C GLY J 136 26.34 17.65 -6.75
N PHE J 137 25.91 18.81 -6.26
CA PHE J 137 26.23 19.22 -4.91
C PHE J 137 25.45 18.42 -3.87
N PHE J 138 24.41 17.70 -4.29
CA PHE J 138 23.55 16.93 -3.40
C PHE J 138 23.86 15.44 -3.53
N ASP J 139 23.56 14.71 -2.46
CA ASP J 139 23.48 13.25 -2.56
C ASP J 139 22.05 12.75 -2.64
N ILE J 140 21.07 13.59 -2.35
CA ILE J 140 19.66 13.25 -2.50
C ILE J 140 19.22 13.62 -3.91
N PRO J 141 18.12 13.05 -4.42
CA PRO J 141 17.67 13.43 -5.77
C PRO J 141 17.25 14.90 -5.84
N VAL J 142 17.53 15.51 -6.98
CA VAL J 142 17.17 16.90 -7.24
C VAL J 142 16.48 16.95 -8.59
N ASP J 143 15.24 17.43 -8.61
CA ASP J 143 14.51 17.61 -9.86
C ASP J 143 14.59 19.08 -10.25
N ASN J 144 15.35 19.37 -11.31
CA ASN J 144 15.56 20.72 -11.80
C ASN J 144 14.59 20.95 -12.95
N LEU J 145 13.48 21.62 -12.66
CA LEU J 145 12.47 21.92 -13.66
C LEU J 145 12.91 23.08 -14.54
N TYR J 146 12.28 23.20 -15.70
CA TYR J 146 12.60 24.22 -16.68
C TYR J 146 11.37 25.08 -16.94
N ALA J 147 11.58 26.39 -17.00
CA ALA J 147 10.51 27.29 -17.40
C ALA J 147 10.29 27.31 -18.91
N GLU J 148 11.14 26.62 -19.67
CA GLU J 148 11.11 26.73 -21.12
C GLU J 148 9.75 26.43 -21.75
N PRO J 149 9.00 25.39 -21.36
CA PRO J 149 7.68 25.21 -21.99
C PRO J 149 6.75 26.39 -21.80
N ALA J 150 6.71 26.96 -20.60
CA ALA J 150 5.89 28.15 -20.35
C ALA J 150 6.41 29.34 -21.13
N VAL J 151 7.73 29.47 -21.25
CA VAL J 151 8.31 30.55 -22.03
C VAL J 151 7.91 30.45 -23.49
N LEU J 152 7.99 29.24 -24.06
CA LEU J 152 7.60 29.03 -25.45
C LEU J 152 6.14 29.36 -25.65
N LYS J 153 5.29 28.93 -24.71
CA LYS J 153 3.87 29.27 -24.79
C LYS J 153 3.66 30.77 -24.79
N TRP J 154 4.36 31.48 -23.89
CA TRP J 154 4.23 32.94 -23.86
C TRP J 154 4.67 33.57 -25.16
N ILE J 155 5.79 33.11 -25.72
CA ILE J 155 6.29 33.68 -26.96
C ILE J 155 5.28 33.48 -28.08
N ARG J 156 4.71 32.29 -28.17
CA ARG J 156 3.76 32.02 -29.26
C ARG J 156 2.47 32.80 -29.08
N GLU J 157 2.04 33.05 -27.85
CA GLU J 157 0.78 33.75 -27.65
C GLU J 157 0.93 35.26 -27.51
N ASN J 158 2.13 35.81 -27.47
CA ASN J 158 2.27 37.24 -27.20
C ASN J 158 3.09 38.01 -28.22
N ILE J 159 3.90 37.35 -29.03
CA ILE J 159 4.74 38.03 -30.01
C ILE J 159 4.27 37.62 -31.39
N SER J 160 3.62 38.54 -32.11
CA SER J 160 2.97 38.20 -33.37
C SER J 160 3.98 37.75 -34.42
N GLU J 161 5.20 38.27 -34.37
CA GLU J 161 6.22 37.98 -35.37
C GLU J 161 7.22 36.93 -34.89
N TRP J 162 6.79 36.01 -34.02
CA TRP J 162 7.73 35.09 -33.40
C TRP J 162 8.37 34.15 -34.40
N ARG J 163 7.72 33.88 -35.53
CA ARG J 163 8.32 33.01 -36.52
C ARG J 163 9.53 33.65 -37.20
N ASN J 164 9.62 34.98 -37.17
CA ASN J 164 10.76 35.69 -37.74
C ASN J 164 11.69 36.24 -36.68
N CYS J 165 11.35 36.09 -35.40
CA CYS J 165 12.13 36.68 -34.32
C CYS J 165 13.49 36.01 -34.21
N THR J 166 14.28 36.51 -33.26
CA THR J 166 15.60 35.99 -32.95
C THR J 166 15.72 35.82 -31.45
N ILE J 167 16.34 34.72 -31.02
CA ILE J 167 16.52 34.44 -29.60
C ILE J 167 17.96 34.73 -29.23
N VAL J 168 18.18 35.69 -28.33
CA VAL J 168 19.50 36.22 -28.06
C VAL J 168 19.89 35.88 -26.62
N SER J 169 21.04 35.28 -26.47
CA SER J 169 21.66 35.08 -25.17
C SER J 169 22.38 36.36 -24.74
N PRO J 170 22.21 36.81 -23.51
CA PRO J 170 22.91 38.03 -23.08
C PRO J 170 24.37 37.81 -22.77
N ASP J 171 24.72 36.68 -22.15
CA ASP J 171 26.10 36.33 -21.90
C ASP J 171 26.37 35.00 -22.59
N ALA J 172 27.64 34.77 -22.93
CA ALA J 172 28.01 33.52 -23.59
C ALA J 172 27.69 32.30 -22.73
N GLY J 173 27.59 32.47 -21.42
CA GLY J 173 27.45 31.30 -20.55
C GLY J 173 26.18 30.53 -20.77
N GLY J 174 25.05 31.23 -20.88
CA GLY J 174 23.76 30.59 -20.97
C GLY J 174 23.20 30.38 -22.37
N ALA J 175 24.04 30.41 -23.40
CA ALA J 175 23.53 30.32 -24.76
C ALA J 175 22.90 28.95 -25.04
N LYS J 176 23.16 27.97 -24.19
CA LYS J 176 22.52 26.66 -24.33
C LYS J 176 21.00 26.79 -24.24
N ARG J 177 20.53 27.56 -23.26
CA ARG J 177 19.09 27.79 -23.12
C ARG J 177 18.51 28.39 -24.39
N VAL J 178 19.19 29.38 -24.96
CA VAL J 178 18.62 30.06 -26.12
C VAL J 178 18.69 29.17 -27.36
N THR J 179 19.72 28.31 -27.46
CA THR J 179 19.75 27.36 -28.57
C THR J 179 18.61 26.36 -28.47
N SER J 180 18.32 25.87 -27.26
CA SER J 180 17.19 24.97 -27.09
C SER J 180 15.88 25.66 -27.48
N ILE J 181 15.71 26.92 -27.05
CA ILE J 181 14.49 27.65 -27.36
C ILE J 181 14.37 27.91 -28.86
N ALA J 182 15.47 28.31 -29.50
CA ALA J 182 15.44 28.57 -30.93
C ALA J 182 15.17 27.29 -31.72
N ASP J 183 15.75 26.17 -31.29
CA ASP J 183 15.45 24.89 -31.92
C ASP J 183 13.98 24.54 -31.80
N ARG J 184 13.40 24.73 -30.61
CA ARG J 184 11.98 24.50 -30.43
C ARG J 184 11.12 25.40 -31.32
N LEU J 185 11.48 26.68 -31.45
CA LEU J 185 10.72 27.60 -32.27
C LEU J 185 11.13 27.56 -33.73
N ASN J 186 12.24 26.90 -34.06
CA ASN J 186 12.81 26.91 -35.40
C ASN J 186 13.11 28.33 -35.86
N VAL J 187 14.00 29.00 -35.13
CA VAL J 187 14.43 30.35 -35.44
C VAL J 187 15.94 30.44 -35.21
N ASP J 188 16.50 31.58 -35.59
CA ASP J 188 17.93 31.82 -35.40
C ASP J 188 18.21 32.27 -33.98
N PHE J 189 19.36 31.84 -33.45
CA PHE J 189 19.82 32.33 -32.17
C PHE J 189 21.02 33.25 -32.37
N ALA J 190 20.75 34.56 -32.30
CA ALA J 190 21.77 35.59 -32.30
C ALA J 190 22.43 35.63 -30.93
N LEU J 191 23.74 35.88 -30.90
CA LEU J 191 24.48 35.89 -29.65
C LEU J 191 25.16 37.23 -29.40
N ILE J 192 25.33 37.53 -28.12
CA ILE J 192 25.88 38.80 -27.65
C ILE J 192 26.89 38.51 -26.55
N HIS J 193 28.04 39.19 -26.59
CA HIS J 193 28.90 39.23 -25.42
C HIS J 193 29.74 40.50 -25.43
N LYS J 194 30.17 40.93 -24.25
CA LYS J 194 30.95 42.15 -24.12
C LYS J 194 32.43 41.86 -24.39
N GLU J 195 33.12 42.86 -24.91
CA GLU J 195 34.53 42.73 -25.22
C GLU J 195 35.39 43.14 -24.04
N ASP J 203 33.51 47.83 -22.53
CA ASP J 203 32.26 48.57 -22.42
C ASP J 203 31.48 48.49 -23.73
N ARG J 204 31.99 47.70 -24.67
CA ARG J 204 31.32 47.49 -25.95
C ARG J 204 30.85 46.06 -26.06
N MET J 205 29.86 45.84 -26.92
CA MET J 205 29.23 44.55 -27.09
C MET J 205 29.36 44.10 -28.54
N VAL J 206 29.44 42.78 -28.75
CA VAL J 206 29.51 42.21 -30.08
C VAL J 206 28.36 41.22 -30.24
N LEU J 207 27.68 41.31 -31.39
CA LEU J 207 26.47 40.56 -31.71
C LEU J 207 26.64 39.85 -33.05
N VAL J 208 26.29 38.56 -33.07
CA VAL J 208 26.21 37.77 -34.29
C VAL J 208 24.78 37.34 -34.51
N GLY J 209 24.30 37.47 -35.74
CA GLY J 209 22.94 37.08 -36.03
C GLY J 209 22.16 38.29 -36.47
N ASP J 210 21.55 38.19 -37.65
CA ASP J 210 20.77 39.28 -38.20
C ASP J 210 19.61 39.63 -37.27
N VAL J 211 19.60 40.85 -36.75
CA VAL J 211 18.49 41.33 -35.94
C VAL J 211 17.75 42.49 -36.59
N LYS J 212 18.24 43.01 -37.71
CA LYS J 212 17.66 44.20 -38.31
C LYS J 212 16.22 43.97 -38.70
N ASP J 213 15.36 44.96 -38.37
CA ASP J 213 13.94 44.96 -38.67
C ASP J 213 13.21 43.76 -38.10
N ARG J 214 13.80 43.06 -37.14
CA ARG J 214 13.21 41.88 -36.53
C ARG J 214 12.95 42.14 -35.06
N VAL J 215 12.24 41.20 -34.44
CA VAL J 215 12.13 41.17 -32.99
C VAL J 215 13.26 40.32 -32.42
N ALA J 216 13.97 40.86 -31.45
CA ALA J 216 14.96 40.11 -30.69
C ALA J 216 14.39 39.77 -29.33
N ILE J 217 14.65 38.55 -28.86
CA ILE J 217 14.15 38.07 -27.59
C ILE J 217 15.35 37.64 -26.77
N LEU J 218 15.68 38.44 -25.75
CA LEU J 218 16.70 38.02 -24.80
C LEU J 218 16.12 37.01 -23.84
N VAL J 219 16.84 35.91 -23.64
CA VAL J 219 16.44 34.87 -22.71
C VAL J 219 17.61 34.60 -21.76
N ASP J 220 17.31 34.55 -20.46
CA ASP J 220 18.32 34.32 -19.45
C ASP J 220 17.66 33.67 -18.24
N ASP J 221 18.48 33.14 -17.35
CA ASP J 221 17.94 32.48 -16.18
C ASP J 221 17.47 33.47 -15.12
N MET J 222 18.09 34.63 -15.02
CA MET J 222 17.69 35.57 -13.98
C MET J 222 18.13 36.97 -14.35
N ALA J 223 17.43 37.94 -13.78
CA ALA J 223 17.79 39.36 -13.89
C ALA J 223 17.88 39.92 -12.49
N ASP J 224 19.09 40.19 -12.03
CA ASP J 224 19.28 40.68 -10.66
C ASP J 224 19.33 42.20 -10.61
N THR J 225 20.39 42.78 -11.14
CA THR J 225 20.52 44.23 -11.25
C THR J 225 20.16 44.72 -12.63
N CYS J 226 19.88 43.81 -13.55
CA CYS J 226 19.53 44.07 -14.94
C CYS J 226 20.63 44.75 -15.71
N GLY J 227 21.85 44.78 -15.16
CA GLY J 227 22.98 45.23 -15.95
C GLY J 227 23.22 44.37 -17.17
N THR J 228 23.05 43.06 -17.03
CA THR J 228 23.28 42.15 -18.14
C THR J 228 22.31 42.37 -19.29
N ILE J 229 21.01 42.43 -19.01
CA ILE J 229 20.04 42.55 -20.10
C ILE J 229 19.99 43.98 -20.64
N CYS J 230 20.25 45.00 -19.84
CA CYS J 230 20.18 46.36 -20.35
C CYS J 230 21.32 46.63 -21.33
N HIS J 231 22.52 46.15 -21.04
CA HIS J 231 23.64 46.27 -21.98
C HIS J 231 23.35 45.53 -23.28
N ALA J 232 22.84 44.30 -23.16
CA ALA J 232 22.50 43.52 -24.34
C ALA J 232 21.43 44.20 -25.17
N ALA J 233 20.42 44.78 -24.51
CA ALA J 233 19.36 45.48 -25.23
C ALA J 233 19.89 46.73 -25.93
N ASP J 234 20.80 47.45 -25.28
CA ASP J 234 21.42 48.60 -25.92
C ASP J 234 22.12 48.17 -27.21
N LYS J 235 22.91 47.09 -27.12
CA LYS J 235 23.54 46.57 -28.33
C LYS J 235 22.52 46.22 -29.40
N LEU J 236 21.46 45.49 -29.02
CA LEU J 236 20.48 45.06 -30.01
C LEU J 236 19.81 46.24 -30.68
N LEU J 237 19.46 47.26 -29.91
CA LEU J 237 18.85 48.45 -30.50
C LEU J 237 19.84 49.20 -31.38
N SER J 238 21.15 49.07 -31.11
CA SER J 238 22.13 49.66 -32.02
C SER J 238 22.04 49.03 -33.40
N ALA J 239 21.71 47.74 -33.46
CA ALA J 239 21.69 47.00 -34.72
C ALA J 239 20.30 46.89 -35.32
N GLY J 240 19.40 47.81 -34.99
CA GLY J 240 18.18 48.00 -35.75
C GLY J 240 17.02 47.08 -35.45
N ALA J 241 17.05 46.35 -34.34
CA ALA J 241 15.92 45.51 -33.99
C ALA J 241 14.68 46.36 -33.71
N THR J 242 13.57 45.96 -34.32
CA THR J 242 12.34 46.74 -34.20
C THR J 242 11.86 46.79 -32.75
N ARG J 243 11.86 45.65 -32.07
CA ARG J 243 11.54 45.55 -30.66
C ARG J 243 12.49 44.58 -30.00
N VAL J 244 12.70 44.77 -28.70
CA VAL J 244 13.53 43.87 -27.90
C VAL J 244 12.70 43.42 -26.71
N TYR J 245 12.68 42.12 -26.48
CA TYR J 245 12.05 41.55 -25.30
C TYR J 245 13.10 40.90 -24.42
N ALA J 246 12.82 40.85 -23.13
CA ALA J 246 13.64 40.07 -22.21
C ALA J 246 12.72 39.08 -21.52
N ILE J 247 13.14 37.83 -21.45
CA ILE J 247 12.38 36.79 -20.76
C ILE J 247 13.32 36.08 -19.80
N LEU J 248 12.89 35.97 -18.54
CA LEU J 248 13.70 35.39 -17.49
C LEU J 248 12.84 34.54 -16.56
N THR J 249 13.41 33.44 -16.08
CA THR J 249 12.65 32.68 -15.11
C THR J 249 12.66 33.36 -13.73
N HIS J 250 13.79 33.88 -13.28
CA HIS J 250 13.88 34.47 -11.93
C HIS J 250 14.00 35.98 -12.04
N GLY J 251 12.95 36.70 -11.62
CA GLY J 251 12.96 38.14 -11.57
C GLY J 251 13.39 38.72 -10.24
N ILE J 252 14.69 38.70 -9.93
CA ILE J 252 15.15 39.17 -8.62
C ILE J 252 14.99 40.69 -8.51
N PHE J 253 15.47 41.43 -9.52
CA PHE J 253 15.25 42.88 -9.63
C PHE J 253 15.70 43.64 -8.39
N SER J 254 16.92 43.37 -7.94
CA SER J 254 17.44 44.09 -6.78
C SER J 254 18.19 45.35 -7.22
N GLY J 255 18.47 46.22 -6.25
CA GLY J 255 19.25 47.41 -6.48
C GLY J 255 18.61 48.38 -7.44
N PRO J 256 19.36 48.77 -8.48
CA PRO J 256 18.85 49.76 -9.42
C PRO J 256 18.06 49.17 -10.57
N ALA J 257 17.61 47.92 -10.42
CA ALA J 257 17.05 47.19 -11.55
C ALA J 257 15.80 47.86 -12.13
N ILE J 258 14.89 48.31 -11.25
CA ILE J 258 13.63 48.86 -11.73
C ILE J 258 13.87 50.15 -12.52
N SER J 259 14.77 51.01 -12.04
CA SER J 259 15.08 52.23 -12.78
C SER J 259 15.72 51.93 -14.12
N ARG J 260 16.65 50.98 -14.16
CA ARG J 260 17.28 50.62 -15.44
C ARG J 260 16.26 50.09 -16.43
N ILE J 261 15.36 49.21 -15.96
CA ILE J 261 14.32 48.69 -16.85
C ILE J 261 13.42 49.82 -17.34
N ASN J 262 13.08 50.76 -16.45
CA ASN J 262 12.22 51.87 -16.85
C ASN J 262 12.89 52.73 -17.90
N ASN J 263 14.20 52.92 -17.80
CA ASN J 263 14.93 53.73 -18.76
C ASN J 263 15.43 52.96 -19.97
N ALA J 264 15.19 51.64 -20.03
CA ALA J 264 15.65 50.86 -21.16
C ALA J 264 14.56 50.76 -22.23
N CYS J 265 14.93 50.19 -23.37
CA CYS J 265 14.06 50.14 -24.53
C CYS J 265 13.25 48.87 -24.64
N PHE J 266 13.19 48.07 -23.58
CA PHE J 266 12.46 46.81 -23.64
C PHE J 266 11.00 47.04 -23.96
N GLU J 267 10.50 46.28 -24.94
CA GLU J 267 9.07 46.20 -25.12
C GLU J 267 8.40 45.52 -23.92
N ALA J 268 9.04 44.48 -23.40
CA ALA J 268 8.52 43.78 -22.24
C ALA J 268 9.66 43.04 -21.54
N VAL J 269 9.54 42.97 -20.22
CA VAL J 269 10.42 42.16 -19.39
C VAL J 269 9.51 41.13 -18.72
N VAL J 270 9.58 39.91 -19.20
CA VAL J 270 8.73 38.83 -18.73
C VAL J 270 9.52 37.98 -17.75
N VAL J 271 8.93 37.69 -16.59
CA VAL J 271 9.56 36.83 -15.60
C VAL J 271 8.55 35.78 -15.17
N THR J 272 9.06 34.66 -14.68
CA THR J 272 8.14 33.75 -14.02
C THR J 272 7.84 34.21 -12.60
N ASN J 273 6.85 33.60 -11.97
CA ASN J 273 6.57 33.89 -10.56
C ASN J 273 7.26 32.89 -9.63
N THR J 274 8.54 32.60 -9.87
CA THR J 274 9.32 31.91 -8.86
C THR J 274 9.63 32.81 -7.69
N ILE J 275 9.53 34.11 -7.89
CA ILE J 275 9.76 35.15 -6.90
C ILE J 275 8.53 36.06 -6.95
N PRO J 276 8.01 36.53 -5.83
CA PRO J 276 6.85 37.45 -5.90
C PRO J 276 7.21 38.73 -6.63
N GLN J 277 6.29 39.19 -7.48
CA GLN J 277 6.58 40.30 -8.38
C GLN J 277 5.65 41.49 -8.23
N GLU J 278 4.64 41.43 -7.37
CA GLU J 278 3.62 42.48 -7.31
C GLU J 278 4.24 43.84 -6.97
N ASP J 279 5.12 43.87 -5.97
CA ASP J 279 5.73 45.13 -5.57
C ASP J 279 6.57 45.72 -6.70
N LYS J 280 7.35 44.88 -7.38
CA LYS J 280 8.13 45.36 -8.52
C LYS J 280 7.23 45.76 -9.67
N MET J 281 6.13 45.05 -9.88
CA MET J 281 5.22 45.38 -10.96
C MET J 281 4.53 46.72 -10.73
N LYS J 282 4.38 47.12 -9.46
CA LYS J 282 3.79 48.42 -9.17
C LYS J 282 4.65 49.56 -9.72
N HIS J 283 5.97 49.42 -9.61
CA HIS J 283 6.90 50.48 -10.01
C HIS J 283 7.40 50.34 -11.44
N CYS J 284 7.03 49.28 -12.15
CA CYS J 284 7.54 49.05 -13.50
C CYS J 284 6.42 48.48 -14.36
N SER J 285 5.99 49.25 -15.36
CA SER J 285 4.83 48.86 -16.15
C SER J 285 5.14 47.76 -17.14
N LYS J 286 6.39 47.61 -17.54
CA LYS J 286 6.71 46.64 -18.59
C LYS J 286 7.06 45.26 -18.06
N ILE J 287 6.92 45.01 -16.77
CA ILE J 287 7.14 43.67 -16.22
C ILE J 287 5.85 42.87 -16.34
N GLN J 288 5.94 41.70 -16.97
CA GLN J 288 4.84 40.74 -17.01
C GLN J 288 5.30 39.42 -16.42
N VAL J 289 4.35 38.69 -15.84
CA VAL J 289 4.64 37.48 -15.08
C VAL J 289 4.03 36.28 -15.78
N ILE J 290 4.81 35.22 -15.91
CA ILE J 290 4.32 33.92 -16.34
C ILE J 290 4.12 33.06 -15.10
N ASP J 291 2.91 32.53 -14.93
CA ASP J 291 2.66 31.66 -13.81
C ASP J 291 3.28 30.30 -14.09
N ILE J 292 4.14 29.83 -13.19
CA ILE J 292 4.70 28.50 -13.30
C ILE J 292 4.18 27.58 -12.20
N SER J 293 3.11 27.97 -11.52
CA SER J 293 2.58 27.15 -10.45
C SER J 293 2.05 25.82 -10.96
N MET J 294 1.60 25.76 -12.22
CA MET J 294 1.14 24.47 -12.74
C MET J 294 2.31 23.51 -12.87
N ILE J 295 3.48 24.00 -13.29
CA ILE J 295 4.64 23.13 -13.44
C ILE J 295 5.09 22.60 -12.10
N LEU J 296 5.16 23.46 -11.09
CA LEU J 296 5.55 23.02 -9.75
C LEU J 296 4.53 22.06 -9.16
N ALA J 297 3.24 22.37 -9.32
CA ALA J 297 2.20 21.47 -8.83
C ALA J 297 2.28 20.11 -9.50
N GLU J 298 2.49 20.09 -10.81
CA GLU J 298 2.62 18.81 -11.52
C GLU J 298 3.85 18.06 -11.05
N ALA J 299 4.96 18.76 -10.82
CA ALA J 299 6.16 18.08 -10.33
C ALA J 299 5.90 17.46 -8.96
N ILE J 300 5.24 18.20 -8.07
CA ILE J 300 4.93 17.66 -6.74
C ILE J 300 4.04 16.43 -6.88
N ARG J 301 2.99 16.54 -7.69
CA ARG J 301 2.04 15.46 -7.87
C ARG J 301 2.71 14.23 -8.47
N ARG J 302 3.59 14.42 -9.45
CA ARG J 302 4.25 13.30 -10.10
C ARG J 302 5.30 12.65 -9.20
N THR J 303 6.06 13.44 -8.43
CA THR J 303 6.97 12.81 -7.47
C THR J 303 6.20 12.03 -6.43
N HIS J 304 5.07 12.55 -5.97
CA HIS J 304 4.27 11.82 -5.01
C HIS J 304 3.73 10.51 -5.59
N ASN J 305 3.26 10.53 -6.84
CA ASN J 305 2.63 9.37 -7.42
C ASN J 305 3.60 8.42 -8.12
N GLY J 306 4.90 8.72 -8.12
CA GLY J 306 5.83 7.89 -8.84
C GLY J 306 5.72 7.98 -10.34
N GLU J 307 5.23 9.10 -10.85
CA GLU J 307 5.09 9.35 -12.27
C GLU J 307 6.31 10.11 -12.79
N SER J 308 6.49 10.09 -14.11
CA SER J 308 7.67 10.71 -14.70
C SER J 308 7.63 12.22 -14.54
N VAL J 309 8.69 12.77 -13.94
CA VAL J 309 8.82 14.22 -13.83
C VAL J 309 9.42 14.81 -15.09
N SER J 310 10.35 14.10 -15.73
CA SER J 310 11.02 14.61 -16.92
C SER J 310 10.05 14.85 -18.07
N TYR J 311 8.87 14.23 -18.02
CA TYR J 311 7.82 14.51 -18.99
C TYR J 311 7.48 15.99 -19.01
N LEU J 312 7.61 16.67 -17.87
CA LEU J 312 7.36 18.12 -17.79
C LEU J 312 8.43 18.94 -18.48
N PHE J 313 9.59 18.39 -18.78
CA PHE J 313 10.63 19.18 -19.44
C PHE J 313 10.18 19.66 -20.81
N SER J 314 9.23 18.98 -21.44
CA SER J 314 8.80 19.32 -22.78
C SER J 314 7.29 19.53 -22.92
N HIS J 315 6.51 19.42 -21.86
CA HIS J 315 5.07 19.48 -21.95
C HIS J 315 4.50 20.47 -20.94
N VAL J 316 3.65 21.37 -21.42
CA VAL J 316 2.89 22.28 -20.56
C VAL J 316 1.68 21.51 -20.04
N PRO J 317 1.51 21.35 -18.73
CA PRO J 317 0.34 20.64 -18.20
C PRO J 317 -0.93 21.47 -18.24
N PRO K 2 51.50 25.59 12.78
CA PRO K 2 50.33 26.43 12.55
C PRO K 2 50.25 27.62 13.48
N ASN K 3 49.94 28.77 12.91
CA ASN K 3 49.78 30.00 13.67
C ASN K 3 48.30 30.31 13.88
N ILE K 4 48.03 31.10 14.91
CA ILE K 4 46.68 31.58 15.18
C ILE K 4 46.32 32.64 14.14
N LYS K 5 45.16 32.47 13.51
CA LYS K 5 44.55 33.52 12.70
C LYS K 5 43.17 33.80 13.27
N ILE K 6 42.91 35.05 13.61
CA ILE K 6 41.63 35.49 14.13
C ILE K 6 40.90 36.24 13.02
N PHE K 7 39.70 35.80 12.70
CA PHE K 7 38.84 36.50 11.76
C PHE K 7 37.59 36.95 12.49
N SER K 8 37.12 38.15 12.15
CA SER K 8 35.91 38.70 12.71
C SER K 8 34.78 38.60 11.70
N GLY K 9 33.64 38.12 12.15
CA GLY K 9 32.41 38.35 11.43
C GLY K 9 31.96 39.79 11.62
N SER K 10 30.82 40.11 11.01
CA SER K 10 30.33 41.48 11.11
C SER K 10 29.55 41.75 12.38
N SER K 11 29.20 40.73 13.16
CA SER K 11 28.32 40.94 14.30
C SER K 11 28.99 41.77 15.40
N HIS K 12 30.20 41.39 15.81
CA HIS K 12 30.84 42.03 16.97
C HIS K 12 32.30 42.31 16.62
N GLN K 13 32.53 43.42 15.93
CA GLN K 13 33.88 43.76 15.50
C GLN K 13 34.76 44.21 16.66
N ASP K 14 34.19 44.96 17.59
CA ASP K 14 34.97 45.50 18.70
C ASP K 14 35.47 44.38 19.60
N LEU K 15 34.63 43.37 19.85
CA LEU K 15 35.07 42.23 20.64
C LEU K 15 36.20 41.48 19.96
N SER K 16 36.09 41.27 18.65
CA SER K 16 37.15 40.57 17.93
C SER K 16 38.45 41.35 17.98
N GLN K 17 38.36 42.67 17.84
CA GLN K 17 39.57 43.49 17.94
C GLN K 17 40.19 43.39 19.33
N LYS K 18 39.38 43.43 20.38
CA LYS K 18 39.90 43.29 21.73
C LYS K 18 40.61 41.96 21.91
N ILE K 19 39.98 40.88 21.41
CA ILE K 19 40.60 39.57 21.49
C ILE K 19 41.93 39.56 20.75
N ALA K 20 41.96 40.14 19.55
CA ALA K 20 43.18 40.14 18.76
C ALA K 20 44.29 40.93 19.44
N ASP K 21 43.95 42.07 20.04
CA ASP K 21 44.96 42.83 20.78
C ASP K 21 45.50 42.03 21.96
N ARG K 22 44.63 41.33 22.68
CA ARG K 22 45.13 40.56 23.81
C ARG K 22 46.06 39.43 23.37
N LEU K 23 45.89 38.93 22.15
CA LEU K 23 46.75 37.89 21.62
C LEU K 23 47.97 38.44 20.91
N GLY K 24 48.11 39.76 20.80
CA GLY K 24 49.20 40.33 20.03
C GLY K 24 49.13 40.02 18.56
N LEU K 25 47.94 40.08 17.97
CA LEU K 25 47.73 39.74 16.57
C LEU K 25 46.88 40.81 15.91
N GLU K 26 47.01 40.90 14.59
CA GLU K 26 46.09 41.67 13.78
C GLU K 26 44.96 40.76 13.31
N LEU K 27 43.77 41.35 13.16
CA LEU K 27 42.66 40.60 12.60
C LEU K 27 42.97 40.20 11.17
N GLY K 28 42.62 38.97 10.82
CA GLY K 28 42.83 38.50 9.46
C GLY K 28 42.04 39.30 8.46
N LYS K 29 42.62 39.44 7.27
CA LYS K 29 41.94 40.18 6.21
C LYS K 29 40.79 39.36 5.67
N VAL K 30 39.58 39.89 5.78
CA VAL K 30 38.40 39.25 5.25
C VAL K 30 37.42 40.33 4.81
N VAL K 31 36.81 40.12 3.66
CA VAL K 31 35.72 40.96 3.19
C VAL K 31 34.42 40.22 3.48
N THR K 32 33.57 40.82 4.30
CA THR K 32 32.28 40.25 4.67
C THR K 32 31.22 41.29 4.39
N LYS K 33 30.52 41.16 3.27
CA LYS K 33 29.51 42.12 2.88
C LYS K 33 28.31 41.43 2.26
N LYS K 34 27.46 42.17 1.56
CA LYS K 34 26.29 41.59 0.93
C LYS K 34 26.28 41.93 -0.56
N PHE K 35 25.95 40.93 -1.37
CA PHE K 35 25.63 41.19 -2.77
C PHE K 35 24.37 42.05 -2.87
N SER K 36 24.06 42.48 -4.08
CA SER K 36 22.90 43.34 -4.28
C SER K 36 21.61 42.67 -3.82
N ASN K 37 21.45 41.38 -4.10
CA ASN K 37 20.27 40.63 -3.68
C ASN K 37 20.34 40.16 -2.23
N GLN K 38 21.27 40.69 -1.44
CA GLN K 38 21.37 40.47 0.00
C GLN K 38 21.91 39.09 0.36
N GLU K 39 22.54 38.39 -0.57
CA GLU K 39 23.24 37.16 -0.23
C GLU K 39 24.59 37.53 0.37
N THR K 40 25.01 36.75 1.36
CA THR K 40 26.30 37.03 2.00
C THR K 40 27.45 36.80 1.04
N CYS K 41 28.37 37.75 1.01
CA CYS K 41 29.60 37.67 0.22
C CYS K 41 30.78 37.64 1.17
N VAL K 42 31.62 36.62 1.04
CA VAL K 42 32.78 36.43 1.90
C VAL K 42 33.99 36.21 1.01
N GLU K 43 35.09 36.88 1.36
CA GLU K 43 36.34 36.76 0.61
C GLU K 43 37.48 36.75 1.62
N ILE K 44 38.18 35.64 1.73
CA ILE K 44 39.33 35.56 2.64
C ILE K 44 40.52 36.23 1.96
N GLY K 45 41.01 37.30 2.56
CA GLY K 45 42.03 38.13 1.96
C GLY K 45 43.46 37.69 2.17
N GLU K 46 43.68 36.56 2.84
CA GLU K 46 45.03 36.06 3.07
C GLU K 46 44.96 34.54 3.14
N SER K 47 46.06 33.90 2.79
CA SER K 47 46.14 32.45 2.86
C SER K 47 45.97 31.99 4.30
N VAL K 48 45.14 30.98 4.50
CA VAL K 48 44.98 30.35 5.80
C VAL K 48 45.46 28.90 5.76
N ARG K 49 46.17 28.55 4.70
CA ARG K 49 46.61 27.18 4.49
C ARG K 49 47.51 26.73 5.64
N GLY K 50 47.11 25.67 6.33
CA GLY K 50 47.89 25.15 7.43
C GLY K 50 47.81 25.94 8.72
N GLU K 51 46.92 26.91 8.82
CA GLU K 51 46.83 27.75 10.00
C GLU K 51 45.68 27.31 10.90
N ASP K 52 45.75 27.77 12.14
CA ASP K 52 44.72 27.50 13.15
C ASP K 52 43.78 28.71 13.18
N VAL K 53 42.62 28.57 12.57
CA VAL K 53 41.73 29.70 12.28
C VAL K 53 40.66 29.78 13.36
N TYR K 54 40.45 30.98 13.90
CA TYR K 54 39.38 31.25 14.84
C TYR K 54 38.50 32.34 14.25
N ILE K 55 37.20 32.06 14.15
CA ILE K 55 36.24 32.99 13.60
C ILE K 55 35.31 33.44 14.72
N VAL K 56 35.29 34.74 14.97
CA VAL K 56 34.53 35.31 16.08
C VAL K 56 33.23 35.88 15.54
N GLN K 57 32.11 35.33 16.01
CA GLN K 57 30.78 35.77 15.59
C GLN K 57 29.81 35.44 16.69
N SER K 58 29.10 36.43 17.20
CA SER K 58 28.11 36.20 18.23
C SER K 58 26.72 36.11 17.61
N GLY K 59 25.86 35.34 18.27
CA GLY K 59 24.48 35.21 17.86
C GLY K 59 23.64 36.37 18.35
N CYS K 60 23.79 37.51 17.69
CA CYS K 60 23.12 38.74 18.07
C CYS K 60 22.80 39.54 16.82
N GLY K 61 22.12 40.66 17.02
CA GLY K 61 21.74 41.50 15.89
C GLY K 61 20.85 40.75 14.92
N GLU K 62 21.15 40.88 13.63
CA GLU K 62 20.45 40.14 12.60
C GLU K 62 20.96 38.70 12.63
N ILE K 63 20.31 37.89 13.44
CA ILE K 63 20.87 36.61 13.86
C ILE K 63 21.04 35.68 12.66
N ASN K 64 20.04 35.63 11.77
CA ASN K 64 20.14 34.71 10.64
C ASN K 64 21.23 35.12 9.68
N ASP K 65 21.38 36.43 9.43
CA ASP K 65 22.48 36.90 8.60
C ASP K 65 23.82 36.57 9.21
N ASN K 66 23.96 36.78 10.52
CA ASN K 66 25.24 36.54 11.18
C ASN K 66 25.59 35.06 11.20
N LEU K 67 24.59 34.21 11.46
CA LEU K 67 24.81 32.78 11.42
C LEU K 67 25.21 32.31 10.03
N MET K 68 24.50 32.80 9.01
CA MET K 68 24.89 32.42 7.63
C MET K 68 26.32 32.88 7.36
N GLU K 69 26.66 34.11 7.76
CA GLU K 69 28.00 34.62 7.52
C GLU K 69 29.04 33.73 8.19
N LEU K 70 28.78 33.32 9.43
CA LEU K 70 29.70 32.45 10.14
C LEU K 70 29.88 31.12 9.40
N LEU K 71 28.78 30.53 8.96
CA LEU K 71 28.88 29.24 8.26
C LEU K 71 29.65 29.40 6.95
N ILE K 72 29.38 30.48 6.22
CA ILE K 72 30.07 30.69 4.96
C ILE K 72 31.56 30.93 5.19
N MET K 73 31.92 31.68 6.23
CA MET K 73 33.32 31.88 6.56
C MET K 73 34.01 30.58 6.93
N ILE K 74 33.35 29.76 7.73
CA ILE K 74 33.91 28.46 8.10
C ILE K 74 34.15 27.62 6.86
N ASN K 75 33.17 27.60 5.96
CA ASN K 75 33.32 26.83 4.73
C ASN K 75 34.48 27.34 3.89
N ALA K 76 34.60 28.66 3.75
CA ALA K 76 35.69 29.24 2.97
C ALA K 76 37.04 28.87 3.57
N CYS K 77 37.16 28.93 4.89
CA CYS K 77 38.43 28.58 5.53
C CYS K 77 38.73 27.10 5.41
N LYS K 78 37.70 26.25 5.50
CA LYS K 78 37.90 24.81 5.42
C LYS K 78 38.37 24.40 4.02
N ILE K 79 37.72 24.92 2.97
CA ILE K 79 38.17 24.53 1.63
C ILE K 79 39.41 25.29 1.19
N ALA K 80 39.86 26.27 1.97
CA ALA K 80 41.15 26.90 1.75
C ALA K 80 42.27 26.20 2.53
N SER K 81 42.01 25.01 3.06
CA SER K 81 43.02 24.13 3.64
C SER K 81 43.58 24.67 4.95
N ALA K 82 42.74 25.34 5.74
CA ALA K 82 43.11 25.63 7.12
C ALA K 82 43.32 24.32 7.86
N SER K 83 44.32 24.28 8.73
CA SER K 83 44.57 23.05 9.48
C SER K 83 43.46 22.78 10.47
N ARG K 84 42.88 23.82 11.05
CA ARG K 84 41.81 23.68 12.02
C ARG K 84 40.98 24.95 12.00
N VAL K 85 39.66 24.80 12.11
CA VAL K 85 38.74 25.91 12.14
C VAL K 85 37.93 25.85 13.42
N THR K 86 37.93 26.94 14.18
CA THR K 86 37.21 27.03 15.43
C THR K 86 36.23 28.19 15.34
N ALA K 87 34.97 27.92 15.64
CA ALA K 87 33.95 28.96 15.75
C ALA K 87 33.94 29.48 17.17
N VAL K 88 34.24 30.75 17.33
CA VAL K 88 34.18 31.42 18.63
C VAL K 88 32.85 32.15 18.65
N ILE K 89 31.86 31.58 19.33
CA ILE K 89 30.50 32.08 19.32
C ILE K 89 30.13 32.50 20.73
N PRO K 90 30.41 33.74 21.13
CA PRO K 90 30.18 34.12 22.55
C PRO K 90 28.75 33.92 23.00
N CYS K 91 27.77 34.27 22.18
CA CYS K 91 26.37 34.02 22.48
C CYS K 91 25.81 33.08 21.41
N PHE K 92 25.49 31.86 21.81
CA PHE K 92 25.12 30.82 20.86
C PHE K 92 23.71 31.06 20.34
N PRO K 93 23.52 31.21 19.03
CA PRO K 93 22.18 31.47 18.50
C PRO K 93 21.27 30.24 18.60
N TYR K 94 19.99 30.49 18.81
CA TYR K 94 18.94 29.48 18.94
C TYR K 94 19.14 28.58 20.16
N ALA K 95 19.90 29.04 21.15
CA ALA K 95 20.18 28.21 22.32
C ALA K 95 18.91 27.95 23.14
N ARG K 96 17.96 28.87 23.11
CA ARG K 96 16.73 28.65 23.87
C ARG K 96 15.78 27.67 23.22
N GLN K 97 16.00 27.29 21.97
CA GLN K 97 15.24 26.22 21.35
C GLN K 97 16.03 24.91 21.39
N ASP K 98 16.21 24.42 22.61
CA ASP K 98 17.03 23.26 22.89
C ASP K 98 16.21 21.99 23.13
N LYS K 99 14.89 22.08 22.99
CA LYS K 99 14.01 20.94 23.22
C LYS K 99 12.65 21.26 22.61
N LYS K 100 11.84 20.22 22.45
CA LYS K 100 10.46 20.31 21.96
C LYS K 100 9.46 20.45 23.10
N ASP K 101 9.48 19.47 23.99
CA ASP K 101 8.82 19.34 25.30
C ASP K 101 7.32 19.05 25.35
N LYS K 102 6.52 19.51 24.40
CA LYS K 102 5.23 18.89 24.09
C LYS K 102 4.74 19.30 22.71
N SER K 103 5.51 20.11 22.01
CA SER K 103 5.01 20.81 20.84
C SER K 103 5.70 20.31 19.59
N ARG K 104 5.01 20.44 18.46
CA ARG K 104 5.53 20.03 17.17
C ARG K 104 6.46 21.12 16.64
N ALA K 105 7.61 21.22 17.29
CA ALA K 105 8.55 22.32 17.11
C ALA K 105 9.92 21.79 16.72
N PRO K 106 10.74 22.61 16.08
CA PRO K 106 12.12 22.20 15.82
C PRO K 106 12.94 22.24 17.08
N ILE K 107 14.03 21.48 17.09
CA ILE K 107 15.10 21.67 18.05
C ILE K 107 16.15 22.48 17.28
N SER K 108 15.98 23.79 17.28
CA SER K 108 16.78 24.65 16.42
C SER K 108 18.24 24.66 16.82
N ALA K 109 18.54 24.55 18.12
CA ALA K 109 19.92 24.50 18.56
C ALA K 109 20.65 23.30 17.97
N LYS K 110 19.98 22.15 17.91
CA LYS K 110 20.59 20.97 17.30
C LYS K 110 20.82 21.20 15.81
N LEU K 111 19.87 21.84 15.13
CA LEU K 111 20.06 22.17 13.72
C LEU K 111 21.27 23.07 13.53
N VAL K 112 21.43 24.07 14.40
CA VAL K 112 22.57 24.97 14.31
C VAL K 112 23.87 24.20 14.52
N ALA K 113 23.89 23.30 15.50
CA ALA K 113 25.07 22.48 15.72
C ALA K 113 25.41 21.64 14.50
N ASN K 114 24.39 21.03 13.89
CA ASN K 114 24.60 20.23 12.69
C ASN K 114 25.14 21.08 11.56
N MET K 115 24.62 22.30 11.40
CA MET K 115 25.07 23.18 10.33
C MET K 115 26.52 23.60 10.56
N LEU K 116 26.89 23.93 11.81
CA LEU K 116 28.26 24.27 12.10
C LEU K 116 29.19 23.11 11.81
N SER K 117 28.78 21.89 12.16
CA SER K 117 29.59 20.71 11.89
C SER K 117 29.77 20.49 10.40
N VAL K 118 28.67 20.54 9.63
CA VAL K 118 28.77 20.27 8.19
C VAL K 118 29.50 21.39 7.47
N ALA K 119 29.49 22.62 8.01
CA ALA K 119 30.28 23.69 7.42
C ALA K 119 31.77 23.43 7.56
N GLY K 120 32.18 22.67 8.58
CA GLY K 120 33.56 22.29 8.73
C GLY K 120 34.22 22.69 10.04
N ALA K 121 33.44 23.17 11.00
CA ALA K 121 34.02 23.57 12.28
C ALA K 121 34.58 22.35 13.01
N ASP K 122 35.83 22.43 13.44
CA ASP K 122 36.44 21.37 14.22
C ASP K 122 36.30 21.56 15.72
N HIS K 123 35.84 22.74 16.15
CA HIS K 123 35.89 23.11 17.55
C HIS K 123 35.00 24.34 17.75
N ILE K 124 34.32 24.37 18.89
CA ILE K 124 33.44 25.48 19.25
C ILE K 124 33.90 26.05 20.58
N ILE K 125 34.00 27.36 20.66
CA ILE K 125 34.20 28.06 21.92
C ILE K 125 33.01 28.99 22.12
N THR K 126 32.35 28.87 23.26
CA THR K 126 31.16 29.66 23.54
C THR K 126 31.17 30.02 25.02
N MET K 127 30.26 30.90 25.41
CA MET K 127 30.18 31.35 26.80
C MET K 127 28.77 31.23 27.33
N ASP K 128 28.63 30.58 28.49
CA ASP K 128 27.36 30.44 29.22
C ASP K 128 26.23 30.03 28.30
N LEU K 129 26.35 28.82 27.77
CA LEU K 129 25.27 28.22 27.00
C LEU K 129 24.00 28.19 27.85
N HIS K 130 22.87 28.50 27.20
CA HIS K 130 21.60 28.50 27.90
C HIS K 130 21.34 27.17 28.58
N ALA K 131 21.66 26.07 27.91
CA ALA K 131 21.60 24.74 28.49
C ALA K 131 22.88 24.02 28.15
N SER K 132 23.59 23.53 29.15
CA SER K 132 24.86 22.89 28.87
C SER K 132 24.69 21.56 28.14
N GLN K 133 23.47 21.00 28.12
CA GLN K 133 23.19 19.86 27.26
C GLN K 133 23.46 20.16 25.80
N ILE K 134 23.48 21.44 25.42
CA ILE K 134 23.80 21.80 24.04
C ILE K 134 25.18 21.29 23.66
N GLN K 135 26.09 21.11 24.63
CA GLN K 135 27.39 20.53 24.31
C GLN K 135 27.24 19.16 23.69
N GLY K 136 26.23 18.40 24.11
CA GLY K 136 25.94 17.10 23.54
C GLY K 136 25.28 17.15 22.18
N PHE K 137 24.86 18.32 21.71
CA PHE K 137 24.36 18.42 20.34
C PHE K 137 25.47 18.32 19.30
N PHE K 138 26.72 18.42 19.72
CA PHE K 138 27.87 18.37 18.84
C PHE K 138 28.60 17.03 18.95
N ASP K 139 29.28 16.66 17.87
CA ASP K 139 30.26 15.58 17.96
C ASP K 139 31.69 16.09 18.04
N ILE K 140 31.92 17.37 17.76
CA ILE K 140 33.22 18.01 17.92
C ILE K 140 33.32 18.57 19.33
N PRO K 141 34.54 18.82 19.84
CA PRO K 141 34.65 19.39 21.19
C PRO K 141 34.04 20.78 21.27
N VAL K 142 33.44 21.07 22.42
CA VAL K 142 32.83 22.38 22.69
C VAL K 142 33.34 22.85 24.04
N ASP K 143 33.99 24.00 24.08
CA ASP K 143 34.45 24.60 25.32
C ASP K 143 33.45 25.68 25.73
N ASN K 144 32.69 25.40 26.78
CA ASN K 144 31.66 26.31 27.29
C ASN K 144 32.28 27.10 28.44
N LEU K 145 32.71 28.32 28.15
CA LEU K 145 33.30 29.18 29.16
C LEU K 145 32.22 29.80 30.05
N TYR K 146 32.65 30.28 31.21
CA TYR K 146 31.75 30.86 32.19
C TYR K 146 32.14 32.30 32.47
N ALA K 147 31.15 33.18 32.55
CA ALA K 147 31.42 34.55 32.95
C ALA K 147 31.59 34.69 34.46
N GLU K 148 31.36 33.61 35.21
CA GLU K 148 31.32 33.71 36.66
C GLU K 148 32.55 34.34 37.30
N PRO K 149 33.79 34.02 36.91
CA PRO K 149 34.93 34.70 37.53
C PRO K 149 34.90 36.21 37.36
N ALA K 150 34.58 36.69 36.16
CA ALA K 150 34.46 38.12 35.92
C ALA K 150 33.29 38.71 36.70
N VAL K 151 32.19 37.97 36.83
CA VAL K 151 31.05 38.43 37.61
C VAL K 151 31.43 38.59 39.08
N LEU K 152 32.14 37.61 39.63
CA LEU K 152 32.58 37.68 41.02
C LEU K 152 33.51 38.86 41.23
N LYS K 153 34.43 39.08 40.28
CA LYS K 153 35.30 40.24 40.37
C LYS K 153 34.51 41.53 40.39
N TRP K 154 33.52 41.64 39.49
CA TRP K 154 32.70 42.86 39.46
C TRP K 154 31.96 43.05 40.78
N ILE K 155 31.39 41.98 41.33
CA ILE K 155 30.64 42.09 42.57
C ILE K 155 31.55 42.59 43.69
N ARG K 156 32.75 42.01 43.78
CA ARG K 156 33.66 42.39 44.86
C ARG K 156 34.16 43.82 44.70
N GLU K 157 34.33 44.29 43.47
CA GLU K 157 34.85 45.64 43.29
C GLU K 157 33.80 46.72 43.14
N ASN K 158 32.51 46.37 43.11
CA ASN K 158 31.50 47.39 42.85
C ASN K 158 30.36 47.46 43.88
N ILE K 159 30.16 46.43 44.68
CA ILE K 159 29.08 46.42 45.66
C ILE K 159 29.72 46.38 47.04
N SER K 160 29.65 47.51 47.76
CA SER K 160 30.35 47.64 49.02
C SER K 160 29.86 46.65 50.08
N GLU K 161 28.59 46.27 50.02
CA GLU K 161 27.99 45.39 51.01
C GLU K 161 27.88 43.96 50.53
N TRP K 162 28.79 43.52 49.65
CA TRP K 162 28.65 42.22 49.02
C TRP K 162 28.76 41.07 50.01
N ARG K 163 29.43 41.28 51.14
CA ARG K 163 29.52 40.21 52.13
C ARG K 163 28.18 39.93 52.79
N ASN K 164 27.27 40.90 52.78
CA ASN K 164 25.95 40.73 53.35
C ASN K 164 24.87 40.57 52.29
N CYS K 165 25.23 40.67 51.02
CA CYS K 165 24.25 40.64 49.93
C CYS K 165 23.61 39.26 49.82
N THR K 166 22.69 39.16 48.87
CA THR K 166 21.99 37.92 48.56
C THR K 166 22.01 37.72 47.05
N ILE K 167 22.23 36.49 46.61
CA ILE K 167 22.27 36.16 45.18
C ILE K 167 20.96 35.48 44.82
N VAL K 168 20.20 36.08 43.93
CA VAL K 168 18.83 35.65 43.65
C VAL K 168 18.73 35.16 42.21
N SER K 169 18.23 33.96 42.05
CA SER K 169 17.87 33.43 40.75
C SER K 169 16.52 33.96 40.33
N PRO K 170 16.34 34.43 39.09
CA PRO K 170 15.03 34.93 38.68
C PRO K 170 14.04 33.83 38.36
N ASP K 171 14.49 32.75 37.73
CA ASP K 171 13.64 31.60 37.48
C ASP K 171 14.28 30.40 38.15
N ALA K 172 13.45 29.41 38.48
CA ALA K 172 13.96 28.20 39.14
C ALA K 172 14.98 27.47 38.28
N GLY K 173 14.94 27.66 36.96
CA GLY K 173 15.78 26.87 36.08
C GLY K 173 17.26 27.08 36.30
N GLY K 174 17.69 28.33 36.42
CA GLY K 174 19.10 28.65 36.51
C GLY K 174 19.66 28.83 37.90
N ALA K 175 18.99 28.32 38.94
CA ALA K 175 19.45 28.57 40.30
C ALA K 175 20.80 27.91 40.57
N LYS K 176 21.22 27.00 39.70
CA LYS K 176 22.55 26.39 39.84
C LYS K 176 23.65 27.44 39.74
N ARG K 177 23.52 28.35 38.79
CA ARG K 177 24.48 29.45 38.64
C ARG K 177 24.56 30.27 39.93
N VAL K 178 23.40 30.59 40.50
CA VAL K 178 23.41 31.47 41.67
C VAL K 178 23.92 30.73 42.90
N THR K 179 23.68 29.42 42.99
CA THR K 179 24.26 28.65 44.09
C THR K 179 25.77 28.62 43.99
N SER K 180 26.30 28.42 42.77
CA SER K 180 27.75 28.45 42.61
C SER K 180 28.32 29.81 43.00
N ILE K 181 27.66 30.88 42.58
CA ILE K 181 28.14 32.23 42.90
C ILE K 181 28.07 32.48 44.41
N ALA K 182 26.96 32.10 45.05
CA ALA K 182 26.83 32.30 46.48
C ALA K 182 27.86 31.48 47.25
N ASP K 183 28.12 30.25 46.82
CA ASP K 183 29.16 29.44 47.45
C ASP K 183 30.52 30.11 47.31
N ARG K 184 30.84 30.64 46.14
CA ARG K 184 32.08 31.37 45.95
C ARG K 184 32.18 32.59 46.85
N LEU K 185 31.10 33.35 46.99
CA LEU K 185 31.09 34.54 47.82
C LEU K 185 30.80 34.23 49.28
N ASN K 186 30.38 33.02 49.60
CA ASN K 186 29.93 32.64 50.94
C ASN K 186 28.79 33.56 51.41
N VAL K 187 27.68 33.51 50.68
CA VAL K 187 26.49 34.28 51.00
C VAL K 187 25.26 33.40 50.77
N ASP K 188 24.11 33.91 51.16
CA ASP K 188 22.86 33.21 50.97
C ASP K 188 22.35 33.38 49.54
N PHE K 189 21.73 32.33 49.02
CA PHE K 189 21.07 32.43 47.73
C PHE K 189 19.55 32.37 47.93
N ALA K 190 18.93 33.55 47.88
CA ALA K 190 17.48 33.69 47.88
C ALA K 190 16.94 33.33 46.51
N LEU K 191 15.79 32.68 46.48
CA LEU K 191 15.20 32.22 45.23
C LEU K 191 13.83 32.84 44.99
N ILE K 192 13.50 32.98 43.71
CA ILE K 192 12.26 33.60 43.25
C ILE K 192 11.66 32.74 42.14
N HIS K 193 10.35 32.55 42.18
CA HIS K 193 9.66 32.04 41.01
C HIS K 193 8.20 32.49 41.02
N LYS K 194 7.59 32.55 39.84
CA LYS K 194 6.21 33.00 39.73
C LYS K 194 5.26 31.84 39.99
N GLU K 195 4.08 32.17 40.52
CA GLU K 195 3.07 31.17 40.82
C GLU K 195 2.14 30.94 39.64
N ASP K 203 0.62 35.78 38.18
CA ASP K 203 1.11 37.14 38.08
C ASP K 203 1.77 37.57 39.38
N ARG K 204 1.88 36.63 40.31
CA ARG K 204 2.53 36.87 41.59
C ARG K 204 3.81 36.06 41.70
N MET K 205 4.72 36.53 42.56
CA MET K 205 6.03 35.93 42.72
C MET K 205 6.21 35.48 44.17
N VAL K 206 6.98 34.41 44.37
CA VAL K 206 7.31 33.92 45.70
C VAL K 206 8.83 33.88 45.85
N LEU K 207 9.29 34.37 47.00
CA LEU K 207 10.70 34.56 47.32
C LEU K 207 11.03 33.89 48.64
N VAL K 208 12.11 33.12 48.66
CA VAL K 208 12.67 32.54 49.88
C VAL K 208 14.07 33.11 50.10
N GLY K 209 14.34 33.52 51.33
CA GLY K 209 15.65 34.08 51.62
C GLY K 209 15.48 35.51 52.07
N ASP K 210 16.02 35.80 53.25
CA ASP K 210 15.93 37.15 53.81
C ASP K 210 16.62 38.15 52.89
N VAL K 211 15.84 39.10 52.38
CA VAL K 211 16.38 40.19 51.58
C VAL K 211 16.22 41.55 52.24
N LYS K 212 15.51 41.63 53.37
CA LYS K 212 15.21 42.91 53.98
C LYS K 212 16.48 43.65 54.36
N ASP K 213 16.51 44.95 54.05
CA ASP K 213 17.61 45.87 54.35
C ASP K 213 18.93 45.39 53.77
N ARG K 214 18.91 44.49 52.81
CA ARG K 214 20.11 43.96 52.19
C ARG K 214 20.16 44.33 50.72
N VAL K 215 21.29 44.05 50.10
CA VAL K 215 21.39 44.13 48.65
C VAL K 215 21.06 42.76 48.07
N ALA K 216 20.16 42.73 47.09
CA ALA K 216 19.88 41.52 46.33
C ALA K 216 20.53 41.64 44.96
N ILE K 217 21.10 40.53 44.49
CA ILE K 217 21.79 40.48 43.22
C ILE K 217 21.13 39.41 42.38
N LEU K 218 20.37 39.81 41.38
CA LEU K 218 19.84 38.86 40.42
C LEU K 218 20.93 38.45 39.45
N VAL K 219 21.07 37.15 39.24
CA VAL K 219 22.03 36.60 38.30
C VAL K 219 21.30 35.67 37.34
N ASP K 220 21.56 35.83 36.05
CA ASP K 220 20.92 35.00 35.03
C ASP K 220 21.84 34.94 33.83
N ASP K 221 21.54 34.01 32.92
CA ASP K 221 22.38 33.84 31.74
C ASP K 221 22.12 34.93 30.70
N MET K 222 20.89 35.43 30.61
CA MET K 222 20.60 36.41 29.57
C MET K 222 19.38 37.22 29.96
N ALA K 223 19.29 38.41 29.39
CA ALA K 223 18.12 39.28 29.52
C ALA K 223 17.69 39.67 28.12
N ASP K 224 16.57 39.11 27.65
CA ASP K 224 16.12 39.38 26.28
C ASP K 224 15.11 40.52 26.25
N THR K 225 13.92 40.29 26.78
CA THR K 225 12.91 41.33 26.90
C THR K 225 12.88 41.94 28.29
N CYS K 226 13.68 41.39 29.21
CA CYS K 226 13.80 41.81 30.60
C CYS K 226 12.50 41.63 31.38
N GLY K 227 11.54 40.89 30.83
CA GLY K 227 10.38 40.51 31.60
C GLY K 227 10.74 39.68 32.82
N THR K 228 11.72 38.78 32.68
CA THR K 228 12.11 37.91 33.77
C THR K 228 12.73 38.70 34.93
N ILE K 229 13.69 39.57 34.65
CA ILE K 229 14.37 40.28 35.74
C ILE K 229 13.52 41.40 36.30
N CYS K 230 12.66 42.03 35.49
CA CYS K 230 11.84 43.12 36.02
C CYS K 230 10.80 42.61 37.01
N HIS K 231 10.17 41.47 36.71
CA HIS K 231 9.23 40.85 37.64
C HIS K 231 9.94 40.44 38.93
N ALA K 232 11.10 39.82 38.81
CA ALA K 232 11.87 39.42 39.98
C ALA K 232 12.26 40.63 40.82
N ALA K 233 12.67 41.72 40.17
CA ALA K 233 13.04 42.92 40.90
C ALA K 233 11.85 43.54 41.60
N ASP K 234 10.69 43.53 40.95
CA ASP K 234 9.48 44.02 41.61
C ASP K 234 9.22 43.23 42.89
N LYS K 235 9.29 41.90 42.80
CA LYS K 235 9.14 41.08 43.98
C LYS K 235 10.15 41.46 45.06
N LEU K 236 11.43 41.57 44.69
CA LEU K 236 12.46 41.85 45.67
C LEU K 236 12.23 43.18 46.36
N LEU K 237 11.85 44.21 45.59
CA LEU K 237 11.57 45.50 46.20
C LEU K 237 10.33 45.44 47.08
N SER K 238 9.40 44.52 46.80
CA SER K 238 8.27 44.34 47.71
C SER K 238 8.75 43.90 49.09
N ALA K 239 9.82 43.11 49.14
CA ALA K 239 10.32 42.54 50.39
C ALA K 239 11.46 43.34 51.00
N GLY K 240 11.57 44.62 50.68
CA GLY K 240 12.39 45.54 51.44
C GLY K 240 13.87 45.56 51.13
N ALA K 241 14.31 44.98 50.02
CA ALA K 241 15.72 45.06 49.67
C ALA K 241 16.13 46.50 49.40
N THR K 242 17.24 46.90 50.01
CA THR K 242 17.70 48.28 49.89
C THR K 242 18.04 48.63 48.45
N ARG K 243 18.75 47.75 47.76
CA ARG K 243 19.06 47.91 46.36
C ARG K 243 18.93 46.56 45.68
N VAL K 244 18.65 46.57 44.38
CA VAL K 244 18.58 45.37 43.57
C VAL K 244 19.51 45.55 42.38
N TYR K 245 20.34 44.56 42.13
CA TYR K 245 21.20 44.53 40.96
C TYR K 245 20.79 43.37 40.08
N ALA K 246 21.03 43.51 38.78
CA ALA K 246 20.90 42.41 37.85
C ALA K 246 22.23 42.23 37.16
N ILE K 247 22.70 40.98 37.07
CA ILE K 247 23.94 40.68 36.38
C ILE K 247 23.68 39.55 35.41
N LEU K 248 24.06 39.74 34.15
CA LEU K 248 23.80 38.78 33.09
C LEU K 248 25.01 38.68 32.17
N THR K 249 25.27 37.47 31.68
CA THR K 249 26.33 37.38 30.69
C THR K 249 25.90 37.91 29.33
N HIS K 250 24.69 37.60 28.86
CA HIS K 250 24.24 38.00 27.53
C HIS K 250 23.18 39.09 27.65
N GLY K 251 23.53 40.31 27.24
CA GLY K 251 22.61 41.42 27.20
C GLY K 251 21.91 41.61 25.86
N ILE K 252 20.92 40.77 25.56
CA ILE K 252 20.27 40.86 24.26
C ILE K 252 19.41 42.13 24.16
N PHE K 253 18.59 42.39 25.16
CA PHE K 253 17.83 43.64 25.29
C PHE K 253 16.99 43.96 24.05
N SER K 254 16.22 42.99 23.59
CA SER K 254 15.37 43.22 22.45
C SER K 254 13.99 43.71 22.89
N GLY K 255 13.22 44.21 21.93
CA GLY K 255 11.86 44.63 22.16
C GLY K 255 11.74 45.77 23.14
N PRO K 256 10.92 45.59 24.17
CA PRO K 256 10.68 46.68 25.13
C PRO K 256 11.68 46.72 26.28
N ALA K 257 12.81 46.04 26.11
CA ALA K 257 13.72 45.82 27.24
C ALA K 257 14.25 47.13 27.82
N ILE K 258 14.67 48.05 26.95
CA ILE K 258 15.29 49.29 27.44
C ILE K 258 14.29 50.12 28.24
N SER K 259 13.05 50.21 27.77
CA SER K 259 12.04 50.96 28.50
C SER K 259 11.73 50.31 29.86
N ARG K 260 11.62 48.97 29.88
CA ARG K 260 11.36 48.30 31.15
C ARG K 260 12.50 48.51 32.14
N ILE K 261 13.74 48.42 31.67
CA ILE K 261 14.88 48.68 32.55
C ILE K 261 14.86 50.11 33.06
N ASN K 262 14.53 51.06 32.17
CA ASN K 262 14.49 52.46 32.59
C ASN K 262 13.43 52.69 33.65
N ASN K 263 12.30 52.00 33.55
CA ASN K 263 11.21 52.16 34.50
C ASN K 263 11.33 51.23 35.71
N ALA K 264 12.34 50.38 35.76
CA ALA K 264 12.49 49.46 36.88
C ALA K 264 13.39 50.07 37.95
N CYS K 265 13.47 49.39 39.08
CA CYS K 265 14.18 49.91 40.25
C CYS K 265 15.62 49.42 40.35
N PHE K 266 16.16 48.85 39.28
CA PHE K 266 17.53 48.34 39.34
C PHE K 266 18.52 49.45 39.67
N GLU K 267 19.39 49.16 40.64
CA GLU K 267 20.55 50.02 40.82
C GLU K 267 21.49 49.92 39.62
N ALA K 268 21.66 48.72 39.08
CA ALA K 268 22.50 48.51 37.93
C ALA K 268 22.09 47.23 37.21
N VAL K 269 22.21 47.26 35.90
CA VAL K 269 22.05 46.08 35.05
C VAL K 269 23.40 45.86 34.39
N VAL K 270 24.13 44.88 34.85
CA VAL K 270 25.47 44.58 34.38
C VAL K 270 25.39 43.44 33.38
N VAL K 271 26.03 43.60 32.23
CA VAL K 271 26.09 42.54 31.24
C VAL K 271 27.52 42.37 30.79
N THR K 272 27.84 41.19 30.29
CA THR K 272 29.14 41.08 29.63
C THR K 272 29.08 41.64 28.21
N ASN K 273 30.23 41.80 27.58
CA ASN K 273 30.25 42.21 26.17
C ASN K 273 30.34 41.00 25.23
N THR K 274 29.55 39.97 25.47
CA THR K 274 29.39 38.94 24.44
C THR K 274 28.56 39.45 23.28
N ILE K 275 27.81 40.52 23.51
CA ILE K 275 26.98 41.19 22.51
C ILE K 275 27.34 42.66 22.59
N PRO K 276 27.45 43.38 21.47
CA PRO K 276 27.76 44.81 21.53
C PRO K 276 26.67 45.57 22.28
N GLN K 277 27.09 46.51 23.13
CA GLN K 277 26.17 47.17 24.05
C GLN K 277 26.13 48.68 23.91
N GLU K 278 26.94 49.29 23.04
CA GLU K 278 27.06 50.74 23.01
C GLU K 278 25.73 51.40 22.67
N ASP K 279 25.02 50.87 21.66
CA ASP K 279 23.75 51.45 21.27
C ASP K 279 22.73 51.36 22.40
N LYS K 280 22.66 50.22 23.08
CA LYS K 280 21.76 50.09 24.22
C LYS K 280 22.19 50.97 25.38
N MET K 281 23.51 51.11 25.58
CA MET K 281 24.00 51.94 26.67
C MET K 281 23.68 53.40 26.44
N LYS K 282 23.54 53.83 25.19
CA LYS K 282 23.16 55.21 24.91
C LYS K 282 21.78 55.53 25.46
N HIS K 283 20.84 54.60 25.35
CA HIS K 283 19.47 54.82 25.76
C HIS K 283 19.17 54.37 27.18
N CYS K 284 20.13 53.79 27.89
CA CYS K 284 19.88 53.28 29.23
C CYS K 284 21.11 53.54 30.09
N SER K 285 20.96 54.41 31.09
CA SER K 285 22.10 54.83 31.88
C SER K 285 22.56 53.78 32.87
N LYS K 286 21.70 52.86 33.27
CA LYS K 286 22.06 51.91 34.31
C LYS K 286 22.67 50.62 33.76
N ILE K 287 22.94 50.52 32.46
CA ILE K 287 23.61 49.36 31.91
C ILE K 287 25.12 49.55 32.03
N GLN K 288 25.80 48.58 32.65
CA GLN K 288 27.25 48.54 32.68
C GLN K 288 27.75 47.24 32.08
N VAL K 289 28.94 47.28 31.50
CA VAL K 289 29.47 46.17 30.73
C VAL K 289 30.72 45.63 31.42
N ILE K 290 30.77 44.31 31.55
CA ILE K 290 31.98 43.61 31.95
C ILE K 290 32.68 43.09 30.71
N ASP K 291 33.95 43.44 30.55
CA ASP K 291 34.70 42.94 29.41
C ASP K 291 35.08 41.49 29.69
N ILE K 292 34.71 40.59 28.78
CA ILE K 292 35.13 39.20 28.88
C ILE K 292 36.10 38.83 27.77
N SER K 293 36.68 39.82 27.09
CA SER K 293 37.61 39.54 26.02
C SER K 293 38.86 38.83 26.53
N MET K 294 39.26 39.07 27.79
CA MET K 294 40.43 38.36 28.29
C MET K 294 40.14 36.87 28.41
N ILE K 295 38.93 36.51 28.84
CA ILE K 295 38.58 35.09 28.98
C ILE K 295 38.57 34.41 27.62
N LEU K 296 37.95 35.04 26.62
CA LEU K 296 37.93 34.47 25.28
C LEU K 296 39.33 34.38 24.68
N ALA K 297 40.13 35.43 24.86
CA ALA K 297 41.50 35.40 24.35
C ALA K 297 42.31 34.28 25.01
N GLU K 298 42.16 34.12 26.32
CA GLU K 298 42.87 33.06 27.02
C GLU K 298 42.40 31.69 26.55
N ALA K 299 41.10 31.53 26.32
CA ALA K 299 40.61 30.25 25.81
C ALA K 299 41.19 29.95 24.45
N ILE K 300 41.23 30.94 23.56
CA ILE K 300 41.82 30.73 22.24
C ILE K 300 43.28 30.35 22.35
N ARG K 301 44.02 31.10 23.18
CA ARG K 301 45.44 30.86 23.35
C ARG K 301 45.70 29.48 23.94
N ARG K 302 44.91 29.07 24.91
CA ARG K 302 45.11 27.77 25.56
C ARG K 302 44.71 26.61 24.64
N THR K 303 43.63 26.74 23.88
CA THR K 303 43.31 25.70 22.92
C THR K 303 44.41 25.58 21.88
N HIS K 304 44.94 26.71 21.42
CA HIS K 304 46.03 26.66 20.45
C HIS K 304 47.27 25.99 21.03
N ASN K 305 47.62 26.29 22.28
CA ASN K 305 48.86 25.78 22.86
C ASN K 305 48.70 24.43 23.54
N GLY K 306 47.51 23.85 23.53
CA GLY K 306 47.32 22.59 24.25
C GLY K 306 47.35 22.73 25.75
N GLU K 307 47.03 23.91 26.27
CA GLU K 307 46.97 24.18 27.70
C GLU K 307 45.55 23.99 28.22
N SER K 308 45.43 23.84 29.54
CA SER K 308 44.13 23.56 30.13
C SER K 308 43.19 24.76 29.98
N VAL K 309 42.03 24.52 29.38
CA VAL K 309 41.00 25.56 29.28
C VAL K 309 40.17 25.62 30.55
N SER K 310 39.90 24.47 31.18
CA SER K 310 39.07 24.43 32.37
C SER K 310 39.68 25.23 33.53
N TYR K 311 40.98 25.50 33.46
CA TYR K 311 41.61 26.37 34.44
C TYR K 311 40.93 27.75 34.48
N LEU K 312 40.39 28.18 33.34
CA LEU K 312 39.68 29.46 33.27
C LEU K 312 38.33 29.43 33.97
N PHE K 313 37.77 28.25 34.27
CA PHE K 313 36.48 28.19 34.93
C PHE K 313 36.52 28.84 36.30
N SER K 314 37.69 28.91 36.93
CA SER K 314 37.81 29.44 38.27
C SER K 314 38.84 30.55 38.43
N HIS K 315 39.51 30.97 37.36
CA HIS K 315 40.60 31.94 37.46
C HIS K 315 40.39 33.07 36.45
N VAL K 316 40.47 34.30 36.95
CA VAL K 316 40.49 35.48 36.08
C VAL K 316 41.91 35.68 35.57
N PRO K 317 42.14 35.67 34.25
CA PRO K 317 43.49 35.87 33.73
C PRO K 317 43.95 37.32 33.78
N PRO L 2 3.92 -3.83 5.75
CA PRO L 2 4.68 -4.21 6.95
C PRO L 2 3.80 -4.40 8.18
N ASN L 3 4.05 -5.47 8.90
CA ASN L 3 3.34 -5.77 10.13
C ASN L 3 4.19 -5.40 11.35
N ILE L 4 3.52 -5.19 12.46
CA ILE L 4 4.20 -4.95 13.72
C ILE L 4 4.79 -6.26 14.22
N LYS L 5 6.08 -6.22 14.57
CA LYS L 5 6.72 -7.31 15.30
C LYS L 5 7.29 -6.73 16.58
N ILE L 6 6.91 -7.28 17.72
CA ILE L 6 7.40 -6.85 19.03
C ILE L 6 8.38 -7.90 19.51
N PHE L 7 9.59 -7.46 19.83
CA PHE L 7 10.59 -8.31 20.44
C PHE L 7 10.93 -7.78 21.83
N SER L 8 11.12 -8.69 22.76
CA SER L 8 11.49 -8.34 24.13
C SER L 8 12.97 -8.61 24.33
N GLY L 9 13.66 -7.65 24.91
CA GLY L 9 14.94 -7.94 25.52
C GLY L 9 14.73 -8.66 26.85
N SER L 10 15.84 -8.97 27.51
CA SER L 10 15.74 -9.70 28.76
C SER L 10 15.43 -8.80 29.96
N SER L 11 15.50 -7.48 29.82
CA SER L 11 15.38 -6.60 30.98
C SER L 11 13.98 -6.64 31.57
N HIS L 12 12.94 -6.46 30.75
CA HIS L 12 11.58 -6.31 31.25
C HIS L 12 10.65 -7.17 30.39
N GLN L 13 10.58 -8.46 30.70
CA GLN L 13 9.76 -9.38 29.90
C GLN L 13 8.27 -9.17 30.13
N ASP L 14 7.89 -8.90 31.38
CA ASP L 14 6.47 -8.76 31.72
C ASP L 14 5.89 -7.54 31.03
N LEU L 15 6.64 -6.43 30.99
CA LEU L 15 6.16 -5.25 30.29
C LEU L 15 5.97 -5.51 28.81
N SER L 16 6.92 -6.20 28.18
CA SER L 16 6.81 -6.51 26.76
C SER L 16 5.60 -7.40 26.50
N GLN L 17 5.37 -8.37 27.37
CA GLN L 17 4.19 -9.22 27.21
C GLN L 17 2.90 -8.41 27.32
N LYS L 18 2.84 -7.50 28.31
CA LYS L 18 1.65 -6.66 28.45
C LYS L 18 1.42 -5.82 27.20
N ILE L 19 2.49 -5.23 26.66
CA ILE L 19 2.38 -4.46 25.43
C ILE L 19 1.88 -5.32 24.30
N ALA L 20 2.42 -6.54 24.17
CA ALA L 20 2.02 -7.42 23.08
C ALA L 20 0.57 -7.83 23.20
N ASP L 21 0.11 -8.13 24.42
CA ASP L 21 -1.30 -8.45 24.61
C ASP L 21 -2.19 -7.28 24.22
N ARG L 22 -1.81 -6.06 24.60
CA ARG L 22 -2.65 -4.92 24.24
C ARG L 22 -2.71 -4.71 22.74
N LEU L 23 -1.69 -5.12 22.01
CA LEU L 23 -1.69 -5.01 20.56
C LEU L 23 -2.30 -6.23 19.87
N GLY L 24 -2.72 -7.24 20.61
CA GLY L 24 -3.20 -8.47 20.00
C GLY L 24 -2.14 -9.22 19.22
N LEU L 25 -0.93 -9.30 19.76
CA LEU L 25 0.19 -9.93 19.08
C LEU L 25 0.91 -10.87 20.05
N GLU L 26 1.60 -11.83 19.48
CA GLU L 26 2.55 -12.64 20.23
C GLU L 26 3.94 -12.00 20.14
N LEU L 27 4.71 -12.15 21.19
CA LEU L 27 6.09 -11.70 21.16
C LEU L 27 6.88 -12.46 20.10
N GLY L 28 7.71 -11.74 19.35
CA GLY L 28 8.52 -12.38 18.34
C GLY L 28 9.49 -13.37 18.95
N LYS L 29 9.77 -14.44 18.20
CA LYS L 29 10.71 -15.45 18.66
C LYS L 29 12.13 -14.91 18.61
N VAL L 30 12.77 -14.84 19.75
CA VAL L 30 14.16 -14.41 19.84
C VAL L 30 14.82 -15.15 20.99
N VAL L 31 16.04 -15.60 20.76
CA VAL L 31 16.88 -16.17 21.78
C VAL L 31 17.86 -15.09 22.22
N THR L 32 17.79 -14.72 23.50
CA THR L 32 18.67 -13.69 24.06
C THR L 32 19.31 -14.29 25.30
N LYS L 33 20.56 -14.73 25.17
CA LYS L 33 21.25 -15.37 26.29
C LYS L 33 22.72 -14.95 26.30
N LYS L 34 23.55 -15.67 27.05
CA LYS L 34 24.97 -15.36 27.11
C LYS L 34 25.79 -16.58 26.73
N PHE L 35 26.84 -16.34 25.94
CA PHE L 35 27.85 -17.36 25.73
C PHE L 35 28.58 -17.63 27.04
N SER L 36 29.44 -18.66 27.01
CA SER L 36 30.16 -19.05 28.22
C SER L 36 31.00 -17.90 28.76
N ASN L 37 31.66 -17.15 27.89
CA ASN L 37 32.48 -16.02 28.30
C ASN L 37 31.68 -14.75 28.55
N GLN L 38 30.35 -14.85 28.65
CA GLN L 38 29.44 -13.76 29.04
C GLN L 38 29.23 -12.74 27.94
N GLU L 39 29.55 -13.07 26.70
CA GLU L 39 29.21 -12.20 25.59
C GLU L 39 27.74 -12.44 25.24
N THR L 40 27.03 -11.38 24.87
CA THR L 40 25.63 -11.50 24.53
C THR L 40 25.44 -12.33 23.26
N CYS L 41 24.52 -13.28 23.31
CA CYS L 41 24.14 -14.10 22.17
C CYS L 41 22.70 -13.79 21.81
N VAL L 42 22.47 -13.42 20.55
CA VAL L 42 21.14 -13.06 20.06
C VAL L 42 20.87 -13.84 18.79
N GLU L 43 19.67 -14.40 18.70
CA GLU L 43 19.25 -15.18 17.54
C GLU L 43 17.80 -14.84 17.24
N ILE L 44 17.54 -14.21 16.11
CA ILE L 44 16.17 -13.88 15.73
C ILE L 44 15.52 -15.14 15.15
N GLY L 45 14.49 -15.62 15.81
CA GLY L 45 13.87 -16.88 15.48
C GLY L 45 12.83 -16.86 14.39
N GLU L 46 12.58 -15.70 13.77
CA GLU L 46 11.61 -15.60 12.70
C GLU L 46 12.06 -14.49 11.76
N SER L 47 11.66 -14.61 10.50
CA SER L 47 11.98 -13.59 9.53
C SER L 47 11.34 -12.26 9.92
N VAL L 48 12.12 -11.19 9.85
CA VAL L 48 11.62 -9.84 10.07
C VAL L 48 11.71 -9.02 8.79
N ARG L 49 11.95 -9.69 7.67
CA ARG L 49 12.16 -9.00 6.40
C ARG L 49 10.92 -8.20 6.04
N GLY L 50 11.10 -6.90 5.85
CA GLY L 50 10.00 -6.04 5.47
C GLY L 50 9.03 -5.70 6.58
N GLU L 51 9.34 -6.04 7.83
CA GLU L 51 8.42 -5.81 8.93
C GLU L 51 8.83 -4.57 9.72
N ASP L 52 7.87 -4.08 10.52
CA ASP L 52 8.07 -2.92 11.39
C ASP L 52 8.38 -3.46 12.79
N VAL L 53 9.65 -3.43 13.15
CA VAL L 53 10.15 -4.13 14.34
C VAL L 53 10.23 -3.16 15.51
N TYR L 54 9.70 -3.56 16.66
CA TYR L 54 9.81 -2.81 17.90
C TYR L 54 10.52 -3.70 18.93
N ILE L 55 11.59 -3.19 19.50
CA ILE L 55 12.37 -3.92 20.48
C ILE L 55 12.21 -3.21 21.83
N VAL L 56 11.70 -3.93 22.81
CA VAL L 56 11.40 -3.36 24.13
C VAL L 56 12.52 -3.73 25.08
N GLN L 57 13.20 -2.72 25.61
CA GLN L 57 14.29 -2.92 26.55
C GLN L 57 14.43 -1.67 27.39
N SER L 58 14.32 -1.81 28.70
CA SER L 58 14.47 -0.68 29.59
C SER L 58 15.89 -0.62 30.14
N GLY L 59 16.33 0.60 30.44
CA GLY L 59 17.64 0.83 31.03
C GLY L 59 17.60 0.59 32.53
N CYS L 60 17.57 -0.68 32.92
CA CYS L 60 17.47 -1.07 34.31
C CYS L 60 18.24 -2.36 34.52
N GLY L 61 18.29 -2.81 35.76
CA GLY L 61 19.02 -4.02 36.09
C GLY L 61 20.48 -3.88 35.75
N GLU L 62 21.03 -4.92 35.11
CA GLU L 62 22.41 -4.89 34.63
C GLU L 62 22.42 -4.04 33.36
N ILE L 63 22.64 -2.75 33.57
CA ILE L 63 22.34 -1.77 32.54
C ILE L 63 23.23 -1.97 31.32
N ASN L 64 24.52 -2.23 31.53
CA ASN L 64 25.43 -2.37 30.39
C ASN L 64 25.11 -3.63 29.59
N ASP L 65 24.77 -4.72 30.26
CA ASP L 65 24.36 -5.92 29.56
C ASP L 65 23.09 -5.68 28.75
N ASN L 66 22.11 -5.00 29.35
CA ASN L 66 20.84 -4.77 28.67
C ASN L 66 21.00 -3.83 27.48
N LEU L 67 21.82 -2.79 27.64
CA LEU L 67 22.10 -1.89 26.53
C LEU L 67 22.81 -2.61 25.40
N MET L 68 23.82 -3.42 25.74
CA MET L 68 24.50 -4.19 24.66
C MET L 68 23.49 -5.11 23.97
N GLU L 69 22.64 -5.78 24.75
CA GLU L 69 21.66 -6.69 24.16
C GLU L 69 20.74 -5.94 23.20
N LEU L 70 20.29 -4.75 23.61
CA LEU L 70 19.43 -3.94 22.75
C LEU L 70 20.15 -3.58 21.45
N LEU L 71 21.40 -3.13 21.54
CA LEU L 71 22.12 -2.75 20.34
C LEU L 71 22.34 -3.95 19.42
N ILE L 72 22.67 -5.10 20.00
CA ILE L 72 22.89 -6.30 19.20
C ILE L 72 21.59 -6.74 18.53
N MET L 73 20.46 -6.66 19.24
CA MET L 73 19.18 -7.00 18.64
C MET L 73 18.83 -6.05 17.49
N ILE L 74 19.05 -4.75 17.69
CA ILE L 74 18.79 -3.78 16.64
C ILE L 74 19.64 -4.11 15.41
N ASN L 75 20.92 -4.41 15.63
CA ASN L 75 21.80 -4.73 14.51
C ASN L 75 21.32 -5.99 13.78
N ALA L 76 20.93 -7.02 14.54
CA ALA L 76 20.46 -8.26 13.93
C ALA L 76 19.21 -8.00 13.09
N CYS L 77 18.28 -7.19 13.59
CA CYS L 77 17.07 -6.90 12.84
C CYS L 77 17.35 -6.04 11.61
N LYS L 78 18.29 -5.10 11.74
CA LYS L 78 18.62 -4.23 10.62
C LYS L 78 19.26 -5.01 9.48
N ILE L 79 20.24 -5.87 9.78
CA ILE L 79 20.85 -6.63 8.70
C ILE L 79 20.00 -7.81 8.25
N ALA L 80 18.91 -8.09 8.94
CA ALA L 80 17.92 -9.05 8.47
C ALA L 80 16.83 -8.37 7.64
N SER L 81 17.05 -7.12 7.22
CA SER L 81 16.19 -6.43 6.25
C SER L 81 14.81 -6.09 6.81
N ALA L 82 14.74 -5.78 8.10
CA ALA L 82 13.53 -5.17 8.64
C ALA L 82 13.30 -3.84 7.94
N SER L 83 12.04 -3.53 7.66
CA SER L 83 11.75 -2.26 6.99
C SER L 83 12.03 -1.08 7.91
N ARG L 84 11.78 -1.25 9.20
CA ARG L 84 12.01 -0.19 10.18
C ARG L 84 12.26 -0.83 11.53
N VAL L 85 13.18 -0.28 12.29
CA VAL L 85 13.51 -0.76 13.63
C VAL L 85 13.33 0.37 14.61
N THR L 86 12.54 0.13 15.64
CA THR L 86 12.26 1.10 16.68
C THR L 86 12.69 0.54 18.02
N ALA L 87 13.50 1.29 18.75
CA ALA L 87 13.87 0.94 20.12
C ALA L 87 12.85 1.54 21.07
N VAL L 88 12.16 0.67 21.79
CA VAL L 88 11.21 1.10 22.81
C VAL L 88 11.94 1.00 24.14
N ILE L 89 12.41 2.14 24.64
CA ILE L 89 13.26 2.18 25.82
C ILE L 89 12.53 2.94 26.92
N PRO L 90 11.71 2.27 27.73
CA PRO L 90 10.90 3.01 28.71
C PRO L 90 11.71 3.87 29.66
N CYS L 91 12.84 3.38 30.16
CA CYS L 91 13.75 4.16 30.99
C CYS L 91 15.08 4.26 30.27
N PHE L 92 15.43 5.45 29.81
CA PHE L 92 16.59 5.64 28.96
C PHE L 92 17.87 5.53 29.77
N PRO L 93 18.78 4.62 29.45
CA PRO L 93 20.01 4.48 30.23
C PRO L 93 20.96 5.65 30.02
N TYR L 94 21.69 6.00 31.08
CA TYR L 94 22.66 7.10 31.10
C TYR L 94 22.03 8.46 30.88
N ALA L 95 20.72 8.59 31.12
CA ALA L 95 20.04 9.84 30.90
C ALA L 95 20.53 10.94 31.85
N ARG L 96 20.99 10.57 33.04
CA ARG L 96 21.46 11.58 33.98
C ARG L 96 22.84 12.11 33.63
N GLN L 97 23.57 11.47 32.74
CA GLN L 97 24.83 12.01 32.23
C GLN L 97 24.60 12.71 30.89
N ASP L 98 23.85 13.79 30.95
CA ASP L 98 23.43 14.55 29.79
C ASP L 98 24.24 15.81 29.56
N LYS L 99 25.26 16.06 30.38
CA LYS L 99 26.10 17.24 30.25
C LYS L 99 27.37 17.01 31.06
N LYS L 100 28.36 17.86 30.81
CA LYS L 100 29.64 17.87 31.52
C LYS L 100 29.62 18.83 32.71
N ASP L 101 29.34 20.10 32.41
CA ASP L 101 29.05 21.24 33.28
C ASP L 101 30.19 21.91 34.02
N LYS L 102 31.23 21.19 34.45
CA LYS L 102 32.55 21.80 34.70
C LYS L 102 33.64 20.74 34.70
N SER L 103 33.27 19.49 34.47
CA SER L 103 34.16 18.38 34.77
C SER L 103 34.58 17.70 33.49
N ARG L 104 35.74 17.05 33.54
CA ARG L 104 36.29 16.32 32.40
C ARG L 104 35.61 14.94 32.34
N ALA L 105 34.35 14.96 31.95
CA ALA L 105 33.46 13.82 32.03
C ALA L 105 32.86 13.53 30.66
N PRO L 106 32.43 12.30 30.44
CA PRO L 106 31.70 12.00 29.20
C PRO L 106 30.29 12.58 29.24
N ILE L 107 29.74 12.80 28.06
CA ILE L 107 28.30 12.98 27.92
C ILE L 107 27.77 11.62 27.49
N SER L 108 27.51 10.76 28.47
CA SER L 108 27.22 9.36 28.18
C SER L 108 25.90 9.19 27.45
N ALA L 109 24.91 10.05 27.73
CA ALA L 109 23.64 9.97 27.03
C ALA L 109 23.82 10.19 25.53
N LYS L 110 24.69 11.13 25.15
CA LYS L 110 24.97 11.36 23.74
C LYS L 110 25.66 10.15 23.12
N LEU L 111 26.58 9.53 23.86
CA LEU L 111 27.22 8.32 23.38
C LEU L 111 26.20 7.22 23.15
N VAL L 112 25.25 7.06 24.07
CA VAL L 112 24.22 6.04 23.92
C VAL L 112 23.36 6.34 22.70
N ALA L 113 23.01 7.60 22.50
CA ALA L 113 22.24 7.97 21.31
C ALA L 113 23.00 7.64 20.03
N ASN L 114 24.30 7.95 20.00
CA ASN L 114 25.12 7.63 18.84
C ASN L 114 25.19 6.13 18.60
N MET L 115 25.32 5.35 19.67
CA MET L 115 25.38 3.91 19.53
C MET L 115 24.06 3.34 19.02
N LEU L 116 22.94 3.84 19.52
CA LEU L 116 21.64 3.40 19.02
C LEU L 116 21.48 3.74 17.55
N SER L 117 21.93 4.93 17.14
CA SER L 117 21.84 5.31 15.74
C SER L 117 22.71 4.43 14.85
N VAL L 118 23.97 4.20 15.25
CA VAL L 118 24.86 3.40 14.41
C VAL L 118 24.45 1.94 14.41
N ALA L 119 23.77 1.46 15.45
CA ALA L 119 23.25 0.10 15.42
C ALA L 119 22.15 -0.06 14.40
N GLY L 120 21.45 1.02 14.05
CA GLY L 120 20.45 0.98 13.00
C GLY L 120 19.05 1.38 13.40
N ALA L 121 18.87 1.92 14.61
CA ALA L 121 17.55 2.32 15.04
C ALA L 121 17.05 3.48 14.19
N ASP L 122 15.84 3.35 13.66
CA ASP L 122 15.22 4.42 12.89
C ASP L 122 14.34 5.32 13.73
N HIS L 123 14.06 4.93 14.97
CA HIS L 123 13.05 5.60 15.78
C HIS L 123 13.21 5.15 17.22
N ILE L 124 12.99 6.08 18.14
CA ILE L 124 13.08 5.81 19.57
C ILE L 124 11.76 6.18 20.22
N ILE L 125 11.25 5.30 21.06
CA ILE L 125 10.12 5.60 21.93
C ILE L 125 10.60 5.43 23.37
N THR L 126 10.40 6.47 24.18
CA THR L 126 10.86 6.46 25.55
C THR L 126 9.83 7.20 26.41
N MET L 127 10.00 7.13 27.72
CA MET L 127 9.06 7.75 28.64
C MET L 127 9.79 8.61 29.66
N ASP L 128 9.38 9.86 29.79
CA ASP L 128 9.88 10.81 30.78
C ASP L 128 11.41 10.81 30.84
N LEU L 129 11.98 11.26 29.73
CA LEU L 129 13.42 11.48 29.68
C LEU L 129 13.83 12.42 30.81
N HIS L 130 14.97 12.11 31.44
CA HIS L 130 15.46 12.95 32.53
C HIS L 130 15.62 14.40 32.09
N ALA L 131 16.12 14.61 30.87
CA ALA L 131 16.19 15.93 30.27
C ALA L 131 15.69 15.82 28.85
N SER L 132 14.68 16.61 28.50
CA SER L 132 14.12 16.50 27.16
C SER L 132 15.08 16.99 26.08
N GLN L 133 16.15 17.70 26.47
CA GLN L 133 17.21 18.00 25.53
C GLN L 133 17.85 16.74 24.96
N ILE L 134 17.69 15.60 25.63
CA ILE L 134 18.20 14.35 25.11
C ILE L 134 17.59 14.04 23.74
N GLN L 135 16.38 14.55 23.47
CA GLN L 135 15.79 14.35 22.15
C GLN L 135 16.70 14.92 21.05
N GLY L 136 17.39 16.02 21.35
CA GLY L 136 18.33 16.62 20.44
C GLY L 136 19.64 15.87 20.30
N PHE L 137 19.90 14.88 21.14
CA PHE L 137 21.07 14.05 20.97
C PHE L 137 20.94 13.10 19.79
N PHE L 138 19.74 12.94 19.24
CA PHE L 138 19.47 12.05 18.12
C PHE L 138 19.26 12.83 16.84
N ASP L 139 19.54 12.17 15.72
CA ASP L 139 19.09 12.69 14.43
C ASP L 139 17.85 11.97 13.92
N ILE L 140 17.48 10.84 14.51
CA ILE L 140 16.25 10.12 14.19
C ILE L 140 15.14 10.65 15.08
N PRO L 141 13.87 10.47 14.71
CA PRO L 141 12.77 10.94 15.58
C PRO L 141 12.76 10.22 16.92
N VAL L 142 12.41 10.96 17.96
CA VAL L 142 12.30 10.42 19.31
C VAL L 142 10.95 10.85 19.88
N ASP L 143 10.12 9.88 20.25
CA ASP L 143 8.85 10.18 20.89
C ASP L 143 9.00 9.99 22.39
N ASN L 144 8.99 11.10 23.11
CA ASN L 144 9.15 11.11 24.57
C ASN L 144 7.76 11.15 25.19
N LEU L 145 7.27 10.00 25.62
CA LEU L 145 5.96 9.90 26.25
C LEU L 145 6.01 10.39 27.69
N TYR L 146 4.85 10.71 28.23
CA TYR L 146 4.72 11.22 29.58
C TYR L 146 3.84 10.30 30.40
N ALA L 147 4.26 10.04 31.63
CA ALA L 147 3.42 9.28 32.56
C ALA L 147 2.32 10.14 33.17
N GLU L 148 2.33 11.45 32.90
CA GLU L 148 1.43 12.36 33.59
C GLU L 148 -0.05 11.99 33.51
N PRO L 149 -0.61 11.59 32.36
CA PRO L 149 -2.04 11.20 32.38
C PRO L 149 -2.34 10.06 33.32
N ALA L 150 -1.49 9.03 33.35
CA ALA L 150 -1.68 7.93 34.28
C ALA L 150 -1.50 8.38 35.72
N VAL L 151 -0.55 9.30 35.96
CA VAL L 151 -0.35 9.82 37.30
C VAL L 151 -1.58 10.59 37.78
N LEU L 152 -2.15 11.42 36.92
CA LEU L 152 -3.35 12.17 37.27
C LEU L 152 -4.50 11.22 37.56
N LYS L 153 -4.65 10.18 36.75
CA LYS L 153 -5.68 9.18 37.01
C LYS L 153 -5.49 8.53 38.37
N TRP L 154 -4.24 8.14 38.69
CA TRP L 154 -3.98 7.54 39.99
C TRP L 154 -4.32 8.50 41.13
N ILE L 155 -3.93 9.76 40.99
CA ILE L 155 -4.19 10.73 42.05
C ILE L 155 -5.69 10.87 42.28
N ARG L 156 -6.45 10.97 41.19
CA ARG L 156 -7.90 11.16 41.33
C ARG L 156 -8.58 9.93 41.90
N GLU L 157 -8.08 8.74 41.59
CA GLU L 157 -8.73 7.53 42.09
C GLU L 157 -8.18 7.01 43.41
N ASN L 158 -7.13 7.60 43.96
CA ASN L 158 -6.52 7.02 45.16
C ASN L 158 -6.36 7.99 46.33
N ILE L 159 -6.42 9.29 46.11
CA ILE L 159 -6.23 10.27 47.17
C ILE L 159 -7.54 11.02 47.33
N SER L 160 -8.26 10.75 48.42
CA SER L 160 -9.60 11.29 48.60
C SER L 160 -9.61 12.81 48.68
N GLU L 161 -8.53 13.41 49.19
CA GLU L 161 -8.46 14.85 49.39
C GLU L 161 -7.65 15.54 48.30
N TRP L 162 -7.65 14.99 47.09
CA TRP L 162 -6.78 15.51 46.05
C TRP L 162 -7.14 16.93 45.64
N ARG L 163 -8.39 17.35 45.82
CA ARG L 163 -8.75 18.71 45.45
C ARG L 163 -8.12 19.73 46.38
N ASN L 164 -7.73 19.33 47.59
CA ASN L 164 -7.06 20.21 48.53
C ASN L 164 -5.58 19.93 48.64
N CYS L 165 -5.07 18.90 47.97
CA CYS L 165 -3.69 18.49 48.10
C CYS L 165 -2.74 19.55 47.54
N THR L 166 -1.45 19.26 47.65
CA THR L 166 -0.39 20.10 47.12
C THR L 166 0.59 19.22 46.35
N ILE L 167 1.06 19.72 45.21
CA ILE L 167 2.01 18.99 44.39
C ILE L 167 3.39 19.59 44.58
N VAL L 168 4.33 18.81 45.10
CA VAL L 168 5.62 19.31 45.54
C VAL L 168 6.72 18.73 44.68
N SER L 169 7.54 19.59 44.13
CA SER L 169 8.76 19.19 43.44
C SER L 169 9.86 18.95 44.48
N PRO L 170 10.61 17.85 44.37
CA PRO L 170 11.68 17.61 45.35
C PRO L 170 12.92 18.44 45.10
N ASP L 171 13.30 18.64 43.85
CA ASP L 171 14.40 19.51 43.50
C ASP L 171 13.88 20.60 42.58
N ALA L 172 14.56 21.74 42.58
CA ALA L 172 14.14 22.85 41.74
C ALA L 172 14.14 22.49 40.26
N GLY L 173 14.93 21.48 39.86
CA GLY L 173 15.09 21.21 38.45
C GLY L 173 13.82 20.77 37.76
N GLY L 174 13.07 19.87 38.38
CA GLY L 174 11.90 19.29 37.75
C GLY L 174 10.57 19.93 38.11
N ALA L 175 10.56 21.17 38.60
CA ALA L 175 9.31 21.78 39.05
C ALA L 175 8.36 22.01 37.89
N LYS L 176 8.85 21.94 36.65
CA LYS L 176 7.98 22.06 35.49
C LYS L 176 6.92 20.96 35.47
N ARG L 177 7.35 19.73 35.76
CA ARG L 177 6.42 18.61 35.83
C ARG L 177 5.33 18.88 36.86
N VAL L 178 5.71 19.37 38.03
CA VAL L 178 4.73 19.54 39.10
C VAL L 178 3.81 20.72 38.79
N THR L 179 4.32 21.75 38.11
CA THR L 179 3.43 22.83 37.71
C THR L 179 2.40 22.35 36.69
N SER L 180 2.83 21.53 35.73
CA SER L 180 1.88 20.98 34.78
C SER L 180 0.82 20.14 35.50
N ILE L 181 1.24 19.31 36.45
CA ILE L 181 0.30 18.46 37.17
C ILE L 181 -0.66 19.30 38.02
N ALA L 182 -0.13 20.32 38.71
CA ALA L 182 -0.98 21.17 39.52
C ALA L 182 -1.97 21.95 38.67
N ASP L 183 -1.53 22.43 37.50
CA ASP L 183 -2.44 23.09 36.58
C ASP L 183 -3.54 22.16 36.13
N ARG L 184 -3.20 20.91 35.79
CA ARG L 184 -4.21 19.93 35.43
C ARG L 184 -5.19 19.66 36.56
N LEU L 185 -4.71 19.55 37.79
CA LEU L 185 -5.57 19.29 38.93
C LEU L 185 -6.18 20.54 39.51
N ASN L 186 -5.71 21.72 39.09
CA ASN L 186 -6.11 23.00 39.68
C ASN L 186 -5.84 23.01 41.19
N VAL L 187 -4.57 22.88 41.54
CA VAL L 187 -4.12 22.91 42.93
C VAL L 187 -2.83 23.72 43.01
N ASP L 188 -2.37 23.97 44.23
CA ASP L 188 -1.13 24.69 44.46
C ASP L 188 0.06 23.76 44.29
N PHE L 189 1.15 24.32 43.76
CA PHE L 189 2.41 23.60 43.70
C PHE L 189 3.39 24.21 44.68
N ALA L 190 3.53 23.55 45.84
CA ALA L 190 4.55 23.87 46.83
C ALA L 190 5.89 23.37 46.35
N LEU L 191 6.95 24.13 46.63
CA LEU L 191 8.29 23.78 46.18
C LEU L 191 9.26 23.60 47.33
N ILE L 192 10.25 22.75 47.10
CA ILE L 192 11.24 22.38 48.09
C ILE L 192 12.62 22.41 47.43
N HIS L 193 13.61 22.95 48.13
CA HIS L 193 15.00 22.72 47.74
C HIS L 193 15.92 22.86 48.94
N LYS L 194 17.07 22.20 48.87
CA LYS L 194 18.01 22.21 49.98
C LYS L 194 18.89 23.46 49.91
N GLU L 195 19.32 23.93 51.07
CA GLU L 195 20.15 25.11 51.17
C GLU L 195 21.63 24.76 51.09
N ASP L 203 22.24 20.90 54.65
CA ASP L 203 21.54 19.75 55.20
C ASP L 203 20.13 20.14 55.63
N ARG L 204 19.74 21.36 55.32
CA ARG L 204 18.41 21.86 55.61
C ARG L 204 17.64 22.11 54.33
N MET L 205 16.32 22.11 54.43
CA MET L 205 15.44 22.25 53.28
C MET L 205 14.53 23.45 53.47
N VAL L 206 14.16 24.10 52.37
CA VAL L 206 13.25 25.23 52.39
C VAL L 206 12.06 24.91 51.49
N LEU L 207 10.86 25.21 52.00
CA LEU L 207 9.58 24.87 51.38
C LEU L 207 8.71 26.13 51.28
N VAL L 208 8.14 26.36 50.10
CA VAL L 208 7.14 27.39 49.88
C VAL L 208 5.83 26.75 49.49
N GLY L 209 4.75 27.20 50.10
CA GLY L 209 3.45 26.63 49.78
C GLY L 209 2.88 25.99 51.03
N ASP L 210 1.66 26.42 51.37
CA ASP L 210 0.99 25.89 52.55
C ASP L 210 0.77 24.40 52.42
N VAL L 211 1.37 23.63 53.32
CA VAL L 211 1.17 22.19 53.37
C VAL L 211 0.48 21.74 54.65
N LYS L 212 0.27 22.64 55.61
CA LYS L 212 -0.26 22.25 56.91
C LYS L 212 -1.64 21.63 56.77
N ASP L 213 -1.85 20.52 57.49
CA ASP L 213 -3.11 19.78 57.54
C ASP L 213 -3.58 19.31 56.16
N ARG L 214 -2.69 19.30 55.18
CA ARG L 214 -3.04 18.91 53.82
C ARG L 214 -2.26 17.66 53.44
N VAL L 215 -2.62 17.11 52.28
CA VAL L 215 -1.82 16.07 51.66
C VAL L 215 -0.82 16.72 50.72
N ALA L 216 0.45 16.35 50.86
CA ALA L 216 1.48 16.76 49.92
C ALA L 216 1.82 15.59 49.01
N ILE L 217 2.02 15.86 47.73
CA ILE L 217 2.32 14.84 46.74
C ILE L 217 3.64 15.22 46.08
N LEU L 218 4.69 14.49 46.41
CA LEU L 218 5.95 14.67 45.71
C LEU L 218 5.88 13.99 44.35
N VAL L 219 6.29 14.70 43.31
CA VAL L 219 6.33 14.17 41.95
C VAL L 219 7.73 14.40 41.40
N ASP L 220 8.29 13.35 40.81
CA ASP L 220 9.63 13.42 40.23
C ASP L 220 9.73 12.39 39.12
N ASP L 221 10.78 12.52 38.32
CA ASP L 221 10.95 11.60 37.19
C ASP L 221 11.48 10.25 37.64
N MET L 222 12.27 10.19 38.70
CA MET L 222 12.84 8.92 39.11
C MET L 222 13.27 8.97 40.56
N ALA L 223 13.32 7.80 41.17
CA ALA L 223 13.85 7.63 42.53
C ALA L 223 14.92 6.56 42.47
N ASP L 224 16.17 6.95 42.60
CA ASP L 224 17.28 5.99 42.50
C ASP L 224 17.70 5.48 43.86
N THR L 225 18.30 6.34 44.67
CA THR L 225 18.66 6.00 46.03
C THR L 225 17.65 6.52 47.03
N CYS L 226 16.66 7.26 46.55
CA CYS L 226 15.59 7.87 47.34
C CYS L 226 16.10 8.88 48.35
N GLY L 227 17.36 9.32 48.21
CA GLY L 227 17.83 10.43 49.01
C GLY L 227 17.05 11.70 48.73
N THR L 228 16.70 11.94 47.47
CA THR L 228 15.98 13.15 47.11
C THR L 228 14.58 13.20 47.73
N ILE L 229 13.80 12.14 47.60
CA ILE L 229 12.43 12.18 48.10
C ILE L 229 12.38 12.03 49.61
N CYS L 230 13.31 11.31 50.23
CA CYS L 230 13.26 11.15 51.68
C CYS L 230 13.56 12.47 52.39
N HIS L 231 14.53 13.22 51.90
CA HIS L 231 14.82 14.54 52.45
C HIS L 231 13.63 15.48 52.28
N ALA L 232 13.03 15.49 51.09
CA ALA L 232 11.86 16.32 50.84
C ALA L 232 10.70 15.93 51.74
N ALA L 233 10.50 14.63 51.95
CA ALA L 233 9.42 14.17 52.83
C ALA L 233 9.68 14.56 54.27
N ASP L 234 10.93 14.49 54.71
CA ASP L 234 11.25 14.94 56.06
C ASP L 234 10.89 16.41 56.23
N LYS L 235 11.27 17.23 55.26
CA LYS L 235 10.89 18.64 55.31
C LYS L 235 9.37 18.79 55.37
N LEU L 236 8.65 18.10 54.50
CA LEU L 236 7.20 18.27 54.45
C LEU L 236 6.55 17.87 55.78
N LEU L 237 7.00 16.77 56.36
CA LEU L 237 6.46 16.36 57.66
C LEU L 237 6.83 17.35 58.76
N SER L 238 7.94 18.07 58.60
CA SER L 238 8.25 19.13 59.55
C SER L 238 7.18 20.21 59.54
N ALA L 239 6.59 20.47 58.38
CA ALA L 239 5.63 21.55 58.20
C ALA L 239 4.18 21.07 58.28
N GLY L 240 3.93 19.94 58.93
CA GLY L 240 2.60 19.58 59.35
C GLY L 240 1.70 18.93 58.32
N ALA L 241 2.24 18.46 57.20
CA ALA L 241 1.42 17.76 56.23
C ALA L 241 0.85 16.47 56.83
N THR L 242 -0.44 16.28 56.65
CA THR L 242 -1.11 15.12 57.24
C THR L 242 -0.57 13.81 56.67
N ARG L 243 -0.41 13.75 55.35
CA ARG L 243 0.20 12.63 54.67
C ARG L 243 1.11 13.15 53.57
N VAL L 244 2.11 12.35 53.22
CA VAL L 244 3.01 12.66 52.12
C VAL L 244 3.03 11.48 51.18
N TYR L 245 2.87 11.75 49.90
CA TYR L 245 2.98 10.74 48.86
C TYR L 245 4.17 11.06 47.97
N ALA L 246 4.74 10.03 47.38
CA ALA L 246 5.75 10.22 46.34
C ALA L 246 5.26 9.48 45.10
N ILE L 247 5.32 10.14 43.96
CA ILE L 247 4.94 9.53 42.69
C ILE L 247 6.07 9.75 41.70
N LEU L 248 6.51 8.66 41.06
CA LEU L 248 7.64 8.69 40.15
C LEU L 248 7.36 7.80 38.96
N THR L 249 7.83 8.23 37.79
CA THR L 249 7.69 7.32 36.65
C THR L 249 8.70 6.18 36.71
N HIS L 250 9.96 6.44 37.06
CA HIS L 250 11.00 5.40 37.05
C HIS L 250 11.37 5.04 38.48
N GLY L 251 11.02 3.83 38.90
CA GLY L 251 11.39 3.30 40.20
C GLY L 251 12.67 2.49 40.21
N ILE L 252 13.83 3.15 40.13
CA ILE L 252 15.10 2.42 40.06
C ILE L 252 15.40 1.73 41.39
N PHE L 253 15.31 2.46 42.50
CA PHE L 253 15.41 1.90 43.84
C PHE L 253 16.69 1.10 44.07
N SER L 254 17.82 1.69 43.70
CA SER L 254 19.10 1.02 43.92
C SER L 254 19.68 1.38 45.28
N GLY L 255 20.69 0.62 45.69
CA GLY L 255 21.41 0.88 46.91
C GLY L 255 20.56 0.78 48.15
N PRO L 256 20.57 1.83 48.97
CA PRO L 256 19.84 1.80 50.24
C PRO L 256 18.38 2.24 50.12
N ALA L 257 17.85 2.27 48.90
CA ALA L 257 16.56 2.90 48.66
C ALA L 257 15.43 2.23 49.44
N ILE L 258 15.39 0.90 49.44
CA ILE L 258 14.28 0.20 50.07
C ILE L 258 14.27 0.45 51.58
N SER L 259 15.44 0.43 52.22
CA SER L 259 15.50 0.70 53.65
C SER L 259 15.07 2.13 53.96
N ARG L 260 15.52 3.10 53.16
CA ARG L 260 15.12 4.49 53.39
C ARG L 260 13.62 4.66 53.24
N ILE L 261 13.03 4.05 52.22
CA ILE L 261 11.58 4.13 52.04
C ILE L 261 10.87 3.49 53.23
N ASN L 262 11.38 2.35 53.69
CA ASN L 262 10.74 1.67 54.81
C ASN L 262 10.79 2.53 56.07
N ASN L 263 11.87 3.26 56.28
CA ASN L 263 12.02 4.11 57.46
C ASN L 263 11.47 5.51 57.26
N ALA L 264 10.95 5.84 56.09
CA ALA L 264 10.41 7.17 55.85
C ALA L 264 8.91 7.20 56.14
N CYS L 265 8.35 8.40 56.10
CA CYS L 265 6.96 8.62 56.49
C CYS L 265 5.99 8.59 55.33
N PHE L 266 6.42 8.12 54.16
CA PHE L 266 5.55 8.11 53.00
C PHE L 266 4.30 7.28 53.26
N GLU L 267 3.15 7.87 52.93
CA GLU L 267 1.93 7.06 52.85
C GLU L 267 2.03 6.06 51.72
N ALA L 268 2.59 6.48 50.59
CA ALA L 268 2.75 5.60 49.44
C ALA L 268 3.87 6.12 48.55
N VAL L 269 4.59 5.19 47.94
CA VAL L 269 5.57 5.50 46.91
C VAL L 269 5.06 4.80 45.66
N VAL L 270 4.53 5.57 44.74
CA VAL L 270 3.93 5.07 43.52
C VAL L 270 4.94 5.22 42.39
N VAL L 271 5.14 4.16 41.62
CA VAL L 271 6.03 4.21 40.47
C VAL L 271 5.30 3.61 39.28
N THR L 272 5.73 4.00 38.08
CA THR L 272 5.23 3.26 36.92
C THR L 272 6.00 1.95 36.76
N ASN L 273 5.51 1.08 35.88
CA ASN L 273 6.24 -0.14 35.55
C ASN L 273 7.10 0.03 34.32
N THR L 274 7.84 1.13 34.21
CA THR L 274 8.89 1.21 33.20
C THR L 274 10.07 0.31 33.57
N ILE L 275 10.16 -0.05 34.84
CA ILE L 275 11.19 -0.92 35.40
C ILE L 275 10.45 -2.00 36.18
N PRO L 276 10.86 -3.26 36.12
CA PRO L 276 10.17 -4.29 36.91
C PRO L 276 10.28 -4.00 38.40
N GLN L 277 9.18 -4.20 39.11
CA GLN L 277 9.08 -3.78 40.50
C GLN L 277 8.75 -4.89 41.48
N GLU L 278 8.52 -6.13 41.01
CA GLU L 278 8.04 -7.18 41.89
C GLU L 278 9.03 -7.48 43.02
N ASP L 279 10.31 -7.57 42.69
CA ASP L 279 11.31 -7.87 43.72
C ASP L 279 11.38 -6.76 44.75
N LYS L 280 11.35 -5.50 44.32
CA LYS L 280 11.34 -4.38 45.26
C LYS L 280 10.04 -4.35 46.05
N MET L 281 8.92 -4.69 45.42
CA MET L 281 7.64 -4.69 46.12
C MET L 281 7.59 -5.75 47.20
N LYS L 282 8.35 -6.84 47.04
CA LYS L 282 8.39 -7.86 48.07
C LYS L 282 8.96 -7.31 49.38
N HIS L 283 9.98 -6.47 49.29
CA HIS L 283 10.67 -5.94 50.46
C HIS L 283 10.14 -4.61 50.95
N CYS L 284 9.17 -4.01 50.26
CA CYS L 284 8.66 -2.69 50.63
C CYS L 284 7.16 -2.66 50.40
N SER L 285 6.39 -2.55 51.48
CA SER L 285 4.94 -2.65 51.38
C SER L 285 4.31 -1.41 50.80
N LYS L 286 4.96 -0.25 50.90
CA LYS L 286 4.33 0.99 50.47
C LYS L 286 4.59 1.33 49.01
N ILE L 287 5.23 0.46 48.25
CA ILE L 287 5.42 0.70 46.82
C ILE L 287 4.19 0.20 46.06
N GLN L 288 3.60 1.08 45.25
CA GLN L 288 2.54 0.71 44.34
C GLN L 288 2.93 1.06 42.91
N VAL L 289 2.41 0.30 41.96
CA VAL L 289 2.82 0.39 40.57
C VAL L 289 1.65 0.86 39.72
N ILE L 290 1.91 1.83 38.86
CA ILE L 290 0.98 2.24 37.81
C ILE L 290 1.39 1.56 36.52
N ASP L 291 0.47 0.84 35.90
CA ASP L 291 0.78 0.20 34.63
C ASP L 291 0.75 1.28 33.55
N ILE L 292 1.84 1.40 32.80
CA ILE L 292 1.88 2.29 31.66
C ILE L 292 1.97 1.53 30.35
N SER L 293 1.68 0.23 30.37
CA SER L 293 1.75 -0.55 29.15
C SER L 293 0.73 -0.10 28.12
N MET L 294 -0.41 0.45 28.55
CA MET L 294 -1.37 0.94 27.56
C MET L 294 -0.80 2.13 26.80
N ILE L 295 -0.07 3.02 27.49
CA ILE L 295 0.51 4.18 26.83
C ILE L 295 1.56 3.75 25.81
N LEU L 296 2.44 2.83 26.20
CA LEU L 296 3.46 2.34 25.27
C LEU L 296 2.83 1.60 24.10
N ALA L 297 1.83 0.76 24.36
CA ALA L 297 1.16 0.04 23.29
C ALA L 297 0.49 1.01 22.32
N GLU L 298 -0.18 2.04 22.86
CA GLU L 298 -0.81 3.02 21.99
C GLU L 298 0.22 3.79 21.18
N ALA L 299 1.36 4.13 21.78
CA ALA L 299 2.41 4.81 21.03
C ALA L 299 2.91 3.94 19.90
N ILE L 300 3.14 2.66 20.17
CA ILE L 300 3.60 1.74 19.12
C ILE L 300 2.57 1.67 18.00
N ARG L 301 1.31 1.48 18.38
CA ARG L 301 0.24 1.34 17.41
C ARG L 301 0.08 2.61 16.58
N ARG L 302 0.17 3.78 17.20
CA ARG L 302 0.01 5.03 16.49
C ARG L 302 1.20 5.34 15.58
N THR L 303 2.43 5.06 16.02
CA THR L 303 3.56 5.24 15.12
C THR L 303 3.45 4.30 13.92
N HIS L 304 3.01 3.06 14.16
CA HIS L 304 2.83 2.13 13.05
C HIS L 304 1.77 2.62 12.07
N ASN L 305 0.64 3.14 12.58
CA ASN L 305 -0.46 3.51 11.71
C ASN L 305 -0.38 4.94 11.19
N GLY L 306 0.67 5.69 11.53
CA GLY L 306 0.72 7.07 11.12
C GLY L 306 -0.27 7.98 11.82
N GLU L 307 -0.70 7.60 13.01
CA GLU L 307 -1.63 8.38 13.82
C GLU L 307 -0.86 9.27 14.79
N SER L 308 -1.54 10.28 15.31
CA SER L 308 -0.88 11.25 16.19
C SER L 308 -0.46 10.60 17.50
N VAL L 309 0.83 10.71 17.82
CA VAL L 309 1.33 10.24 19.10
C VAL L 309 1.14 11.27 20.18
N SER L 310 1.28 12.56 19.85
CA SER L 310 1.16 13.61 20.84
C SER L 310 -0.24 13.66 21.46
N TYR L 311 -1.23 13.06 20.82
CA TYR L 311 -2.54 12.93 21.41
C TYR L 311 -2.47 12.21 22.75
N LEU L 312 -1.51 11.30 22.92
CA LEU L 312 -1.32 10.59 24.18
C LEU L 312 -0.76 11.48 25.28
N PHE L 313 -0.19 12.64 24.96
CA PHE L 313 0.36 13.49 26.01
C PHE L 313 -0.71 13.94 26.98
N SER L 314 -1.97 13.97 26.56
CA SER L 314 -3.05 14.47 27.40
C SER L 314 -4.22 13.52 27.57
N HIS L 315 -4.17 12.31 26.98
CA HIS L 315 -5.30 11.40 27.00
C HIS L 315 -4.86 10.02 27.46
N VAL L 316 -5.59 9.47 28.43
CA VAL L 316 -5.41 8.08 28.85
C VAL L 316 -6.18 7.19 27.88
N PRO L 317 -5.52 6.26 27.20
CA PRO L 317 -6.24 5.37 26.26
C PRO L 317 -7.03 4.27 26.97
PG ATP M . -16.58 -36.87 -21.84
O1G ATP M . -16.13 -36.48 -20.48
O2G ATP M . -15.77 -38.03 -22.44
O3G ATP M . -16.57 -35.70 -22.84
PB ATP M . -19.15 -37.55 -20.66
O1B ATP M . -19.31 -36.31 -19.89
O2B ATP M . -20.42 -38.13 -21.29
O3B ATP M . -18.08 -37.38 -21.83
PA ATP M . -18.16 -38.81 -18.22
O1A ATP M . -17.75 -37.51 -17.66
O2A ATP M . -17.13 -39.92 -18.06
O3A ATP M . -18.49 -38.70 -19.77
O5' ATP M . -19.51 -39.33 -17.57
C5' ATP M . -20.59 -38.51 -17.08
C4' ATP M . -21.66 -39.41 -16.51
O4' ATP M . -21.30 -39.80 -15.17
C3' ATP M . -23.05 -38.79 -16.43
O3' ATP M . -24.06 -39.76 -16.74
C2' ATP M . -23.14 -38.34 -14.98
O2' ATP M . -24.48 -38.32 -14.50
C1' ATP M . -22.34 -39.42 -14.27
N9 ATP M . -21.73 -39.00 -13.01
C8 ATP M . -21.82 -37.75 -12.45
N7 ATP M . -21.20 -37.66 -11.30
C5 ATP M . -20.66 -38.91 -11.10
C6 ATP M . -19.89 -39.47 -10.05
N6 ATP M . -19.52 -38.79 -8.96
N1 ATP M . -19.52 -40.76 -10.16
C2 ATP M . -19.90 -41.45 -11.24
N3 ATP M . -20.63 -41.04 -12.28
C4 ATP M . -20.99 -39.75 -12.15
C1 HSX N . -14.69 -40.16 -16.05
O4 HSX N . -14.55 -41.54 -15.74
C2 HSX N . -13.33 -39.53 -15.73
O2 HSX N . -13.05 -38.34 -16.43
C3 HSX N . -12.36 -40.66 -16.09
O3 HSX N . -12.04 -40.67 -17.48
C4 HSX N . -13.14 -41.91 -15.69
C5 HSX N . -12.83 -42.47 -14.33
O5 HSX N . -14.07 -42.84 -13.67
P' HSX N . -14.47 -44.41 -13.59
O1X HSX N . -13.21 -45.18 -13.90
O2X HSX N . -15.54 -44.60 -14.66
O3X HSX N . -14.99 -44.64 -12.19
O1 HSX N . -15.02 -39.98 -17.38
P PO4 O . -2.07 -14.74 -15.56
O1 PO4 O . -0.80 -14.87 -16.36
O2 PO4 O . -2.37 -16.05 -14.89
O3 PO4 O . -1.90 -13.67 -14.52
O4 PO4 O . -3.20 -14.38 -16.47
MG MG P . -17.78 -35.63 -18.53
MG MG Q . -12.96 -39.22 -19.06
PG ATP R . -13.99 -30.36 -28.62
O1G ATP R . -15.11 -29.50 -29.06
O2G ATP R . -13.56 -31.39 -29.66
O3G ATP R . -14.24 -31.07 -27.28
PB ATP R . -12.38 -27.92 -28.49
O1B ATP R . -13.36 -27.12 -27.74
O2B ATP R . -10.92 -27.70 -28.13
O3B ATP R . -12.67 -29.48 -28.36
PA ATP R . -13.38 -26.65 -30.91
O1A ATP R . -14.68 -26.36 -30.28
O2A ATP R . -13.47 -27.22 -32.33
O3A ATP R . -12.53 -27.69 -30.06
O5' ATP R . -12.46 -25.36 -30.99
C5' ATP R . -12.46 -24.27 -30.06
C4' ATP R . -11.47 -23.23 -30.52
O4' ATP R . -12.08 -22.39 -31.53
C3' ATP R . -10.93 -22.29 -29.44
O3' ATP R . -9.56 -22.00 -29.64
C2' ATP R . -11.80 -21.04 -29.62
O2' ATP R . -11.13 -19.86 -29.21
C1' ATP R . -12.00 -21.04 -31.13
N9 ATP R . -13.22 -20.37 -31.57
C8 ATP R . -14.16 -19.78 -30.77
N7 ATP R . -15.15 -19.23 -31.42
C5 ATP R . -14.84 -19.47 -32.76
C6 ATP R . -15.49 -19.13 -33.96
N6 ATP R . -16.63 -18.44 -34.02
N1 ATP R . -14.91 -19.53 -35.12
C2 ATP R . -13.76 -20.21 -35.06
N3 ATP R . -13.06 -20.58 -33.99
C4 ATP R . -13.65 -20.17 -32.85
C1 HSX S . -15.85 -27.09 -34.42
O4 HSX S . -15.26 -27.01 -35.72
C2 HSX S . -17.27 -27.60 -34.65
O2 HSX S . -17.86 -28.24 -33.54
C3 HSX S . -17.09 -28.55 -35.83
O3 HSX S . -16.68 -29.84 -35.43
C4 HSX S . -16.00 -27.83 -36.64
C5 HSX S . -16.48 -26.98 -37.79
O5 HSX S . -15.74 -25.74 -37.81
P' HSX S . -14.56 -25.54 -38.90
O1X HSX S . -13.26 -25.76 -38.14
O2X HSX S . -14.81 -26.60 -39.96
O3X HSX S . -14.71 -24.13 -39.42
O1 HSX S . -15.15 -27.94 -33.59
P PO4 T . -39.67 -32.49 -19.95
O1 PO4 T . -38.73 -32.51 -18.79
O2 PO4 T . -38.98 -31.86 -21.12
O3 PO4 T . -40.88 -31.69 -19.59
O4 PO4 T . -40.08 -33.89 -20.29
MG MG U . -15.41 -26.91 -28.41
MG MG V . -16.23 -30.45 -33.22
PG ATP W . -34.51 16.26 -25.60
O1G ATP W . -33.25 15.50 -25.78
O2G ATP W . -34.56 17.58 -26.37
O3G ATP W . -34.87 16.53 -24.13
PB ATP W . -35.88 14.00 -26.86
O1B ATP W . -35.23 12.95 -26.05
O2B ATP W . -37.35 13.78 -27.20
O3B ATP W . -35.77 15.43 -26.16
PA ATP W . -33.91 13.45 -28.93
O1A ATP W . -32.96 12.90 -27.95
O2A ATP W . -33.30 14.40 -29.96
O3A ATP W . -35.10 14.24 -28.21
O5' ATP W . -34.65 12.30 -29.76
C5' ATP W . -34.96 10.98 -29.27
C4' ATP W . -35.61 10.20 -30.37
O4' ATP W . -34.59 9.66 -31.25
C3' ATP W . -36.47 9.02 -29.93
O3' ATP W . -37.63 8.89 -30.74
C2' ATP W . -35.52 7.82 -30.11
O2' ATP W . -36.22 6.62 -30.37
C1' ATP W . -34.74 8.26 -31.34
N9 ATP W . -33.40 7.67 -31.44
C8 ATP W . -32.83 6.81 -30.54
N7 ATP W . -31.62 6.42 -30.88
C5 ATP W . -31.39 7.06 -32.08
C6 ATP W . -30.30 7.06 -32.97
N6 ATP W . -29.19 6.35 -32.77
N1 ATP W . -30.39 7.82 -34.08
C2 ATP W . -31.50 8.52 -34.29
N3 ATP W . -32.60 8.59 -33.54
C4 ATP W . -32.48 7.84 -32.44
C1 HSX X . -30.28 14.74 -30.85
O4 HSX X . -30.30 15.10 -32.24
C2 HSX X . -28.93 15.22 -30.34
O2 HSX X . -28.87 15.46 -28.95
C3 HSX X . -28.68 16.48 -31.16
O3 HSX X . -29.30 17.63 -30.59
C4 HSX X . -29.30 16.11 -32.51
C5 HSX X . -28.35 15.61 -33.57
O5 HSX X . -28.95 14.47 -34.24
P' HSX X . -29.58 14.69 -35.72
O1X HSX X . -28.99 15.99 -36.23
O2X HSX X . -31.08 14.75 -35.52
O3X HSX X . -29.14 13.49 -36.53
O1 HSX X . -31.31 15.36 -30.18
P PO4 Y . -14.62 14.09 -7.19
O1 PO4 Y . -14.21 15.50 -6.91
O2 PO4 Y . -14.74 13.87 -8.67
O3 PO4 Y . -13.61 13.14 -6.64
O4 PO4 Y . -15.95 13.82 -6.55
MG MG Z . -33.09 12.82 -25.89
MG MG AA . -30.63 17.57 -28.67
PG ATP BA . -35.27 20.29 -16.74
O1G ATP BA . -36.20 19.55 -15.85
O2G ATP BA . -35.84 21.63 -17.24
O3G ATP BA . -34.80 19.48 -17.96
PB ATP BA . -33.43 20.43 -14.49
O1B ATP BA . -33.51 19.00 -14.13
O2B ATP BA . -32.06 21.09 -14.35
O3B ATP BA . -33.93 20.68 -15.98
PA ATP BA . -35.39 20.96 -12.40
O1A ATP BA . -35.90 19.58 -12.46
O2A ATP BA . -36.46 22.04 -12.33
O3A ATP BA . -34.46 21.30 -13.65
O5' ATP BA . -34.44 21.19 -11.14
C5' ATP BA . -33.62 20.18 -10.52
C4' ATP BA . -32.92 20.80 -9.34
O4' ATP BA . -33.80 20.79 -8.19
C3' ATP BA . -31.63 20.10 -8.89
O3' ATP BA . -30.66 21.05 -8.47
C2' ATP BA . -32.10 19.23 -7.73
O2' ATP BA . -31.07 18.99 -6.78
C1' ATP BA . -33.19 20.11 -7.12
N9 ATP BA . -34.21 19.37 -6.40
C8 ATP BA . -34.29 18.01 -6.24
N7 ATP BA . -35.31 17.61 -5.53
C5 ATP BA . -35.95 18.78 -5.18
C6 ATP BA . -37.11 19.05 -4.42
N6 ATP BA . -37.84 18.10 -3.83
N1 ATP BA . -37.48 20.34 -4.28
C2 ATP BA . -36.75 21.29 -4.86
N3 ATP BA . -35.64 21.16 -5.59
C4 ATP BA . -35.29 19.88 -5.71
C1 HSX CA . -39.51 21.82 -11.50
O4 HSX CA . -39.86 23.06 -10.87
C2 HSX CA . -40.84 21.22 -11.95
O2 HSX CA . -40.74 20.31 -13.03
C3 HSX CA . -41.66 22.46 -12.32
O3 HSX CA . -41.40 22.91 -13.64
C4 HSX CA . -41.18 23.48 -11.28
C5 HSX CA . -42.05 23.63 -10.06
O5 HSX CA . -41.22 23.71 -8.88
P' HSX CA . -40.96 25.15 -8.19
O1X HSX CA . -39.58 25.58 -8.62
O2X HSX CA . -42.06 26.06 -8.73
O3X HSX CA . -41.07 24.92 -6.70
O1 HSX CA . -38.68 22.04 -12.57
P PO4 DA . -49.64 -1.74 -23.67
O1 PO4 DA . -48.22 -1.88 -24.12
O2 PO4 DA . -49.71 -0.71 -22.58
O3 PO4 DA . -50.14 -3.05 -23.16
O4 PO4 DA . -50.48 -1.30 -24.83
MG MG EA . -35.42 18.04 -13.76
MG MG FA . -39.83 21.93 -15.07
PG ATP GA . -37.97 -11.17 23.33
O1G ATP GA . -37.31 -9.96 22.79
O2G ATP GA . -38.18 -11.15 24.85
O3G ATP GA . -37.25 -12.48 22.96
PB ATP GA . -40.29 -10.47 21.71
O1B ATP GA . -39.55 -10.23 20.46
O2B ATP GA . -41.65 -11.13 21.57
O3B ATP GA . -39.44 -11.34 22.74
PA ATP GA . -40.23 -7.59 22.17
O1A ATP GA . -39.04 -7.43 21.32
O2A ATP GA . -40.20 -6.82 23.49
O3A ATP GA . -40.50 -9.12 22.54
O5' ATP GA . -41.56 -7.13 21.42
C5' ATP GA . -41.79 -7.21 20.00
C4' ATP GA . -43.16 -6.64 19.71
O4' ATP GA . -43.07 -5.19 19.62
C3' ATP GA . -43.79 -7.10 18.39
O3' ATP GA . -45.20 -7.28 18.54
C2' ATP GA . -43.47 -5.94 17.44
O2' ATP GA . -44.44 -5.83 16.41
C1' ATP GA . -43.55 -4.74 18.37
N9 ATP GA . -42.75 -3.60 17.95
C8 ATP GA . -41.95 -3.54 16.84
N7 ATP GA . -41.36 -2.38 16.68
C5 ATP GA . -41.79 -1.64 17.77
C6 ATP GA . -41.51 -0.32 18.20
N6 ATP GA . -40.72 0.52 17.53
N1 ATP GA . -42.09 0.10 19.34
C2 ATP GA . -42.89 -0.73 20.00
N3 ATP GA . -43.23 -1.99 19.70
C4 ATP GA . -42.64 -2.38 18.56
C1 HSX HA . -38.41 -4.34 24.34
O4 HSX HA . -39.20 -3.55 25.22
C2 HSX HA . -36.96 -3.95 24.63
O2 HSX HA . -36.00 -4.94 24.29
C3 HSX HA . -36.99 -3.68 26.14
O3 HSX HA . -36.84 -4.86 26.92
C4 HSX HA . -38.39 -3.06 26.31
C5 HSX HA . -38.44 -1.55 26.34
O5 HSX HA . -39.58 -1.11 25.55
P' HSX HA . -40.91 -0.61 26.31
O1X HSX HA . -40.48 -0.33 27.74
O2X HSX HA . -41.90 -1.75 26.21
O3X HSX HA . -41.37 0.63 25.58
O1 HSX HA . -38.61 -5.69 24.56
P PO4 IA . -12.15 -9.64 14.95
O1 PO4 IA . -11.33 -10.03 16.14
O2 PO4 IA . -13.20 -8.65 15.36
O3 PO4 IA . -11.26 -9.02 13.91
O4 PO4 IA . -12.81 -10.85 14.37
MG MG JA . -37.87 -8.87 20.39
MG MG KA . -36.66 -7.00 26.00
PG ATP LA . -32.12 -18.97 23.35
O1G ATP LA . -32.42 -19.93 22.26
O2G ATP LA . -32.53 -19.48 24.74
O3G ATP LA . -32.70 -17.58 23.13
PB ATP LA . -29.29 -19.32 22.66
O1B ATP LA . -29.46 -19.13 21.20
O2B ATP LA . -28.03 -18.73 23.28
O3B ATP LA . -30.53 -18.74 23.47
PA ATP LA . -29.34 -22.20 22.18
O1A ATP LA . -30.09 -22.02 20.92
O2A ATP LA . -29.86 -23.31 23.08
O3A ATP LA . -29.34 -20.86 23.05
O5' ATP LA . -27.81 -22.49 21.92
C5' ATP LA . -27.03 -22.01 20.80
C4' ATP LA . -25.63 -22.55 20.93
O4' ATP LA . -25.59 -23.90 20.39
C3' ATP LA . -24.55 -21.77 20.18
O3' ATP LA . -23.34 -21.72 20.92
C2' ATP LA . -24.39 -22.56 18.88
O2' ATP LA . -23.08 -22.42 18.33
C1' ATP LA . -24.62 -23.98 19.37
N9 ATP LA . -25.11 -24.89 18.35
C8 ATP LA . -25.38 -24.58 17.04
N7 ATP LA . -25.80 -25.60 16.32
C5 ATP LA . -25.79 -26.66 17.22
C6 ATP LA . -26.13 -28.02 17.08
N6 ATP LA . -26.54 -28.57 15.94
N1 ATP LA . -26.03 -28.80 18.18
C2 ATP LA . -25.61 -28.25 19.33
N3 ATP LA . -25.26 -26.99 19.57
C4 ATP LA . -25.38 -26.23 18.47
C1 HSX MA . -31.68 -25.81 22.36
O4 HSX MA . -31.26 -26.88 23.21
C2 HSX MA . -33.10 -26.18 21.93
O2 HSX MA . -33.90 -25.08 21.54
C3 HSX MA . -33.64 -26.89 23.16
O3 HSX MA . -34.17 -25.98 24.13
C4 HSX MA . -32.41 -27.62 23.69
C5 HSX MA . -32.26 -29.06 23.28
O5 HSX MA . -30.89 -29.32 22.92
P' HSX MA . -29.94 -30.12 23.97
O1X HSX MA . -29.06 -29.05 24.61
O2X HSX MA . -30.88 -30.79 24.95
O3X HSX MA . -29.15 -31.11 23.14
O1 HSX MA . -31.67 -24.60 23.05
P PO4 NA . -52.28 -16.31 5.31
O1 PO4 NA . -51.52 -15.03 5.44
O2 PO4 NA . -51.43 -17.44 5.79
O3 PO4 NA . -52.64 -16.54 3.87
O4 PO4 NA . -53.54 -16.24 6.13
MG MG OA . -30.89 -20.30 20.08
MG MG PA . -34.11 -23.66 23.90
PG ATP QA . 36.87 -20.95 11.73
O1G ATP QA . 37.18 -19.95 12.78
O2G ATP QA . 37.51 -22.33 11.98
O3G ATP QA . 37.24 -20.49 10.32
PB ATP QA . 34.07 -20.69 12.49
O1B ATP QA . 34.03 -19.22 12.48
O2B ATP QA . 32.82 -21.39 11.98
O3B ATP QA . 35.31 -21.25 11.66
PA ATP QA . 34.44 -20.56 15.38
O1A ATP QA . 35.00 -19.20 15.29
O2A ATP QA . 35.20 -21.51 16.29
O3A ATP QA . 34.37 -21.25 13.95
O5' ATP QA . 32.94 -20.54 15.88
C5' ATP QA . 31.98 -19.49 15.65
C4' ATP QA . 30.68 -19.86 16.34
O4' ATP QA . 30.76 -19.51 17.74
C3' ATP QA . 29.44 -19.18 15.79
O3' ATP QA . 28.32 -20.07 15.79
C2' ATP QA . 29.23 -18.01 16.76
O2' ATP QA . 27.86 -17.64 16.86
C1' ATP QA . 29.70 -18.63 18.08
N9 ATP QA . 30.19 -17.67 19.05
C8 ATP QA . 30.26 -16.31 18.90
N7 ATP QA . 30.71 -15.68 19.94
C5 ATP QA . 30.96 -16.69 20.86
C6 ATP QA . 31.45 -16.67 22.17
N6 ATP QA . 31.80 -15.56 22.83
N1 ATP QA . 31.58 -17.86 22.81
C2 ATP QA . 31.23 -18.98 22.17
N3 ATP QA . 30.75 -19.11 20.92
C4 ATP QA . 30.64 -17.92 20.31
C1 HSX RA . 37.24 -20.87 18.64
O4 HSX RA . 37.07 -21.88 19.62
C2 HSX RA . 38.64 -20.29 18.90
O2 HSX RA . 39.23 -19.67 17.77
C3 HSX RA . 39.42 -21.51 19.36
O3 HSX RA . 39.93 -22.27 18.28
C4 HSX RA . 38.35 -22.29 20.15
C5 HSX RA . 38.36 -22.09 21.65
O5 HSX RA . 37.00 -21.94 22.12
P' HSX RA . 36.30 -23.19 22.86
O1X HSX RA . 37.42 -24.11 23.27
O2X HSX RA . 35.38 -23.82 21.83
O3X HSX RA . 35.55 -22.60 24.04
O1 HSX RA . 37.15 -21.39 17.37
P PO4 SA . 54.25 -0.19 9.19
O1 PO4 SA . 55.56 -0.83 8.87
O2 PO4 SA . 53.61 -0.92 10.34
O3 PO4 SA . 54.47 1.24 9.57
O4 PO4 SA . 53.35 -0.26 8.00
MG MG TA . 35.46 -18.06 13.62
MG MG UA . 39.53 -21.79 16.03
PG ATP VA . 41.59 -19.23 3.38
O1G ATP VA . 40.71 -18.64 2.33
O2G ATP VA . 41.97 -20.69 3.11
O3G ATP VA . 41.02 -19.11 4.79
PB ATP VA . 43.58 -17.23 2.63
O1B ATP VA . 42.68 -16.08 2.65
O2B ATP VA . 45.00 -16.99 3.14
O3B ATP VA . 42.99 -18.47 3.45
PA ATP VA . 43.21 -17.35 -0.26
O1A ATP VA . 41.91 -16.66 -0.16
O2A ATP VA . 43.23 -18.57 -1.18
O3A ATP VA . 43.71 -17.85 1.16
O5' ATP VA . 44.36 -16.38 -0.77
C5' ATP VA . 44.43 -14.95 -0.52
C4' ATP VA . 45.66 -14.42 -1.21
O4' ATP VA . 45.38 -14.19 -2.61
C3' ATP VA . 46.20 -13.10 -0.65
O3' ATP VA . 47.62 -13.08 -0.65
C2' ATP VA . 45.61 -12.07 -1.61
O2' ATP VA . 46.43 -10.90 -1.71
C1' ATP VA . 45.64 -12.84 -2.93
N9 ATP VA . 44.66 -12.39 -3.90
C8 ATP VA . 43.73 -11.39 -3.73
N7 ATP VA . 42.97 -11.18 -4.77
C5 ATP VA . 43.42 -12.11 -5.70
C6 ATP VA . 43.03 -12.40 -7.02
N6 ATP VA . 42.05 -11.75 -7.67
N1 ATP VA . 43.68 -13.39 -7.66
C2 ATP VA . 44.66 -14.04 -7.02
N3 ATP VA . 45.12 -13.84 -5.78
C4 ATP VA . 44.46 -12.86 -5.17
C1 HSX WA . 41.23 -19.34 -3.53
O4 HSX WA . 42.00 -20.01 -4.52
C2 HSX WA . 39.78 -19.78 -3.79
O2 HSX WA . 38.93 -19.68 -2.66
C3 HSX WA . 39.95 -21.21 -4.27
O3 HSX WA . 40.06 -22.14 -3.19
C4 HSX WA . 41.27 -21.13 -5.06
C5 HSX WA . 41.13 -20.97 -6.55
O5 HSX WA . 42.09 -19.99 -7.01
P' HSX WA . 43.42 -20.50 -7.76
O1X HSX WA . 44.53 -20.41 -6.74
O2X HSX WA . 43.13 -21.93 -8.19
O3X HSX WA . 43.62 -19.56 -8.94
O1 HSX WA . 41.63 -19.70 -2.26
P PO4 XA . 14.99 -14.23 6.02
O1 PO4 XA . 15.74 -13.72 7.22
O2 PO4 XA . 15.94 -14.38 4.88
O3 PO4 XA . 13.91 -13.26 5.67
O4 PO4 XA . 14.38 -15.57 6.35
MG MG YA . 40.84 -16.07 1.52
MG MG ZA . 40.06 -21.53 -0.93
PG ATP AB . 30.04 23.61 -21.83
O1G ATP AB . 31.16 22.77 -21.32
O2G ATP AB . 30.36 24.33 -23.14
O3G ATP AB . 29.55 24.64 -20.81
PB ATP AB . 28.48 21.16 -22.05
O1B ATP AB . 28.78 20.64 -20.71
O2B ATP AB . 27.06 20.92 -22.56
O3B ATP AB . 28.76 22.72 -22.15
PA ATP AB . 30.57 19.43 -23.10
O1A ATP AB . 31.26 19.39 -21.78
O2A ATP AB . 31.49 19.64 -24.30
O3A ATP AB . 29.48 20.58 -23.14
O5' ATP AB . 29.77 18.09 -23.37
C5' ATP AB . 29.15 17.25 -22.37
C4' ATP AB . 28.52 16.07 -23.06
O4' ATP AB . 29.53 15.06 -23.31
C3' ATP AB . 27.41 15.38 -22.29
O3' ATP AB . 26.36 14.95 -23.15
C2' ATP AB . 28.13 14.19 -21.63
O2' ATP AB . 27.24 13.10 -21.40
C1' ATP AB . 29.15 13.83 -22.71
N9 ATP AB . 30.34 13.18 -22.20
C8 ATP AB . 30.61 12.87 -20.89
N7 ATP AB . 31.75 12.25 -20.71
C5 ATP AB . 32.26 12.15 -22.00
C6 ATP AB . 33.46 11.59 -22.49
N6 ATP AB . 34.38 10.99 -21.73
N1 ATP AB . 33.68 11.65 -23.82
C2 ATP AB . 32.75 12.23 -24.60
N3 ATP AB . 31.60 12.79 -24.24
C4 ATP AB . 31.41 12.72 -22.92
C1 HSX BB . 34.63 19.20 -24.54
O4 HSX BB . 34.87 18.77 -25.89
C2 HSX BB . 35.96 19.75 -24.05
O2 HSX BB . 35.86 20.68 -22.99
C3 HSX BB . 36.56 20.36 -25.31
O3 HSX BB . 36.09 21.69 -25.54
C4 HSX BB . 36.07 19.40 -26.40
C5 HSX BB . 37.05 18.34 -26.81
O5 HSX BB . 36.35 17.07 -26.96
P' HSX BB . 36.00 16.54 -28.44
O1X HSX BB . 36.88 17.32 -29.39
O2X HSX BB . 34.52 16.83 -28.64
O3X HSX BB . 36.31 15.05 -28.43
O1 HSX BB . 33.65 20.17 -24.51
P PO4 CB . 46.31 29.70 -0.90
O1 PO4 CB . 46.94 31.01 -1.27
O2 PO4 CB . 46.37 28.77 -2.06
O3 PO4 CB . 47.03 29.11 0.26
O4 PO4 CB . 44.88 29.93 -0.53
MG MG DB . 30.83 20.42 -20.04
MG MG EB . 34.51 22.77 -24.19
PG ATP FB . 28.80 31.74 -16.57
O1G ATP FB . 27.63 31.65 -15.66
O2G ATP FB . 28.57 32.66 -17.77
O3G ATP FB . 29.28 30.38 -17.08
PB ATP FB . 30.29 32.88 -14.35
O1B ATP FB . 29.89 31.87 -13.34
O2B ATP FB . 31.72 33.39 -14.25
O3B ATP FB . 30.06 32.36 -15.83
PA ATP FB . 28.19 34.61 -13.28
O1A ATP FB . 27.44 33.44 -12.76
O2A ATP FB . 27.34 35.65 -14.01
O3A ATP FB . 29.33 34.15 -14.30
O5' ATP FB . 28.96 35.37 -12.13
C5' ATP FB . 29.50 34.77 -10.93
C4' ATP FB . 30.12 35.85 -10.09
O4' ATP FB . 29.09 36.53 -9.32
C3' ATP FB . 31.18 35.39 -9.09
O3' ATP FB . 32.24 36.32 -8.99
C2' ATP FB . 30.38 35.29 -7.78
O2' ATP FB . 31.21 35.50 -6.64
C1' ATP FB . 29.41 36.47 -7.94
N9 ATP FB . 28.17 36.30 -7.20
C8 ATP FB . 27.81 35.23 -6.41
N7 ATP FB . 26.65 35.36 -5.83
C5 ATP FB . 26.19 36.60 -6.27
C6 ATP FB . 25.01 37.32 -6.03
N6 ATP FB . 24.03 36.89 -5.22
N1 ATP FB . 24.87 38.52 -6.63
C2 ATP FB . 25.85 38.96 -7.42
N3 ATP FB . 27.01 38.37 -7.73
C4 ATP FB . 27.12 37.19 -7.12
C1 HSX GB . 24.22 36.16 -13.87
O4 HSX GB . 24.02 37.57 -14.03
C2 HSX GB . 22.87 35.53 -14.25
O2 HSX GB . 22.95 34.18 -14.67
C3 HSX GB . 22.37 36.46 -15.35
O3 HSX GB . 22.90 36.12 -16.62
C4 HSX GB . 22.88 37.82 -14.88
C5 HSX GB . 21.89 38.68 -14.12
O5 HSX GB . 22.55 39.29 -12.99
P' HSX GB . 22.96 40.84 -13.07
O1X HSX GB . 24.45 40.86 -13.35
O2X HSX GB . 22.15 41.42 -14.22
O3X HSX GB . 22.60 41.44 -11.73
O1 HSX GB . 25.23 35.70 -14.69
P PO4 HB . 11.67 10.71 -14.60
O1 PO4 HB . 13.09 10.23 -14.58
O2 PO4 HB . 11.63 12.16 -14.21
O3 PO4 HB . 10.86 9.91 -13.62
O4 PO4 HB . 11.10 10.54 -15.98
MG MG IB . 27.81 31.42 -12.99
MG MG JB . 24.44 34.40 -16.98
PG ATP KB . 14.45 26.39 32.11
O1G ATP KB . 15.41 27.08 31.20
O2G ATP KB . 14.05 27.23 33.32
O3G ATP KB . 14.96 25.02 32.60
PB ATP KB . 12.57 26.34 29.88
O1B ATP KB . 13.51 25.83 28.87
O2B ATP KB . 11.14 25.82 29.78
O3B ATP KB . 13.08 26.06 31.36
PA ATP KB . 13.10 29.01 28.84
O1A ATP KB . 14.42 28.60 28.31
O2A ATP KB . 13.09 30.35 29.57
O3A ATP KB . 12.51 27.93 29.85
O5' ATP KB . 12.01 29.12 27.69
C5' ATP KB . 11.97 28.33 26.49
C4' ATP KB . 10.80 28.78 25.65
O4' ATP KB . 11.17 29.95 24.89
C3' ATP KB . 10.29 27.75 24.64
O3' ATP KB . 8.86 27.80 24.55
C2' ATP KB . 10.96 28.20 23.34
O2' ATP KB . 10.19 27.84 22.20
C1' ATP KB . 10.97 29.72 23.52
N9 ATP KB . 12.03 30.39 22.77
C8 ATP KB . 12.97 29.80 21.97
N7 ATP KB . 13.79 30.64 21.40
C5 ATP KB . 13.35 31.88 21.85
C6 ATP KB . 13.82 33.19 21.61
N6 ATP KB . 14.84 33.48 20.81
N1 ATP KB . 13.17 34.20 22.23
C2 ATP KB . 12.12 33.91 23.02
N3 ATP KB . 11.61 32.72 23.32
C4 ATP KB . 12.28 31.73 22.70
C1 HSX LB . 15.19 32.74 29.45
O4 HSX LB . 14.43 33.94 29.63
C2 HSX LB . 16.62 33.09 29.83
O2 HSX LB . 17.42 32.00 30.24
C3 HSX LB . 16.43 34.12 30.94
O3 HSX LB . 16.24 33.52 32.21
C4 HSX LB . 15.16 34.86 30.47
C5 HSX LB . 15.39 36.16 29.73
O5 HSX LB . 14.48 36.22 28.60
P' HSX LB . 13.18 37.15 28.69
O1X HSX LB . 13.44 38.10 29.85
O2X HSX LB . 12.01 36.22 28.96
O3X HSX LB . 13.07 37.86 27.36
O1 HSX LB . 14.70 31.73 30.26
P PO4 MB . 41.04 21.03 30.01
O1 PO4 MB . 41.58 21.25 31.39
O2 PO4 MB . 40.14 22.17 29.64
O3 PO4 MB . 42.16 20.93 29.03
O4 PO4 MB . 40.25 19.76 29.99
MG MG NB . 15.42 26.79 28.51
MG MG OB . 16.14 31.20 32.55
PG ATP PB . 18.67 19.28 37.29
O1G ATP PB . 18.34 17.93 36.78
O2G ATP PB . 17.97 19.62 38.61
O3G ATP PB . 18.40 20.40 36.29
PB ATP PB . 21.43 18.38 37.50
O1B ATP PB . 21.52 17.80 36.16
O2B ATP PB . 22.68 19.08 38.01
O3B ATP PB . 20.23 19.41 37.62
PA ATP PB . 20.91 15.70 38.53
O1A ATP PB . 20.41 15.26 37.22
O2A ATP PB . 20.07 15.28 39.72
O3A ATP PB . 21.03 17.28 38.59
O5' ATP PB . 22.39 15.18 38.80
C5' ATP PB . 23.39 14.94 37.79
C4' ATP PB . 24.63 14.41 38.47
O4' ATP PB . 24.50 12.99 38.71
C3' ATP PB . 25.94 14.60 37.69
O3' ATP PB . 27.02 14.91 38.56
C2' ATP PB . 26.13 13.22 37.03
O2' ATP PB . 27.51 12.94 36.80
C1' ATP PB . 25.58 12.30 38.11
N9 ATP PB . 25.07 11.03 37.59
C8 ATP PB . 25.04 10.64 36.28
N7 ATP PB . 24.56 9.43 36.08
C5 ATP PB . 24.23 9.01 37.37
C6 ATP PB . 23.67 7.82 37.86
N6 ATP PB . 23.33 6.78 37.08
N1 ATP PB . 23.46 7.72 39.19
C2 ATP PB . 23.81 8.75 39.97
N3 ATP PB . 24.35 9.91 39.62
C4 ATP PB . 24.54 9.99 38.30
C1 HSX QB . 17.94 12.94 39.97
O4 HSX QB . 18.02 12.45 41.30
C2 HSX QB . 16.55 12.52 39.47
O2 HSX QB . 16.03 13.32 38.42
C3 HSX QB . 15.70 12.61 40.73
O3 HSX QB . 15.23 13.93 40.98
C4 HSX QB . 16.69 12.17 41.82
C5 HSX QB . 16.62 10.72 42.23
O5 HSX QB . 17.96 10.18 42.35
P' HSX QB . 18.57 9.99 43.84
O1X HSX QB . 19.53 11.15 44.04
O2X HSX QB . 17.39 10.02 44.78
O3X HSX QB . 19.28 8.64 43.81
O1 HSX QB . 18.08 14.32 39.94
P PO4 RB . 2.17 13.82 16.37
O1 PO4 RB . 3.13 14.91 16.00
O2 PO4 RB . 2.73 13.05 17.53
O3 PO4 RB . 1.99 12.91 15.20
O4 PO4 RB . 0.86 14.43 16.75
MG MG SB . 20.08 16.33 35.47
MG MG TB . 15.76 15.78 39.64
#